data_6PKA
#
_entry.id   6PKA
#
_cell.length_a   94.957
_cell.length_b   126.681
_cell.length_c   146.776
_cell.angle_alpha   90.000
_cell.angle_beta   93.360
_cell.angle_gamma   90.000
#
_symmetry.space_group_name_H-M   'P 1 21 1'
#
loop_
_entity.id
_entity.type
_entity.pdbx_description
1 polymer 'ATP-dependent Clp protease proteolytic subunit'
2 polymer 'OO1-WFP-SER-PRO-YCP-ALA-MP8 ureadepsipeptide'
3 water water
#
loop_
_entity_poly.entity_id
_entity_poly.type
_entity_poly.pdbx_seq_one_letter_code
_entity_poly.pdbx_strand_id
1 'polypeptide(L)'
;MNLIPTVIETTNRGERAYDIYSRLLKDRIIMLGSQIDDNVANSIVSQLLFLQAQDSEKDIYLYINSPGGSVTAGFAIYDT
IQHIKPDVQTICIGMAASMGSFLLAAGAKGKRFALPNAEVMIHQPLGGAQGQATEIEIAANHILKTREKLNRILSERTGQ
SIEKIQKDTDRDNFLTAEEAKEYGLIDEVMVPETKLEHHHHHH
;
A,B,C,D,E,F,G,I,K,L,M,N,S,T
2 'polypeptide(L)' (OO1)(WFP)SP(YCP)A(MP8) H,J,O,P,Q,R,U,V,X,Y,Z,a,b,c
#
loop_
_chem_comp.id
_chem_comp.type
_chem_comp.name
_chem_comp.formula
OO1 peptide-like '(4-methylphenyl)carbamic acid' 'C8 H9 N O2'
#
# COMPACT_ATOMS: atom_id res chain seq x y z
N ILE A 4 2.45 -28.93 17.02
CA ILE A 4 2.76 -29.36 18.42
C ILE A 4 2.29 -30.80 18.61
N PRO A 5 3.21 -31.78 18.77
CA PRO A 5 2.83 -33.19 18.83
C PRO A 5 2.19 -33.57 20.18
N THR A 6 1.40 -34.64 20.12
CA THR A 6 0.65 -35.20 21.21
C THR A 6 1.37 -36.46 21.68
N VAL A 7 1.33 -36.71 22.99
CA VAL A 7 1.96 -37.89 23.61
C VAL A 7 0.87 -38.70 24.31
N TYR A 18 -2.03 -35.70 25.86
CA TYR A 18 -1.50 -34.36 26.21
C TYR A 18 -0.69 -33.78 25.05
N ASP A 19 -0.80 -32.48 24.79
CA ASP A 19 0.24 -31.75 24.06
C ASP A 19 1.53 -31.82 24.90
N ILE A 20 2.69 -31.78 24.21
CA ILE A 20 4.00 -32.06 24.83
C ILE A 20 4.26 -31.08 25.99
N TYR A 21 3.89 -29.81 25.83
CA TYR A 21 4.20 -28.80 26.87
C TYR A 21 3.35 -29.05 28.13
N SER A 22 2.09 -29.46 27.95
CA SER A 22 1.22 -29.81 29.06
C SER A 22 1.76 -31.06 29.78
N ARG A 23 2.34 -31.99 29.03
CA ARG A 23 2.95 -33.18 29.60
C ARG A 23 4.17 -32.78 30.45
N LEU A 24 4.98 -31.85 29.97
CA LEU A 24 6.16 -31.38 30.71
C LEU A 24 5.72 -30.64 31.98
N LEU A 25 4.60 -29.91 31.91
CA LEU A 25 4.12 -29.15 33.06
C LEU A 25 3.69 -30.11 34.20
N LYS A 26 3.21 -31.30 33.83
CA LYS A 26 2.89 -32.34 34.81
C LYS A 26 4.13 -32.72 35.62
N ASP A 27 5.33 -32.59 35.05
CA ASP A 27 6.62 -32.86 35.76
C ASP A 27 7.25 -31.56 36.27
N ARG A 28 6.47 -30.47 36.33
CA ARG A 28 6.84 -29.18 36.95
C ARG A 28 7.88 -28.46 36.06
N ILE A 29 7.87 -28.74 34.76
CA ILE A 29 8.70 -28.01 33.80
C ILE A 29 7.83 -26.93 33.14
N ILE A 30 8.32 -25.69 33.19
CA ILE A 30 7.72 -24.54 32.52
C ILE A 30 8.65 -24.12 31.37
N MET A 31 8.06 -23.93 30.18
CA MET A 31 8.83 -23.52 29.00
C MET A 31 8.65 -22.02 28.76
N LEU A 32 9.76 -21.28 28.82
CA LEU A 32 9.81 -19.88 28.40
C LEU A 32 10.62 -19.86 27.10
N GLY A 33 9.90 -20.07 25.99
CA GLY A 33 10.48 -20.39 24.72
C GLY A 33 10.12 -19.37 23.65
N SER A 34 9.76 -18.16 24.05
CA SER A 34 9.39 -17.13 23.09
C SER A 34 9.76 -15.74 23.63
N GLN A 35 9.48 -14.73 22.82
CA GLN A 35 9.53 -13.35 23.22
C GLN A 35 8.61 -13.13 24.43
N ILE A 36 9.07 -12.32 25.38
CA ILE A 36 8.33 -12.06 26.60
C ILE A 36 7.40 -10.87 26.38
N ASP A 37 6.09 -11.15 26.28
CA ASP A 37 5.03 -10.14 26.34
C ASP A 37 4.13 -10.48 27.53
N ASP A 38 3.07 -9.68 27.70
CA ASP A 38 2.16 -9.79 28.82
C ASP A 38 1.50 -11.18 28.84
N ASN A 39 1.09 -11.70 27.69
CA ASN A 39 0.42 -13.01 27.59
C ASN A 39 1.33 -14.12 28.09
N VAL A 40 2.62 -14.09 27.68
CA VAL A 40 3.59 -15.07 28.10
C VAL A 40 3.79 -14.98 29.62
N ALA A 41 3.94 -13.75 30.13
CA ALA A 41 4.12 -13.52 31.56
C ALA A 41 2.92 -14.05 32.36
N ASN A 42 1.72 -13.71 31.93
CA ASN A 42 0.50 -14.10 32.66
C ASN A 42 0.41 -15.64 32.75
N SER A 43 0.81 -16.31 31.67
CA SER A 43 0.79 -17.75 31.60
C SER A 43 1.86 -18.37 32.51
N ILE A 44 3.08 -17.82 32.49
CA ILE A 44 4.17 -18.36 33.31
C ILE A 44 3.85 -18.14 34.79
N VAL A 45 3.37 -16.94 35.13
CA VAL A 45 2.99 -16.62 36.49
C VAL A 45 1.92 -17.64 36.98
N SER A 46 0.90 -17.88 36.16
CA SER A 46 -0.18 -18.79 36.50
C SER A 46 0.36 -20.22 36.71
N GLN A 47 1.31 -20.63 35.85
CA GLN A 47 1.91 -21.94 35.96
C GLN A 47 2.69 -22.06 37.29
N LEU A 48 3.48 -21.03 37.62
CA LEU A 48 4.27 -21.05 38.84
C LEU A 48 3.36 -21.21 40.07
N LEU A 49 2.27 -20.43 40.11
CA LEU A 49 1.38 -20.43 41.26
C LEU A 49 0.64 -21.77 41.38
N PHE A 50 0.28 -22.34 40.23
CA PHE A 50 -0.42 -23.61 40.18
C PHE A 50 0.50 -24.73 40.70
N LEU A 51 1.76 -24.73 40.26
CA LEU A 51 2.71 -25.75 40.70
C LEU A 51 2.96 -25.62 42.21
N GLN A 52 3.06 -24.38 42.72
CA GLN A 52 3.24 -24.19 44.15
C GLN A 52 2.03 -24.79 44.91
N ALA A 53 0.81 -24.58 44.40
CA ALA A 53 -0.42 -25.07 45.05
C ALA A 53 -0.44 -26.61 45.05
N GLN A 54 0.07 -27.23 43.97
CA GLN A 54 0.15 -28.70 43.90
C GLN A 54 1.15 -29.24 44.91
N ASP A 55 2.29 -28.55 45.09
CA ASP A 55 3.34 -28.99 45.99
C ASP A 55 4.29 -27.81 46.25
N SER A 56 4.34 -27.37 47.50
CA SER A 56 5.06 -26.17 47.89
C SER A 56 6.54 -26.44 48.16
N GLU A 57 6.98 -27.70 48.10
CA GLU A 57 8.34 -28.10 48.47
C GLU A 57 9.16 -28.56 47.25
N LYS A 58 8.52 -29.19 46.25
CA LYS A 58 9.25 -29.75 45.12
C LYS A 58 9.74 -28.63 44.19
N ASP A 59 10.92 -28.84 43.62
CA ASP A 59 11.52 -27.92 42.66
C ASP A 59 10.62 -27.77 41.44
N ILE A 60 10.69 -26.57 40.84
CA ILE A 60 10.14 -26.22 39.54
C ILE A 60 11.34 -25.98 38.60
N TYR A 61 11.16 -26.28 37.31
CA TYR A 61 12.21 -26.17 36.29
C TYR A 61 11.74 -25.21 35.18
N LEU A 62 12.42 -24.07 35.05
CA LEU A 62 12.15 -23.08 34.01
C LEU A 62 13.21 -23.19 32.92
N TYR A 63 12.79 -23.69 31.76
CA TYR A 63 13.64 -23.83 30.58
C TYR A 63 13.51 -22.55 29.74
N ILE A 64 14.64 -21.93 29.39
CA ILE A 64 14.64 -20.62 28.77
C ILE A 64 15.32 -20.71 27.41
N ASN A 65 14.57 -20.29 26.38
CA ASN A 65 15.05 -20.08 25.02
C ASN A 65 14.31 -18.85 24.47
N SER A 66 14.82 -17.66 24.78
CA SER A 66 14.05 -16.43 24.64
C SER A 66 14.97 -15.26 24.30
N PRO A 67 14.58 -14.39 23.34
CA PRO A 67 15.32 -13.16 23.07
C PRO A 67 14.94 -12.00 24.01
N GLY A 68 14.12 -12.27 25.02
CA GLY A 68 13.67 -11.26 25.95
C GLY A 68 12.37 -10.65 25.49
N GLY A 69 12.15 -9.40 25.89
CA GLY A 69 10.93 -8.64 25.57
C GLY A 69 10.63 -7.61 26.64
N SER A 70 9.35 -7.49 27.00
CA SER A 70 8.87 -6.47 27.92
C SER A 70 9.49 -6.63 29.32
N VAL A 71 10.01 -5.53 29.85
CA VAL A 71 10.64 -5.51 31.17
C VAL A 71 9.57 -5.71 32.26
N THR A 72 8.41 -5.08 32.13
CA THR A 72 7.37 -5.22 33.17
C THR A 72 6.84 -6.66 33.16
N ALA A 73 6.67 -7.25 31.98
CA ALA A 73 6.24 -8.65 31.88
C ALA A 73 7.29 -9.56 32.53
N GLY A 74 8.56 -9.28 32.25
CA GLY A 74 9.69 -9.99 32.84
C GLY A 74 9.70 -9.90 34.35
N PHE A 75 9.35 -8.72 34.89
CA PHE A 75 9.33 -8.52 36.33
C PHE A 75 8.14 -9.24 36.99
N ALA A 76 7.03 -9.42 36.27
CA ALA A 76 5.93 -10.23 36.78
C ALA A 76 6.43 -11.66 37.06
N ILE A 77 7.22 -12.20 36.12
CA ILE A 77 7.77 -13.53 36.26
C ILE A 77 8.81 -13.55 37.40
N TYR A 78 9.72 -12.58 37.40
CA TYR A 78 10.79 -12.48 38.39
C TYR A 78 10.19 -12.49 39.80
N ASP A 79 9.22 -11.61 40.06
CA ASP A 79 8.64 -11.44 41.38
C ASP A 79 7.89 -12.70 41.81
N THR A 80 7.26 -13.38 40.86
CA THR A 80 6.54 -14.61 41.17
C THR A 80 7.54 -15.71 41.57
N ILE A 81 8.65 -15.81 40.84
CA ILE A 81 9.71 -16.75 41.19
C ILE A 81 10.17 -16.53 42.64
N GLN A 82 10.46 -15.28 43.00
CA GLN A 82 10.99 -14.99 44.33
C GLN A 82 9.91 -15.20 45.39
N HIS A 83 8.64 -14.97 45.05
CA HIS A 83 7.55 -15.06 46.01
C HIS A 83 7.27 -16.52 46.45
N ILE A 84 7.24 -17.46 45.50
CA ILE A 84 6.80 -18.82 45.82
C ILE A 84 7.87 -19.56 46.66
N LYS A 85 7.44 -20.63 47.34
CA LYS A 85 8.30 -21.39 48.26
C LYS A 85 9.23 -22.32 47.49
N PRO A 86 8.77 -23.08 46.47
CA PRO A 86 9.66 -23.97 45.75
C PRO A 86 10.85 -23.22 45.11
N ASP A 87 12.01 -23.87 45.09
CA ASP A 87 13.13 -23.43 44.28
C ASP A 87 12.75 -23.55 42.80
N VAL A 88 13.09 -22.51 42.02
CA VAL A 88 12.91 -22.53 40.59
C VAL A 88 14.30 -22.65 39.95
N GLN A 89 14.61 -23.82 39.39
CA GLN A 89 15.81 -24.02 38.61
C GLN A 89 15.62 -23.34 37.24
N THR A 90 16.69 -22.77 36.69
CA THR A 90 16.67 -22.18 35.36
C THR A 90 17.71 -22.89 34.50
N ILE A 91 17.31 -23.23 33.27
CA ILE A 91 18.18 -23.85 32.29
C ILE A 91 18.07 -23.06 30.98
N CYS A 92 19.19 -22.46 30.56
CA CYS A 92 19.27 -21.83 29.27
C CYS A 92 19.62 -22.88 28.20
N ILE A 93 18.69 -23.06 27.28
CA ILE A 93 18.89 -23.84 26.08
C ILE A 93 18.83 -22.84 24.91
N GLY A 94 19.81 -22.88 24.02
CA GLY A 94 19.79 -22.00 22.86
C GLY A 94 20.23 -20.58 23.18
N MET A 95 19.30 -19.76 23.65
CA MET A 95 19.54 -18.32 23.83
C MET A 95 18.78 -17.81 25.07
N ALA A 96 19.44 -16.98 25.85
CA ALA A 96 18.79 -16.14 26.83
C ALA A 96 19.37 -14.73 26.67
N ALA A 97 18.57 -13.83 26.09
CA ALA A 97 18.99 -12.47 25.80
C ALA A 97 18.07 -11.50 26.54
N SER A 98 18.64 -10.37 26.97
CA SER A 98 17.95 -9.25 27.59
C SER A 98 17.19 -9.74 28.82
N MET A 99 15.87 -9.53 28.87
CA MET A 99 15.07 -9.96 30.01
C MET A 99 15.12 -11.49 30.17
N GLY A 100 15.43 -12.20 29.09
CA GLY A 100 15.67 -13.66 29.14
C GLY A 100 16.86 -14.02 30.04
N SER A 101 17.94 -13.24 29.92
CA SER A 101 19.15 -13.52 30.71
C SER A 101 18.94 -13.06 32.16
N PHE A 102 18.17 -12.00 32.34
CA PHE A 102 17.78 -11.54 33.67
C PHE A 102 17.02 -12.66 34.42
N LEU A 103 16.10 -13.34 33.73
CA LEU A 103 15.31 -14.41 34.34
C LEU A 103 16.17 -15.65 34.57
N LEU A 104 17.12 -15.93 33.68
CA LEU A 104 18.07 -17.02 33.88
C LEU A 104 18.82 -16.82 35.20
N ALA A 105 19.27 -15.58 35.44
CA ALA A 105 20.05 -15.22 36.63
C ALA A 105 19.18 -15.24 37.89
N ALA A 106 17.85 -15.24 37.74
CA ALA A 106 16.89 -15.17 38.84
C ALA A 106 16.55 -16.55 39.43
N GLY A 107 17.04 -17.64 38.82
CA GLY A 107 16.81 -19.00 39.35
C GLY A 107 17.44 -19.19 40.72
N ALA A 108 17.05 -20.25 41.44
CA ALA A 108 17.55 -20.50 42.79
C ALA A 108 19.07 -20.65 42.72
N LYS A 109 19.77 -20.07 43.71
CA LYS A 109 21.22 -20.07 43.74
C LYS A 109 21.71 -21.53 43.81
N GLY A 110 22.68 -21.86 42.96
CA GLY A 110 23.18 -23.22 42.82
C GLY A 110 22.43 -24.03 41.79
N LYS A 111 21.31 -23.52 41.26
CA LYS A 111 20.47 -24.30 40.33
C LYS A 111 20.16 -23.51 39.05
N ARG A 112 21.13 -22.71 38.59
CA ARG A 112 21.05 -21.98 37.34
C ARG A 112 22.06 -22.60 36.36
N PHE A 113 21.57 -23.09 35.22
CA PHE A 113 22.35 -23.86 34.28
C PHE A 113 22.24 -23.29 32.87
N ALA A 114 23.23 -23.63 32.04
CA ALA A 114 23.16 -23.43 30.59
C ALA A 114 23.81 -24.62 29.90
N LEU A 115 23.28 -25.00 28.73
CA LEU A 115 23.91 -26.01 27.89
C LEU A 115 25.15 -25.40 27.24
N PRO A 116 26.15 -26.22 26.83
CA PRO A 116 27.47 -25.71 26.49
C PRO A 116 27.52 -24.68 25.36
N ASN A 117 26.60 -24.81 24.38
CA ASN A 117 26.61 -23.96 23.20
C ASN A 117 25.54 -22.87 23.28
N ALA A 118 24.89 -22.73 24.44
CA ALA A 118 23.91 -21.69 24.66
C ALA A 118 24.57 -20.30 24.63
N GLU A 119 23.81 -19.31 24.19
CA GLU A 119 24.22 -17.91 24.07
C GLU A 119 23.46 -17.11 25.12
N VAL A 120 24.18 -16.33 25.91
CA VAL A 120 23.60 -15.41 26.85
C VAL A 120 23.99 -14.00 26.41
N MET A 121 23.03 -13.07 26.44
CA MET A 121 23.32 -11.71 26.04
C MET A 121 22.67 -10.75 27.04
N ILE A 122 23.46 -9.76 27.46
CA ILE A 122 23.01 -8.69 28.36
C ILE A 122 23.23 -7.35 27.64
N HIS A 123 22.31 -6.41 27.90
CA HIS A 123 22.38 -5.06 27.35
C HIS A 123 21.44 -4.16 28.17
N GLN A 124 21.34 -2.88 27.82
CA GLN A 124 20.49 -1.97 28.55
C GLN A 124 19.09 -2.00 27.96
N PRO A 125 18.06 -1.59 28.75
CA PRO A 125 16.70 -1.51 28.24
C PRO A 125 16.53 -0.56 27.05
N LEU A 126 15.58 -0.89 26.18
CA LEU A 126 15.26 -0.14 24.98
C LEU A 126 13.87 0.48 25.17
N GLY A 127 13.66 1.64 24.55
CA GLY A 127 12.39 2.30 24.58
C GLY A 127 12.33 3.47 23.62
N GLY A 128 11.31 4.31 23.85
CA GLY A 128 11.03 5.45 23.04
C GLY A 128 10.33 6.53 23.84
N ALA A 129 10.31 7.72 23.26
CA ALA A 129 9.64 8.87 23.81
C ALA A 129 9.44 9.90 22.70
N GLN A 130 8.22 10.44 22.65
CA GLN A 130 7.78 11.42 21.67
C GLN A 130 6.96 12.47 22.43
N GLY A 131 7.07 13.73 22.01
CA GLY A 131 6.16 14.80 22.47
C GLY A 131 6.91 16.02 22.98
N GLN A 132 6.35 16.65 24.01
CA GLN A 132 6.92 17.85 24.60
C GLN A 132 8.18 17.49 25.39
N ALA A 133 9.07 18.46 25.55
CA ALA A 133 10.30 18.31 26.32
C ALA A 133 10.03 17.64 27.69
N THR A 134 9.01 18.13 28.40
CA THR A 134 8.60 17.61 29.72
C THR A 134 8.18 16.12 29.64
N GLU A 135 7.50 15.73 28.57
CA GLU A 135 7.08 14.33 28.38
C GLU A 135 8.31 13.45 28.10
N ILE A 136 9.28 13.97 27.36
CA ILE A 136 10.48 13.21 27.03
C ILE A 136 11.30 13.02 28.31
N GLU A 137 11.33 14.04 29.17
CA GLU A 137 12.01 14.02 30.46
C GLU A 137 11.42 12.89 31.33
N ILE A 138 10.09 12.83 31.42
CA ILE A 138 9.41 11.80 32.21
C ILE A 138 9.76 10.42 31.69
N ALA A 139 9.69 10.22 30.37
CA ALA A 139 10.01 8.92 29.75
C ALA A 139 11.48 8.53 30.02
N ALA A 140 12.39 9.50 29.90
CA ALA A 140 13.81 9.25 30.12
C ALA A 140 14.08 8.86 31.58
N ASN A 141 13.50 9.62 32.52
CA ASN A 141 13.64 9.35 33.96
C ASN A 141 13.13 7.95 34.27
N HIS A 142 11.98 7.58 33.69
CA HIS A 142 11.39 6.26 33.93
C HIS A 142 12.32 5.15 33.41
N ILE A 143 12.85 5.25 32.18
CA ILE A 143 13.66 4.16 31.64
C ILE A 143 15.00 4.09 32.40
N LEU A 144 15.55 5.24 32.81
CA LEU A 144 16.81 5.22 33.59
C LEU A 144 16.60 4.57 34.96
N LYS A 145 15.47 4.84 35.60
CA LYS A 145 15.10 4.24 36.90
C LYS A 145 14.90 2.72 36.71
N THR A 146 14.30 2.32 35.59
CA THR A 146 14.11 0.90 35.26
C THR A 146 15.48 0.23 35.13
N ARG A 147 16.42 0.90 34.46
CA ARG A 147 17.75 0.33 34.28
C ARG A 147 18.46 0.18 35.63
N GLU A 148 18.38 1.20 36.50
CA GLU A 148 18.96 1.16 37.86
C GLU A 148 18.41 -0.05 38.63
N LYS A 149 17.11 -0.28 38.53
CA LYS A 149 16.43 -1.39 39.23
C LYS A 149 16.96 -2.74 38.69
N LEU A 150 17.03 -2.87 37.36
CA LEU A 150 17.55 -4.10 36.74
C LEU A 150 19.01 -4.34 37.18
N ASN A 151 19.83 -3.29 37.16
CA ASN A 151 21.26 -3.42 37.43
C ASN A 151 21.49 -3.80 38.90
N ARG A 152 20.73 -3.22 39.82
CA ARG A 152 20.80 -3.50 41.23
C ARG A 152 20.49 -4.97 41.48
N ILE A 153 19.40 -5.48 40.88
CA ILE A 153 19.03 -6.86 41.09
C ILE A 153 20.09 -7.77 40.47
N LEU A 154 20.59 -7.42 39.28
CA LEU A 154 21.60 -8.25 38.63
C LEU A 154 22.86 -8.31 39.49
N SER A 155 23.21 -7.19 40.12
CA SER A 155 24.35 -7.10 41.04
C SER A 155 24.20 -8.12 42.16
N GLU A 156 23.02 -8.12 42.81
CA GLU A 156 22.71 -9.04 43.91
C GLU A 156 22.78 -10.50 43.42
N ARG A 157 22.27 -10.79 42.21
CA ARG A 157 22.16 -12.17 41.74
C ARG A 157 23.52 -12.70 41.24
N THR A 158 24.38 -11.81 40.74
CA THR A 158 25.66 -12.24 40.12
C THR A 158 26.85 -12.09 41.06
N GLY A 159 26.76 -11.18 42.04
CA GLY A 159 27.92 -10.80 42.87
C GLY A 159 28.80 -9.73 42.21
N GLN A 160 28.44 -9.23 41.03
CA GLN A 160 29.19 -8.14 40.37
C GLN A 160 28.72 -6.81 40.93
N SER A 161 29.59 -5.80 40.89
CA SER A 161 29.19 -4.44 41.28
C SER A 161 28.18 -3.86 40.26
N ILE A 162 27.38 -2.92 40.74
CA ILE A 162 26.47 -2.15 39.93
C ILE A 162 27.24 -1.40 38.83
N GLU A 163 28.43 -0.91 39.17
CA GLU A 163 29.29 -0.13 38.27
C GLU A 163 29.74 -1.02 37.12
N LYS A 164 30.13 -2.27 37.42
CA LYS A 164 30.56 -3.20 36.40
C LYS A 164 29.37 -3.60 35.51
N ILE A 165 28.18 -3.84 36.10
CA ILE A 165 26.97 -4.22 35.33
C ILE A 165 26.67 -3.07 34.33
N GLN A 166 26.72 -1.83 34.81
CA GLN A 166 26.47 -0.62 34.01
C GLN A 166 27.38 -0.61 32.78
N LYS A 167 28.68 -0.80 33.00
CA LYS A 167 29.68 -0.78 31.90
C LYS A 167 29.45 -1.95 30.95
N ASP A 168 29.14 -3.13 31.49
CA ASP A 168 29.07 -4.36 30.68
C ASP A 168 27.76 -4.45 29.88
N THR A 169 26.76 -3.62 30.22
CA THR A 169 25.46 -3.65 29.55
C THR A 169 25.27 -2.41 28.66
N ASP A 170 26.30 -1.59 28.53
CA ASP A 170 26.21 -0.34 27.78
C ASP A 170 25.88 -0.63 26.30
N ARG A 171 26.45 -1.70 25.73
CA ARG A 171 26.08 -2.22 24.41
C ARG A 171 25.85 -3.73 24.52
N ASP A 172 25.33 -4.33 23.45
CA ASP A 172 25.11 -5.76 23.39
C ASP A 172 26.41 -6.47 23.81
N ASN A 173 26.28 -7.37 24.77
CA ASN A 173 27.38 -8.13 25.28
C ASN A 173 27.00 -9.62 25.28
N PHE A 174 27.59 -10.37 24.35
CA PHE A 174 27.35 -11.80 24.15
C PHE A 174 28.32 -12.61 25.01
N LEU A 175 27.79 -13.58 25.75
CA LEU A 175 28.58 -14.46 26.62
C LEU A 175 28.33 -15.92 26.20
N THR A 176 29.41 -16.70 26.16
CA THR A 176 29.31 -18.16 26.13
C THR A 176 28.75 -18.65 27.47
N ALA A 177 28.34 -19.92 27.52
CA ALA A 177 27.86 -20.53 28.77
C ALA A 177 28.93 -20.41 29.87
N GLU A 178 30.17 -20.72 29.50
CA GLU A 178 31.31 -20.71 30.42
C GLU A 178 31.53 -19.28 30.94
N GLU A 179 31.44 -18.30 30.05
CA GLU A 179 31.58 -16.89 30.44
C GLU A 179 30.42 -16.47 31.36
N ALA A 180 29.21 -16.96 31.08
CA ALA A 180 28.05 -16.65 31.92
C ALA A 180 28.26 -17.20 33.35
N LYS A 181 28.88 -18.38 33.44
CA LYS A 181 29.21 -18.99 34.72
C LYS A 181 30.24 -18.12 35.46
N GLU A 182 31.30 -17.71 34.77
CA GLU A 182 32.36 -16.87 35.36
C GLU A 182 31.76 -15.53 35.83
N TYR A 183 30.77 -15.03 35.09
CA TYR A 183 30.15 -13.75 35.39
C TYR A 183 29.24 -13.86 36.64
N GLY A 184 28.72 -15.07 36.90
CA GLY A 184 27.77 -15.29 38.01
C GLY A 184 26.29 -15.24 37.58
N LEU A 185 26.02 -15.30 36.27
CA LEU A 185 24.64 -15.34 35.75
C LEU A 185 24.06 -16.75 35.92
N ILE A 186 24.94 -17.77 35.83
CA ILE A 186 24.58 -19.16 36.08
C ILE A 186 25.61 -19.75 37.06
N ASP A 187 25.28 -20.94 37.56
CA ASP A 187 26.13 -21.65 38.53
C ASP A 187 26.96 -22.74 37.85
N GLU A 188 26.40 -23.42 36.83
CA GLU A 188 27.08 -24.55 36.19
C GLU A 188 26.75 -24.61 34.70
N VAL A 189 27.73 -25.01 33.90
CA VAL A 189 27.51 -25.46 32.55
C VAL A 189 27.14 -26.95 32.61
N MET A 190 26.01 -27.29 32.00
CA MET A 190 25.50 -28.66 31.98
C MET A 190 26.22 -29.43 30.86
N VAL A 191 27.18 -30.27 31.24
CA VAL A 191 28.05 -30.94 30.28
C VAL A 191 27.48 -32.32 29.95
N PRO A 192 27.72 -32.86 28.72
CA PRO A 192 27.24 -34.19 28.36
C PRO A 192 28.10 -35.29 29.01
N ILE B 4 -2.88 -32.44 8.06
CA ILE B 4 -2.29 -33.65 8.71
C ILE B 4 -3.39 -34.70 8.80
N PRO B 5 -3.25 -35.86 8.10
CA PRO B 5 -4.22 -36.96 8.22
C PRO B 5 -4.10 -37.70 9.56
N THR B 6 -5.20 -38.38 9.90
CA THR B 6 -5.36 -39.16 11.09
C THR B 6 -5.22 -40.65 10.72
N VAL B 7 -4.63 -41.43 11.63
CA VAL B 7 -4.45 -42.87 11.44
C VAL B 7 -5.19 -43.60 12.56
N ILE B 8 -5.81 -44.74 12.20
CA ILE B 8 -6.83 -45.40 13.00
C ILE B 8 -6.15 -46.23 14.10
N TYR B 18 -4.81 -40.98 16.14
CA TYR B 18 -3.62 -40.10 16.24
C TYR B 18 -3.42 -39.31 14.94
N ASP B 19 -2.99 -38.04 15.06
CA ASP B 19 -2.33 -37.38 13.92
C ASP B 19 -1.04 -38.15 13.60
N ILE B 20 -0.63 -38.12 12.32
CA ILE B 20 0.43 -39.01 11.82
C ILE B 20 1.75 -38.74 12.59
N TYR B 21 2.05 -37.47 12.91
CA TYR B 21 3.32 -37.14 13.55
C TYR B 21 3.34 -37.67 15.00
N SER B 22 2.20 -37.59 15.69
CA SER B 22 2.07 -38.12 17.04
C SER B 22 2.22 -39.65 17.01
N ARG B 23 1.71 -40.29 15.95
CA ARG B 23 1.85 -41.74 15.79
C ARG B 23 3.33 -42.11 15.60
N LEU B 24 4.07 -41.32 14.81
CA LEU B 24 5.50 -41.57 14.59
C LEU B 24 6.29 -41.36 15.89
N LEU B 25 5.87 -40.38 16.70
CA LEU B 25 6.58 -40.08 17.94
C LEU B 25 6.45 -41.25 18.92
N LYS B 26 5.34 -41.99 18.86
CA LYS B 26 5.14 -43.20 19.66
C LYS B 26 6.24 -44.22 19.34
N ASP B 27 6.78 -44.22 18.11
CA ASP B 27 7.89 -45.13 17.72
C ASP B 27 9.25 -44.41 17.78
N ARG B 28 9.32 -43.29 18.50
CA ARG B 28 10.55 -42.55 18.81
C ARG B 28 11.11 -41.86 17.56
N ILE B 29 10.22 -41.54 16.59
CA ILE B 29 10.60 -40.76 15.42
C ILE B 29 10.20 -39.30 15.67
N ILE B 30 11.18 -38.40 15.50
CA ILE B 30 10.98 -36.96 15.56
C ILE B 30 11.18 -36.39 14.15
N MET B 31 10.23 -35.55 13.70
CA MET B 31 10.30 -34.92 12.39
C MET B 31 10.81 -33.48 12.52
N LEU B 32 11.95 -33.19 11.88
CA LEU B 32 12.43 -31.83 11.68
C LEU B 32 12.25 -31.51 10.20
N GLY B 33 11.05 -31.00 9.88
CA GLY B 33 10.59 -30.90 8.52
C GLY B 33 10.26 -29.47 8.13
N SER B 34 10.86 -28.50 8.80
CA SER B 34 10.61 -27.09 8.48
C SER B 34 11.85 -26.25 8.76
N GLN B 35 11.71 -24.96 8.49
CA GLN B 35 12.67 -23.95 8.90
C GLN B 35 12.84 -24.01 10.42
N ILE B 36 14.08 -23.85 10.88
CA ILE B 36 14.41 -23.94 12.30
C ILE B 36 14.26 -22.54 12.92
N ASP B 37 13.19 -22.36 13.71
CA ASP B 37 13.00 -21.21 14.59
C ASP B 37 12.89 -21.73 16.03
N ASP B 38 12.68 -20.80 16.97
CA ASP B 38 12.65 -21.12 18.39
C ASP B 38 11.52 -22.13 18.69
N ASN B 39 10.34 -21.95 18.09
CA ASN B 39 9.19 -22.84 18.33
C ASN B 39 9.51 -24.28 17.92
N VAL B 40 10.15 -24.46 16.76
CA VAL B 40 10.54 -25.77 16.26
C VAL B 40 11.56 -26.39 17.22
N ALA B 41 12.56 -25.61 17.63
CA ALA B 41 13.59 -26.06 18.55
C ALA B 41 12.99 -26.49 19.90
N ASN B 42 12.10 -25.66 20.46
CA ASN B 42 11.51 -25.94 21.77
C ASN B 42 10.72 -27.26 21.71
N SER B 43 10.04 -27.50 20.59
CA SER B 43 9.26 -28.70 20.40
C SER B 43 10.18 -29.93 20.25
N ILE B 44 11.25 -29.82 19.46
CA ILE B 44 12.17 -30.95 19.23
C ILE B 44 12.89 -31.29 20.55
N VAL B 45 13.35 -30.25 21.25
CA VAL B 45 14.01 -30.44 22.54
C VAL B 45 13.08 -31.20 23.49
N SER B 46 11.82 -30.74 23.58
CA SER B 46 10.85 -31.35 24.48
C SER B 46 10.61 -32.82 24.09
N GLN B 47 10.55 -33.11 22.78
CA GLN B 47 10.35 -34.47 22.32
C GLN B 47 11.54 -35.35 22.72
N LEU B 48 12.77 -34.84 22.53
CA LEU B 48 13.97 -35.60 22.85
C LEU B 48 13.97 -35.98 24.34
N LEU B 49 13.67 -35.00 25.20
CA LEU B 49 13.73 -35.20 26.65
C LEU B 49 12.62 -36.18 27.08
N PHE B 50 11.46 -36.09 26.45
CA PHE B 50 10.33 -36.94 26.76
C PHE B 50 10.66 -38.40 26.38
N LEU B 51 11.25 -38.60 25.20
CA LEU B 51 11.62 -39.94 24.76
C LEU B 51 12.69 -40.52 25.68
N GLN B 52 13.65 -39.70 26.12
CA GLN B 52 14.67 -40.18 27.05
C GLN B 52 14.00 -40.65 28.35
N ALA B 53 13.02 -39.90 28.85
CA ALA B 53 12.33 -40.23 30.10
C ALA B 53 11.54 -41.53 29.94
N GLN B 54 10.97 -41.78 28.76
CA GLN B 54 10.25 -43.04 28.48
C GLN B 54 11.23 -44.23 28.46
N ASP B 55 12.41 -44.03 27.88
CA ASP B 55 13.41 -45.08 27.74
C ASP B 55 14.76 -44.46 27.40
N SER B 56 15.72 -44.62 28.31
CA SER B 56 17.00 -43.95 28.22
C SER B 56 18.01 -44.75 27.37
N GLU B 57 17.63 -45.95 26.90
CA GLU B 57 18.55 -46.85 26.17
C GLU B 57 18.17 -46.96 24.69
N LYS B 58 16.87 -46.89 24.35
CA LYS B 58 16.43 -47.11 22.98
C LYS B 58 16.79 -45.92 22.09
N ASP B 59 17.16 -46.19 20.84
CA ASP B 59 17.50 -45.20 19.86
C ASP B 59 16.27 -44.30 19.61
N ILE B 60 16.59 -43.04 19.25
CA ILE B 60 15.67 -42.05 18.72
C ILE B 60 16.06 -41.81 17.25
N TYR B 61 15.08 -41.47 16.43
CA TYR B 61 15.26 -41.26 14.98
C TYR B 61 14.81 -39.84 14.63
N LEU B 62 15.76 -38.99 14.20
CA LEU B 62 15.50 -37.62 13.76
C LEU B 62 15.54 -37.56 12.23
N TYR B 63 14.36 -37.39 11.63
CA TYR B 63 14.22 -37.26 10.18
C TYR B 63 14.29 -35.77 9.83
N ILE B 64 15.15 -35.43 8.86
CA ILE B 64 15.48 -34.04 8.56
C ILE B 64 15.13 -33.75 7.10
N ASN B 65 14.27 -32.74 6.93
CA ASN B 65 13.96 -32.11 5.65
C ASN B 65 13.79 -30.62 5.92
N SER B 66 14.90 -29.88 5.94
CA SER B 66 14.94 -28.54 6.49
C SER B 66 15.94 -27.67 5.74
N PRO B 67 15.59 -26.40 5.42
CA PRO B 67 16.54 -25.45 4.85
C PRO B 67 17.40 -24.74 5.90
N GLY B 68 17.28 -25.16 7.17
CA GLY B 68 18.00 -24.54 8.26
C GLY B 68 17.18 -23.44 8.89
N GLY B 69 17.86 -22.44 9.45
CA GLY B 69 17.25 -21.32 10.15
C GLY B 69 18.16 -20.78 11.24
N SER B 70 17.57 -20.45 12.39
CA SER B 70 18.26 -19.82 13.50
C SER B 70 19.36 -20.73 14.06
N VAL B 71 20.55 -20.16 14.22
CA VAL B 71 21.72 -20.88 14.73
C VAL B 71 21.51 -21.20 16.22
N THR B 72 20.95 -20.26 17.00
CA THR B 72 20.77 -20.53 18.42
C THR B 72 19.71 -21.61 18.63
N ALA B 73 18.64 -21.58 17.82
CA ALA B 73 17.61 -22.62 17.90
C ALA B 73 18.22 -23.98 17.53
N GLY B 74 19.05 -23.99 16.49
CA GLY B 74 19.78 -25.17 16.05
C GLY B 74 20.67 -25.73 17.15
N PHE B 75 21.32 -24.84 17.90
CA PHE B 75 22.21 -25.26 18.97
C PHE B 75 21.43 -25.80 20.17
N ALA B 76 20.21 -25.34 20.40
CA ALA B 76 19.35 -25.92 21.43
C ALA B 76 19.13 -27.42 21.12
N ILE B 77 18.87 -27.72 19.85
CA ILE B 77 18.65 -29.09 19.41
C ILE B 77 19.97 -29.88 19.52
N TYR B 78 21.05 -29.32 19.01
CA TYR B 78 22.36 -29.95 19.01
C TYR B 78 22.75 -30.38 20.43
N ASP B 79 22.67 -29.43 21.37
CA ASP B 79 23.11 -29.65 22.75
C ASP B 79 22.23 -30.70 23.43
N THR B 80 20.93 -30.72 23.10
CA THR B 80 20.03 -31.68 23.68
C THR B 80 20.37 -33.08 23.16
N ILE B 81 20.65 -33.21 21.86
CA ILE B 81 21.07 -34.48 21.28
C ILE B 81 22.30 -35.02 22.04
N GLN B 82 23.33 -34.18 22.23
CA GLN B 82 24.56 -34.64 22.84
C GLN B 82 24.33 -34.94 24.33
N HIS B 83 23.40 -34.23 24.98
CA HIS B 83 23.18 -34.39 26.41
C HIS B 83 22.52 -35.75 26.75
N ILE B 84 21.50 -36.15 26.00
CA ILE B 84 20.68 -37.31 26.38
C ILE B 84 21.48 -38.61 26.16
N LYS B 85 21.05 -39.68 26.82
CA LYS B 85 21.74 -40.98 26.80
C LYS B 85 21.46 -41.73 25.49
N PRO B 86 20.20 -41.81 25.00
CA PRO B 86 19.93 -42.52 23.77
C PRO B 86 20.75 -41.99 22.58
N ASP B 87 21.17 -42.89 21.70
CA ASP B 87 21.68 -42.52 20.40
C ASP B 87 20.56 -41.88 19.59
N VAL B 88 20.86 -40.76 18.91
CA VAL B 88 19.94 -40.13 17.98
C VAL B 88 20.46 -40.38 16.57
N GLN B 89 19.75 -41.25 15.83
CA GLN B 89 20.00 -41.45 14.40
C GLN B 89 19.46 -40.23 13.65
N THR B 90 20.16 -39.84 12.58
CA THR B 90 19.71 -38.76 11.71
C THR B 90 19.56 -39.31 10.29
N ILE B 91 18.44 -38.95 9.65
CA ILE B 91 18.15 -39.33 8.28
C ILE B 91 17.75 -38.07 7.51
N CYS B 92 18.56 -37.71 6.51
CA CYS B 92 18.22 -36.66 5.59
C CYS B 92 17.33 -37.20 4.47
N ILE B 93 16.10 -36.71 4.43
CA ILE B 93 15.17 -36.92 3.33
C ILE B 93 14.98 -35.55 2.64
N GLY B 94 15.12 -35.50 1.33
CA GLY B 94 14.89 -34.25 0.62
C GLY B 94 16.07 -33.29 0.70
N MET B 95 16.16 -32.52 1.79
CA MET B 95 17.14 -31.43 1.91
C MET B 95 17.58 -31.30 3.37
N ALA B 96 18.89 -31.11 3.58
CA ALA B 96 19.41 -30.61 4.81
C ALA B 96 20.42 -29.52 4.47
N ALA B 97 20.04 -28.26 4.70
CA ALA B 97 20.86 -27.11 4.35
C ALA B 97 21.15 -26.30 5.62
N SER B 98 22.33 -25.70 5.65
CA SER B 98 22.77 -24.80 6.71
C SER B 98 22.70 -25.51 8.06
N MET B 99 21.96 -24.96 9.03
CA MET B 99 21.84 -25.56 10.34
C MET B 99 21.19 -26.96 10.24
N GLY B 100 20.43 -27.20 9.17
CA GLY B 100 19.89 -28.54 8.87
C GLY B 100 20.99 -29.58 8.67
N SER B 101 22.04 -29.20 7.93
CA SER B 101 23.12 -30.13 7.65
C SER B 101 24.03 -30.29 8.87
N PHE B 102 24.15 -29.22 9.66
CA PHE B 102 24.87 -29.27 10.92
C PHE B 102 24.22 -30.31 11.85
N LEU B 103 22.88 -30.32 11.91
CA LEU B 103 22.17 -31.27 12.78
C LEU B 103 22.25 -32.70 12.22
N LEU B 104 22.22 -32.84 10.90
CA LEU B 104 22.42 -34.14 10.26
C LEU B 104 23.75 -34.75 10.71
N ALA B 105 24.81 -33.93 10.70
CA ALA B 105 26.16 -34.35 11.05
C ALA B 105 26.28 -34.63 12.55
N ALA B 106 25.33 -34.16 13.36
CA ALA B 106 25.34 -34.28 14.82
C ALA B 106 24.76 -35.61 15.32
N GLY B 107 24.20 -36.44 14.44
CA GLY B 107 23.64 -37.76 14.83
C GLY B 107 24.73 -38.69 15.35
N ALA B 108 24.32 -39.77 16.00
CA ALA B 108 25.27 -40.72 16.59
C ALA B 108 26.17 -41.28 15.48
N LYS B 109 27.46 -41.42 15.77
CA LYS B 109 28.45 -41.86 14.79
C LYS B 109 28.08 -43.28 14.33
N GLY B 110 28.07 -43.50 13.03
CA GLY B 110 27.64 -44.74 12.43
C GLY B 110 26.15 -44.77 12.12
N LYS B 111 25.39 -43.77 12.56
CA LYS B 111 23.91 -43.80 12.41
C LYS B 111 23.40 -42.48 11.78
N ARG B 112 24.19 -41.90 10.89
CA ARG B 112 23.81 -40.73 10.12
C ARG B 112 23.62 -41.14 8.66
N PHE B 113 22.42 -40.93 8.13
CA PHE B 113 22.00 -41.42 6.83
C PHE B 113 21.44 -40.30 5.96
N ALA B 114 21.46 -40.54 4.65
CA ALA B 114 20.70 -39.73 3.69
C ALA B 114 20.15 -40.65 2.60
N LEU B 115 18.97 -40.32 2.09
CA LEU B 115 18.41 -41.00 0.94
C LEU B 115 19.18 -40.59 -0.31
N PRO B 116 19.19 -41.41 -1.38
CA PRO B 116 20.14 -41.22 -2.47
C PRO B 116 20.05 -39.86 -3.21
N ASN B 117 18.83 -39.30 -3.28
CA ASN B 117 18.58 -38.09 -4.02
C ASN B 117 18.48 -36.86 -3.11
N ALA B 118 18.78 -37.03 -1.84
CA ALA B 118 18.79 -35.95 -0.87
C ALA B 118 19.92 -34.96 -1.21
N GLU B 119 19.65 -33.68 -0.88
CA GLU B 119 20.56 -32.57 -1.09
C GLU B 119 21.05 -32.11 0.28
N VAL B 120 22.38 -32.01 0.43
CA VAL B 120 22.98 -31.46 1.62
C VAL B 120 23.72 -30.18 1.20
N MET B 121 23.58 -29.12 1.99
CA MET B 121 24.26 -27.88 1.66
C MET B 121 24.88 -27.29 2.93
N ILE B 122 26.14 -26.86 2.80
CA ILE B 122 26.88 -26.21 3.88
C ILE B 122 27.32 -24.84 3.38
N HIS B 123 27.37 -23.87 4.30
CA HIS B 123 27.81 -22.50 4.01
C HIS B 123 28.09 -21.80 5.33
N GLN B 124 28.48 -20.53 5.28
CA GLN B 124 28.78 -19.78 6.49
C GLN B 124 27.50 -19.12 6.99
N PRO B 125 27.41 -18.79 8.29
CA PRO B 125 26.24 -18.13 8.86
C PRO B 125 25.94 -16.76 8.22
N LEU B 126 24.65 -16.41 8.20
CA LEU B 126 24.13 -15.19 7.61
C LEU B 126 23.60 -14.30 8.73
N GLY B 127 23.70 -12.98 8.53
CA GLY B 127 23.15 -12.04 9.49
C GLY B 127 23.20 -10.61 8.97
N GLY B 128 23.17 -9.67 9.90
CA GLY B 128 22.93 -8.30 9.60
C GLY B 128 23.31 -7.41 10.76
N ALA B 129 23.57 -6.13 10.46
CA ALA B 129 23.93 -5.14 11.45
C ALA B 129 23.70 -3.75 10.86
N GLN B 130 23.10 -2.87 11.68
CA GLN B 130 22.81 -1.50 11.36
C GLN B 130 23.17 -0.65 12.58
N GLY B 131 23.67 0.57 12.35
CA GLY B 131 23.91 1.54 13.42
C GLY B 131 25.32 2.11 13.41
N GLN B 132 25.83 2.39 14.60
CA GLN B 132 27.12 3.02 14.78
C GLN B 132 28.23 2.01 14.46
N ALA B 133 29.39 2.52 14.10
CA ALA B 133 30.58 1.70 13.80
C ALA B 133 30.82 0.66 14.90
N THR B 134 30.76 1.11 16.15
CA THR B 134 30.94 0.26 17.35
C THR B 134 29.92 -0.89 17.40
N GLU B 135 28.67 -0.60 17.03
CA GLU B 135 27.61 -1.61 17.02
C GLU B 135 27.85 -2.63 15.92
N ILE B 136 28.35 -2.18 14.77
CA ILE B 136 28.61 -3.07 13.65
C ILE B 136 29.78 -3.99 14.01
N GLU B 137 30.77 -3.44 14.72
CA GLU B 137 31.92 -4.19 15.20
C GLU B 137 31.47 -5.34 16.11
N ILE B 138 30.59 -5.03 17.08
CA ILE B 138 30.08 -6.04 18.02
C ILE B 138 29.34 -7.14 17.25
N ALA B 139 28.47 -6.76 16.31
CA ALA B 139 27.71 -7.73 15.49
C ALA B 139 28.67 -8.61 14.68
N ALA B 140 29.69 -8.01 14.08
CA ALA B 140 30.66 -8.74 13.27
C ALA B 140 31.44 -9.75 14.12
N ASN B 141 31.93 -9.31 15.28
CA ASN B 141 32.67 -10.16 16.21
C ASN B 141 31.80 -11.35 16.63
N HIS B 142 30.52 -11.08 16.92
CA HIS B 142 29.60 -12.13 17.33
C HIS B 142 29.41 -13.18 16.22
N ILE B 143 29.15 -12.74 14.97
CA ILE B 143 28.87 -13.71 13.91
C ILE B 143 30.17 -14.48 13.55
N LEU B 144 31.33 -13.83 13.64
CA LEU B 144 32.60 -14.53 13.37
C LEU B 144 32.87 -15.61 14.44
N LYS B 145 32.57 -15.29 15.70
CA LYS B 145 32.72 -16.24 16.81
C LYS B 145 31.74 -17.41 16.62
N THR B 146 30.52 -17.11 16.15
CA THR B 146 29.53 -18.14 15.87
C THR B 146 30.04 -19.08 14.77
N ARG B 147 30.65 -18.50 13.73
CA ARG B 147 31.18 -19.30 12.64
C ARG B 147 32.32 -20.21 13.13
N GLU B 148 33.24 -19.68 13.93
CA GLU B 148 34.35 -20.46 14.52
C GLU B 148 33.81 -21.67 15.31
N LYS B 149 32.75 -21.44 16.09
CA LYS B 149 32.12 -22.48 16.92
C LYS B 149 31.52 -23.57 16.01
N LEU B 150 30.78 -23.15 14.98
CA LEU B 150 30.18 -24.11 14.05
C LEU B 150 31.27 -24.93 13.35
N ASN B 151 32.33 -24.26 12.88
CA ASN B 151 33.36 -24.91 12.09
C ASN B 151 34.15 -25.92 12.93
N ARG B 152 34.43 -25.56 14.18
CA ARG B 152 35.14 -26.41 15.11
C ARG B 152 34.34 -27.72 15.31
N ILE B 153 33.04 -27.57 15.59
CA ILE B 153 32.22 -28.74 15.83
C ILE B 153 32.12 -29.59 14.55
N LEU B 154 31.98 -28.93 13.40
CA LEU B 154 31.85 -29.67 12.13
C LEU B 154 33.14 -30.45 11.86
N SER B 155 34.29 -29.85 12.20
CA SER B 155 35.59 -30.51 12.08
C SER B 155 35.60 -31.81 12.89
N GLU B 156 35.18 -31.72 14.16
CA GLU B 156 35.12 -32.88 15.06
C GLU B 156 34.16 -33.95 14.51
N ARG B 157 33.01 -33.54 13.96
CA ARG B 157 31.98 -34.51 13.57
C ARG B 157 32.33 -35.16 12.21
N THR B 158 33.07 -34.46 11.35
CA THR B 158 33.36 -34.96 9.99
C THR B 158 34.75 -35.59 9.87
N GLY B 159 35.68 -35.19 10.74
CA GLY B 159 37.09 -35.58 10.61
C GLY B 159 37.88 -34.69 9.66
N GLN B 160 37.25 -33.65 9.07
CA GLN B 160 37.97 -32.72 8.21
C GLN B 160 38.65 -31.65 9.09
N SER B 161 39.74 -31.07 8.57
CA SER B 161 40.42 -29.98 9.28
C SER B 161 39.53 -28.72 9.29
N ILE B 162 39.76 -27.88 10.31
CA ILE B 162 39.09 -26.60 10.44
C ILE B 162 39.36 -25.74 9.20
N GLU B 163 40.59 -25.83 8.66
CA GLU B 163 41.02 -25.05 7.50
C GLU B 163 40.20 -25.45 6.27
N LYS B 164 40.00 -26.75 6.08
CA LYS B 164 39.23 -27.23 4.95
C LYS B 164 37.74 -26.85 5.12
N ILE B 165 37.18 -26.96 6.33
CA ILE B 165 35.77 -26.58 6.59
C ILE B 165 35.59 -25.09 6.23
N GLN B 166 36.52 -24.25 6.68
CA GLN B 166 36.49 -22.80 6.43
C GLN B 166 36.41 -22.53 4.92
N LYS B 167 37.29 -23.18 4.13
CA LYS B 167 37.32 -22.99 2.68
C LYS B 167 36.05 -23.53 2.02
N ASP B 168 35.55 -24.68 2.49
CA ASP B 168 34.42 -25.36 1.83
C ASP B 168 33.08 -24.71 2.17
N THR B 169 33.03 -23.85 3.20
CA THR B 169 31.78 -23.19 3.62
C THR B 169 31.80 -21.70 3.25
N ASP B 170 32.82 -21.25 2.53
CA ASP B 170 32.99 -19.84 2.20
C ASP B 170 31.80 -19.35 1.36
N ARG B 171 31.30 -20.18 0.43
CA ARG B 171 30.06 -19.94 -0.32
C ARG B 171 29.21 -21.20 -0.26
N ASP B 172 27.96 -21.10 -0.72
CA ASP B 172 27.06 -22.23 -0.78
C ASP B 172 27.78 -23.40 -1.46
N ASN B 173 27.76 -24.54 -0.79
CA ASN B 173 28.39 -25.75 -1.26
C ASN B 173 27.36 -26.89 -1.18
N PHE B 174 26.85 -27.30 -2.34
CA PHE B 174 25.86 -28.36 -2.47
C PHE B 174 26.55 -29.72 -2.62
N LEU B 175 26.12 -30.70 -1.81
CA LEU B 175 26.64 -32.05 -1.86
C LEU B 175 25.50 -33.03 -2.18
N THR B 176 25.78 -34.01 -3.03
CA THR B 176 24.95 -35.21 -3.14
C THR B 176 25.09 -36.04 -1.85
N ALA B 177 24.20 -37.02 -1.67
CA ALA B 177 24.28 -37.92 -0.51
C ALA B 177 25.65 -38.61 -0.47
N GLU B 178 26.10 -39.09 -1.62
CA GLU B 178 27.36 -39.82 -1.75
C GLU B 178 28.53 -38.90 -1.38
N GLU B 179 28.47 -37.65 -1.85
CA GLU B 179 29.51 -36.66 -1.51
C GLU B 179 29.48 -36.36 0.00
N ALA B 180 28.28 -36.29 0.58
CA ALA B 180 28.15 -36.01 2.01
C ALA B 180 28.80 -37.14 2.82
N LYS B 181 28.64 -38.39 2.34
CA LYS B 181 29.26 -39.55 2.97
C LYS B 181 30.80 -39.43 2.89
N GLU B 182 31.31 -39.13 1.70
CA GLU B 182 32.77 -38.98 1.49
C GLU B 182 33.32 -37.87 2.37
N TYR B 183 32.52 -36.81 2.57
CA TYR B 183 32.94 -35.67 3.36
C TYR B 183 32.97 -36.00 4.86
N GLY B 184 32.16 -36.97 5.29
CA GLY B 184 32.03 -37.33 6.71
C GLY B 184 30.84 -36.66 7.42
N LEU B 185 29.91 -36.07 6.66
CA LEU B 185 28.69 -35.47 7.23
C LEU B 185 27.68 -36.56 7.60
N ILE B 186 27.69 -37.65 6.83
CA ILE B 186 26.88 -38.85 7.10
C ILE B 186 27.78 -40.08 7.03
N ASP B 187 27.25 -41.21 7.47
CA ASP B 187 27.98 -42.48 7.50
C ASP B 187 27.59 -43.38 6.33
N GLU B 188 26.32 -43.37 5.92
CA GLU B 188 25.82 -44.25 4.88
C GLU B 188 24.75 -43.55 4.04
N VAL B 189 24.75 -43.88 2.74
CA VAL B 189 23.62 -43.63 1.88
C VAL B 189 22.65 -44.80 2.02
N MET B 190 21.40 -44.49 2.33
CA MET B 190 20.35 -45.47 2.50
C MET B 190 19.82 -45.87 1.11
N VAL B 191 20.21 -47.05 0.65
CA VAL B 191 19.90 -47.49 -0.72
C VAL B 191 18.62 -48.33 -0.69
N PRO B 192 17.81 -48.36 -1.78
CA PRO B 192 16.66 -49.26 -1.86
C PRO B 192 17.08 -50.71 -2.10
N ILE C 4 -14.51 -30.05 4.07
CA ILE C 4 -14.08 -31.50 4.04
C ILE C 4 -15.16 -32.32 4.73
N PRO C 5 -15.92 -33.18 3.99
CA PRO C 5 -17.03 -33.93 4.58
C PRO C 5 -16.57 -35.10 5.45
N THR C 6 -17.45 -35.49 6.36
CA THR C 6 -17.27 -36.59 7.28
C THR C 6 -18.09 -37.78 6.77
N VAL C 7 -17.55 -38.99 6.96
CA VAL C 7 -18.24 -40.23 6.57
C VAL C 7 -18.46 -41.08 7.84
N ILE C 8 -19.60 -41.77 7.90
CA ILE C 8 -20.10 -42.37 9.15
C ILE C 8 -19.40 -43.70 9.43
N TYR C 18 -14.94 -40.30 10.42
CA TYR C 18 -13.66 -39.94 9.77
C TYR C 18 -13.86 -38.79 8.77
N ASP C 19 -12.89 -37.87 8.70
CA ASP C 19 -12.75 -37.04 7.50
C ASP C 19 -12.43 -37.96 6.31
N ILE C 20 -12.86 -37.56 5.10
CA ILE C 20 -12.86 -38.42 3.93
C ILE C 20 -11.42 -38.90 3.61
N TYR C 21 -10.43 -38.03 3.77
CA TYR C 21 -9.04 -38.38 3.42
C TYR C 21 -8.49 -39.41 4.39
N SER C 22 -8.82 -39.29 5.67
CA SER C 22 -8.42 -40.27 6.68
C SER C 22 -9.08 -41.63 6.40
N ARG C 23 -10.33 -41.59 5.90
CA ARG C 23 -11.03 -42.81 5.54
C ARG C 23 -10.33 -43.49 4.35
N LEU C 24 -9.88 -42.71 3.37
CA LEU C 24 -9.17 -43.25 2.20
C LEU C 24 -7.82 -43.83 2.62
N LEU C 25 -7.15 -43.19 3.60
CA LEU C 25 -5.84 -43.66 4.06
C LEU C 25 -5.97 -45.05 4.71
N LYS C 26 -7.11 -45.32 5.35
CA LYS C 26 -7.40 -46.64 5.92
C LYS C 26 -7.36 -47.72 4.83
N ASP C 27 -7.68 -47.37 3.57
CA ASP C 27 -7.61 -48.31 2.44
C ASP C 27 -6.30 -48.14 1.64
N ARG C 28 -5.31 -47.48 2.25
CA ARG C 28 -3.95 -47.35 1.71
C ARG C 28 -3.92 -46.40 0.51
N ILE C 29 -4.88 -45.46 0.44
CA ILE C 29 -4.87 -44.40 -0.56
C ILE C 29 -4.28 -43.14 0.06
N ILE C 30 -3.26 -42.59 -0.61
CA ILE C 30 -2.62 -41.32 -0.25
C ILE C 30 -3.00 -40.30 -1.32
N MET C 31 -3.46 -39.12 -0.89
CA MET C 31 -3.85 -38.04 -1.81
C MET C 31 -2.72 -37.00 -1.90
N LEU C 32 -2.18 -36.82 -3.10
CA LEU C 32 -1.27 -35.71 -3.41
C LEU C 32 -2.05 -34.76 -4.32
N GLY C 33 -2.78 -33.85 -3.67
CA GLY C 33 -3.80 -33.07 -4.32
C GLY C 33 -3.54 -31.58 -4.21
N SER C 34 -2.28 -31.19 -4.02
CA SER C 34 -1.93 -29.78 -3.91
C SER C 34 -0.52 -29.55 -4.45
N GLN C 35 -0.10 -28.28 -4.39
CA GLN C 35 1.26 -27.87 -4.63
C GLN C 35 2.18 -28.62 -3.67
N ILE C 36 3.35 -29.03 -4.18
CA ILE C 36 4.32 -29.78 -3.38
C ILE C 36 5.25 -28.79 -2.67
N ASP C 37 5.08 -28.67 -1.36
CA ASP C 37 6.02 -27.99 -0.47
C ASP C 37 6.50 -29.02 0.58
N ASP C 38 7.34 -28.57 1.50
CA ASP C 38 7.95 -29.40 2.51
C ASP C 38 6.87 -30.06 3.38
N ASN C 39 5.83 -29.33 3.78
CA ASN C 39 4.76 -29.86 4.64
C ASN C 39 4.03 -31.03 3.94
N VAL C 40 3.73 -30.87 2.65
CA VAL C 40 3.07 -31.91 1.86
C VAL C 40 3.99 -33.14 1.78
N ALA C 41 5.27 -32.92 1.51
CA ALA C 41 6.25 -33.99 1.41
C ALA C 41 6.36 -34.75 2.74
N ASN C 42 6.50 -34.01 3.84
CA ASN C 42 6.68 -34.64 5.16
C ASN C 42 5.47 -35.52 5.50
N SER C 43 4.28 -35.06 5.12
CA SER C 43 3.05 -35.78 5.37
C SER C 43 2.96 -37.05 4.49
N ILE C 44 3.29 -36.93 3.20
CA ILE C 44 3.21 -38.07 2.28
C ILE C 44 4.26 -39.12 2.70
N VAL C 45 5.47 -38.68 3.02
CA VAL C 45 6.54 -39.56 3.47
C VAL C 45 6.07 -40.34 4.70
N SER C 46 5.49 -39.62 5.68
CA SER C 46 5.02 -40.23 6.91
C SER C 46 3.92 -41.27 6.62
N GLN C 47 3.02 -40.94 5.69
CA GLN C 47 1.94 -41.84 5.33
C GLN C 47 2.52 -43.11 4.68
N LEU C 48 3.50 -42.97 3.80
CA LEU C 48 4.09 -44.12 3.10
C LEU C 48 4.71 -45.06 4.13
N LEU C 49 5.47 -44.50 5.08
CA LEU C 49 6.20 -45.30 6.06
C LEU C 49 5.20 -46.00 7.01
N PHE C 50 4.12 -45.31 7.35
CA PHE C 50 3.09 -45.83 8.24
C PHE C 50 2.39 -47.01 7.56
N LEU C 51 2.04 -46.86 6.28
CA LEU C 51 1.36 -47.94 5.56
C LEU C 51 2.29 -49.15 5.42
N GLN C 52 3.59 -48.91 5.18
CA GLN C 52 4.54 -50.01 5.10
C GLN C 52 4.57 -50.77 6.43
N ALA C 53 4.56 -50.03 7.56
CA ALA C 53 4.62 -50.63 8.89
C ALA C 53 3.35 -51.45 9.18
N GLN C 54 2.20 -51.00 8.67
CA GLN C 54 0.94 -51.75 8.83
C GLN C 54 0.99 -53.06 8.01
N ASP C 55 1.55 -53.00 6.80
CA ASP C 55 1.61 -54.14 5.90
C ASP C 55 2.63 -53.87 4.80
N SER C 56 3.69 -54.66 4.77
CA SER C 56 4.83 -54.42 3.90
C SER C 56 4.64 -55.05 2.52
N GLU C 57 3.53 -55.77 2.30
CA GLU C 57 3.29 -56.50 1.05
C GLU C 57 2.15 -55.87 0.22
N LYS C 58 1.13 -55.30 0.88
CA LYS C 58 -0.04 -54.77 0.15
C LYS C 58 0.32 -53.48 -0.58
N ASP C 59 -0.27 -53.30 -1.77
CA ASP C 59 -0.08 -52.12 -2.59
C ASP C 59 -0.57 -50.88 -1.84
N ILE C 60 0.07 -49.76 -2.15
CA ILE C 60 -0.31 -48.41 -1.79
C ILE C 60 -0.75 -47.69 -3.08
N TYR C 61 -1.70 -46.76 -2.95
CA TYR C 61 -2.27 -46.02 -4.10
C TYR C 61 -2.06 -44.52 -3.88
N LEU C 62 -1.26 -43.90 -4.75
CA LEU C 62 -0.97 -42.46 -4.72
C LEU C 62 -1.76 -41.77 -5.83
N TYR C 63 -2.80 -41.02 -5.43
CA TYR C 63 -3.64 -40.26 -6.34
C TYR C 63 -3.04 -38.85 -6.49
N ILE C 64 -2.85 -38.42 -7.74
CA ILE C 64 -2.09 -37.20 -8.02
C ILE C 64 -2.98 -36.23 -8.79
N ASN C 65 -3.15 -35.04 -8.20
CA ASN C 65 -3.77 -33.88 -8.82
C ASN C 65 -2.99 -32.64 -8.34
N SER C 66 -1.87 -32.34 -9.01
CA SER C 66 -0.86 -31.44 -8.48
C SER C 66 -0.18 -30.66 -9.59
N PRO C 67 0.04 -29.34 -9.43
CA PRO C 67 0.85 -28.56 -10.38
C PRO C 67 2.35 -28.66 -10.12
N GLY C 68 2.77 -29.52 -9.18
CA GLY C 68 4.16 -29.66 -8.82
C GLY C 68 4.51 -28.73 -7.68
N GLY C 69 5.79 -28.32 -7.64
CA GLY C 69 6.32 -27.48 -6.57
C GLY C 69 7.80 -27.75 -6.36
N SER C 70 8.22 -27.80 -5.10
CA SER C 70 9.61 -27.92 -4.69
C SER C 70 10.21 -29.24 -5.19
N VAL C 71 11.38 -29.16 -5.83
CA VAL C 71 12.09 -30.33 -6.33
C VAL C 71 12.61 -31.18 -5.17
N THR C 72 13.15 -30.54 -4.11
CA THR C 72 13.69 -31.31 -2.99
C THR C 72 12.56 -32.01 -2.24
N ALA C 73 11.41 -31.35 -2.09
CA ALA C 73 10.26 -31.95 -1.45
C ALA C 73 9.77 -33.15 -2.28
N GLY C 74 9.74 -32.97 -3.61
CA GLY C 74 9.38 -34.02 -4.55
C GLY C 74 10.31 -35.23 -4.44
N PHE C 75 11.61 -34.95 -4.25
CA PHE C 75 12.59 -36.03 -4.14
C PHE C 75 12.47 -36.78 -2.81
N ALA C 76 12.01 -36.10 -1.74
CA ALA C 76 11.74 -36.78 -0.48
C ALA C 76 10.68 -37.87 -0.71
N ILE C 77 9.63 -37.53 -1.47
CA ILE C 77 8.56 -38.46 -1.78
C ILE C 77 9.10 -39.57 -2.71
N TYR C 78 9.82 -39.20 -3.76
CA TYR C 78 10.35 -40.13 -4.74
C TYR C 78 11.20 -41.21 -4.03
N ASP C 79 12.14 -40.77 -3.19
CA ASP C 79 13.09 -41.66 -2.55
C ASP C 79 12.36 -42.59 -1.56
N THR C 80 11.30 -42.08 -0.91
CA THR C 80 10.54 -42.89 0.01
C THR C 80 9.78 -43.98 -0.75
N ILE C 81 9.19 -43.62 -1.89
CA ILE C 81 8.50 -44.58 -2.75
C ILE C 81 9.46 -45.73 -3.12
N GLN C 82 10.66 -45.39 -3.58
CA GLN C 82 11.60 -46.42 -4.04
C GLN C 82 12.12 -47.24 -2.85
N HIS C 83 12.22 -46.62 -1.66
CA HIS C 83 12.77 -47.30 -0.49
C HIS C 83 11.84 -48.40 0.05
N ILE C 84 10.54 -48.13 0.15
CA ILE C 84 9.61 -49.04 0.83
C ILE C 84 9.38 -50.30 -0.02
N LYS C 85 8.92 -51.37 0.64
CA LYS C 85 8.71 -52.68 -0.01
C LYS C 85 7.43 -52.69 -0.84
N PRO C 86 6.29 -52.17 -0.35
CA PRO C 86 5.06 -52.20 -1.14
C PRO C 86 5.21 -51.48 -2.49
N ASP C 87 4.55 -52.00 -3.52
CA ASP C 87 4.37 -51.28 -4.75
C ASP C 87 3.49 -50.05 -4.49
N VAL C 88 3.88 -48.91 -5.05
CA VAL C 88 3.07 -47.70 -5.01
C VAL C 88 2.50 -47.47 -6.40
N GLN C 89 1.20 -47.69 -6.56
CA GLN C 89 0.48 -47.36 -7.77
C GLN C 89 0.29 -45.83 -7.80
N THR C 90 0.35 -45.24 -9.00
CA THR C 90 0.11 -43.82 -9.19
C THR C 90 -1.05 -43.65 -10.17
N ILE C 91 -1.97 -42.74 -9.83
CA ILE C 91 -3.12 -42.42 -10.66
C ILE C 91 -3.18 -40.89 -10.79
N CYS C 92 -3.02 -40.40 -12.02
CA CYS C 92 -3.24 -39.02 -12.32
C CYS C 92 -4.72 -38.75 -12.58
N ILE C 93 -5.32 -37.95 -11.71
CA ILE C 93 -6.65 -37.39 -11.88
C ILE C 93 -6.47 -35.88 -12.08
N GLY C 94 -7.08 -35.33 -13.11
CA GLY C 94 -7.01 -33.88 -13.34
C GLY C 94 -5.69 -33.46 -13.98
N MET C 95 -4.65 -33.26 -13.15
CA MET C 95 -3.38 -32.67 -13.61
C MET C 95 -2.21 -33.28 -12.84
N ALA C 96 -1.13 -33.59 -13.56
CA ALA C 96 0.15 -33.83 -12.98
C ALA C 96 1.18 -33.04 -13.79
N ALA C 97 1.67 -31.94 -13.20
CA ALA C 97 2.61 -31.05 -13.86
C ALA C 97 3.91 -30.97 -13.06
N SER C 98 5.02 -30.83 -13.79
CA SER C 98 6.35 -30.62 -13.22
C SER C 98 6.70 -31.79 -12.28
N MET C 99 7.02 -31.49 -11.02
CA MET C 99 7.37 -32.53 -10.07
C MET C 99 6.18 -33.49 -9.85
N GLY C 100 4.96 -33.03 -10.13
CA GLY C 100 3.77 -33.89 -10.12
C GLY C 100 3.86 -35.03 -11.14
N SER C 101 4.33 -34.70 -12.34
CA SER C 101 4.44 -35.70 -13.41
C SER C 101 5.65 -36.61 -13.17
N PHE C 102 6.70 -36.06 -12.56
CA PHE C 102 7.85 -36.84 -12.15
C PHE C 102 7.41 -37.94 -11.15
N LEU C 103 6.55 -37.59 -10.20
CA LEU C 103 6.09 -38.56 -9.20
C LEU C 103 5.11 -39.57 -9.82
N LEU C 104 4.30 -39.13 -10.77
CA LEU C 104 3.41 -40.02 -11.50
C LEU C 104 4.25 -41.13 -12.18
N ALA C 105 5.35 -40.73 -12.81
CA ALA C 105 6.24 -41.64 -13.52
C ALA C 105 7.02 -42.56 -12.57
N ALA C 106 7.05 -42.21 -11.28
CA ALA C 106 7.80 -42.93 -10.24
C ALA C 106 7.04 -44.12 -9.64
N GLY C 107 5.76 -44.28 -9.99
CA GLY C 107 4.96 -45.42 -9.50
C GLY C 107 5.50 -46.76 -9.99
N ALA C 108 5.06 -47.85 -9.37
CA ALA C 108 5.54 -49.19 -9.72
C ALA C 108 5.26 -49.47 -11.21
N LYS C 109 6.22 -50.09 -11.88
CA LYS C 109 6.11 -50.34 -13.33
C LYS C 109 4.91 -51.26 -13.57
N GLY C 110 4.07 -50.89 -14.54
CA GLY C 110 2.84 -51.59 -14.82
C GLY C 110 1.64 -51.05 -14.02
N LYS C 111 1.88 -50.16 -13.05
CA LYS C 111 0.80 -49.68 -12.16
C LYS C 111 0.75 -48.15 -12.09
N ARG C 112 1.07 -47.49 -13.22
CA ARG C 112 0.98 -46.05 -13.36
C ARG C 112 -0.16 -45.75 -14.33
N PHE C 113 -1.16 -44.98 -13.86
CA PHE C 113 -2.39 -44.75 -14.58
C PHE C 113 -2.70 -43.26 -14.69
N ALA C 114 -3.53 -42.91 -15.66
CA ALA C 114 -4.17 -41.59 -15.74
C ALA C 114 -5.59 -41.78 -16.27
N LEU C 115 -6.51 -40.94 -15.78
CA LEU C 115 -7.85 -40.87 -16.32
C LEU C 115 -7.81 -40.22 -17.69
N PRO C 116 -8.82 -40.48 -18.56
CA PRO C 116 -8.69 -40.14 -19.98
C PRO C 116 -8.46 -38.66 -20.30
N ASN C 117 -9.02 -37.77 -19.48
CA ASN C 117 -8.99 -36.34 -19.75
C ASN C 117 -7.96 -35.64 -18.86
N ALA C 118 -7.16 -36.42 -18.12
CA ALA C 118 -6.10 -35.86 -17.29
C ALA C 118 -5.02 -35.22 -18.17
N GLU C 119 -4.38 -34.20 -17.61
CA GLU C 119 -3.33 -33.41 -18.25
C GLU C 119 -2.01 -33.72 -17.54
N VAL C 120 -0.99 -34.06 -18.31
CA VAL C 120 0.35 -34.25 -17.81
C VAL C 120 1.23 -33.18 -18.46
N MET C 121 2.11 -32.56 -17.67
CA MET C 121 3.02 -31.57 -18.23
C MET C 121 4.42 -31.78 -17.67
N ILE C 122 5.41 -31.74 -18.58
CA ILE C 122 6.82 -31.85 -18.22
C ILE C 122 7.55 -30.59 -18.72
N HIS C 123 8.58 -30.17 -17.99
CA HIS C 123 9.39 -29.01 -18.35
C HIS C 123 10.68 -29.04 -17.53
N GLN C 124 11.54 -28.02 -17.68
CA GLN C 124 12.79 -27.99 -16.94
C GLN C 124 12.56 -27.28 -15.62
N PRO C 125 13.41 -27.51 -14.59
CA PRO C 125 13.31 -26.82 -13.32
C PRO C 125 13.45 -25.30 -13.42
N LEU C 126 12.77 -24.60 -12.49
CA LEU C 126 12.71 -23.16 -12.43
C LEU C 126 13.47 -22.71 -11.18
N GLY C 127 14.07 -21.52 -11.26
CA GLY C 127 14.76 -20.97 -10.12
C GLY C 127 15.17 -19.54 -10.32
N GLY C 128 16.13 -19.11 -9.51
CA GLY C 128 16.59 -17.75 -9.48
C GLY C 128 17.94 -17.65 -8.81
N ALA C 129 18.58 -16.51 -9.01
CA ALA C 129 19.90 -16.23 -8.47
C ALA C 129 20.18 -14.73 -8.61
N GLN C 130 20.71 -14.14 -7.54
CA GLN C 130 21.05 -12.74 -7.42
C GLN C 130 22.40 -12.65 -6.70
N GLY C 131 23.22 -11.67 -7.07
CA GLY C 131 24.44 -11.32 -6.33
C GLY C 131 25.67 -11.24 -7.23
N GLN C 132 26.82 -11.65 -6.68
CA GLN C 132 28.08 -11.60 -7.37
C GLN C 132 28.11 -12.66 -8.47
N ALA C 133 28.94 -12.43 -9.49
CA ALA C 133 29.12 -13.35 -10.61
C ALA C 133 29.35 -14.79 -10.11
N THR C 134 30.23 -14.94 -9.12
CA THR C 134 30.60 -16.22 -8.49
C THR C 134 29.36 -16.89 -7.85
N GLU C 135 28.48 -16.11 -7.22
CA GLU C 135 27.27 -16.64 -6.60
C GLU C 135 26.29 -17.13 -7.67
N ILE C 136 26.21 -16.39 -8.79
CA ILE C 136 25.30 -16.77 -9.86
C ILE C 136 25.80 -18.07 -10.50
N GLU C 137 27.12 -18.20 -10.62
CA GLU C 137 27.77 -19.39 -11.15
C GLU C 137 27.39 -20.62 -10.31
N ILE C 138 27.50 -20.49 -8.99
CA ILE C 138 27.17 -21.59 -8.05
C ILE C 138 25.70 -21.98 -8.23
N ALA C 139 24.80 -20.99 -8.25
CA ALA C 139 23.36 -21.25 -8.41
C ALA C 139 23.07 -21.94 -9.75
N ALA C 140 23.73 -21.49 -10.83
CA ALA C 140 23.52 -22.05 -12.16
C ALA C 140 23.99 -23.52 -12.20
N ASN C 141 25.19 -23.78 -11.66
CA ASN C 141 25.76 -25.12 -11.61
C ASN C 141 24.81 -26.06 -10.85
N HIS C 142 24.27 -25.57 -9.71
CA HIS C 142 23.37 -26.36 -8.90
C HIS C 142 22.08 -26.70 -9.67
N ILE C 143 21.44 -25.73 -10.32
CA ILE C 143 20.15 -26.00 -10.99
C ILE C 143 20.39 -26.88 -12.23
N LEU C 144 21.54 -26.73 -12.90
CA LEU C 144 21.84 -27.59 -14.06
C LEU C 144 22.07 -29.04 -13.61
N LYS C 145 22.75 -29.24 -12.48
CA LYS C 145 22.99 -30.57 -11.89
C LYS C 145 21.63 -31.18 -11.47
N THR C 146 20.73 -30.35 -10.93
CA THR C 146 19.40 -30.81 -10.56
C THR C 146 18.63 -31.29 -11.80
N ARG C 147 18.74 -30.54 -12.89
CA ARG C 147 18.08 -30.91 -14.14
C ARG C 147 18.63 -32.24 -14.68
N GLU C 148 19.95 -32.39 -14.69
CA GLU C 148 20.61 -33.66 -15.13
C GLU C 148 20.07 -34.84 -14.33
N LYS C 149 19.93 -34.67 -13.00
CA LYS C 149 19.45 -35.72 -12.10
C LYS C 149 18.00 -36.08 -12.43
N LEU C 150 17.14 -35.06 -12.62
CA LEU C 150 15.74 -35.30 -12.97
C LEU C 150 15.65 -36.02 -14.32
N ASN C 151 16.43 -35.58 -15.31
CA ASN C 151 16.34 -36.09 -16.66
C ASN C 151 16.81 -37.56 -16.72
N ARG C 152 17.88 -37.87 -15.97
CA ARG C 152 18.42 -39.21 -15.90
C ARG C 152 17.36 -40.17 -15.33
N ILE C 153 16.71 -39.76 -14.22
CA ILE C 153 15.73 -40.63 -13.61
C ILE C 153 14.52 -40.76 -14.55
N LEU C 154 14.12 -39.67 -15.20
CA LEU C 154 12.97 -39.75 -16.11
C LEU C 154 13.26 -40.70 -17.27
N SER C 155 14.52 -40.67 -17.75
CA SER C 155 14.98 -41.56 -18.81
C SER C 155 14.78 -43.02 -18.38
N GLU C 156 15.26 -43.35 -17.18
CA GLU C 156 15.14 -44.71 -16.61
C GLU C 156 13.67 -45.10 -16.45
N ARG C 157 12.81 -44.18 -16.01
CA ARG C 157 11.41 -44.52 -15.69
C ARG C 157 10.57 -44.62 -16.95
N THR C 158 10.93 -43.88 -18.01
CA THR C 158 10.10 -43.82 -19.23
C THR C 158 10.63 -44.73 -20.35
N GLY C 159 11.93 -45.05 -20.32
CA GLY C 159 12.59 -45.75 -21.43
C GLY C 159 13.01 -44.81 -22.56
N GLN C 160 12.80 -43.49 -22.42
CA GLN C 160 13.26 -42.54 -23.43
C GLN C 160 14.74 -42.22 -23.19
N SER C 161 15.45 -41.85 -24.25
CA SER C 161 16.83 -41.41 -24.13
C SER C 161 16.90 -40.07 -23.40
N ILE C 162 18.05 -39.84 -22.76
CA ILE C 162 18.35 -38.60 -22.09
C ILE C 162 18.28 -37.43 -23.09
N GLU C 163 18.71 -37.68 -24.34
CA GLU C 163 18.74 -36.66 -25.40
C GLU C 163 17.30 -36.19 -25.71
N LYS C 164 16.38 -37.16 -25.83
CA LYS C 164 15.00 -36.85 -26.11
C LYS C 164 14.34 -36.15 -24.91
N ILE C 165 14.62 -36.59 -23.67
CA ILE C 165 14.06 -35.95 -22.46
C ILE C 165 14.49 -34.48 -22.43
N GLN C 166 15.78 -34.23 -22.69
CA GLN C 166 16.36 -32.88 -22.68
C GLN C 166 15.58 -31.98 -23.67
N LYS C 167 15.38 -32.46 -24.91
CA LYS C 167 14.69 -31.69 -25.94
C LYS C 167 13.21 -31.48 -25.57
N ASP C 168 12.56 -32.50 -25.02
CA ASP C 168 11.11 -32.46 -24.78
C ASP C 168 10.74 -31.67 -23.53
N THR C 169 11.73 -31.37 -22.67
CA THR C 169 11.48 -30.61 -21.43
C THR C 169 12.04 -29.18 -21.53
N ASP C 170 12.53 -28.81 -22.70
CA ASP C 170 13.18 -27.52 -22.89
C ASP C 170 12.18 -26.37 -22.63
N ARG C 171 10.91 -26.55 -23.05
CA ARG C 171 9.81 -25.65 -22.69
C ARG C 171 8.62 -26.50 -22.22
N ASP C 172 7.58 -25.84 -21.68
CA ASP C 172 6.39 -26.50 -21.22
C ASP C 172 5.88 -27.44 -22.34
N ASN C 173 5.66 -28.69 -21.97
CA ASN C 173 5.21 -29.71 -22.88
C ASN C 173 3.99 -30.42 -22.27
N PHE C 174 2.80 -30.13 -22.81
CA PHE C 174 1.54 -30.70 -22.33
C PHE C 174 1.23 -32.01 -23.07
N LEU C 175 0.90 -33.06 -22.31
CA LEU C 175 0.54 -34.36 -22.87
C LEU C 175 -0.87 -34.74 -22.43
N THR C 176 -1.64 -35.30 -23.37
CA THR C 176 -2.86 -36.05 -23.03
C THR C 176 -2.46 -37.34 -22.31
N ALA C 177 -3.45 -38.00 -21.69
CA ALA C 177 -3.20 -39.27 -21.00
C ALA C 177 -2.61 -40.29 -21.99
N GLU C 178 -3.19 -40.35 -23.19
CA GLU C 178 -2.77 -41.28 -24.23
C GLU C 178 -1.32 -40.98 -24.64
N GLU C 179 -0.99 -39.70 -24.78
CA GLU C 179 0.38 -39.30 -25.13
C GLU C 179 1.34 -39.65 -23.98
N ALA C 180 0.89 -39.49 -22.73
CA ALA C 180 1.72 -39.83 -21.57
C ALA C 180 2.03 -41.33 -21.56
N LYS C 181 1.05 -42.13 -21.96
CA LYS C 181 1.25 -43.58 -22.09
C LYS C 181 2.27 -43.89 -23.18
N GLU C 182 2.12 -43.27 -24.35
CA GLU C 182 3.06 -43.46 -25.48
C GLU C 182 4.46 -43.04 -25.06
N TYR C 183 4.56 -42.00 -24.23
CA TYR C 183 5.84 -41.47 -23.80
C TYR C 183 6.53 -42.41 -22.79
N GLY C 184 5.73 -43.18 -22.05
CA GLY C 184 6.23 -44.05 -20.98
C GLY C 184 6.16 -43.44 -19.59
N LEU C 185 5.41 -42.33 -19.43
CA LEU C 185 5.23 -41.70 -18.10
C LEU C 185 4.20 -42.51 -17.28
N ILE C 186 3.24 -43.13 -17.98
CA ILE C 186 2.26 -44.03 -17.39
C ILE C 186 2.23 -45.32 -18.22
N ASP C 187 1.55 -46.34 -17.68
CA ASP C 187 1.44 -47.66 -18.31
C ASP C 187 0.09 -47.83 -19.01
N GLU C 188 -0.98 -47.28 -18.42
CA GLU C 188 -2.33 -47.45 -18.97
C GLU C 188 -3.16 -46.19 -18.76
N VAL C 189 -4.02 -45.91 -19.74
CA VAL C 189 -5.13 -45.00 -19.55
C VAL C 189 -6.29 -45.81 -18.95
N MET C 190 -6.82 -45.31 -17.83
CA MET C 190 -7.92 -45.93 -17.13
C MET C 190 -9.23 -45.54 -17.83
N VAL C 191 -9.81 -46.47 -18.57
CA VAL C 191 -10.98 -46.25 -19.40
C VAL C 191 -12.26 -46.60 -18.62
N PRO C 192 -13.40 -45.94 -18.90
CA PRO C 192 -14.62 -46.15 -18.14
C PRO C 192 -15.32 -47.48 -18.47
N ILE D 4 -22.65 -23.11 9.30
CA ILE D 4 -23.10 -24.46 8.82
C ILE D 4 -23.78 -25.19 9.97
N PRO D 5 -25.12 -25.42 9.91
CA PRO D 5 -25.85 -25.99 11.04
C PRO D 5 -25.60 -27.50 11.19
N THR D 6 -25.84 -27.98 12.41
CA THR D 6 -25.77 -29.36 12.78
C THR D 6 -27.21 -29.89 12.88
N VAL D 7 -27.40 -31.17 12.50
CA VAL D 7 -28.72 -31.82 12.53
C VAL D 7 -28.64 -33.04 13.47
N TYR D 18 -24.47 -34.59 13.00
CA TYR D 18 -23.82 -34.39 11.69
C TYR D 18 -23.90 -32.92 11.25
N ASP D 19 -22.84 -32.40 10.62
CA ASP D 19 -22.99 -31.20 9.78
C ASP D 19 -23.91 -31.57 8.60
N ILE D 20 -24.66 -30.58 8.09
CA ILE D 20 -25.76 -30.81 7.15
C ILE D 20 -25.23 -31.53 5.88
N TYR D 21 -24.04 -31.15 5.40
CA TYR D 21 -23.50 -31.71 4.16
C TYR D 21 -23.13 -33.18 4.35
N SER D 22 -22.58 -33.52 5.51
CA SER D 22 -22.24 -34.91 5.85
C SER D 22 -23.52 -35.74 5.96
N ARG D 23 -24.59 -35.13 6.47
CA ARG D 23 -25.89 -35.81 6.56
C ARG D 23 -26.42 -36.11 5.14
N LEU D 24 -26.29 -35.14 4.23
CA LEU D 24 -26.74 -35.33 2.83
C LEU D 24 -25.89 -36.41 2.13
N LEU D 25 -24.60 -36.47 2.46
CA LEU D 25 -23.70 -37.45 1.84
C LEU D 25 -24.11 -38.88 2.24
N LYS D 26 -24.66 -39.04 3.45
CA LYS D 26 -25.19 -40.32 3.91
C LYS D 26 -26.32 -40.80 2.96
N ASP D 27 -27.04 -39.87 2.31
CA ASP D 27 -28.10 -40.23 1.33
C ASP D 27 -27.57 -40.12 -0.12
N ARG D 28 -26.24 -40.09 -0.28
CA ARG D 28 -25.55 -40.16 -1.58
C ARG D 28 -25.73 -38.85 -2.36
N ILE D 29 -25.95 -37.73 -1.64
CA ILE D 29 -25.99 -36.40 -2.24
C ILE D 29 -24.61 -35.75 -2.05
N ILE D 30 -24.03 -35.30 -3.17
CA ILE D 30 -22.79 -34.51 -3.19
C ILE D 30 -23.13 -33.09 -3.61
N MET D 31 -22.64 -32.10 -2.85
CA MET D 31 -22.88 -30.68 -3.16
C MET D 31 -21.65 -30.09 -3.86
N LEU D 32 -21.85 -29.62 -5.09
CA LEU D 32 -20.86 -28.79 -5.80
C LEU D 32 -21.42 -27.38 -5.83
N GLY D 33 -21.12 -26.62 -4.76
CA GLY D 33 -21.77 -25.38 -4.46
C GLY D 33 -20.79 -24.22 -4.40
N SER D 34 -19.64 -24.34 -5.07
CA SER D 34 -18.64 -23.30 -5.07
C SER D 34 -17.88 -23.28 -6.39
N GLN D 35 -16.95 -22.33 -6.50
CA GLN D 35 -15.96 -22.29 -7.55
C GLN D 35 -15.17 -23.61 -7.54
N ILE D 36 -14.87 -24.10 -8.74
CA ILE D 36 -14.15 -25.36 -8.91
C ILE D 36 -12.63 -25.10 -8.91
N ASP D 37 -11.98 -25.47 -7.81
CA ASP D 37 -10.52 -25.52 -7.71
C ASP D 37 -10.11 -26.96 -7.36
N ASP D 38 -8.82 -27.19 -7.20
CA ASP D 38 -8.26 -28.51 -6.96
C ASP D 38 -8.83 -29.11 -5.67
N ASN D 39 -8.95 -28.32 -4.60
CA ASN D 39 -9.48 -28.80 -3.30
C ASN D 39 -10.92 -29.31 -3.46
N VAL D 40 -11.75 -28.58 -4.20
CA VAL D 40 -13.14 -28.96 -4.43
C VAL D 40 -13.17 -30.25 -5.25
N ALA D 41 -12.35 -30.33 -6.30
CA ALA D 41 -12.28 -31.52 -7.15
C ALA D 41 -11.84 -32.75 -6.34
N ASN D 42 -10.78 -32.60 -5.53
CA ASN D 42 -10.25 -33.73 -4.78
C ASN D 42 -11.31 -34.27 -3.81
N SER D 43 -12.09 -33.37 -3.23
CA SER D 43 -13.15 -33.72 -2.30
C SER D 43 -14.30 -34.44 -3.03
N ILE D 44 -14.74 -33.90 -4.18
CA ILE D 44 -15.85 -34.48 -4.93
C ILE D 44 -15.44 -35.86 -5.45
N VAL D 45 -14.22 -35.97 -6.00
CA VAL D 45 -13.70 -37.23 -6.49
C VAL D 45 -13.73 -38.27 -5.36
N SER D 46 -13.22 -37.89 -4.19
CA SER D 46 -13.16 -38.79 -3.04
C SER D 46 -14.57 -39.23 -2.63
N GLN D 47 -15.53 -38.31 -2.66
CA GLN D 47 -16.90 -38.62 -2.29
C GLN D 47 -17.49 -39.62 -3.30
N LEU D 48 -17.26 -39.41 -4.59
CA LEU D 48 -17.81 -40.28 -5.62
C LEU D 48 -17.28 -41.71 -5.42
N LEU D 49 -15.97 -41.84 -5.18
CA LEU D 49 -15.33 -43.15 -5.06
C LEU D 49 -15.82 -43.86 -3.79
N PHE D 50 -16.01 -43.09 -2.72
CA PHE D 50 -16.46 -43.62 -1.44
C PHE D 50 -17.89 -44.15 -1.59
N LEU D 51 -18.76 -43.39 -2.26
CA LEU D 51 -20.14 -43.81 -2.46
C LEU D 51 -20.19 -45.07 -3.33
N GLN D 52 -19.34 -45.15 -4.36
CA GLN D 52 -19.29 -46.33 -5.20
C GLN D 52 -18.91 -47.54 -4.34
N ALA D 53 -17.93 -47.39 -3.44
CA ALA D 53 -17.46 -48.47 -2.58
C ALA D 53 -18.56 -48.93 -1.62
N GLN D 54 -19.39 -47.99 -1.14
CA GLN D 54 -20.51 -48.33 -0.25
C GLN D 54 -21.58 -49.12 -1.03
N ASP D 55 -21.84 -48.74 -2.28
CA ASP D 55 -22.87 -49.36 -3.09
C ASP D 55 -22.64 -48.98 -4.56
N SER D 56 -22.34 -49.99 -5.38
CA SER D 56 -21.94 -49.75 -6.77
C SER D 56 -23.14 -49.66 -7.70
N GLU D 57 -24.37 -49.86 -7.20
CA GLU D 57 -25.58 -49.91 -8.01
C GLU D 57 -26.48 -48.69 -7.77
N LYS D 58 -26.54 -48.17 -6.55
CA LYS D 58 -27.47 -47.06 -6.21
C LYS D 58 -26.99 -45.76 -6.85
N ASP D 59 -27.95 -44.95 -7.29
CA ASP D 59 -27.70 -43.65 -7.87
C ASP D 59 -26.99 -42.73 -6.85
N ILE D 60 -26.19 -41.83 -7.39
CA ILE D 60 -25.59 -40.69 -6.69
C ILE D 60 -26.23 -39.42 -7.26
N TYR D 61 -26.33 -38.38 -6.43
CA TYR D 61 -26.98 -37.12 -6.79
C TYR D 61 -25.97 -35.97 -6.60
N LEU D 62 -25.59 -35.32 -7.71
CA LEU D 62 -24.69 -34.19 -7.71
C LEU D 62 -25.50 -32.90 -7.91
N TYR D 63 -25.61 -32.11 -6.84
CA TYR D 63 -26.30 -30.83 -6.85
C TYR D 63 -25.29 -29.73 -7.21
N ILE D 64 -25.63 -28.91 -8.21
CA ILE D 64 -24.68 -27.97 -8.77
C ILE D 64 -25.22 -26.54 -8.62
N ASN D 65 -24.42 -25.71 -7.97
CA ASN D 65 -24.61 -24.25 -7.88
C ASN D 65 -23.21 -23.63 -7.91
N SER D 66 -22.69 -23.42 -9.13
CA SER D 66 -21.27 -23.18 -9.32
C SER D 66 -21.05 -22.26 -10.52
N PRO D 67 -20.14 -21.24 -10.39
CA PRO D 67 -19.74 -20.42 -11.54
C PRO D 67 -18.63 -21.07 -12.38
N GLY D 68 -18.27 -22.32 -12.08
CA GLY D 68 -17.19 -23.00 -12.76
C GLY D 68 -15.87 -22.77 -12.05
N GLY D 69 -14.77 -22.78 -12.82
CA GLY D 69 -13.42 -22.66 -12.30
C GLY D 69 -12.41 -23.41 -13.17
N SER D 70 -11.45 -24.06 -12.52
CA SER D 70 -10.35 -24.75 -13.19
C SER D 70 -10.87 -25.89 -14.08
N VAL D 71 -10.40 -25.90 -15.33
CA VAL D 71 -10.78 -26.90 -16.31
C VAL D 71 -10.22 -28.28 -15.91
N THR D 72 -8.96 -28.33 -15.43
CA THR D 72 -8.36 -29.61 -15.08
C THR D 72 -9.07 -30.19 -13.84
N ALA D 73 -9.41 -29.33 -12.88
CA ALA D 73 -10.15 -29.77 -11.69
C ALA D 73 -11.53 -30.31 -12.11
N GLY D 74 -12.18 -29.60 -13.02
CA GLY D 74 -13.46 -30.01 -13.60
C GLY D 74 -13.38 -31.36 -14.29
N PHE D 75 -12.27 -31.60 -14.99
CA PHE D 75 -12.09 -32.86 -15.70
C PHE D 75 -11.80 -34.02 -14.74
N ALA D 76 -11.19 -33.74 -13.59
CA ALA D 76 -11.03 -34.76 -12.55
C ALA D 76 -12.40 -35.29 -12.13
N ILE D 77 -13.36 -34.36 -11.94
CA ILE D 77 -14.71 -34.71 -11.55
C ILE D 77 -15.40 -35.45 -12.71
N TYR D 78 -15.31 -34.90 -13.92
CA TYR D 78 -15.94 -35.47 -15.12
C TYR D 78 -15.52 -36.93 -15.28
N ASP D 79 -14.21 -37.19 -15.26
CA ASP D 79 -13.66 -38.52 -15.53
C ASP D 79 -14.07 -39.50 -14.43
N THR D 80 -14.17 -39.00 -13.18
CA THR D 80 -14.57 -39.86 -12.09
C THR D 80 -16.06 -40.25 -12.25
N ILE D 81 -16.90 -39.29 -12.64
CA ILE D 81 -18.31 -39.57 -12.92
C ILE D 81 -18.43 -40.69 -13.97
N GLN D 82 -17.70 -40.57 -15.08
CA GLN D 82 -17.82 -41.55 -16.16
C GLN D 82 -17.23 -42.90 -15.73
N HIS D 83 -16.21 -42.88 -14.87
CA HIS D 83 -15.51 -44.11 -14.46
C HIS D 83 -16.40 -45.00 -13.57
N ILE D 84 -17.12 -44.42 -12.58
CA ILE D 84 -17.80 -45.23 -11.58
C ILE D 84 -19.04 -45.88 -12.20
N LYS D 85 -19.52 -46.95 -11.55
CA LYS D 85 -20.65 -47.76 -12.03
C LYS D 85 -21.97 -47.06 -11.76
N PRO D 86 -22.23 -46.48 -10.57
CA PRO D 86 -23.50 -45.82 -10.31
C PRO D 86 -23.78 -44.69 -11.32
N ASP D 87 -25.05 -44.52 -11.67
CA ASP D 87 -25.50 -43.34 -12.37
C ASP D 87 -25.34 -42.13 -11.44
N VAL D 88 -24.82 -41.03 -11.98
CA VAL D 88 -24.74 -39.76 -11.27
C VAL D 88 -25.78 -38.82 -11.87
N GLN D 89 -26.85 -38.56 -11.11
CA GLN D 89 -27.84 -37.55 -11.46
C GLN D 89 -27.21 -36.17 -11.20
N THR D 90 -27.53 -35.20 -12.06
CA THR D 90 -27.10 -33.82 -11.87
C THR D 90 -28.34 -32.94 -11.78
N ILE D 91 -28.34 -32.03 -10.80
CA ILE D 91 -29.40 -31.07 -10.61
C ILE D 91 -28.76 -29.67 -10.48
N CYS D 92 -29.08 -28.80 -11.43
CA CYS D 92 -28.70 -27.41 -11.34
C CYS D 92 -29.72 -26.65 -10.50
N ILE D 93 -29.25 -26.13 -9.37
CA ILE D 93 -29.96 -25.19 -8.54
C ILE D 93 -29.22 -23.85 -8.64
N GLY D 94 -29.93 -22.77 -8.93
CA GLY D 94 -29.29 -21.46 -8.99
C GLY D 94 -28.54 -21.24 -10.29
N MET D 95 -27.29 -21.69 -10.36
CA MET D 95 -26.40 -21.37 -11.50
C MET D 95 -25.49 -22.57 -11.80
N ALA D 96 -25.33 -22.85 -13.10
CA ALA D 96 -24.25 -23.68 -13.57
C ALA D 96 -23.61 -22.96 -14.76
N ALA D 97 -22.42 -22.41 -14.55
CA ALA D 97 -21.72 -21.63 -15.56
C ALA D 97 -20.36 -22.29 -15.84
N SER D 98 -19.93 -22.20 -17.11
CA SER D 98 -18.63 -22.64 -17.56
C SER D 98 -18.44 -24.14 -17.25
N MET D 99 -17.39 -24.50 -16.52
CA MET D 99 -17.14 -25.89 -16.16
C MET D 99 -18.30 -26.44 -15.31
N GLY D 100 -19.06 -25.58 -14.64
CA GLY D 100 -20.29 -25.97 -13.93
C GLY D 100 -21.33 -26.55 -14.87
N SER D 101 -21.51 -25.92 -16.03
CA SER D 101 -22.52 -26.36 -16.99
C SER D 101 -22.03 -27.61 -17.74
N PHE D 102 -20.70 -27.71 -17.93
CA PHE D 102 -20.09 -28.89 -18.50
C PHE D 102 -20.40 -30.11 -17.60
N LEU D 103 -20.27 -29.94 -16.28
CA LEU D 103 -20.51 -31.05 -15.34
C LEU D 103 -22.01 -31.37 -15.26
N LEU D 104 -22.87 -30.36 -15.36
CA LEU D 104 -24.31 -30.58 -15.40
C LEU D 104 -24.66 -31.50 -16.58
N ALA D 105 -24.07 -31.22 -17.75
CA ALA D 105 -24.31 -31.98 -18.98
C ALA D 105 -23.71 -33.40 -18.90
N ALA D 106 -22.80 -33.63 -17.94
CA ALA D 106 -22.07 -34.89 -17.79
C ALA D 106 -22.84 -35.93 -16.96
N GLY D 107 -23.98 -35.56 -16.37
CA GLY D 107 -24.80 -36.50 -15.59
C GLY D 107 -25.35 -37.62 -16.46
N ALA D 108 -25.85 -38.69 -15.82
CA ALA D 108 -26.38 -39.84 -16.55
C ALA D 108 -27.51 -39.39 -17.47
N LYS D 109 -27.56 -39.92 -18.69
CA LYS D 109 -28.56 -39.54 -19.68
C LYS D 109 -29.95 -39.88 -19.14
N GLY D 110 -30.87 -38.93 -19.22
CA GLY D 110 -32.19 -39.04 -18.66
C GLY D 110 -32.28 -38.54 -17.22
N LYS D 111 -31.14 -38.24 -16.59
CA LYS D 111 -31.14 -37.87 -15.15
C LYS D 111 -30.37 -36.56 -14.91
N ARG D 112 -30.46 -35.63 -15.88
CA ARG D 112 -29.90 -34.29 -15.77
C ARG D 112 -31.06 -33.31 -15.66
N PHE D 113 -31.08 -32.54 -14.56
CA PHE D 113 -32.20 -31.68 -14.22
C PHE D 113 -31.71 -30.26 -13.94
N ALA D 114 -32.64 -29.30 -14.05
CA ALA D 114 -32.49 -27.97 -13.51
C ALA D 114 -33.82 -27.51 -12.93
N LEU D 115 -33.76 -26.70 -11.86
CA LEU D 115 -34.94 -26.03 -11.34
C LEU D 115 -35.36 -24.92 -12.30
N PRO D 116 -36.64 -24.49 -12.28
CA PRO D 116 -37.18 -23.65 -13.35
C PRO D 116 -36.47 -22.31 -13.55
N ASN D 117 -35.94 -21.72 -12.47
CA ASN D 117 -35.35 -20.39 -12.53
C ASN D 117 -33.83 -20.45 -12.53
N ALA D 118 -33.27 -21.66 -12.63
CA ALA D 118 -31.82 -21.86 -12.70
C ALA D 118 -31.28 -21.27 -14.00
N GLU D 119 -30.03 -20.79 -13.92
CA GLU D 119 -29.31 -20.15 -15.01
C GLU D 119 -28.18 -21.09 -15.41
N VAL D 120 -28.09 -21.38 -16.72
CA VAL D 120 -27.00 -22.14 -17.27
C VAL D 120 -26.23 -21.21 -18.22
N MET D 121 -24.90 -21.24 -18.16
CA MET D 121 -24.12 -20.42 -19.06
C MET D 121 -22.96 -21.24 -19.62
N ILE D 122 -22.77 -21.12 -20.94
CA ILE D 122 -21.68 -21.78 -21.66
C ILE D 122 -20.86 -20.70 -22.37
N HIS D 123 -19.55 -20.92 -22.48
CA HIS D 123 -18.63 -20.01 -23.15
C HIS D 123 -17.31 -20.77 -23.40
N GLN D 124 -16.32 -20.08 -23.98
CA GLN D 124 -15.06 -20.73 -24.27
C GLN D 124 -14.14 -20.58 -23.06
N PRO D 125 -13.13 -21.46 -22.92
CA PRO D 125 -12.14 -21.32 -21.84
C PRO D 125 -11.35 -20.00 -21.87
N LEU D 126 -10.95 -19.55 -20.69
CA LEU D 126 -10.23 -18.31 -20.48
C LEU D 126 -8.82 -18.64 -20.00
N GLY D 127 -7.86 -17.79 -20.32
CA GLY D 127 -6.50 -17.98 -19.87
C GLY D 127 -5.62 -16.77 -20.15
N GLY D 128 -4.32 -16.99 -20.09
CA GLY D 128 -3.34 -15.96 -20.23
C GLY D 128 -1.96 -16.55 -20.43
N ALA D 129 -1.05 -15.71 -20.93
CA ALA D 129 0.28 -16.11 -21.30
C ALA D 129 1.12 -14.84 -21.51
N GLN D 130 2.35 -14.87 -20.97
CA GLN D 130 3.31 -13.80 -21.00
C GLN D 130 4.67 -14.42 -21.28
N GLY D 131 5.52 -13.70 -22.03
CA GLY D 131 6.89 -14.10 -22.31
C GLY D 131 7.21 -14.09 -23.81
N GLN D 132 8.08 -15.02 -24.22
CA GLN D 132 8.60 -15.07 -25.57
C GLN D 132 7.50 -15.57 -26.51
N ALA D 133 7.63 -15.21 -27.79
CA ALA D 133 6.70 -15.61 -28.84
C ALA D 133 6.43 -17.13 -28.78
N THR D 134 7.50 -17.91 -28.66
CA THR D 134 7.44 -19.39 -28.58
C THR D 134 6.61 -19.86 -27.38
N GLU D 135 6.73 -19.18 -26.24
CA GLU D 135 5.99 -19.52 -25.02
C GLU D 135 4.50 -19.20 -25.22
N ILE D 136 4.21 -18.10 -25.91
CA ILE D 136 2.83 -17.70 -26.15
C ILE D 136 2.17 -18.71 -27.10
N GLU D 137 2.95 -19.18 -28.08
CA GLU D 137 2.51 -20.19 -29.04
C GLU D 137 2.09 -21.48 -28.30
N ILE D 138 2.94 -21.94 -27.38
CA ILE D 138 2.67 -23.16 -26.60
C ILE D 138 1.39 -22.98 -25.79
N ALA D 139 1.24 -21.84 -25.11
CA ALA D 139 0.05 -21.55 -24.29
C ALA D 139 -1.21 -21.52 -25.17
N ALA D 140 -1.11 -20.88 -26.35
CA ALA D 140 -2.24 -20.76 -27.27
C ALA D 140 -2.67 -22.14 -27.77
N ASN D 141 -1.70 -22.96 -28.21
CA ASN D 141 -1.96 -24.30 -28.71
C ASN D 141 -2.65 -25.12 -27.61
N HIS D 142 -2.17 -25.01 -26.37
CA HIS D 142 -2.74 -25.75 -25.25
C HIS D 142 -4.20 -25.35 -25.00
N ILE D 143 -4.51 -24.04 -24.95
CA ILE D 143 -5.88 -23.62 -24.63
C ILE D 143 -6.82 -23.96 -25.80
N LEU D 144 -6.33 -23.89 -27.05
CA LEU D 144 -7.17 -24.26 -28.20
C LEU D 144 -7.48 -25.77 -28.18
N LYS D 145 -6.50 -26.59 -27.82
CA LYS D 145 -6.68 -28.05 -27.71
C LYS D 145 -7.67 -28.34 -26.57
N THR D 146 -7.60 -27.59 -25.46
CA THR D 146 -8.51 -27.73 -24.36
C THR D 146 -9.95 -27.42 -24.81
N ARG D 147 -10.10 -26.35 -25.61
CA ARG D 147 -11.40 -25.97 -26.11
C ARG D 147 -11.98 -27.06 -27.03
N GLU D 148 -11.16 -27.59 -27.94
CA GLU D 148 -11.57 -28.69 -28.86
C GLU D 148 -12.08 -29.90 -28.04
N LYS D 149 -11.36 -30.24 -26.97
CA LYS D 149 -11.72 -31.38 -26.10
C LYS D 149 -13.07 -31.11 -25.42
N LEU D 150 -13.25 -29.91 -24.86
CA LEU D 150 -14.52 -29.56 -24.21
C LEU D 150 -15.67 -29.62 -25.23
N ASN D 151 -15.45 -29.06 -26.42
CA ASN D 151 -16.51 -28.92 -27.41
C ASN D 151 -16.93 -30.30 -27.95
N ARG D 152 -15.95 -31.18 -28.16
CA ARG D 152 -16.20 -32.53 -28.63
C ARG D 152 -17.07 -33.27 -27.63
N ILE D 153 -16.72 -33.21 -26.34
CA ILE D 153 -17.48 -33.91 -25.33
C ILE D 153 -18.88 -33.29 -25.24
N LEU D 154 -18.99 -31.96 -25.30
CA LEU D 154 -20.30 -31.31 -25.21
C LEU D 154 -21.19 -31.74 -26.37
N SER D 155 -20.58 -31.88 -27.56
CA SER D 155 -21.28 -32.36 -28.74
C SER D 155 -21.90 -33.75 -28.48
N GLU D 156 -21.09 -34.66 -27.95
CA GLU D 156 -21.53 -36.03 -27.62
C GLU D 156 -22.63 -36.00 -26.55
N ARG D 157 -22.52 -35.13 -25.55
CA ARG D 157 -23.47 -35.15 -24.42
C ARG D 157 -24.79 -34.46 -24.79
N THR D 158 -24.76 -33.50 -25.74
CA THR D 158 -25.95 -32.71 -26.07
C THR D 158 -26.64 -33.20 -27.35
N GLY D 159 -25.90 -33.86 -28.25
CA GLY D 159 -26.39 -34.19 -29.58
C GLY D 159 -26.24 -33.04 -30.58
N GLN D 160 -25.68 -31.89 -30.18
CA GLN D 160 -25.44 -30.78 -31.12
C GLN D 160 -24.13 -31.05 -31.88
N SER D 161 -24.01 -30.49 -33.08
CA SER D 161 -22.76 -30.59 -33.84
C SER D 161 -21.66 -29.76 -33.17
N ILE D 162 -20.41 -30.16 -33.43
CA ILE D 162 -19.23 -29.47 -32.98
C ILE D 162 -19.24 -28.02 -33.50
N GLU D 163 -19.73 -27.83 -34.73
CA GLU D 163 -19.77 -26.52 -35.39
C GLU D 163 -20.72 -25.60 -34.64
N LYS D 164 -21.89 -26.13 -34.26
CA LYS D 164 -22.86 -25.35 -33.52
C LYS D 164 -22.34 -25.02 -32.10
N ILE D 165 -21.70 -25.97 -31.42
CA ILE D 165 -21.13 -25.75 -30.07
C ILE D 165 -20.09 -24.60 -30.16
N GLN D 166 -19.23 -24.66 -31.17
CA GLN D 166 -18.17 -23.68 -31.40
C GLN D 166 -18.80 -22.28 -31.51
N LYS D 167 -19.84 -22.13 -32.34
CA LYS D 167 -20.50 -20.83 -32.55
C LYS D 167 -21.20 -20.38 -31.27
N ASP D 168 -21.85 -21.30 -30.56
CA ASP D 168 -22.70 -20.95 -29.41
C ASP D 168 -21.87 -20.66 -28.16
N THR D 169 -20.58 -21.01 -28.14
CA THR D 169 -19.71 -20.78 -26.98
C THR D 169 -18.68 -19.67 -27.26
N ASP D 170 -18.81 -19.01 -28.41
CA ASP D 170 -17.84 -18.00 -28.83
C ASP D 170 -17.82 -16.83 -27.83
N ARG D 171 -18.98 -16.44 -27.29
CA ARG D 171 -19.11 -15.48 -26.20
C ARG D 171 -20.06 -16.06 -25.16
N ASP D 172 -20.15 -15.40 -23.99
CA ASP D 172 -21.04 -15.81 -22.94
C ASP D 172 -22.44 -16.02 -23.53
N ASN D 173 -23.00 -17.21 -23.26
CA ASN D 173 -24.31 -17.58 -23.73
C ASN D 173 -25.13 -18.09 -22.54
N PHE D 174 -26.09 -17.28 -22.11
CA PHE D 174 -26.96 -17.58 -20.96
C PHE D 174 -28.21 -18.33 -21.46
N LEU D 175 -28.54 -19.45 -20.81
CA LEU D 175 -29.72 -20.24 -21.13
C LEU D 175 -30.62 -20.34 -19.88
N THR D 176 -31.93 -20.21 -20.10
CA THR D 176 -32.92 -20.63 -19.11
C THR D 176 -32.89 -22.16 -18.99
N ALA D 177 -33.54 -22.70 -17.96
CA ALA D 177 -33.63 -24.14 -17.76
C ALA D 177 -34.26 -24.79 -19.01
N GLU D 178 -35.35 -24.19 -19.49
CA GLU D 178 -36.11 -24.69 -20.63
C GLU D 178 -35.22 -24.69 -21.88
N GLU D 179 -34.45 -23.62 -22.07
CA GLU D 179 -33.53 -23.53 -23.21
C GLU D 179 -32.42 -24.59 -23.07
N ALA D 180 -31.95 -24.82 -21.85
CA ALA D 180 -30.90 -25.83 -21.62
C ALA D 180 -31.43 -27.23 -21.99
N LYS D 181 -32.70 -27.48 -21.70
CA LYS D 181 -33.36 -28.73 -22.06
C LYS D 181 -33.43 -28.88 -23.59
N GLU D 182 -33.88 -27.82 -24.27
CA GLU D 182 -33.99 -27.81 -25.74
C GLU D 182 -32.61 -28.03 -26.37
N TYR D 183 -31.57 -27.48 -25.73
CA TYR D 183 -30.22 -27.57 -26.24
C TYR D 183 -29.66 -28.98 -26.07
N GLY D 184 -30.14 -29.73 -25.06
CA GLY D 184 -29.63 -31.06 -24.74
C GLY D 184 -28.61 -31.08 -23.60
N LEU D 185 -28.48 -29.97 -22.86
CA LEU D 185 -27.57 -29.91 -21.70
C LEU D 185 -28.19 -30.63 -20.50
N ILE D 186 -29.52 -30.60 -20.40
CA ILE D 186 -30.29 -31.33 -19.39
C ILE D 186 -31.41 -32.09 -20.10
N ASP D 187 -32.06 -32.98 -19.34
CA ASP D 187 -33.13 -33.83 -19.86
C ASP D 187 -34.50 -33.30 -19.45
N GLU D 188 -34.62 -32.73 -18.24
CA GLU D 188 -35.91 -32.29 -17.72
C GLU D 188 -35.73 -31.02 -16.86
N VAL D 189 -36.72 -30.14 -16.94
CA VAL D 189 -36.92 -29.08 -15.98
C VAL D 189 -37.75 -29.68 -14.83
N MET D 190 -37.24 -29.56 -13.61
CA MET D 190 -37.88 -30.07 -12.42
C MET D 190 -38.94 -29.06 -11.96
N VAL D 191 -40.20 -29.38 -12.21
CA VAL D 191 -41.33 -28.48 -11.93
C VAL D 191 -41.91 -28.79 -10.54
N PRO D 192 -42.48 -27.80 -9.83
CA PRO D 192 -43.00 -28.01 -8.48
C PRO D 192 -44.30 -28.80 -8.43
N ILE E 4 -21.47 -16.96 19.32
CA ILE E 4 -22.71 -17.80 19.13
C ILE E 4 -22.89 -18.69 20.36
N PRO E 5 -23.92 -18.45 21.20
CA PRO E 5 -24.07 -19.17 22.46
C PRO E 5 -24.58 -20.60 22.25
N THR E 6 -24.29 -21.45 23.25
CA THR E 6 -24.73 -22.80 23.34
C THR E 6 -25.91 -22.87 24.32
N VAL E 7 -26.87 -23.75 24.01
CA VAL E 7 -28.06 -23.95 24.86
C VAL E 7 -28.10 -25.41 25.34
N TYR E 18 -26.41 -27.76 21.97
CA TYR E 18 -26.56 -27.25 20.61
C TYR E 18 -26.11 -25.77 20.51
N ASP E 19 -25.48 -25.39 19.38
CA ASP E 19 -25.46 -23.97 19.01
C ASP E 19 -26.91 -23.52 18.75
N ILE E 20 -27.19 -22.24 18.99
CA ILE E 20 -28.57 -21.71 19.05
C ILE E 20 -29.27 -21.95 17.69
N TYR E 21 -28.57 -21.79 16.57
CA TYR E 21 -29.18 -21.93 15.24
C TYR E 21 -29.56 -23.39 14.96
N SER E 22 -28.71 -24.32 15.40
CA SER E 22 -29.01 -25.75 15.28
C SER E 22 -30.20 -26.12 16.15
N ARG E 23 -30.34 -25.47 17.31
CA ARG E 23 -31.48 -25.69 18.19
C ARG E 23 -32.77 -25.21 17.51
N LEU E 24 -32.71 -24.05 16.84
CA LEU E 24 -33.88 -23.53 16.13
C LEU E 24 -34.25 -24.43 14.94
N LEU E 25 -33.24 -25.01 14.28
CA LEU E 25 -33.48 -25.87 13.12
C LEU E 25 -34.22 -27.15 13.54
N LYS E 26 -33.99 -27.61 14.78
CA LYS E 26 -34.73 -28.73 15.35
C LYS E 26 -36.24 -28.44 15.37
N ASP E 27 -36.63 -27.16 15.49
CA ASP E 27 -38.05 -26.75 15.47
C ASP E 27 -38.46 -26.22 14.08
N ARG E 28 -37.66 -26.52 13.05
CA ARG E 28 -37.97 -26.25 11.64
C ARG E 28 -37.85 -24.75 11.34
N ILE E 29 -37.04 -24.03 12.13
CA ILE E 29 -36.74 -22.62 11.85
C ILE E 29 -35.40 -22.53 11.13
N ILE E 30 -35.41 -21.85 9.97
CA ILE E 30 -34.22 -21.56 9.17
C ILE E 30 -33.96 -20.06 9.26
N MET E 31 -32.70 -19.68 9.56
CA MET E 31 -32.31 -18.27 9.65
C MET E 31 -31.59 -17.84 8.36
N LEU E 32 -32.18 -16.87 7.65
CA LEU E 32 -31.51 -16.17 6.56
C LEU E 32 -31.17 -14.77 7.07
N GLY E 33 -30.00 -14.67 7.70
CA GLY E 33 -29.62 -13.54 8.48
C GLY E 33 -28.36 -12.85 7.98
N SER E 34 -28.04 -13.02 6.70
CA SER E 34 -26.86 -12.40 6.13
C SER E 34 -27.07 -12.05 4.65
N GLN E 35 -26.05 -11.47 4.05
CA GLN E 35 -25.98 -11.29 2.62
C GLN E 35 -26.09 -12.66 1.93
N ILE E 36 -26.82 -12.69 0.81
CA ILE E 36 -27.08 -13.93 0.09
C ILE E 36 -25.95 -14.15 -0.93
N ASP E 37 -25.08 -15.12 -0.65
CA ASP E 37 -24.10 -15.66 -1.59
C ASP E 37 -24.40 -17.16 -1.76
N ASP E 38 -23.57 -17.83 -2.58
CA ASP E 38 -23.74 -19.22 -2.91
C ASP E 38 -23.70 -20.10 -1.65
N ASN E 39 -22.78 -19.83 -0.72
CA ASN E 39 -22.65 -20.61 0.51
C ASN E 39 -23.93 -20.55 1.35
N VAL E 40 -24.52 -19.36 1.48
CA VAL E 40 -25.74 -19.16 2.22
C VAL E 40 -26.87 -19.94 1.54
N ALA E 41 -26.97 -19.80 0.21
CA ALA E 41 -28.00 -20.49 -0.57
C ALA E 41 -27.88 -22.02 -0.42
N ASN E 42 -26.67 -22.55 -0.56
CA ASN E 42 -26.45 -23.99 -0.51
C ASN E 42 -26.87 -24.54 0.86
N SER E 43 -26.61 -23.77 1.92
CA SER E 43 -26.96 -24.14 3.28
C SER E 43 -28.49 -24.11 3.47
N ILE E 44 -29.15 -23.04 2.99
CA ILE E 44 -30.59 -22.90 3.16
C ILE E 44 -31.30 -23.99 2.35
N VAL E 45 -30.86 -24.22 1.13
CA VAL E 45 -31.43 -25.25 0.27
C VAL E 45 -31.33 -26.61 1.00
N SER E 46 -30.14 -26.93 1.52
CA SER E 46 -29.91 -28.19 2.21
C SER E 46 -30.84 -28.31 3.43
N GLN E 47 -31.02 -27.22 4.17
CA GLN E 47 -31.88 -27.23 5.33
C GLN E 47 -33.33 -27.50 4.92
N LEU E 48 -33.80 -26.84 3.85
CA LEU E 48 -35.17 -27.01 3.39
C LEU E 48 -35.43 -28.48 3.02
N LEU E 49 -34.50 -29.08 2.28
CA LEU E 49 -34.68 -30.44 1.79
C LEU E 49 -34.63 -31.44 2.95
N PHE E 50 -33.77 -31.16 3.94
CA PHE E 50 -33.63 -32.00 5.11
C PHE E 50 -34.92 -31.98 5.93
N LEU E 51 -35.49 -30.77 6.13
CA LEU E 51 -36.72 -30.64 6.91
C LEU E 51 -37.88 -31.36 6.17
N GLN E 52 -37.93 -31.25 4.84
CA GLN E 52 -38.95 -31.93 4.08
C GLN E 52 -38.83 -33.46 4.30
N ALA E 53 -37.60 -33.97 4.30
CA ALA E 53 -37.34 -35.41 4.46
C ALA E 53 -37.76 -35.87 5.87
N GLN E 54 -37.57 -35.02 6.88
CA GLN E 54 -37.99 -35.33 8.25
C GLN E 54 -39.53 -35.38 8.34
N ASP E 55 -40.20 -34.45 7.66
CA ASP E 55 -41.66 -34.34 7.71
C ASP E 55 -42.14 -33.47 6.55
N SER E 56 -42.90 -34.09 5.64
CA SER E 56 -43.29 -33.45 4.40
C SER E 56 -44.56 -32.61 4.56
N GLU E 57 -45.19 -32.62 5.76
CA GLU E 57 -46.47 -31.94 5.98
C GLU E 57 -46.31 -30.71 6.90
N LYS E 58 -45.39 -30.76 7.87
CA LYS E 58 -45.26 -29.69 8.87
C LYS E 58 -44.64 -28.43 8.23
N ASP E 59 -45.13 -27.26 8.65
CA ASP E 59 -44.62 -25.99 8.20
C ASP E 59 -43.14 -25.85 8.56
N ILE E 60 -42.44 -25.09 7.70
CA ILE E 60 -41.10 -24.58 7.91
C ILE E 60 -41.19 -23.06 8.09
N TYR E 61 -40.29 -22.48 8.88
CA TYR E 61 -40.28 -21.04 9.20
C TYR E 61 -38.94 -20.44 8.77
N LEU E 62 -38.98 -19.52 7.80
CA LEU E 62 -37.81 -18.82 7.27
C LEU E 62 -37.81 -17.38 7.82
N TYR E 63 -36.89 -17.12 8.75
CA TYR E 63 -36.71 -15.81 9.37
C TYR E 63 -35.68 -15.03 8.54
N ILE E 64 -36.03 -13.81 8.12
CA ILE E 64 -35.25 -13.07 7.16
C ILE E 64 -34.82 -11.74 7.80
N ASN E 65 -33.50 -11.55 7.81
CA ASN E 65 -32.84 -10.28 8.15
C ASN E 65 -31.63 -10.15 7.22
N SER E 66 -31.84 -9.63 6.02
CA SER E 66 -30.89 -9.75 4.93
C SER E 66 -30.95 -8.52 4.02
N PRO E 67 -29.79 -7.97 3.61
CA PRO E 67 -29.75 -6.91 2.59
C PRO E 67 -29.80 -7.44 1.15
N GLY E 68 -30.00 -8.74 0.98
CA GLY E 68 -30.03 -9.36 -0.33
C GLY E 68 -28.67 -9.87 -0.71
N GLY E 69 -28.38 -9.87 -2.03
CA GLY E 69 -27.14 -10.40 -2.60
C GLY E 69 -27.39 -10.99 -3.97
N SER E 70 -26.73 -12.12 -4.24
CA SER E 70 -26.71 -12.77 -5.54
C SER E 70 -28.12 -13.21 -5.95
N VAL E 71 -28.51 -12.85 -7.19
CA VAL E 71 -29.81 -13.20 -7.72
C VAL E 71 -29.90 -14.71 -7.96
N THR E 72 -28.84 -15.33 -8.48
CA THR E 72 -28.88 -16.76 -8.78
C THR E 72 -28.93 -17.56 -7.47
N ALA E 73 -28.20 -17.11 -6.45
CA ALA E 73 -28.25 -17.76 -5.13
C ALA E 73 -29.66 -17.64 -4.55
N GLY E 74 -30.25 -16.45 -4.68
CA GLY E 74 -31.63 -16.18 -4.26
C GLY E 74 -32.63 -17.09 -4.95
N PHE E 75 -32.40 -17.34 -6.25
CA PHE E 75 -33.30 -18.19 -7.02
C PHE E 75 -33.15 -19.67 -6.64
N ALA E 76 -31.96 -20.09 -6.19
CA ALA E 76 -31.79 -21.44 -5.67
C ALA E 76 -32.73 -21.65 -4.48
N ILE E 77 -32.79 -20.64 -3.58
CA ILE E 77 -33.66 -20.70 -2.41
C ILE E 77 -35.13 -20.66 -2.85
N TYR E 78 -35.46 -19.71 -3.74
CA TYR E 78 -36.83 -19.51 -4.20
C TYR E 78 -37.38 -20.84 -4.77
N ASP E 79 -36.63 -21.44 -5.69
CA ASP E 79 -37.07 -22.63 -6.41
C ASP E 79 -37.22 -23.81 -5.44
N THR E 80 -36.34 -23.89 -4.43
CA THR E 80 -36.43 -24.95 -3.46
C THR E 80 -37.69 -24.78 -2.61
N ILE E 81 -38.00 -23.54 -2.20
CA ILE E 81 -39.22 -23.25 -1.45
C ILE E 81 -40.44 -23.74 -2.24
N GLN E 82 -40.52 -23.39 -3.53
CA GLN E 82 -41.70 -23.73 -4.33
C GLN E 82 -41.75 -25.25 -4.58
N HIS E 83 -40.59 -25.90 -4.66
CA HIS E 83 -40.53 -27.32 -4.98
C HIS E 83 -41.05 -28.21 -3.83
N ILE E 84 -40.68 -27.91 -2.58
CA ILE E 84 -40.96 -28.82 -1.46
C ILE E 84 -42.46 -28.76 -1.12
N LYS E 85 -42.94 -29.79 -0.43
CA LYS E 85 -44.36 -29.93 -0.08
C LYS E 85 -44.73 -29.04 1.11
N PRO E 86 -43.95 -28.98 2.19
CA PRO E 86 -44.31 -28.13 3.33
C PRO E 86 -44.47 -26.66 2.93
N ASP E 87 -45.43 -25.97 3.56
CA ASP E 87 -45.52 -24.53 3.50
C ASP E 87 -44.29 -23.92 4.19
N VAL E 88 -43.69 -22.92 3.56
CA VAL E 88 -42.61 -22.15 4.15
C VAL E 88 -43.16 -20.77 4.54
N GLN E 89 -43.32 -20.54 5.84
CA GLN E 89 -43.66 -19.23 6.38
C GLN E 89 -42.42 -18.34 6.29
N THR E 90 -42.62 -17.04 6.01
CA THR E 90 -41.53 -16.08 5.99
C THR E 90 -41.85 -14.98 7.02
N ILE E 91 -40.84 -14.61 7.81
CA ILE E 91 -40.94 -13.54 8.78
C ILE E 91 -39.76 -12.58 8.58
N CYS E 92 -40.07 -11.34 8.22
CA CYS E 92 -39.08 -10.30 8.15
C CYS E 92 -38.88 -9.67 9.54
N ILE E 93 -37.67 -9.86 10.07
CA ILE E 93 -37.21 -9.18 11.26
C ILE E 93 -36.08 -8.23 10.82
N GLY E 94 -36.16 -6.96 11.21
CA GLY E 94 -35.13 -6.01 10.88
C GLY E 94 -35.25 -5.49 9.46
N MET E 95 -34.70 -6.23 8.49
CA MET E 95 -34.58 -5.75 7.11
C MET E 95 -34.76 -6.93 6.12
N ALA E 96 -35.52 -6.69 5.06
CA ALA E 96 -35.50 -7.52 3.89
C ALA E 96 -35.37 -6.60 2.67
N ALA E 97 -34.19 -6.57 2.07
CA ALA E 97 -33.90 -5.70 0.94
C ALA E 97 -33.49 -6.54 -0.27
N SER E 98 -33.87 -6.07 -1.46
CA SER E 98 -33.49 -6.64 -2.74
C SER E 98 -33.95 -8.10 -2.79
N MET E 99 -33.03 -9.04 -3.04
CA MET E 99 -33.35 -10.46 -3.11
C MET E 99 -33.92 -10.95 -1.76
N GLY E 100 -33.60 -10.26 -0.66
CA GLY E 100 -34.21 -10.52 0.65
C GLY E 100 -35.72 -10.31 0.63
N SER E 101 -36.18 -9.23 0.00
CA SER E 101 -37.60 -8.93 -0.04
C SER E 101 -38.31 -9.83 -1.04
N PHE E 102 -37.61 -10.22 -2.11
CA PHE E 102 -38.11 -11.19 -3.06
C PHE E 102 -38.43 -12.52 -2.35
N LEU E 103 -37.52 -12.96 -1.47
CA LEU E 103 -37.70 -14.22 -0.74
C LEU E 103 -38.80 -14.10 0.31
N LEU E 104 -38.91 -12.92 0.95
CA LEU E 104 -39.99 -12.66 1.89
C LEU E 104 -41.35 -12.87 1.19
N ALA E 105 -41.47 -12.31 -0.03
CA ALA E 105 -42.70 -12.39 -0.81
C ALA E 105 -42.97 -13.83 -1.32
N ALA E 106 -41.96 -14.69 -1.29
CA ALA E 106 -42.02 -16.07 -1.80
C ALA E 106 -42.59 -17.08 -0.78
N GLY E 107 -42.82 -16.65 0.46
CA GLY E 107 -43.42 -17.53 1.48
C GLY E 107 -44.84 -17.96 1.11
N ALA E 108 -45.34 -18.99 1.79
CA ALA E 108 -46.69 -19.52 1.50
C ALA E 108 -47.72 -18.40 1.70
N LYS E 109 -48.69 -18.33 0.78
CA LYS E 109 -49.71 -17.28 0.79
C LYS E 109 -50.50 -17.37 2.09
N GLY E 110 -50.68 -16.23 2.75
CA GLY E 110 -51.30 -16.16 4.06
C GLY E 110 -50.32 -16.30 5.21
N LYS E 111 -49.06 -16.65 4.93
CA LYS E 111 -48.08 -16.95 5.99
C LYS E 111 -46.77 -16.16 5.79
N ARG E 112 -46.89 -14.94 5.25
CA ARG E 112 -45.78 -14.02 5.10
C ARG E 112 -45.99 -12.86 6.07
N PHE E 113 -45.01 -12.65 6.96
CA PHE E 113 -45.13 -11.72 8.07
C PHE E 113 -43.93 -10.76 8.10
N ALA E 114 -44.14 -9.62 8.78
CA ALA E 114 -43.06 -8.73 9.18
C ALA E 114 -43.38 -8.17 10.56
N LEU E 115 -42.34 -7.95 11.36
CA LEU E 115 -42.47 -7.25 12.62
C LEU E 115 -42.71 -5.76 12.35
N PRO E 116 -43.31 -5.01 13.29
CA PRO E 116 -43.86 -3.69 13.00
C PRO E 116 -42.84 -2.66 12.49
N ASN E 117 -41.58 -2.75 12.96
CA ASN E 117 -40.58 -1.75 12.65
C ASN E 117 -39.61 -2.27 11.59
N ALA E 118 -39.90 -3.44 11.02
CA ALA E 118 -39.06 -4.00 9.97
C ALA E 118 -39.12 -3.13 8.71
N GLU E 119 -38.02 -3.15 7.96
CA GLU E 119 -37.82 -2.37 6.74
C GLU E 119 -37.79 -3.34 5.56
N VAL E 120 -38.59 -3.07 4.55
CA VAL E 120 -38.59 -3.81 3.30
C VAL E 120 -38.14 -2.86 2.20
N MET E 121 -37.24 -3.30 1.33
CA MET E 121 -36.82 -2.46 0.23
C MET E 121 -36.80 -3.28 -1.07
N ILE E 122 -37.34 -2.68 -2.13
CA ILE E 122 -37.34 -3.27 -3.47
C ILE E 122 -36.63 -2.29 -4.41
N HIS E 123 -35.94 -2.85 -5.41
CA HIS E 123 -35.26 -2.05 -6.44
C HIS E 123 -34.92 -2.97 -7.61
N GLN E 124 -34.24 -2.43 -8.64
CA GLN E 124 -33.87 -3.23 -9.80
C GLN E 124 -32.51 -3.87 -9.54
N PRO E 125 -32.20 -4.99 -10.23
CA PRO E 125 -30.90 -5.64 -10.10
C PRO E 125 -29.70 -4.74 -10.49
N LEU E 126 -28.58 -5.02 -9.85
CA LEU E 126 -27.33 -4.28 -10.01
C LEU E 126 -26.31 -5.21 -10.67
N GLY E 127 -25.43 -4.65 -11.47
CA GLY E 127 -24.36 -5.41 -12.09
C GLY E 127 -23.34 -4.51 -12.74
N GLY E 128 -22.56 -5.12 -13.65
CA GLY E 128 -21.48 -4.46 -14.30
C GLY E 128 -21.09 -5.17 -15.58
N ALA E 129 -20.37 -4.46 -16.43
CA ALA E 129 -19.88 -4.99 -17.70
C ALA E 129 -18.74 -4.11 -18.19
N GLN E 130 -17.66 -4.77 -18.62
CA GLN E 130 -16.46 -4.12 -19.15
C GLN E 130 -16.02 -4.94 -20.37
N GLY E 131 -15.49 -4.26 -21.39
CA GLY E 131 -14.93 -4.90 -22.58
C GLY E 131 -15.49 -4.35 -23.87
N GLN E 132 -15.61 -5.23 -24.87
CA GLN E 132 -16.02 -4.85 -26.21
C GLN E 132 -17.53 -4.52 -26.20
N ALA E 133 -17.94 -3.69 -27.17
CA ALA E 133 -19.33 -3.32 -27.35
C ALA E 133 -20.26 -4.57 -27.29
N THR E 134 -19.88 -5.61 -28.02
CA THR E 134 -20.62 -6.87 -28.14
C THR E 134 -20.76 -7.54 -26.75
N GLU E 135 -19.70 -7.50 -25.92
CA GLU E 135 -19.74 -8.08 -24.60
C GLU E 135 -20.66 -7.29 -23.68
N ILE E 136 -20.68 -5.96 -23.83
CA ILE E 136 -21.52 -5.11 -22.99
C ILE E 136 -22.99 -5.36 -23.35
N GLU E 137 -23.25 -5.58 -24.66
CA GLU E 137 -24.58 -5.88 -25.16
C GLU E 137 -25.11 -7.17 -24.51
N ILE E 138 -24.28 -8.22 -24.51
CA ILE E 138 -24.66 -9.51 -23.92
C ILE E 138 -24.97 -9.35 -22.42
N ALA E 139 -24.09 -8.64 -21.70
CA ALA E 139 -24.29 -8.40 -20.26
C ALA E 139 -25.59 -7.62 -20.00
N ALA E 140 -25.85 -6.61 -20.83
CA ALA E 140 -27.05 -5.77 -20.67
C ALA E 140 -28.31 -6.60 -20.91
N ASN E 141 -28.32 -7.38 -22.00
CA ASN E 141 -29.45 -8.24 -22.35
C ASN E 141 -29.72 -9.23 -21.21
N HIS E 142 -28.65 -9.81 -20.64
CA HIS E 142 -28.77 -10.76 -19.54
C HIS E 142 -29.41 -10.10 -18.30
N ILE E 143 -28.93 -8.91 -17.89
CA ILE E 143 -29.46 -8.30 -16.66
C ILE E 143 -30.89 -7.81 -16.90
N LEU E 144 -31.22 -7.36 -18.11
CA LEU E 144 -32.61 -6.94 -18.40
C LEU E 144 -33.56 -8.13 -18.35
N LYS E 145 -33.12 -9.29 -18.88
CA LYS E 145 -33.92 -10.53 -18.86
C LYS E 145 -34.09 -10.98 -17.40
N THR E 146 -33.05 -10.83 -16.58
CA THR E 146 -33.11 -11.18 -15.16
C THR E 146 -34.15 -10.29 -14.46
N ARG E 147 -34.17 -8.99 -14.79
CA ARG E 147 -35.11 -8.07 -14.19
C ARG E 147 -36.55 -8.45 -14.58
N GLU E 148 -36.79 -8.77 -15.86
CA GLU E 148 -38.12 -9.21 -16.35
C GLU E 148 -38.60 -10.43 -15.56
N LYS E 149 -37.69 -11.39 -15.33
CA LYS E 149 -38.01 -12.63 -14.61
C LYS E 149 -38.38 -12.31 -13.15
N LEU E 150 -37.59 -11.46 -12.49
CA LEU E 150 -37.89 -11.07 -11.11
C LEU E 150 -39.24 -10.35 -11.04
N ASN E 151 -39.48 -9.44 -11.96
CA ASN E 151 -40.68 -8.59 -11.92
C ASN E 151 -41.94 -9.43 -12.16
N ARG E 152 -41.85 -10.39 -13.09
CA ARG E 152 -42.96 -11.27 -13.41
C ARG E 152 -43.34 -12.08 -12.15
N ILE E 153 -42.34 -12.65 -11.48
CA ILE E 153 -42.62 -13.46 -10.31
C ILE E 153 -43.16 -12.56 -9.20
N LEU E 154 -42.60 -11.36 -9.03
CA LEU E 154 -43.09 -10.45 -7.97
C LEU E 154 -44.55 -10.07 -8.24
N SER E 155 -44.89 -9.89 -9.52
CA SER E 155 -46.26 -9.60 -9.93
C SER E 155 -47.20 -10.71 -9.45
N GLU E 156 -46.84 -11.97 -9.74
CA GLU E 156 -47.61 -13.14 -9.35
C GLU E 156 -47.73 -13.22 -7.81
N ARG E 157 -46.66 -12.92 -7.08
CA ARG E 157 -46.66 -13.11 -5.63
C ARG E 157 -47.38 -11.98 -4.91
N THR E 158 -47.40 -10.77 -5.50
CA THR E 158 -47.98 -9.58 -4.83
C THR E 158 -49.40 -9.28 -5.31
N GLY E 159 -49.74 -9.69 -6.54
CA GLY E 159 -50.99 -9.27 -7.18
C GLY E 159 -50.89 -7.91 -7.87
N GLN E 160 -49.71 -7.28 -7.87
CA GLN E 160 -49.52 -6.01 -8.60
C GLN E 160 -49.19 -6.33 -10.05
N SER E 161 -49.53 -5.40 -10.96
CA SER E 161 -49.20 -5.53 -12.37
C SER E 161 -47.67 -5.43 -12.55
N ILE E 162 -47.19 -6.04 -13.64
CA ILE E 162 -45.81 -5.95 -14.05
C ILE E 162 -45.42 -4.49 -14.29
N GLU E 163 -46.36 -3.71 -14.84
CA GLU E 163 -46.14 -2.29 -15.15
C GLU E 163 -45.86 -1.50 -13.86
N LYS E 164 -46.66 -1.77 -12.83
CA LYS E 164 -46.50 -1.09 -11.56
C LYS E 164 -45.19 -1.53 -10.86
N ILE E 165 -44.86 -2.84 -10.91
CA ILE E 165 -43.61 -3.35 -10.30
C ILE E 165 -42.41 -2.64 -10.97
N GLN E 166 -42.44 -2.54 -12.30
CA GLN E 166 -41.38 -1.89 -13.07
C GLN E 166 -41.16 -0.45 -12.58
N LYS E 167 -42.25 0.33 -12.46
CA LYS E 167 -42.17 1.71 -12.01
C LYS E 167 -41.69 1.80 -10.56
N ASP E 168 -42.17 0.90 -9.69
CA ASP E 168 -41.92 0.99 -8.26
C ASP E 168 -40.51 0.49 -7.89
N THR E 169 -39.83 -0.21 -8.79
CA THR E 169 -38.49 -0.74 -8.53
C THR E 169 -37.41 0.02 -9.31
N ASP E 170 -37.81 1.10 -9.99
CA ASP E 170 -36.89 1.85 -10.84
C ASP E 170 -35.74 2.44 -9.99
N ARG E 171 -36.02 2.91 -8.77
CA ARG E 171 -35.01 3.29 -7.78
C ARG E 171 -35.33 2.63 -6.45
N ASP E 172 -34.40 2.72 -5.49
CA ASP E 172 -34.61 2.20 -4.16
C ASP E 172 -35.96 2.69 -3.65
N ASN E 173 -36.77 1.74 -3.19
CA ASN E 173 -38.09 2.01 -2.67
C ASN E 173 -38.22 1.31 -1.31
N PHE E 174 -38.20 2.11 -0.25
CA PHE E 174 -38.30 1.64 1.13
C PHE E 174 -39.76 1.58 1.56
N LEU E 175 -40.19 0.45 2.13
CA LEU E 175 -41.54 0.25 2.64
C LEU E 175 -41.49 -0.07 4.13
N THR E 176 -42.42 0.51 4.89
CA THR E 176 -42.73 0.04 6.24
C THR E 176 -43.41 -1.34 6.14
N ALA E 177 -43.53 -2.02 7.27
CA ALA E 177 -44.21 -3.32 7.33
C ALA E 177 -45.65 -3.17 6.80
N GLU E 178 -46.33 -2.13 7.26
CA GLU E 178 -47.73 -1.86 6.90
C GLU E 178 -47.83 -1.61 5.40
N GLU E 179 -46.90 -0.84 4.84
CA GLU E 179 -46.87 -0.57 3.40
C GLU E 179 -46.59 -1.88 2.63
N ALA E 180 -45.71 -2.73 3.17
CA ALA E 180 -45.40 -4.01 2.50
C ALA E 180 -46.66 -4.89 2.46
N LYS E 181 -47.46 -4.85 3.52
CA LYS E 181 -48.73 -5.56 3.57
C LYS E 181 -49.69 -5.02 2.49
N GLU E 182 -49.83 -3.70 2.42
CA GLU E 182 -50.72 -3.05 1.43
C GLU E 182 -50.25 -3.39 0.01
N TYR E 183 -48.94 -3.51 -0.18
CA TYR E 183 -48.36 -3.79 -1.47
C TYR E 183 -48.60 -5.25 -1.89
N GLY E 184 -48.75 -6.15 -0.92
CA GLY E 184 -48.91 -7.58 -1.16
C GLY E 184 -47.61 -8.39 -1.05
N LEU E 185 -46.55 -7.78 -0.49
CA LEU E 185 -45.27 -8.49 -0.27
C LEU E 185 -45.38 -9.41 0.94
N ILE E 186 -46.21 -9.01 1.92
CA ILE E 186 -46.53 -9.83 3.09
C ILE E 186 -48.05 -9.86 3.26
N ASP E 187 -48.51 -10.74 4.15
CA ASP E 187 -49.95 -10.91 4.43
C ASP E 187 -50.36 -10.20 5.71
N GLU E 188 -49.49 -10.18 6.73
CA GLU E 188 -49.83 -9.63 8.03
C GLU E 188 -48.60 -8.97 8.66
N VAL E 189 -48.84 -7.87 9.38
CA VAL E 189 -47.91 -7.33 10.32
C VAL E 189 -48.13 -8.05 11.65
N MET E 190 -47.05 -8.61 12.19
CA MET E 190 -47.08 -9.33 13.46
C MET E 190 -47.01 -8.32 14.59
N VAL E 191 -48.15 -8.07 15.25
CA VAL E 191 -48.28 -7.00 16.23
C VAL E 191 -48.07 -7.58 17.63
N PRO E 192 -47.57 -6.78 18.61
CA PRO E 192 -47.47 -7.23 19.99
C PRO E 192 -48.85 -7.29 20.68
N ILE F 4 -11.86 -16.02 26.63
CA ILE F 4 -13.23 -16.31 27.21
C ILE F 4 -13.13 -17.56 28.07
N PRO F 5 -13.28 -17.44 29.42
CA PRO F 5 -13.07 -18.57 30.31
C PRO F 5 -14.23 -19.58 30.27
N THR F 6 -13.91 -20.80 30.67
CA THR F 6 -14.82 -21.91 30.84
C THR F 6 -15.10 -22.05 32.34
N VAL F 7 -16.34 -22.44 32.69
CA VAL F 7 -16.76 -22.65 34.07
C VAL F 7 -17.21 -24.11 34.22
N TYR F 18 -19.06 -25.18 30.31
CA TYR F 18 -19.72 -24.07 29.56
C TYR F 18 -18.75 -22.89 29.39
N ASP F 19 -18.76 -22.25 28.21
CA ASP F 19 -18.24 -20.87 28.12
C ASP F 19 -19.14 -19.96 28.99
N ILE F 20 -18.56 -18.89 29.52
CA ILE F 20 -19.19 -18.07 30.56
C ILE F 20 -20.54 -17.51 30.05
N TYR F 21 -20.61 -17.09 28.79
CA TYR F 21 -21.82 -16.47 28.24
C TYR F 21 -22.95 -17.49 28.11
N SER F 22 -22.61 -18.73 27.73
CA SER F 22 -23.59 -19.80 27.66
C SER F 22 -24.10 -20.14 29.06
N ARG F 23 -23.22 -20.05 30.07
CA ARG F 23 -23.62 -20.28 31.46
C ARG F 23 -24.60 -19.20 31.91
N LEU F 24 -24.36 -17.95 31.54
CA LEU F 24 -25.25 -16.84 31.89
C LEU F 24 -26.61 -16.99 31.17
N LEU F 25 -26.59 -17.51 29.93
CA LEU F 25 -27.82 -17.69 29.16
C LEU F 25 -28.73 -18.73 29.83
N LYS F 26 -28.14 -19.71 30.51
CA LYS F 26 -28.88 -20.70 31.28
C LYS F 26 -29.72 -20.00 32.37
N ASP F 27 -29.25 -18.85 32.88
CA ASP F 27 -30.01 -18.06 33.89
C ASP F 27 -30.77 -16.89 33.24
N ARG F 28 -30.97 -16.97 31.91
CA ARG F 28 -31.83 -16.04 31.14
C ARG F 28 -31.16 -14.67 31.02
N ILE F 29 -29.82 -14.62 31.10
CA ILE F 29 -29.06 -13.40 30.85
C ILE F 29 -28.54 -13.44 29.42
N ILE F 30 -28.84 -12.38 28.66
CA ILE F 30 -28.35 -12.16 27.30
C ILE F 30 -27.36 -10.99 27.34
N MET F 31 -26.19 -11.18 26.73
CA MET F 31 -25.15 -10.14 26.69
C MET F 31 -25.17 -9.44 25.33
N LEU F 32 -25.44 -8.13 25.34
CA LEU F 32 -25.25 -7.27 24.18
C LEU F 32 -24.05 -6.39 24.49
N GLY F 33 -22.86 -6.92 24.15
CA GLY F 33 -21.60 -6.40 24.60
C GLY F 33 -20.70 -5.98 23.45
N SER F 34 -21.28 -5.68 22.30
CA SER F 34 -20.51 -5.28 21.14
C SER F 34 -21.32 -4.31 20.27
N GLN F 35 -20.68 -3.87 19.19
CA GLN F 35 -21.34 -3.15 18.12
C GLN F 35 -22.51 -3.99 17.59
N ILE F 36 -23.61 -3.32 17.27
CA ILE F 36 -24.82 -3.97 16.77
C ILE F 36 -24.74 -4.09 15.24
N ASP F 37 -24.49 -5.32 14.76
CA ASP F 37 -24.63 -5.67 13.35
C ASP F 37 -25.67 -6.79 13.23
N ASP F 38 -25.91 -7.25 12.01
CA ASP F 38 -26.91 -8.25 11.71
C ASP F 38 -26.63 -9.55 12.48
N ASN F 39 -25.36 -9.99 12.55
CA ASN F 39 -25.00 -11.22 13.25
C ASN F 39 -25.36 -11.15 14.74
N VAL F 40 -25.07 -10.01 15.37
CA VAL F 40 -25.36 -9.80 16.78
C VAL F 40 -26.89 -9.82 16.97
N ALA F 41 -27.62 -9.12 16.11
CA ALA F 41 -29.08 -9.06 16.17
C ALA F 41 -29.70 -10.45 16.01
N ASN F 42 -29.23 -11.21 15.02
CA ASN F 42 -29.80 -12.53 14.75
C ASN F 42 -29.61 -13.45 15.97
N SER F 43 -28.46 -13.32 16.64
CA SER F 43 -28.13 -14.10 17.81
C SER F 43 -29.02 -13.69 19.00
N ILE F 44 -29.17 -12.37 19.23
CA ILE F 44 -29.96 -11.88 20.37
C ILE F 44 -31.43 -12.27 20.16
N VAL F 45 -31.94 -12.08 18.93
CA VAL F 45 -33.31 -12.42 18.61
C VAL F 45 -33.53 -13.92 18.90
N SER F 46 -32.62 -14.77 18.44
CA SER F 46 -32.73 -16.21 18.63
C SER F 46 -32.73 -16.56 20.13
N GLN F 47 -31.89 -15.88 20.91
CA GLN F 47 -31.81 -16.10 22.33
C GLN F 47 -33.13 -15.72 23.00
N LEU F 48 -33.69 -14.57 22.63
CA LEU F 48 -34.95 -14.09 23.22
C LEU F 48 -36.06 -15.13 22.98
N LEU F 49 -36.17 -15.62 21.74
CA LEU F 49 -37.24 -16.53 21.35
C LEU F 49 -37.07 -17.88 22.08
N PHE F 50 -35.82 -18.32 22.22
CA PHE F 50 -35.50 -19.56 22.89
C PHE F 50 -35.88 -19.49 24.38
N LEU F 51 -35.53 -18.37 25.03
CA LEU F 51 -35.86 -18.18 26.44
C LEU F 51 -37.38 -18.12 26.64
N GLN F 52 -38.11 -17.47 25.72
CA GLN F 52 -39.56 -17.43 25.81
C GLN F 52 -40.12 -18.86 25.74
N ALA F 53 -39.57 -19.69 24.84
CA ALA F 53 -40.04 -21.07 24.65
C ALA F 53 -39.75 -21.90 25.91
N GLN F 54 -38.63 -21.65 26.59
CA GLN F 54 -38.30 -22.34 27.83
C GLN F 54 -39.27 -21.96 28.95
N ASP F 55 -39.64 -20.67 29.02
CA ASP F 55 -40.51 -20.16 30.06
C ASP F 55 -41.04 -18.79 29.64
N SER F 56 -42.36 -18.70 29.46
CA SER F 56 -42.99 -17.52 28.89
C SER F 56 -43.32 -16.48 29.98
N GLU F 57 -43.09 -16.81 31.26
CA GLU F 57 -43.46 -15.93 32.38
C GLU F 57 -42.23 -15.30 33.07
N LYS F 58 -41.10 -16.01 33.11
CA LYS F 58 -39.93 -15.52 33.86
C LYS F 58 -39.25 -14.40 33.07
N ASP F 59 -38.73 -13.44 33.82
CA ASP F 59 -37.98 -12.31 33.30
C ASP F 59 -36.75 -12.81 32.54
N ILE F 60 -36.39 -12.03 31.51
CA ILE F 60 -35.13 -12.09 30.79
C ILE F 60 -34.33 -10.84 31.15
N TYR F 61 -33.00 -10.97 31.16
CA TYR F 61 -32.09 -9.88 31.54
C TYR F 61 -31.15 -9.60 30.37
N LEU F 62 -31.27 -8.40 29.79
CA LEU F 62 -30.41 -7.95 28.69
C LEU F 62 -29.39 -6.95 29.24
N TYR F 63 -28.13 -7.39 29.32
CA TYR F 63 -27.02 -6.59 29.78
C TYR F 63 -26.40 -5.90 28.57
N ILE F 64 -26.24 -4.57 28.66
CA ILE F 64 -25.86 -3.74 27.53
C ILE F 64 -24.55 -3.03 27.85
N ASN F 65 -23.56 -3.25 26.98
CA ASN F 65 -22.31 -2.53 26.93
C ASN F 65 -21.93 -2.38 25.45
N SER F 66 -22.49 -1.36 24.79
CA SER F 66 -22.52 -1.30 23.34
C SER F 66 -22.46 0.15 22.86
N PRO F 67 -21.65 0.44 21.82
CA PRO F 67 -21.64 1.77 21.20
C PRO F 67 -22.75 1.93 20.14
N GLY F 68 -23.63 0.95 20.01
CA GLY F 68 -24.69 0.98 19.02
C GLY F 68 -24.24 0.30 17.73
N GLY F 69 -24.79 0.75 16.60
CA GLY F 69 -24.55 0.17 15.29
C GLY F 69 -25.78 0.31 14.38
N SER F 70 -26.06 -0.74 13.62
CA SER F 70 -27.10 -0.74 12.60
C SER F 70 -28.49 -0.53 13.22
N VAL F 71 -29.25 0.41 12.65
CA VAL F 71 -30.58 0.74 13.10
C VAL F 71 -31.55 -0.42 12.81
N THR F 72 -31.43 -1.05 11.63
CA THR F 72 -32.35 -2.14 11.29
C THR F 72 -32.06 -3.35 12.19
N ALA F 73 -30.79 -3.62 12.47
CA ALA F 73 -30.41 -4.72 13.37
C ALA F 73 -30.97 -4.43 14.78
N GLY F 74 -30.83 -3.18 15.22
CA GLY F 74 -31.37 -2.71 16.50
C GLY F 74 -32.88 -2.89 16.58
N PHE F 75 -33.58 -2.63 15.47
CA PHE F 75 -35.03 -2.76 15.46
C PHE F 75 -35.47 -4.23 15.45
N ALA F 76 -34.65 -5.14 14.91
CA ALA F 76 -34.93 -6.57 15.02
C ALA F 76 -34.99 -6.96 16.49
N ILE F 77 -34.03 -6.45 17.29
CA ILE F 77 -33.99 -6.73 18.72
C ILE F 77 -35.18 -6.06 19.42
N TYR F 78 -35.41 -4.78 19.11
CA TYR F 78 -36.48 -4.00 19.72
C TYR F 78 -37.83 -4.73 19.55
N ASP F 79 -38.14 -5.10 18.31
CA ASP F 79 -39.44 -5.69 17.97
C ASP F 79 -39.59 -7.06 18.64
N THR F 80 -38.49 -7.80 18.77
CA THR F 80 -38.55 -9.10 19.41
C THR F 80 -38.83 -8.92 20.90
N ILE F 81 -38.17 -7.94 21.54
CA ILE F 81 -38.43 -7.63 22.95
C ILE F 81 -39.93 -7.36 23.15
N GLN F 82 -40.51 -6.48 22.32
CA GLN F 82 -41.90 -6.09 22.51
C GLN F 82 -42.84 -7.27 22.19
N HIS F 83 -42.45 -8.15 21.27
CA HIS F 83 -43.30 -9.25 20.84
C HIS F 83 -43.47 -10.33 21.92
N ILE F 84 -42.38 -10.72 22.59
CA ILE F 84 -42.41 -11.88 23.49
C ILE F 84 -43.16 -11.50 24.78
N LYS F 85 -43.62 -12.52 25.50
CA LYS F 85 -44.45 -12.34 26.70
C LYS F 85 -43.59 -11.97 27.91
N PRO F 86 -42.43 -12.61 28.15
CA PRO F 86 -41.60 -12.23 29.30
C PRO F 86 -41.22 -10.74 29.29
N ASP F 87 -41.15 -10.15 30.48
CA ASP F 87 -40.50 -8.88 30.67
C ASP F 87 -39.00 -9.03 30.38
N VAL F 88 -38.45 -8.09 29.62
CA VAL F 88 -37.02 -8.01 29.36
C VAL F 88 -36.47 -6.83 30.17
N GLN F 89 -35.74 -7.13 31.24
CA GLN F 89 -35.02 -6.13 32.01
C GLN F 89 -33.80 -5.72 31.17
N THR F 90 -33.43 -4.44 31.26
CA THR F 90 -32.22 -3.94 30.62
C THR F 90 -31.32 -3.35 31.71
N ILE F 91 -30.03 -3.67 31.64
CA ILE F 91 -29.03 -3.15 32.56
C ILE F 91 -27.86 -2.62 31.71
N CYS F 92 -27.65 -1.31 31.81
CA CYS F 92 -26.49 -0.70 31.19
C CYS F 92 -25.28 -0.81 32.13
N ILE F 93 -24.27 -1.55 31.67
CA ILE F 93 -22.96 -1.61 32.29
C ILE F 93 -21.97 -0.93 31.33
N GLY F 94 -21.19 0.01 31.81
CA GLY F 94 -20.19 0.66 30.96
C GLY F 94 -20.80 1.74 30.08
N MET F 95 -21.34 1.35 28.93
CA MET F 95 -21.79 2.29 27.89
C MET F 95 -23.02 1.76 27.17
N ALA F 96 -24.00 2.64 26.94
CA ALA F 96 -25.05 2.41 26.00
C ALA F 96 -25.18 3.68 25.14
N ALA F 97 -24.71 3.61 23.91
CA ALA F 97 -24.70 4.75 23.00
C ALA F 97 -25.53 4.40 21.75
N SER F 98 -26.19 5.43 21.21
CA SER F 98 -26.93 5.36 19.96
C SER F 98 -28.01 4.27 20.07
N MET F 99 -28.01 3.31 19.16
CA MET F 99 -28.99 2.23 19.17
C MET F 99 -28.88 1.42 20.48
N GLY F 100 -27.71 1.44 21.14
CA GLY F 100 -27.53 0.84 22.46
C GLY F 100 -28.43 1.49 23.51
N SER F 101 -28.53 2.82 23.48
CA SER F 101 -29.34 3.53 24.46
C SER F 101 -30.83 3.40 24.11
N PHE F 102 -31.14 3.30 22.83
CA PHE F 102 -32.50 3.04 22.37
C PHE F 102 -32.99 1.69 22.95
N LEU F 103 -32.13 0.67 22.91
CA LEU F 103 -32.50 -0.66 23.40
C LEU F 103 -32.57 -0.67 24.94
N LEU F 104 -31.71 0.10 25.60
CA LEU F 104 -31.78 0.27 27.05
C LEU F 104 -33.16 0.80 27.45
N ALA F 105 -33.65 1.82 26.72
CA ALA F 105 -34.93 2.46 26.98
C ALA F 105 -36.11 1.54 26.65
N ALA F 106 -35.86 0.46 25.88
CA ALA F 106 -36.88 -0.45 25.38
C ALA F 106 -37.20 -1.58 26.38
N GLY F 107 -36.45 -1.67 27.48
CA GLY F 107 -36.71 -2.69 28.52
C GLY F 107 -38.07 -2.49 29.17
N ALA F 108 -38.54 -3.50 29.90
CA ALA F 108 -39.87 -3.43 30.54
C ALA F 108 -39.89 -2.24 31.51
N LYS F 109 -41.01 -1.53 31.53
CA LYS F 109 -41.16 -0.32 32.36
C LYS F 109 -41.01 -0.74 33.83
N GLY F 110 -40.19 0.00 34.58
CA GLY F 110 -39.85 -0.31 35.94
C GLY F 110 -38.63 -1.21 36.07
N LYS F 111 -38.13 -1.76 34.96
CA LYS F 111 -37.03 -2.74 35.00
C LYS F 111 -35.87 -2.36 34.05
N ARG F 112 -35.65 -1.05 33.91
CA ARG F 112 -34.52 -0.53 33.14
C ARG F 112 -33.54 0.10 34.12
N PHE F 113 -32.29 -0.40 34.11
CA PHE F 113 -31.29 -0.04 35.10
C PHE F 113 -30.00 0.41 34.41
N ALA F 114 -29.18 1.15 35.16
CA ALA F 114 -27.78 1.41 34.82
C ALA F 114 -26.97 1.42 36.11
N LEU F 115 -25.71 0.97 35.99
CA LEU F 115 -24.75 1.10 37.08
C LEU F 115 -24.34 2.57 37.20
N PRO F 116 -23.84 3.02 38.36
CA PRO F 116 -23.70 4.44 38.65
C PRO F 116 -22.78 5.21 37.70
N ASN F 117 -21.73 4.55 37.18
CA ASN F 117 -20.72 5.19 36.39
C ASN F 117 -20.89 4.86 34.91
N ALA F 118 -22.02 4.22 34.56
CA ALA F 118 -22.35 3.95 33.18
C ALA F 118 -22.61 5.25 32.42
N GLU F 119 -22.29 5.22 31.12
CA GLU F 119 -22.43 6.33 30.19
C GLU F 119 -23.55 5.98 29.22
N VAL F 120 -24.51 6.88 29.08
CA VAL F 120 -25.57 6.77 28.12
C VAL F 120 -25.40 7.92 27.13
N MET F 121 -25.51 7.63 25.83
CA MET F 121 -25.42 8.69 24.85
C MET F 121 -26.53 8.52 23.82
N ILE F 122 -27.20 9.64 23.52
CA ILE F 122 -28.25 9.70 22.51
C ILE F 122 -27.84 10.73 21.45
N HIS F 123 -28.21 10.46 20.21
CA HIS F 123 -27.96 11.36 19.08
C HIS F 123 -28.87 10.94 17.92
N GLN F 124 -28.74 11.61 16.78
CA GLN F 124 -29.54 11.30 15.61
C GLN F 124 -28.82 10.24 14.80
N PRO F 125 -29.54 9.45 13.97
CA PRO F 125 -28.94 8.44 13.12
C PRO F 125 -27.91 9.00 12.13
N LEU F 126 -26.92 8.16 11.79
CA LEU F 126 -25.84 8.51 10.90
C LEU F 126 -25.97 7.69 9.62
N GLY F 127 -25.52 8.26 8.49
CA GLY F 127 -25.54 7.55 7.25
C GLY F 127 -24.84 8.31 6.13
N GLY F 128 -25.15 7.93 4.91
CA GLY F 128 -24.40 8.37 3.76
C GLY F 128 -25.18 8.11 2.49
N ALA F 129 -24.81 8.85 1.44
CA ALA F 129 -25.39 8.75 0.14
C ALA F 129 -24.45 9.45 -0.85
N GLN F 130 -24.22 8.79 -2.00
CA GLN F 130 -23.48 9.30 -3.12
C GLN F 130 -24.27 8.99 -4.40
N GLY F 131 -24.20 9.88 -5.38
CA GLY F 131 -24.77 9.66 -6.72
C GLY F 131 -25.62 10.82 -7.18
N GLN F 132 -26.69 10.51 -7.93
CA GLN F 132 -27.53 11.51 -8.56
C GLN F 132 -28.36 12.23 -7.48
N ALA F 133 -28.77 13.46 -7.79
CA ALA F 133 -29.62 14.26 -6.91
C ALA F 133 -30.82 13.44 -6.41
N THR F 134 -31.48 12.74 -7.33
CA THR F 134 -32.66 11.88 -7.05
C THR F 134 -32.32 10.77 -6.04
N GLU F 135 -31.12 10.17 -6.15
CA GLU F 135 -30.70 9.10 -5.26
C GLU F 135 -30.42 9.68 -3.86
N ILE F 136 -29.86 10.90 -3.81
CA ILE F 136 -29.55 11.52 -2.53
C ILE F 136 -30.84 11.88 -1.82
N GLU F 137 -31.84 12.31 -2.60
CA GLU F 137 -33.17 12.65 -2.10
C GLU F 137 -33.80 11.43 -1.42
N ILE F 138 -33.75 10.27 -2.10
CA ILE F 138 -34.33 9.04 -1.57
C ILE F 138 -33.62 8.66 -0.25
N ALA F 139 -32.28 8.71 -0.24
CA ALA F 139 -31.50 8.38 0.96
C ALA F 139 -31.85 9.33 2.12
N ALA F 140 -31.98 10.62 1.82
CA ALA F 140 -32.28 11.65 2.83
C ALA F 140 -33.67 11.39 3.42
N ASN F 141 -34.67 11.17 2.55
CA ASN F 141 -36.04 10.90 2.97
C ASN F 141 -36.07 9.66 3.89
N HIS F 142 -35.32 8.62 3.51
CA HIS F 142 -35.27 7.39 4.28
C HIS F 142 -34.68 7.63 5.68
N ILE F 143 -33.54 8.34 5.78
CA ILE F 143 -32.91 8.51 7.08
C ILE F 143 -33.76 9.47 7.95
N LEU F 144 -34.42 10.45 7.35
CA LEU F 144 -35.31 11.35 8.12
C LEU F 144 -36.52 10.59 8.67
N LYS F 145 -37.08 9.68 7.87
CA LYS F 145 -38.21 8.84 8.29
C LYS F 145 -37.75 7.90 9.43
N THR F 146 -36.51 7.39 9.32
CA THR F 146 -35.93 6.53 10.36
C THR F 146 -35.81 7.32 11.67
N ARG F 147 -35.36 8.57 11.57
CA ARG F 147 -35.20 9.40 12.75
C ARG F 147 -36.56 9.68 13.41
N GLU F 148 -37.58 10.01 12.60
CA GLU F 148 -38.96 10.23 13.10
C GLU F 148 -39.45 9.00 13.87
N LYS F 149 -39.21 7.81 13.33
CA LYS F 149 -39.64 6.55 13.93
C LYS F 149 -38.93 6.34 15.29
N LEU F 150 -37.60 6.56 15.31
CA LEU F 150 -36.84 6.42 16.55
C LEU F 150 -37.35 7.42 17.60
N ASN F 151 -37.57 8.67 17.19
CA ASN F 151 -37.91 9.74 18.12
C ASN F 151 -39.31 9.51 18.70
N ARG F 152 -40.25 9.04 17.88
CA ARG F 152 -41.60 8.74 18.30
C ARG F 152 -41.56 7.67 19.39
N ILE F 153 -40.82 6.58 19.15
CA ILE F 153 -40.76 5.51 20.10
C ILE F 153 -40.06 6.01 21.38
N LEU F 154 -39.00 6.80 21.25
CA LEU F 154 -38.27 7.29 22.42
C LEU F 154 -39.20 8.17 23.27
N SER F 155 -40.03 8.98 22.60
CA SER F 155 -41.04 9.81 23.27
C SER F 155 -41.96 8.94 24.14
N GLU F 156 -42.50 7.88 23.54
CA GLU F 156 -43.40 6.93 24.24
C GLU F 156 -42.66 6.26 25.42
N ARG F 157 -41.40 5.89 25.25
CA ARG F 157 -40.68 5.10 26.26
C ARG F 157 -40.22 6.01 27.42
N THR F 158 -39.95 7.29 27.13
CA THR F 158 -39.36 8.19 28.15
C THR F 158 -40.41 9.09 28.79
N GLY F 159 -41.54 9.35 28.10
CA GLY F 159 -42.50 10.37 28.52
C GLY F 159 -42.13 11.79 28.10
N GLN F 160 -41.02 11.98 27.38
CA GLN F 160 -40.66 13.32 26.86
C GLN F 160 -41.41 13.57 25.55
N SER F 161 -41.67 14.84 25.25
CA SER F 161 -42.29 15.22 23.97
C SER F 161 -41.33 14.92 22.80
N ILE F 162 -41.91 14.71 21.63
CA ILE F 162 -41.19 14.50 20.40
C ILE F 162 -40.29 15.70 20.11
N GLU F 163 -40.78 16.91 20.43
CA GLU F 163 -40.06 18.17 20.19
C GLU F 163 -38.78 18.21 21.04
N LYS F 164 -38.90 17.81 22.31
CA LYS F 164 -37.76 17.78 23.20
C LYS F 164 -36.75 16.70 22.76
N ILE F 165 -37.23 15.52 22.36
CA ILE F 165 -36.34 14.43 21.89
C ILE F 165 -35.53 14.93 20.68
N GLN F 166 -36.23 15.58 19.74
CA GLN F 166 -35.62 16.12 18.52
C GLN F 166 -34.46 17.08 18.90
N LYS F 167 -34.71 18.01 19.81
CA LYS F 167 -33.70 19.00 20.21
C LYS F 167 -32.54 18.31 20.95
N ASP F 168 -32.85 17.33 21.82
CA ASP F 168 -31.85 16.72 22.70
C ASP F 168 -30.98 15.69 21.95
N THR F 169 -31.39 15.27 20.74
CA THR F 169 -30.63 14.30 19.96
C THR F 169 -29.97 14.95 18.74
N ASP F 170 -30.06 16.28 18.63
CA ASP F 170 -29.55 17.00 17.47
C ASP F 170 -28.04 16.79 17.34
N ARG F 171 -27.31 16.78 18.48
CA ARG F 171 -25.89 16.44 18.54
C ARG F 171 -25.69 15.38 19.64
N ASP F 172 -24.49 14.81 19.68
CA ASP F 172 -24.13 13.87 20.71
C ASP F 172 -24.48 14.47 22.07
N ASN F 173 -25.23 13.71 22.86
CA ASN F 173 -25.69 14.12 24.16
C ASN F 173 -25.34 12.99 25.15
N PHE F 174 -24.33 13.24 25.98
CA PHE F 174 -23.85 12.28 26.98
C PHE F 174 -24.62 12.49 28.30
N LEU F 175 -25.15 11.39 28.86
CA LEU F 175 -25.86 11.41 30.12
C LEU F 175 -25.15 10.48 31.11
N THR F 176 -25.06 10.93 32.37
CA THR F 176 -24.80 10.03 33.50
C THR F 176 -26.00 9.10 33.70
N ALA F 177 -25.82 8.05 34.49
CA ALA F 177 -26.90 7.14 34.85
C ALA F 177 -28.06 7.92 35.48
N GLU F 178 -27.73 8.82 36.41
CA GLU F 178 -28.71 9.63 37.14
C GLU F 178 -29.47 10.51 36.16
N GLU F 179 -28.76 11.12 35.20
CA GLU F 179 -29.40 11.95 34.17
C GLU F 179 -30.31 11.11 33.29
N ALA F 180 -29.88 9.89 32.96
CA ALA F 180 -30.69 8.99 32.14
C ALA F 180 -32.00 8.64 32.87
N LYS F 181 -31.92 8.46 34.19
CA LYS F 181 -33.09 8.22 35.01
C LYS F 181 -34.04 9.43 34.99
N GLU F 182 -33.50 10.63 35.19
CA GLU F 182 -34.29 11.88 35.17
C GLU F 182 -34.94 12.05 33.80
N TYR F 183 -34.26 11.64 32.74
CA TYR F 183 -34.75 11.79 31.39
C TYR F 183 -35.90 10.79 31.10
N GLY F 184 -35.91 9.65 31.79
CA GLY F 184 -36.89 8.57 31.57
C GLY F 184 -36.37 7.45 30.67
N LEU F 185 -35.07 7.41 30.41
CA LEU F 185 -34.46 6.33 29.59
C LEU F 185 -34.32 5.05 30.42
N ILE F 186 -34.11 5.22 31.74
CA ILE F 186 -34.06 4.12 32.71
C ILE F 186 -34.97 4.47 33.88
N ASP F 187 -35.22 3.48 34.74
CA ASP F 187 -36.11 3.63 35.88
C ASP F 187 -35.32 3.81 37.19
N GLU F 188 -34.17 3.13 37.32
CA GLU F 188 -33.39 3.16 38.54
C GLU F 188 -31.89 3.09 38.21
N VAL F 189 -31.10 3.81 39.01
CA VAL F 189 -29.69 3.60 39.13
C VAL F 189 -29.47 2.49 40.16
N MET F 190 -28.72 1.47 39.75
CA MET F 190 -28.37 0.36 40.63
C MET F 190 -27.19 0.77 41.53
N VAL F 191 -27.46 1.10 42.78
CA VAL F 191 -26.45 1.70 43.68
C VAL F 191 -25.79 0.59 44.52
N PRO F 192 -24.51 0.73 44.90
CA PRO F 192 -23.77 -0.36 45.53
C PRO F 192 -24.15 -0.55 47.01
N ILE G 4 -1.26 -21.45 25.44
CA ILE G 4 -1.92 -21.53 26.79
C ILE G 4 -1.96 -23.00 27.22
N PRO G 5 -1.20 -23.39 28.27
CA PRO G 5 -1.11 -24.80 28.65
C PRO G 5 -2.36 -25.30 29.38
N THR G 6 -2.52 -26.62 29.33
CA THR G 6 -3.57 -27.36 29.97
C THR G 6 -3.00 -28.00 31.24
N VAL G 7 -3.83 -28.10 32.28
CA VAL G 7 -3.45 -28.71 33.57
C VAL G 7 -4.37 -29.91 33.83
N TYR G 18 -8.31 -28.72 32.16
CA TYR G 18 -8.64 -27.27 32.12
C TYR G 18 -7.50 -26.46 31.47
N ASP G 19 -7.84 -25.43 30.68
CA ASP G 19 -6.88 -24.35 30.42
C ASP G 19 -6.56 -23.66 31.77
N ILE G 20 -5.35 -23.12 31.89
CA ILE G 20 -4.81 -22.67 33.18
C ILE G 20 -5.71 -21.56 33.77
N TYR G 21 -6.24 -20.66 32.94
CA TYR G 21 -7.05 -19.54 33.44
C TYR G 21 -8.39 -20.04 33.99
N SER G 22 -8.99 -21.04 33.33
CA SER G 22 -10.23 -21.64 33.81
C SER G 22 -9.99 -22.37 35.14
N ARG G 23 -8.79 -22.97 35.28
CA ARG G 23 -8.43 -23.64 36.53
C ARG G 23 -8.31 -22.60 37.67
N LEU G 24 -7.71 -21.44 37.38
CA LEU G 24 -7.57 -20.38 38.38
C LEU G 24 -8.95 -19.81 38.75
N LEU G 25 -9.86 -19.72 37.78
CA LEU G 25 -11.19 -19.18 38.03
C LEU G 25 -11.98 -20.08 39.00
N LYS G 26 -11.71 -21.37 38.97
CA LYS G 26 -12.29 -22.32 39.91
C LYS G 26 -11.91 -21.95 41.36
N ASP G 27 -10.73 -21.33 41.56
CA ASP G 27 -10.29 -20.86 42.89
C ASP G 27 -10.54 -19.35 43.08
N ARG G 28 -11.43 -18.78 42.25
CA ARG G 28 -11.96 -17.42 42.36
C ARG G 28 -10.90 -16.39 42.01
N ILE G 29 -9.92 -16.78 41.18
CA ILE G 29 -8.92 -15.85 40.63
C ILE G 29 -9.37 -15.43 39.23
N ILE G 30 -9.44 -14.11 39.03
CA ILE G 30 -9.72 -13.49 37.73
C ILE G 30 -8.44 -12.80 37.26
N MET G 31 -8.05 -13.06 36.00
CA MET G 31 -6.86 -12.45 35.42
C MET G 31 -7.26 -11.27 34.52
N LEU G 32 -6.79 -10.08 34.88
CA LEU G 32 -6.88 -8.90 34.02
C LEU G 32 -5.46 -8.62 33.53
N GLY G 33 -5.11 -9.28 32.41
CA GLY G 33 -3.76 -9.39 31.95
C GLY G 33 -3.58 -8.83 30.55
N SER G 34 -4.45 -7.90 30.15
CA SER G 34 -4.36 -7.30 28.83
C SER G 34 -4.89 -5.86 28.88
N GLN G 35 -4.81 -5.22 27.71
CA GLN G 35 -5.46 -3.96 27.46
C GLN G 35 -6.97 -4.11 27.73
N ILE G 36 -7.56 -3.07 28.33
CA ILE G 36 -8.97 -3.09 28.70
C ILE G 36 -9.79 -2.54 27.51
N ASP G 37 -10.50 -3.44 26.83
CA ASP G 37 -11.53 -3.08 25.86
C ASP G 37 -12.86 -3.70 26.33
N ASP G 38 -13.91 -3.51 25.53
CA ASP G 38 -15.26 -3.94 25.86
C ASP G 38 -15.30 -5.46 26.08
N ASN G 39 -14.62 -6.24 25.23
CA ASN G 39 -14.62 -7.72 25.34
C ASN G 39 -14.02 -8.17 26.67
N VAL G 40 -12.91 -7.54 27.08
CA VAL G 40 -12.25 -7.86 28.34
C VAL G 40 -13.18 -7.50 29.50
N ALA G 41 -13.80 -6.33 29.44
CA ALA G 41 -14.70 -5.87 30.50
C ALA G 41 -15.92 -6.82 30.62
N ASN G 42 -16.52 -7.19 29.48
CA ASN G 42 -17.70 -8.04 29.50
C ASN G 42 -17.38 -9.40 30.14
N SER G 43 -16.17 -9.90 29.86
CA SER G 43 -15.71 -11.16 30.39
C SER G 43 -15.45 -11.05 31.91
N ILE G 44 -14.77 -9.99 32.35
CA ILE G 44 -14.44 -9.81 33.77
C ILE G 44 -15.74 -9.61 34.57
N VAL G 45 -16.64 -8.78 34.05
CA VAL G 45 -17.91 -8.53 34.70
C VAL G 45 -18.66 -9.87 34.88
N SER G 46 -18.72 -10.66 33.82
CA SER G 46 -19.43 -11.95 33.84
C SER G 46 -18.79 -12.88 34.88
N GLN G 47 -17.45 -12.88 34.95
CA GLN G 47 -16.74 -13.71 35.90
C GLN G 47 -17.08 -13.28 37.34
N LEU G 48 -17.09 -11.97 37.60
CA LEU G 48 -17.37 -11.45 38.93
C LEU G 48 -18.77 -11.90 39.37
N LEU G 49 -19.75 -11.75 38.48
CA LEU G 49 -21.14 -12.05 38.81
C LEU G 49 -21.33 -13.55 39.03
N PHE G 50 -20.62 -14.37 38.22
CA PHE G 50 -20.68 -15.81 38.32
C PHE G 50 -20.10 -16.26 39.66
N LEU G 51 -18.95 -15.71 40.05
CA LEU G 51 -18.32 -16.06 41.32
C LEU G 51 -19.22 -15.66 42.50
N GLN G 52 -19.87 -14.49 42.41
CA GLN G 52 -20.78 -14.08 43.46
C GLN G 52 -21.92 -15.11 43.59
N ALA G 53 -22.45 -15.57 42.45
CA ALA G 53 -23.58 -16.53 42.43
C ALA G 53 -23.14 -17.88 43.03
N GLN G 54 -21.89 -18.29 42.79
CA GLN G 54 -21.36 -19.52 43.37
C GLN G 54 -21.23 -19.40 44.90
N ASP G 55 -20.77 -18.22 45.36
CA ASP G 55 -20.55 -18.00 46.79
C ASP G 55 -20.44 -16.50 47.03
N SER G 56 -21.39 -15.97 47.79
CA SER G 56 -21.54 -14.53 47.97
C SER G 56 -20.67 -14.00 49.10
N GLU G 57 -19.97 -14.90 49.84
CA GLU G 57 -19.20 -14.51 51.03
C GLU G 57 -17.68 -14.62 50.78
N LYS G 58 -17.23 -15.57 49.97
CA LYS G 58 -15.78 -15.81 49.79
C LYS G 58 -15.17 -14.70 48.94
N ASP G 59 -13.94 -14.33 49.27
CA ASP G 59 -13.15 -13.36 48.55
C ASP G 59 -12.95 -13.83 47.10
N ILE G 60 -12.84 -12.83 46.22
CA ILE G 60 -12.41 -12.95 44.84
C ILE G 60 -11.04 -12.26 44.73
N TYR G 61 -10.19 -12.75 43.83
CA TYR G 61 -8.82 -12.24 43.64
C TYR G 61 -8.66 -11.78 42.18
N LEU G 62 -8.46 -10.46 42.00
CA LEU G 62 -8.24 -9.86 40.69
C LEU G 62 -6.74 -9.55 40.53
N TYR G 63 -6.08 -10.33 39.67
CA TYR G 63 -4.67 -10.15 39.36
C TYR G 63 -4.56 -9.22 38.16
N ILE G 64 -3.73 -8.17 38.28
CA ILE G 64 -3.70 -7.10 37.31
C ILE G 64 -2.29 -7.00 36.73
N ASN G 65 -2.20 -7.12 35.40
CA ASN G 65 -1.03 -6.83 34.61
C ASN G 65 -1.51 -6.20 33.30
N SER G 66 -1.76 -4.89 33.33
CA SER G 66 -2.53 -4.22 32.30
C SER G 66 -2.03 -2.80 32.09
N PRO G 67 -1.89 -2.34 30.82
CA PRO G 67 -1.57 -0.94 30.53
C PRO G 67 -2.82 -0.04 30.52
N GLY G 68 -3.97 -0.57 30.90
CA GLY G 68 -5.21 0.19 30.90
C GLY G 68 -5.94 0.02 29.58
N GLY G 69 -6.70 1.05 29.19
CA GLY G 69 -7.52 1.03 27.99
C GLY G 69 -8.77 1.90 28.16
N SER G 70 -9.90 1.40 27.66
CA SER G 70 -11.15 2.15 27.61
C SER G 70 -11.65 2.49 29.02
N VAL G 71 -12.00 3.77 29.23
CA VAL G 71 -12.50 4.27 30.48
C VAL G 71 -13.89 3.66 30.79
N THR G 72 -14.77 3.57 29.78
CA THR G 72 -16.11 3.05 30.02
C THR G 72 -16.03 1.56 30.34
N ALA G 73 -15.16 0.81 29.64
CA ALA G 73 -14.97 -0.59 29.91
C ALA G 73 -14.43 -0.78 31.34
N GLY G 74 -13.47 0.06 31.73
CA GLY G 74 -12.91 0.08 33.06
C GLY G 74 -13.94 0.35 34.13
N PHE G 75 -14.88 1.25 33.83
CA PHE G 75 -15.95 1.58 34.80
C PHE G 75 -16.97 0.45 34.91
N ALA G 76 -17.17 -0.33 33.86
CA ALA G 76 -18.02 -1.53 33.95
C ALA G 76 -17.45 -2.47 35.01
N ILE G 77 -16.13 -2.66 35.00
CA ILE G 77 -15.46 -3.52 35.96
C ILE G 77 -15.53 -2.89 37.37
N TYR G 78 -15.21 -1.61 37.47
CA TYR G 78 -15.22 -0.87 38.73
C TYR G 78 -16.58 -1.01 39.42
N ASP G 79 -17.66 -0.71 38.69
CA ASP G 79 -19.01 -0.69 39.23
C ASP G 79 -19.43 -2.10 39.66
N THR G 80 -19.00 -3.12 38.92
CA THR G 80 -19.33 -4.48 39.25
C THR G 80 -18.63 -4.89 40.55
N ILE G 81 -17.36 -4.51 40.70
CA ILE G 81 -16.61 -4.77 41.94
C ILE G 81 -17.37 -4.17 43.13
N GLN G 82 -17.78 -2.91 43.04
CA GLN G 82 -18.42 -2.24 44.17
C GLN G 82 -19.81 -2.83 44.42
N HIS G 83 -20.49 -3.32 43.37
CA HIS G 83 -21.85 -3.84 43.50
C HIS G 83 -21.90 -5.17 44.27
N ILE G 84 -20.99 -6.10 43.97
CA ILE G 84 -21.12 -7.48 44.48
C ILE G 84 -20.77 -7.52 45.97
N LYS G 85 -21.22 -8.58 46.66
CA LYS G 85 -21.04 -8.73 48.11
C LYS G 85 -19.62 -9.16 48.45
N PRO G 86 -19.02 -10.15 47.76
CA PRO G 86 -17.66 -10.57 48.10
C PRO G 86 -16.65 -9.41 48.02
N ASP G 87 -15.67 -9.40 48.91
CA ASP G 87 -14.50 -8.56 48.78
C ASP G 87 -13.70 -9.00 47.54
N VAL G 88 -13.25 -8.02 46.75
CA VAL G 88 -12.38 -8.28 45.62
C VAL G 88 -10.98 -7.76 45.99
N GLN G 89 -10.06 -8.69 46.24
CA GLN G 89 -8.66 -8.36 46.45
C GLN G 89 -8.05 -8.02 45.08
N THR G 90 -7.12 -7.06 45.05
CA THR G 90 -6.40 -6.70 43.84
C THR G 90 -4.91 -6.91 44.09
N ILE G 91 -4.23 -7.53 43.12
CA ILE G 91 -2.80 -7.75 43.15
C ILE G 91 -2.21 -7.26 41.82
N CYS G 92 -1.36 -6.25 41.90
CA CYS G 92 -0.60 -5.81 40.75
C CYS G 92 0.67 -6.65 40.60
N ILE G 93 0.73 -7.38 39.49
CA ILE G 93 1.92 -8.09 39.05
C ILE G 93 2.40 -7.40 37.77
N GLY G 94 3.66 -7.04 37.70
CA GLY G 94 4.18 -6.41 36.48
C GLY G 94 3.83 -4.93 36.40
N MET G 95 2.64 -4.62 35.89
CA MET G 95 2.26 -3.24 35.56
C MET G 95 0.75 -3.03 35.80
N ALA G 96 0.41 -1.90 36.41
CA ALA G 96 -0.94 -1.40 36.40
C ALA G 96 -0.87 0.08 36.03
N ALA G 97 -1.27 0.41 34.79
CA ALA G 97 -1.20 1.75 34.27
C ALA G 97 -2.60 2.23 33.88
N SER G 98 -2.83 3.53 34.05
CA SER G 98 -4.05 4.21 33.65
C SER G 98 -5.26 3.54 34.32
N MET G 99 -6.24 3.08 33.53
CA MET G 99 -7.43 2.45 34.08
C MET G 99 -7.04 1.16 34.85
N GLY G 100 -5.88 0.57 34.52
CA GLY G 100 -5.34 -0.54 35.30
C GLY G 100 -5.05 -0.18 36.75
N SER G 101 -4.47 1.01 36.96
CA SER G 101 -4.12 1.45 38.31
C SER G 101 -5.37 1.91 39.06
N PHE G 102 -6.34 2.47 38.32
CA PHE G 102 -7.63 2.82 38.89
C PHE G 102 -8.31 1.57 39.47
N LEU G 103 -8.26 0.46 38.74
CA LEU G 103 -8.89 -0.79 39.19
C LEU G 103 -8.11 -1.41 40.36
N LEU G 104 -6.78 -1.29 40.34
CA LEU G 104 -5.96 -1.73 41.45
C LEU G 104 -6.41 -1.02 42.75
N ALA G 105 -6.61 0.29 42.66
CA ALA G 105 -7.02 1.13 43.81
C ALA G 105 -8.45 0.83 44.26
N ALA G 106 -9.23 0.17 43.39
CA ALA G 106 -10.66 -0.11 43.63
C ALA G 106 -10.88 -1.40 44.43
N GLY G 107 -9.84 -2.17 44.72
CA GLY G 107 -9.96 -3.40 45.50
C GLY G 107 -10.42 -3.12 46.94
N ALA G 108 -10.82 -4.18 47.63
CA ALA G 108 -11.34 -4.03 49.01
C ALA G 108 -10.25 -3.41 49.88
N LYS G 109 -10.66 -2.49 50.76
CA LYS G 109 -9.72 -1.75 51.62
C LYS G 109 -8.99 -2.76 52.51
N GLY G 110 -7.66 -2.64 52.58
CA GLY G 110 -6.84 -3.60 53.31
C GLY G 110 -6.39 -4.77 52.47
N LYS G 111 -6.93 -4.93 51.25
CA LYS G 111 -6.64 -6.12 50.43
C LYS G 111 -6.20 -5.73 49.00
N ARG G 112 -5.48 -4.62 48.90
CA ARG G 112 -4.88 -4.16 47.63
C ARG G 112 -3.36 -4.32 47.76
N PHE G 113 -2.78 -5.09 46.84
CA PHE G 113 -1.38 -5.49 46.92
C PHE G 113 -0.66 -5.20 45.61
N ALA G 114 0.67 -5.09 45.69
CA ALA G 114 1.55 -5.14 44.53
C ALA G 114 2.81 -5.94 44.89
N LEU G 115 3.36 -6.65 43.91
CA LEU G 115 4.65 -7.30 44.07
C LEU G 115 5.74 -6.23 44.05
N PRO G 116 6.93 -6.51 44.63
CA PRO G 116 7.91 -5.46 44.93
C PRO G 116 8.39 -4.64 43.73
N ASN G 117 8.49 -5.27 42.56
CA ASN G 117 9.06 -4.67 41.38
C ASN G 117 7.97 -4.23 40.40
N ALA G 118 6.70 -4.33 40.79
CA ALA G 118 5.59 -3.90 39.97
C ALA G 118 5.63 -2.39 39.78
N GLU G 119 5.12 -1.95 38.62
CA GLU G 119 5.06 -0.55 38.20
C GLU G 119 3.60 -0.12 38.19
N VAL G 120 3.32 1.00 38.86
CA VAL G 120 2.02 1.61 38.84
C VAL G 120 2.16 2.97 38.15
N MET G 121 1.23 3.29 37.25
CA MET G 121 1.27 4.59 36.60
C MET G 121 -0.13 5.20 36.58
N ILE G 122 -0.20 6.49 36.93
CA ILE G 122 -1.43 7.26 36.91
C ILE G 122 -1.22 8.47 35.99
N HIS G 123 -2.29 8.89 35.31
CA HIS G 123 -2.28 10.04 34.42
C HIS G 123 -3.73 10.46 34.12
N GLN G 124 -3.92 11.48 33.28
CA GLN G 124 -5.26 11.94 32.95
C GLN G 124 -5.76 11.17 31.74
N PRO G 125 -7.11 11.08 31.55
CA PRO G 125 -7.68 10.41 30.39
C PRO G 125 -7.28 11.03 29.05
N LEU G 126 -7.25 10.17 28.02
CA LEU G 126 -6.86 10.51 26.68
C LEU G 126 -8.09 10.40 25.77
N GLY G 127 -8.13 11.23 24.73
CA GLY G 127 -9.22 11.18 23.77
C GLY G 127 -8.94 12.01 22.54
N GLY G 128 -10.01 12.27 21.80
CA GLY G 128 -9.94 12.99 20.56
C GLY G 128 -11.27 13.56 20.17
N ALA G 129 -11.24 14.50 19.24
CA ALA G 129 -12.41 15.17 18.73
C ALA G 129 -12.03 15.87 17.41
N GLN G 130 -12.91 15.73 16.42
CA GLN G 130 -12.83 16.33 15.11
C GLN G 130 -14.23 16.86 14.74
N GLY G 131 -14.27 17.98 14.01
CA GLY G 131 -15.51 18.50 13.42
C GLY G 131 -15.76 19.97 13.76
N GLN G 132 -17.03 20.31 13.94
CA GLN G 132 -17.45 21.69 14.16
C GLN G 132 -17.07 22.08 15.60
N ALA G 133 -16.92 23.40 15.80
CA ALA G 133 -16.60 23.98 17.11
C ALA G 133 -17.51 23.39 18.21
N THR G 134 -18.82 23.34 17.92
CA THR G 134 -19.85 22.81 18.83
C THR G 134 -19.57 21.34 19.22
N GLU G 135 -19.14 20.53 18.24
CA GLU G 135 -18.85 19.13 18.47
C GLU G 135 -17.60 18.98 19.34
N ILE G 136 -16.61 19.85 19.13
CA ILE G 136 -15.37 19.81 19.91
C ILE G 136 -15.67 20.20 21.36
N GLU G 137 -16.58 21.16 21.53
CA GLU G 137 -17.02 21.62 22.84
C GLU G 137 -17.66 20.45 23.61
N ILE G 138 -18.57 19.71 22.96
CA ILE G 138 -19.24 18.58 23.57
C ILE G 138 -18.21 17.52 24.01
N ALA G 139 -17.28 17.18 23.11
CA ALA G 139 -16.23 16.20 23.40
C ALA G 139 -15.36 16.64 24.59
N ALA G 140 -15.00 17.92 24.61
CA ALA G 140 -14.16 18.47 25.67
C ALA G 140 -14.88 18.41 27.03
N ASN G 141 -16.14 18.85 27.05
CA ASN G 141 -16.97 18.83 28.27
C ASN G 141 -17.07 17.38 28.79
N HIS G 142 -17.29 16.43 27.89
CA HIS G 142 -17.41 15.04 28.27
C HIS G 142 -16.11 14.49 28.91
N ILE G 143 -14.95 14.75 28.26
CA ILE G 143 -13.70 14.17 28.79
C ILE G 143 -13.31 14.89 30.09
N LEU G 144 -13.62 16.18 30.24
CA LEU G 144 -13.33 16.89 31.49
C LEU G 144 -14.18 16.34 32.65
N LYS G 145 -15.45 16.05 32.37
CA LYS G 145 -16.36 15.47 33.36
C LYS G 145 -15.87 14.05 33.74
N THR G 146 -15.37 13.29 32.75
CA THR G 146 -14.82 11.97 33.00
C THR G 146 -13.59 12.07 33.92
N ARG G 147 -12.74 13.07 33.69
CA ARG G 147 -11.55 13.25 34.51
C ARG G 147 -11.94 13.61 35.95
N GLU G 148 -12.91 14.52 36.12
CA GLU G 148 -13.40 14.91 37.46
C GLU G 148 -13.89 13.66 38.21
N LYS G 149 -14.64 12.79 37.51
CA LYS G 149 -15.21 11.58 38.12
C LYS G 149 -14.08 10.64 38.55
N LEU G 150 -13.07 10.41 37.68
CA LEU G 150 -11.96 9.54 38.01
C LEU G 150 -11.20 10.11 39.23
N ASN G 151 -10.95 11.41 39.22
CA ASN G 151 -10.13 12.04 40.25
C ASN G 151 -10.82 12.00 41.62
N ARG G 152 -12.13 12.23 41.62
CA ARG G 152 -12.94 12.20 42.83
C ARG G 152 -12.86 10.80 43.45
N ILE G 153 -13.05 9.76 42.63
CA ILE G 153 -13.04 8.40 43.14
C ILE G 153 -11.63 8.08 43.64
N LEU G 154 -10.58 8.50 42.91
CA LEU G 154 -9.21 8.21 43.33
C LEU G 154 -8.91 8.87 44.69
N SER G 155 -9.44 10.09 44.86
CA SER G 155 -9.32 10.83 46.13
C SER G 155 -9.92 9.99 47.28
N GLU G 156 -11.13 9.50 47.09
CA GLU G 156 -11.84 8.68 48.09
C GLU G 156 -11.06 7.39 48.37
N ARG G 157 -10.50 6.75 47.35
CA ARG G 157 -9.88 5.42 47.52
C ARG G 157 -8.47 5.57 48.13
N THR G 158 -7.79 6.71 47.90
CA THR G 158 -6.41 6.88 48.35
C THR G 158 -6.32 7.69 49.66
N GLY G 159 -7.30 8.54 49.94
CA GLY G 159 -7.24 9.50 51.03
C GLY G 159 -6.48 10.78 50.67
N GLN G 160 -6.04 10.94 49.40
CA GLN G 160 -5.42 12.19 48.96
C GLN G 160 -6.50 13.20 48.58
N SER G 161 -6.18 14.48 48.67
CA SER G 161 -7.11 15.54 48.21
C SER G 161 -7.27 15.49 46.69
N ILE G 162 -8.40 15.98 46.22
CA ILE G 162 -8.71 16.12 44.81
C ILE G 162 -7.65 17.00 44.14
N GLU G 163 -7.19 18.03 44.84
CA GLU G 163 -6.21 19.00 44.32
C GLU G 163 -4.88 18.29 44.07
N LYS G 164 -4.46 17.45 45.01
CA LYS G 164 -3.23 16.70 44.85
C LYS G 164 -3.36 15.65 43.72
N ILE G 165 -4.49 14.96 43.62
CA ILE G 165 -4.71 13.96 42.54
C ILE G 165 -4.61 14.67 41.17
N GLN G 166 -5.25 15.84 41.06
CA GLN G 166 -5.25 16.65 39.83
C GLN G 166 -3.79 16.95 39.41
N LYS G 167 -2.98 17.44 40.35
CA LYS G 167 -1.58 17.79 40.08
C LYS G 167 -0.76 16.53 39.72
N ASP G 168 -1.00 15.42 40.43
CA ASP G 168 -0.18 14.22 40.31
C ASP G 168 -0.54 13.40 39.05
N THR G 169 -1.67 13.69 38.42
CA THR G 169 -2.11 12.98 37.21
C THR G 169 -2.00 13.86 35.96
N ASP G 170 -1.44 15.05 36.11
CA ASP G 170 -1.38 16.02 35.01
C ASP G 170 -0.55 15.46 33.85
N ARG G 171 0.54 14.75 34.15
CA ARG G 171 1.33 13.98 33.18
C ARG G 171 1.57 12.58 33.75
N ASP G 172 2.11 11.70 32.91
CA ASP G 172 2.44 10.35 33.31
C ASP G 172 3.25 10.40 34.61
N ASN G 173 2.79 9.66 35.61
CA ASN G 173 3.42 9.59 36.91
C ASN G 173 3.61 8.12 37.29
N PHE G 174 4.87 7.67 37.23
CA PHE G 174 5.27 6.30 37.55
C PHE G 174 5.57 6.16 39.06
N LEU G 175 4.98 5.15 39.69
CA LEU G 175 5.22 4.84 41.10
C LEU G 175 5.79 3.43 41.23
N THR G 176 6.77 3.27 42.13
CA THR G 176 7.15 1.94 42.64
C THR G 176 6.00 1.40 43.50
N ALA G 177 6.05 0.11 43.83
CA ALA G 177 5.06 -0.52 44.69
C ALA G 177 5.02 0.22 46.05
N GLU G 178 6.21 0.49 46.60
CA GLU G 178 6.34 1.13 47.90
C GLU G 178 5.73 2.54 47.85
N GLU G 179 5.99 3.27 46.75
CA GLU G 179 5.44 4.61 46.57
C GLU G 179 3.90 4.52 46.45
N ALA G 180 3.41 3.51 45.74
CA ALA G 180 1.96 3.32 45.57
C ALA G 180 1.30 3.07 46.93
N LYS G 181 1.99 2.33 47.81
CA LYS G 181 1.51 2.10 49.17
C LYS G 181 1.45 3.42 49.95
N GLU G 182 2.53 4.21 49.90
CA GLU G 182 2.60 5.50 50.60
C GLU G 182 1.50 6.43 50.08
N TYR G 183 1.19 6.34 48.78
CA TYR G 183 0.22 7.20 48.15
C TYR G 183 -1.21 6.80 48.55
N GLY G 184 -1.41 5.53 48.91
CA GLY G 184 -2.74 5.00 49.25
C GLY G 184 -3.44 4.27 48.10
N LEU G 185 -2.71 3.97 47.02
CA LEU G 185 -3.28 3.21 45.87
C LEU G 185 -3.39 1.73 46.21
N ILE G 186 -2.47 1.25 47.05
CA ILE G 186 -2.48 -0.12 47.57
C ILE G 186 -2.28 -0.05 49.09
N ASP G 187 -2.49 -1.18 49.76
CA ASP G 187 -2.38 -1.28 51.21
C ASP G 187 -1.05 -1.91 51.63
N GLU G 188 -0.54 -2.87 50.85
CA GLU G 188 0.68 -3.61 51.22
C GLU G 188 1.48 -3.96 49.97
N VAL G 189 2.81 -3.93 50.11
CA VAL G 189 3.71 -4.59 49.20
C VAL G 189 3.84 -6.05 49.64
N MET G 190 3.60 -6.96 48.71
CA MET G 190 3.69 -8.40 48.94
C MET G 190 5.16 -8.83 48.85
N VAL G 191 5.78 -9.06 50.00
CA VAL G 191 7.23 -9.33 50.09
C VAL G 191 7.42 -10.84 50.14
N PRO G 192 8.56 -11.38 49.66
CA PRO G 192 8.85 -12.82 49.77
C PRO G 192 9.24 -13.22 51.20
N ILE H 4 21.92 17.52 -18.53
CA ILE H 4 22.43 17.72 -19.93
C ILE H 4 23.17 19.06 -19.99
N PRO H 5 24.51 19.06 -20.20
CA PRO H 5 25.28 20.31 -20.24
C PRO H 5 25.07 21.09 -21.55
N THR H 6 25.35 22.39 -21.46
CA THR H 6 25.26 23.35 -22.53
C THR H 6 26.68 23.62 -23.06
N VAL H 7 26.78 23.82 -24.38
CA VAL H 7 28.06 24.12 -25.05
C VAL H 7 27.95 25.49 -25.73
N TYR H 18 23.72 25.83 -27.08
CA TYR H 18 23.03 24.55 -27.43
C TYR H 18 23.16 23.53 -26.29
N ASP H 19 22.11 22.76 -26.02
CA ASP H 19 22.26 21.48 -25.32
C ASP H 19 23.11 20.56 -26.21
N ILE H 20 23.87 19.65 -25.58
CA ILE H 20 24.92 18.87 -26.26
C ILE H 20 24.30 18.05 -27.41
N TYR H 21 23.10 17.48 -27.22
CA TYR H 21 22.48 16.62 -28.24
C TYR H 21 22.06 17.44 -29.46
N SER H 22 21.55 18.66 -29.23
CA SER H 22 21.20 19.58 -30.31
C SER H 22 22.46 19.99 -31.09
N ARG H 23 23.58 20.14 -30.38
CA ARG H 23 24.85 20.48 -31.03
C ARG H 23 25.29 19.31 -31.92
N LEU H 24 25.14 18.06 -31.45
CA LEU H 24 25.50 16.89 -32.24
C LEU H 24 24.59 16.76 -33.47
N LEU H 25 23.31 17.13 -33.32
CA LEU H 25 22.35 17.02 -34.42
C LEU H 25 22.72 17.98 -35.55
N LYS H 26 23.33 19.12 -35.21
CA LYS H 26 23.85 20.07 -36.19
C LYS H 26 24.88 19.40 -37.10
N ASP H 27 25.62 18.38 -36.59
CA ASP H 27 26.61 17.62 -37.40
C ASP H 27 26.01 16.29 -37.88
N ARG H 28 24.68 16.16 -37.86
CA ARG H 28 23.93 15.05 -38.44
C ARG H 28 24.11 13.77 -37.60
N ILE H 29 24.40 13.94 -36.31
CA ILE H 29 24.44 12.82 -35.36
C ILE H 29 23.10 12.75 -34.62
N ILE H 30 22.47 11.58 -34.65
CA ILE H 30 21.26 11.27 -33.89
C ILE H 30 21.62 10.28 -32.79
N MET H 31 21.20 10.58 -31.55
CA MET H 31 21.44 9.70 -30.40
C MET H 31 20.20 8.85 -30.10
N LEU H 32 20.35 7.53 -30.19
CA LEU H 32 19.37 6.56 -29.69
C LEU H 32 19.97 5.94 -28.44
N GLY H 33 19.74 6.60 -27.30
CA GLY H 33 20.42 6.32 -26.08
C GLY H 33 19.48 5.91 -24.96
N SER H 34 18.29 5.39 -25.31
CA SER H 34 17.34 4.97 -24.30
C SER H 34 16.50 3.81 -24.80
N GLN H 35 15.60 3.34 -23.93
CA GLN H 35 14.56 2.40 -24.28
C GLN H 35 13.73 2.99 -25.43
N ILE H 36 13.35 2.13 -26.38
CA ILE H 36 12.60 2.54 -27.55
C ILE H 36 11.10 2.47 -27.23
N ASP H 37 10.48 3.64 -27.08
CA ASP H 37 9.03 3.80 -27.02
C ASP H 37 8.61 4.74 -28.16
N ASP H 38 7.30 5.01 -28.23
CA ASP H 38 6.73 5.81 -29.31
C ASP H 38 7.35 7.21 -29.33
N ASN H 39 7.56 7.84 -28.18
CA ASN H 39 8.12 9.20 -28.09
C ASN H 39 9.54 9.23 -28.68
N VAL H 40 10.36 8.23 -28.36
CA VAL H 40 11.71 8.12 -28.87
C VAL H 40 11.67 7.94 -30.39
N ALA H 41 10.80 7.05 -30.87
CA ALA H 41 10.65 6.78 -32.29
C ALA H 41 10.21 8.05 -33.04
N ASN H 42 9.21 8.75 -32.52
CA ASN H 42 8.67 9.94 -33.19
C ASN H 42 9.77 11.01 -33.33
N SER H 43 10.61 11.12 -32.30
CA SER H 43 11.71 12.07 -32.29
C SER H 43 12.79 11.68 -33.30
N ILE H 44 13.18 10.40 -33.33
CA ILE H 44 14.23 9.92 -34.22
C ILE H 44 13.75 10.06 -35.69
N VAL H 45 12.50 9.67 -35.94
CA VAL H 45 11.93 9.77 -37.26
C VAL H 45 11.98 11.24 -37.73
N SER H 46 11.55 12.16 -36.85
CA SER H 46 11.52 13.57 -37.17
C SER H 46 12.93 14.09 -37.47
N GLN H 47 13.92 13.63 -36.69
CA GLN H 47 15.29 14.05 -36.89
C GLN H 47 15.80 13.55 -38.26
N LEU H 48 15.50 12.30 -38.61
CA LEU H 48 15.96 11.71 -39.87
C LEU H 48 15.39 12.54 -41.04
N LEU H 49 14.09 12.86 -40.99
CA LEU H 49 13.43 13.55 -42.08
C LEU H 49 13.96 14.99 -42.20
N PHE H 50 14.24 15.62 -41.06
CA PHE H 50 14.75 16.97 -41.02
C PHE H 50 16.15 17.01 -41.64
N LEU H 51 17.02 16.04 -41.28
CA LEU H 51 18.37 15.99 -41.82
C LEU H 51 18.32 15.74 -43.33
N GLN H 52 17.40 14.88 -43.80
CA GLN H 52 17.27 14.65 -45.23
C GLN H 52 16.90 15.95 -45.94
N ALA H 53 15.99 16.74 -45.35
CA ALA H 53 15.53 18.01 -45.93
C ALA H 53 16.70 19.03 -45.99
N GLN H 54 17.56 19.01 -44.97
CA GLN H 54 18.75 19.90 -44.96
C GLN H 54 19.74 19.50 -46.06
N ASP H 55 19.93 18.20 -46.27
CA ASP H 55 20.87 17.68 -47.24
C ASP H 55 20.57 16.21 -47.52
N SER H 56 20.18 15.91 -48.76
CA SER H 56 19.70 14.58 -49.12
C SER H 56 20.85 13.64 -49.49
N GLU H 57 22.09 14.14 -49.52
CA GLU H 57 23.26 13.35 -49.98
C GLU H 57 24.21 13.01 -48.82
N LYS H 58 24.35 13.89 -47.84
CA LYS H 58 25.33 13.70 -46.76
C LYS H 58 24.85 12.58 -45.80
N ASP H 59 25.82 11.80 -45.32
CA ASP H 59 25.57 10.73 -44.37
C ASP H 59 24.96 11.30 -43.09
N ILE H 60 24.15 10.45 -42.44
CA ILE H 60 23.64 10.62 -41.10
C ILE H 60 24.30 9.54 -40.21
N TYR H 61 24.51 9.88 -38.94
CA TYR H 61 25.18 8.98 -37.97
C TYR H 61 24.22 8.70 -36.79
N LEU H 62 23.81 7.44 -36.65
CA LEU H 62 22.94 6.99 -35.57
C LEU H 62 23.77 6.24 -34.53
N TYR H 63 23.97 6.87 -33.37
CA TYR H 63 24.70 6.29 -32.24
C TYR H 63 23.70 5.55 -31.34
N ILE H 64 23.99 4.29 -31.04
CA ILE H 64 23.06 3.40 -30.37
C ILE H 64 23.65 2.92 -29.05
N ASN H 65 22.91 3.20 -27.97
CA ASN H 65 23.15 2.67 -26.63
C ASN H 65 21.77 2.41 -26.01
N SER H 66 21.17 1.26 -26.30
CA SER H 66 19.76 1.03 -26.09
C SER H 66 19.49 -0.44 -25.75
N PRO H 67 18.64 -0.72 -24.74
CA PRO H 67 18.21 -2.09 -24.46
C PRO H 67 17.02 -2.55 -25.33
N GLY H 68 16.63 -1.73 -26.30
CA GLY H 68 15.51 -2.03 -27.17
C GLY H 68 14.22 -1.47 -26.62
N GLY H 69 13.10 -2.14 -26.95
CA GLY H 69 11.78 -1.69 -26.54
C GLY H 69 10.71 -2.12 -27.53
N SER H 70 9.78 -1.20 -27.83
CA SER H 70 8.61 -1.48 -28.66
C SER H 70 9.04 -1.84 -30.10
N VAL H 71 8.49 -2.94 -30.61
CA VAL H 71 8.77 -3.40 -31.95
C VAL H 71 8.19 -2.43 -32.99
N THR H 72 6.96 -1.93 -32.76
CA THR H 72 6.34 -1.03 -33.73
C THR H 72 7.09 0.30 -33.77
N ALA H 73 7.53 0.79 -32.61
CA ALA H 73 8.31 2.02 -32.54
C ALA H 73 9.65 1.82 -33.28
N GLY H 74 10.27 0.67 -33.07
CA GLY H 74 11.50 0.27 -33.75
C GLY H 74 11.32 0.23 -35.27
N PHE H 75 10.18 -0.26 -35.72
CA PHE H 75 9.92 -0.36 -37.16
C PHE H 75 9.64 1.02 -37.78
N ALA H 76 9.11 1.97 -37.00
CA ALA H 76 8.97 3.35 -37.48
C ALA H 76 10.36 3.90 -37.84
N ILE H 77 11.35 3.64 -36.98
CA ILE H 77 12.71 4.08 -37.19
C ILE H 77 13.32 3.33 -38.40
N TYR H 78 13.17 2.01 -38.41
CA TYR H 78 13.73 1.15 -39.45
C TYR H 78 13.25 1.64 -40.83
N ASP H 79 11.93 1.81 -40.98
CA ASP H 79 11.33 2.14 -42.26
C ASP H 79 11.76 3.55 -42.69
N THR H 80 11.94 4.47 -41.74
CA THR H 80 12.37 5.80 -42.07
C THR H 80 13.82 5.77 -42.56
N ILE H 81 14.68 4.99 -41.91
CA ILE H 81 16.06 4.82 -42.35
C ILE H 81 16.09 4.34 -43.82
N GLN H 82 15.31 3.31 -44.14
CA GLN H 82 15.34 2.73 -45.49
C GLN H 82 14.72 3.71 -46.49
N HIS H 83 13.75 4.52 -46.06
CA HIS H 83 13.05 5.43 -46.96
C HIS H 83 13.93 6.60 -47.43
N ILE H 84 14.69 7.22 -46.54
CA ILE H 84 15.41 8.45 -46.87
C ILE H 84 16.60 8.12 -47.80
N LYS H 85 17.08 9.15 -48.51
CA LYS H 85 18.17 9.01 -49.50
C LYS H 85 19.53 8.90 -48.81
N PRO H 86 19.86 9.72 -47.80
CA PRO H 86 21.17 9.61 -47.15
C PRO H 86 21.43 8.22 -46.57
N ASP H 87 22.69 7.77 -46.64
CA ASP H 87 23.13 6.62 -45.88
C ASP H 87 23.08 6.95 -44.39
N VAL H 88 22.56 6.00 -43.59
CA VAL H 88 22.58 6.13 -42.14
C VAL H 88 23.61 5.15 -41.59
N GLN H 89 24.74 5.68 -41.10
CA GLN H 89 25.73 4.90 -40.39
C GLN H 89 25.18 4.59 -38.99
N THR H 90 25.49 3.39 -38.47
CA THR H 90 25.12 3.00 -37.12
C THR H 90 26.39 2.67 -36.33
N ILE H 91 26.46 3.17 -35.10
CA ILE H 91 27.56 2.91 -34.18
C ILE H 91 26.98 2.45 -32.84
N CYS H 92 27.28 1.22 -32.46
CA CYS H 92 26.96 0.72 -31.15
C CYS H 92 28.03 1.11 -30.15
N ILE H 93 27.63 1.93 -29.18
CA ILE H 93 28.42 2.26 -28.00
C ILE H 93 27.70 1.63 -26.81
N GLY H 94 28.43 0.89 -25.98
CA GLY H 94 27.83 0.31 -24.79
C GLY H 94 27.02 -0.95 -25.09
N MET H 95 25.77 -0.78 -25.49
CA MET H 95 24.82 -1.89 -25.63
C MET H 95 23.86 -1.63 -26.79
N ALA H 96 23.61 -2.67 -27.59
CA ALA H 96 22.49 -2.70 -28.49
C ALA H 96 21.80 -4.05 -28.32
N ALA H 97 20.64 -4.06 -27.66
CA ALA H 97 19.90 -5.27 -27.35
C ALA H 97 18.51 -5.20 -28.00
N SER H 98 18.02 -6.37 -28.41
CA SER H 98 16.68 -6.56 -28.95
C SER H 98 16.47 -5.63 -30.17
N MET H 99 15.44 -4.78 -30.14
CA MET H 99 15.17 -3.87 -31.23
C MET H 99 16.36 -2.91 -31.44
N GLY H 100 17.17 -2.69 -30.40
CA GLY H 100 18.41 -1.92 -30.52
C GLY H 100 19.40 -2.56 -31.49
N SER H 101 19.54 -3.88 -31.42
CA SER H 101 20.48 -4.59 -32.27
C SER H 101 19.92 -4.72 -33.69
N PHE H 102 18.58 -4.82 -33.79
CA PHE H 102 17.91 -4.81 -35.08
C PHE H 102 18.23 -3.51 -35.83
N LEU H 103 18.18 -2.37 -35.12
CA LEU H 103 18.43 -1.06 -35.75
C LEU H 103 19.92 -0.89 -36.07
N LEU H 104 20.80 -1.43 -35.22
CA LEU H 104 22.23 -1.44 -35.50
C LEU H 104 22.49 -2.14 -36.86
N ALA H 105 21.85 -3.29 -37.07
CA ALA H 105 22.00 -4.10 -38.28
C ALA H 105 21.38 -3.41 -39.49
N ALA H 106 20.51 -2.42 -39.27
CA ALA H 106 19.75 -1.73 -40.33
C ALA H 106 20.53 -0.56 -40.95
N GLY H 107 21.71 -0.21 -40.41
CA GLY H 107 22.55 0.85 -40.97
C GLY H 107 23.03 0.51 -42.38
N ALA H 108 23.53 1.51 -43.11
CA ALA H 108 23.99 1.31 -44.49
C ALA H 108 25.09 0.25 -44.51
N LYS H 109 25.04 -0.64 -45.51
CA LYS H 109 26.00 -1.73 -45.63
C LYS H 109 27.40 -1.15 -45.78
N GLY H 110 28.35 -1.67 -45.00
CA GLY H 110 29.70 -1.16 -44.93
C GLY H 110 29.88 -0.06 -43.90
N LYS H 111 28.79 0.43 -43.30
CA LYS H 111 28.89 1.58 -42.36
C LYS H 111 28.17 1.28 -41.03
N ARG H 112 28.23 0.02 -40.59
CA ARG H 112 27.72 -0.42 -39.30
C ARG H 112 28.91 -0.78 -38.41
N PHE H 113 29.01 -0.10 -37.27
CA PHE H 113 30.18 -0.18 -36.39
C PHE H 113 29.75 -0.50 -34.96
N ALA H 114 30.70 -1.05 -34.19
CA ALA H 114 30.61 -1.14 -32.75
C ALA H 114 31.99 -0.86 -32.14
N LEU H 115 32.00 -0.23 -30.96
CA LEU H 115 33.21 -0.06 -30.19
C LEU H 115 33.61 -1.40 -29.59
N PRO H 116 34.91 -1.61 -29.27
CA PRO H 116 35.43 -2.95 -28.99
C PRO H 116 34.75 -3.69 -27.83
N ASN H 117 34.31 -2.95 -26.82
CA ASN H 117 33.76 -3.57 -25.61
C ASN H 117 32.22 -3.48 -25.59
N ALA H 118 31.63 -3.04 -26.69
CA ALA H 118 30.18 -2.97 -26.81
C ALA H 118 29.56 -4.38 -26.79
N GLU H 119 28.35 -4.46 -26.27
CA GLU H 119 27.56 -5.68 -26.12
C GLU H 119 26.38 -5.60 -27.10
N VAL H 120 26.21 -6.66 -27.91
CA VAL H 120 25.08 -6.80 -28.78
C VAL H 120 24.29 -8.02 -28.31
N MET H 121 22.96 -7.91 -28.26
CA MET H 121 22.15 -9.04 -27.84
C MET H 121 20.93 -9.16 -28.77
N ILE H 122 20.67 -10.39 -29.20
CA ILE H 122 19.53 -10.72 -30.05
C ILE H 122 18.70 -11.78 -29.32
N HIS H 123 17.38 -11.72 -29.52
CA HIS H 123 16.45 -12.70 -28.94
C HIS H 123 15.11 -12.57 -29.69
N GLN H 124 14.11 -13.35 -29.28
CA GLN H 124 12.81 -13.30 -29.94
C GLN H 124 11.96 -12.24 -29.24
N PRO H 125 10.92 -11.70 -29.93
CA PRO H 125 10.03 -10.72 -29.33
C PRO H 125 9.27 -11.27 -28.10
N LEU H 126 8.95 -10.33 -27.19
CA LEU H 126 8.27 -10.60 -25.94
C LEU H 126 6.88 -9.96 -26.01
N GLY H 127 5.92 -10.56 -25.31
CA GLY H 127 4.59 -10.01 -25.25
C GLY H 127 3.70 -10.76 -24.29
N GLY H 128 2.39 -10.60 -24.50
CA GLY H 128 1.41 -11.06 -23.58
C GLY H 128 0.08 -11.28 -24.27
N ALA H 129 -0.77 -12.08 -23.60
CA ALA H 129 -2.13 -12.30 -24.05
C ALA H 129 -2.94 -12.84 -22.86
N GLN H 130 -4.14 -12.29 -22.71
CA GLN H 130 -5.11 -12.67 -21.69
C GLN H 130 -6.49 -12.75 -22.35
N GLY H 131 -7.33 -13.69 -21.91
CA GLY H 131 -8.75 -13.70 -22.27
C GLY H 131 -9.25 -15.04 -22.76
N GLN H 132 -10.16 -14.99 -23.72
CA GLN H 132 -10.75 -16.18 -24.32
C GLN H 132 -9.70 -16.89 -25.20
N ALA H 133 -9.88 -18.19 -25.40
CA ALA H 133 -8.98 -18.99 -26.24
C ALA H 133 -8.73 -18.30 -27.59
N THR H 134 -9.82 -17.84 -28.22
CA THR H 134 -9.81 -17.14 -29.53
C THR H 134 -8.95 -15.87 -29.48
N GLU H 135 -9.01 -15.12 -28.37
CA GLU H 135 -8.22 -13.90 -28.22
C GLU H 135 -6.73 -14.24 -28.07
N ILE H 136 -6.43 -15.34 -27.38
CA ILE H 136 -5.06 -15.74 -27.16
C ILE H 136 -4.45 -16.21 -28.51
N GLU H 137 -5.29 -16.88 -29.31
CA GLU H 137 -4.93 -17.34 -30.64
C GLU H 137 -4.52 -16.15 -31.52
N ILE H 138 -5.34 -15.10 -31.53
CA ILE H 138 -5.08 -13.90 -32.32
C ILE H 138 -3.76 -13.26 -31.88
N ALA H 139 -3.56 -13.11 -30.56
CA ALA H 139 -2.33 -12.52 -30.03
C ALA H 139 -1.10 -13.36 -30.41
N ALA H 140 -1.22 -14.68 -30.32
CA ALA H 140 -0.12 -15.60 -30.64
C ALA H 140 0.24 -15.49 -32.12
N ASN H 141 -0.76 -15.53 -32.99
CA ASN H 141 -0.57 -15.42 -34.45
C ASN H 141 0.13 -14.10 -34.77
N HIS H 142 -0.30 -13.01 -34.13
CA HIS H 142 0.30 -11.70 -34.35
C HIS H 142 1.78 -11.67 -33.95
N ILE H 143 2.12 -12.18 -32.75
CA ILE H 143 3.51 -12.09 -32.30
C ILE H 143 4.39 -13.04 -33.14
N LEU H 144 3.86 -14.19 -33.57
CA LEU H 144 4.64 -15.11 -34.41
C LEU H 144 4.91 -14.48 -35.79
N LYS H 145 3.92 -13.78 -36.35
CA LYS H 145 4.07 -13.08 -37.63
C LYS H 145 5.11 -11.95 -37.48
N THR H 146 5.09 -11.26 -36.33
CA THR H 146 6.07 -10.21 -36.04
C THR H 146 7.48 -10.80 -35.99
N ARG H 147 7.62 -11.98 -35.36
CA ARG H 147 8.91 -12.63 -35.28
C ARG H 147 9.43 -13.03 -36.67
N GLU H 148 8.55 -13.61 -37.50
CA GLU H 148 8.89 -13.99 -38.89
C GLU H 148 9.40 -12.76 -39.66
N LYS H 149 8.74 -11.61 -39.50
CA LYS H 149 9.09 -10.37 -40.18
C LYS H 149 10.48 -9.89 -39.72
N LEU H 150 10.72 -9.90 -38.39
CA LEU H 150 12.02 -9.51 -37.86
C LEU H 150 13.13 -10.44 -38.40
N ASN H 151 12.87 -11.75 -38.37
CA ASN H 151 13.88 -12.74 -38.72
C ASN H 151 14.23 -12.67 -40.21
N ARG H 152 13.23 -12.45 -41.06
CA ARG H 152 13.43 -12.31 -42.48
C ARG H 152 14.35 -11.12 -42.76
N ILE H 153 14.05 -9.97 -42.15
CA ILE H 153 14.85 -8.79 -42.39
C ILE H 153 16.27 -9.03 -41.84
N LEU H 154 16.39 -9.65 -40.67
CA LEU H 154 17.72 -9.89 -40.08
C LEU H 154 18.55 -10.81 -40.98
N SER H 155 17.87 -11.80 -41.60
CA SER H 155 18.51 -12.69 -42.56
C SER H 155 19.12 -11.89 -43.72
N GLU H 156 18.32 -11.00 -44.30
CA GLU H 156 18.74 -10.13 -45.41
C GLU H 156 19.91 -9.23 -44.98
N ARG H 157 19.87 -8.68 -43.75
CA ARG H 157 20.85 -7.69 -43.33
C ARG H 157 22.16 -8.38 -42.91
N THR H 158 22.11 -9.62 -42.44
CA THR H 158 23.29 -10.30 -41.91
C THR H 158 23.91 -11.28 -42.92
N GLY H 159 23.12 -11.79 -43.85
CA GLY H 159 23.54 -12.87 -44.76
C GLY H 159 23.38 -14.26 -44.13
N GLN H 160 22.85 -14.36 -42.91
CA GLN H 160 22.60 -15.67 -42.29
C GLN H 160 21.24 -16.19 -42.78
N SER H 161 21.08 -17.53 -42.80
CA SER H 161 19.80 -18.13 -43.17
C SER H 161 18.75 -17.82 -42.09
N ILE H 162 17.48 -17.84 -42.51
CA ILE H 162 16.35 -17.67 -41.64
C ILE H 162 16.36 -18.76 -40.55
N GLU H 163 16.76 -19.99 -40.93
CA GLU H 163 16.81 -21.13 -40.01
C GLU H 163 17.81 -20.87 -38.88
N LYS H 164 18.99 -20.35 -39.25
CA LYS H 164 20.02 -20.05 -38.28
C LYS H 164 19.57 -18.87 -37.37
N ILE H 165 18.95 -17.83 -37.92
CA ILE H 165 18.47 -16.68 -37.14
C ILE H 165 17.44 -17.18 -36.09
N GLN H 166 16.53 -18.06 -36.53
CA GLN H 166 15.48 -18.63 -35.68
C GLN H 166 16.14 -19.34 -34.48
N LYS H 167 17.13 -20.20 -34.73
CA LYS H 167 17.81 -20.96 -33.68
C LYS H 167 18.59 -20.01 -32.76
N ASP H 168 19.26 -18.99 -33.33
CA ASP H 168 20.17 -18.14 -32.57
C ASP H 168 19.42 -17.08 -31.75
N THR H 169 18.12 -16.87 -32.01
CA THR H 169 17.31 -15.89 -31.29
C THR H 169 16.30 -16.58 -30.36
N ASP H 170 16.37 -17.90 -30.23
CA ASP H 170 15.42 -18.68 -29.45
C ASP H 170 15.48 -18.25 -27.97
N ARG H 171 16.69 -17.98 -27.46
CA ARG H 171 16.90 -17.40 -26.13
C ARG H 171 17.89 -16.24 -26.27
N ASP H 172 18.05 -15.47 -25.18
CA ASP H 172 18.97 -14.38 -25.15
C ASP H 172 20.33 -14.86 -25.64
N ASN H 173 20.88 -14.14 -26.62
CA ASN H 173 22.16 -14.46 -27.21
C ASN H 173 23.02 -13.19 -27.23
N PHE H 174 24.03 -13.17 -26.35
CA PHE H 174 24.95 -12.05 -26.18
C PHE H 174 26.16 -12.22 -27.11
N LEU H 175 26.49 -11.18 -27.87
CA LEU H 175 27.65 -11.18 -28.77
C LEU H 175 28.61 -10.05 -28.36
N THR H 176 29.91 -10.34 -28.40
CA THR H 176 30.94 -9.31 -28.41
C THR H 176 30.88 -8.55 -29.76
N ALA H 177 31.57 -7.40 -29.83
CA ALA H 177 31.62 -6.62 -31.07
C ALA H 177 32.18 -7.49 -32.21
N GLU H 178 33.26 -8.21 -31.90
CA GLU H 178 33.96 -9.06 -32.87
C GLU H 178 33.01 -10.15 -33.36
N GLU H 179 32.27 -10.77 -32.43
CA GLU H 179 31.28 -11.80 -32.78
C GLU H 179 30.16 -11.20 -33.64
N ALA H 180 29.72 -9.97 -33.32
CA ALA H 180 28.67 -9.31 -34.08
C ALA H 180 29.13 -9.07 -35.53
N LYS H 181 30.42 -8.74 -35.69
CA LYS H 181 31.00 -8.56 -37.02
C LYS H 181 30.99 -9.90 -37.78
N GLU H 182 31.45 -10.97 -37.13
CA GLU H 182 31.49 -12.31 -37.74
C GLU H 182 30.07 -12.74 -38.12
N TYR H 183 29.08 -12.35 -37.32
CA TYR H 183 27.70 -12.75 -37.55
C TYR H 183 27.10 -11.97 -38.74
N GLY H 184 27.61 -10.77 -39.00
CA GLY H 184 27.09 -9.89 -40.05
C GLY H 184 26.12 -8.82 -39.54
N LEU H 185 26.06 -8.60 -38.23
CA LEU H 185 25.20 -7.54 -37.64
C LEU H 185 25.86 -6.17 -37.83
N ILE H 186 27.20 -6.15 -37.82
CA ILE H 186 27.99 -4.96 -38.11
C ILE H 186 29.05 -5.32 -39.15
N ASP H 187 29.72 -4.28 -39.69
CA ASP H 187 30.74 -4.44 -40.72
C ASP H 187 32.14 -4.34 -40.13
N GLU H 188 32.35 -3.49 -39.12
CA GLU H 188 33.70 -3.24 -38.59
C GLU H 188 33.59 -2.98 -37.08
N VAL H 189 34.58 -3.47 -36.34
CA VAL H 189 34.86 -3.03 -35.01
C VAL H 189 35.74 -1.78 -35.10
N MET H 190 35.31 -0.72 -34.44
CA MET H 190 35.98 0.56 -34.45
C MET H 190 37.12 0.51 -33.41
N VAL H 191 38.36 0.38 -33.90
CA VAL H 191 39.53 0.19 -33.06
C VAL H 191 40.19 1.55 -32.77
N PRO H 192 40.83 1.72 -31.59
CA PRO H 192 41.34 3.02 -31.17
C PRO H 192 42.61 3.43 -31.92
N ILE I 4 21.62 23.97 -8.59
CA ILE I 4 22.89 24.14 -9.40
C ILE I 4 23.13 25.63 -9.61
N PRO I 5 24.18 26.23 -8.99
CA PRO I 5 24.40 27.67 -9.06
C PRO I 5 24.95 28.11 -10.43
N THR I 6 24.72 29.40 -10.70
CA THR I 6 25.09 30.06 -11.93
C THR I 6 26.32 30.93 -11.65
N VAL I 7 27.21 31.05 -12.64
CA VAL I 7 28.42 31.88 -12.53
C VAL I 7 28.37 32.96 -13.62
N TYR I 18 26.34 31.01 -17.08
CA TYR I 18 26.51 29.54 -17.23
C TYR I 18 26.15 28.82 -15.92
N ASP I 19 25.49 27.65 -16.03
CA ASP I 19 25.52 26.69 -14.92
C ASP I 19 26.98 26.23 -14.72
N ILE I 20 27.33 25.88 -13.48
CA ILE I 20 28.73 25.67 -13.10
C ILE I 20 29.35 24.54 -13.93
N TYR I 21 28.60 23.47 -14.22
CA TYR I 21 29.14 22.32 -14.94
C TYR I 21 29.43 22.69 -16.41
N SER I 22 28.56 23.51 -17.01
CA SER I 22 28.78 23.99 -18.37
C SER I 22 30.02 24.89 -18.42
N ARG I 23 30.23 25.68 -17.36
CA ARG I 23 31.41 26.52 -17.26
C ARG I 23 32.69 25.66 -17.19
N LEU I 24 32.64 24.57 -16.42
CA LEU I 24 33.79 23.67 -16.30
C LEU I 24 34.06 22.95 -17.64
N LEU I 25 33.00 22.62 -18.38
CA LEU I 25 33.14 21.94 -19.66
C LEU I 25 33.87 22.83 -20.68
N LYS I 26 33.69 24.15 -20.56
CA LYS I 26 34.41 25.12 -21.39
C LYS I 26 35.92 24.98 -21.18
N ASP I 27 36.37 24.53 -19.99
CA ASP I 27 37.80 24.29 -19.70
C ASP I 27 38.17 22.80 -19.84
N ARG I 28 37.31 22.02 -20.51
CA ARG I 28 37.54 20.63 -20.89
C ARG I 28 37.48 19.71 -19.65
N ILE I 29 36.73 20.13 -18.62
CA ILE I 29 36.46 19.30 -17.45
C ILE I 29 35.09 18.64 -17.62
N ILE I 30 35.07 17.31 -17.49
CA ILE I 30 33.84 16.50 -17.49
C ILE I 30 33.65 15.96 -16.07
N MET I 31 32.43 16.10 -15.53
CA MET I 31 32.11 15.60 -14.19
C MET I 31 31.34 14.27 -14.29
N LEU I 32 31.93 13.21 -13.74
CA LEU I 32 31.22 11.95 -13.51
C LEU I 32 30.98 11.83 -12.00
N GLY I 33 29.86 12.40 -11.58
CA GLY I 33 29.57 12.64 -10.19
C GLY I 33 28.31 11.94 -9.73
N SER I 34 27.91 10.86 -10.42
CA SER I 34 26.72 10.12 -10.04
C SER I 34 26.88 8.64 -10.37
N GLN I 35 25.84 7.87 -10.05
CA GLN I 35 25.67 6.51 -10.49
C GLN I 35 25.72 6.47 -12.04
N ILE I 36 26.39 5.44 -12.57
CA ILE I 36 26.54 5.30 -14.01
C ILE I 36 25.35 4.53 -14.59
N ASP I 37 24.47 5.24 -15.29
CA ASP I 37 23.42 4.65 -16.12
C ASP I 37 23.62 5.12 -17.56
N ASP I 38 22.71 4.69 -18.46
CA ASP I 38 22.80 4.97 -19.87
C ASP I 38 22.80 6.49 -20.13
N ASN I 39 21.95 7.25 -19.43
CA ASN I 39 21.86 8.72 -19.62
C ASN I 39 23.19 9.40 -19.29
N VAL I 40 23.83 8.98 -18.18
CA VAL I 40 25.10 9.53 -17.77
C VAL I 40 26.16 9.20 -18.84
N ALA I 41 26.19 7.94 -19.28
CA ALA I 41 27.14 7.49 -20.29
C ALA I 41 26.97 8.27 -21.60
N ASN I 42 25.73 8.40 -22.07
CA ASN I 42 25.46 9.08 -23.35
C ASN I 42 25.95 10.54 -23.29
N SER I 43 25.77 11.18 -22.13
CA SER I 43 26.19 12.54 -21.92
C SER I 43 27.72 12.65 -21.89
N ILE I 44 28.39 11.75 -21.16
CA ILE I 44 29.85 11.79 -21.03
C ILE I 44 30.48 11.51 -22.41
N VAL I 45 29.96 10.50 -23.11
CA VAL I 45 30.45 10.15 -24.43
C VAL I 45 30.34 11.38 -25.35
N SER I 46 29.18 12.04 -25.34
CA SER I 46 28.94 13.19 -26.19
C SER I 46 29.92 14.33 -25.85
N GLN I 47 30.18 14.52 -24.55
CA GLN I 47 31.09 15.55 -24.12
C GLN I 47 32.52 15.24 -24.62
N LEU I 48 32.95 13.98 -24.50
CA LEU I 48 34.30 13.58 -24.92
C LEU I 48 34.47 13.87 -26.42
N LEU I 49 33.47 13.47 -27.22
CA LEU I 49 33.58 13.61 -28.67
C LEU I 49 33.57 15.09 -29.08
N PHE I 50 32.77 15.90 -28.37
CA PHE I 50 32.67 17.32 -28.63
C PHE I 50 34.00 18.00 -28.32
N LEU I 51 34.63 17.66 -27.19
CA LEU I 51 35.89 18.25 -26.80
C LEU I 51 36.98 17.86 -27.81
N GLN I 52 36.97 16.60 -28.29
CA GLN I 52 37.92 16.18 -29.29
C GLN I 52 37.76 17.03 -30.55
N ALA I 53 36.52 17.30 -30.97
CA ALA I 53 36.23 18.06 -32.19
C ALA I 53 36.70 19.51 -32.02
N GLN I 54 36.60 20.07 -30.80
CA GLN I 54 37.08 21.43 -30.53
C GLN I 54 38.62 21.48 -30.61
N ASP I 55 39.29 20.45 -30.10
CA ASP I 55 40.75 20.39 -30.05
C ASP I 55 41.19 18.95 -29.80
N SER I 56 41.87 18.35 -30.77
CA SER I 56 42.21 16.95 -30.74
C SER I 56 43.53 16.69 -29.99
N GLU I 57 44.22 17.74 -29.55
CA GLU I 57 45.54 17.61 -28.88
C GLU I 57 45.47 17.94 -27.38
N LYS I 58 44.61 18.86 -26.97
CA LYS I 58 44.57 19.32 -25.56
C LYS I 58 43.96 18.24 -24.67
N ASP I 59 44.50 18.12 -23.46
CA ASP I 59 44.02 17.18 -22.47
C ASP I 59 42.56 17.48 -22.11
N ILE I 60 41.85 16.42 -21.74
CA ILE I 60 40.54 16.44 -21.13
C ILE I 60 40.70 15.94 -19.68
N TYR I 61 39.85 16.45 -18.78
CA TYR I 61 39.92 16.12 -17.34
C TYR I 61 38.58 15.51 -16.90
N LEU I 62 38.61 14.23 -16.52
CA LEU I 62 37.44 13.51 -16.02
C LEU I 62 37.54 13.41 -14.49
N TYR I 63 36.68 14.17 -13.80
CA TYR I 63 36.58 14.15 -12.34
C TYR I 63 35.55 13.10 -11.93
N ILE I 64 35.94 12.21 -11.02
CA ILE I 64 35.13 11.04 -10.69
C ILE I 64 34.78 11.06 -9.21
N ASN I 65 33.47 11.03 -8.94
CA ASN I 65 32.89 10.81 -7.62
C ASN I 65 31.64 9.96 -7.81
N SER I 66 31.82 8.64 -7.88
CA SER I 66 30.80 7.74 -8.40
C SER I 66 30.85 6.39 -7.70
N PRO I 67 29.68 5.81 -7.31
CA PRO I 67 29.64 4.46 -6.77
C PRO I 67 29.59 3.37 -7.88
N GLY I 68 29.75 3.78 -9.15
CA GLY I 68 29.66 2.85 -10.25
C GLY I 68 28.24 2.79 -10.78
N GLY I 69 27.87 1.62 -11.33
CA GLY I 69 26.58 1.39 -11.97
C GLY I 69 26.69 0.38 -13.10
N SER I 70 25.98 0.65 -14.19
CA SER I 70 25.86 -0.26 -15.32
C SER I 70 27.24 -0.49 -15.97
N VAL I 71 27.57 -1.77 -16.20
CA VAL I 71 28.83 -2.15 -16.82
C VAL I 71 28.85 -1.73 -18.28
N THR I 72 27.73 -1.91 -19.00
CA THR I 72 27.71 -1.56 -20.42
C THR I 72 27.82 -0.04 -20.59
N ALA I 73 27.15 0.72 -19.71
CA ALA I 73 27.24 2.18 -19.75
C ALA I 73 28.70 2.61 -19.47
N GLY I 74 29.32 1.96 -18.48
CA GLY I 74 30.71 2.19 -18.14
C GLY I 74 31.66 1.91 -19.30
N PHE I 75 31.36 0.85 -20.06
CA PHE I 75 32.19 0.48 -21.21
C PHE I 75 32.01 1.46 -22.38
N ALA I 76 30.84 2.07 -22.51
CA ALA I 76 30.64 3.13 -23.50
C ALA I 76 31.64 4.27 -23.24
N ILE I 77 31.79 4.64 -21.96
CA ILE I 77 32.70 5.70 -21.55
C ILE I 77 34.16 5.24 -21.77
N TYR I 78 34.48 4.03 -21.31
CA TYR I 78 35.82 3.47 -21.41
C TYR I 78 36.29 3.49 -22.88
N ASP I 79 35.46 2.95 -23.77
CA ASP I 79 35.81 2.80 -25.18
C ASP I 79 35.98 4.17 -25.84
N THR I 80 35.16 5.15 -25.43
CA THR I 80 35.27 6.48 -25.98
C THR I 80 36.57 7.13 -25.54
N ILE I 81 36.94 6.97 -24.28
CA ILE I 81 38.23 7.47 -23.76
C ILE I 81 39.38 6.91 -24.62
N GLN I 82 39.39 5.60 -24.86
CA GLN I 82 40.51 4.98 -25.57
C GLN I 82 40.47 5.40 -27.05
N HIS I 83 39.28 5.64 -27.60
CA HIS I 83 39.15 5.98 -29.01
C HIS I 83 39.71 7.36 -29.36
N ILE I 84 39.42 8.38 -28.55
CA ILE I 84 39.72 9.77 -28.92
C ILE I 84 41.24 10.00 -28.79
N LYS I 85 41.71 11.06 -29.47
CA LYS I 85 43.14 11.39 -29.54
C LYS I 85 43.62 12.05 -28.24
N PRO I 86 42.89 13.03 -27.68
CA PRO I 86 43.34 13.68 -26.45
C PRO I 86 43.56 12.69 -25.30
N ASP I 87 44.58 12.94 -24.48
CA ASP I 87 44.72 12.27 -23.21
C ASP I 87 43.55 12.68 -22.30
N VAL I 88 42.96 11.69 -21.62
CA VAL I 88 41.93 11.94 -20.62
C VAL I 88 42.56 11.68 -19.24
N GLN I 89 42.80 12.76 -18.49
CA GLN I 89 43.21 12.66 -17.11
C GLN I 89 42.00 12.24 -16.27
N THR I 90 42.24 11.42 -15.23
CA THR I 90 41.19 11.03 -14.29
C THR I 90 41.63 11.48 -12.89
N ILE I 91 40.67 12.07 -12.17
CA ILE I 91 40.88 12.50 -10.79
C ILE I 91 39.73 11.95 -9.95
N CYS I 92 40.05 11.07 -9.00
CA CYS I 92 39.10 10.61 -8.02
C CYS I 92 39.02 11.61 -6.86
N ILE I 93 37.84 12.20 -6.71
CA ILE I 93 37.47 13.01 -5.56
C ILE I 93 36.38 12.24 -4.81
N GLY I 94 36.55 12.05 -3.52
CA GLY I 94 35.50 11.37 -2.74
C GLY I 94 35.57 9.85 -2.89
N MET I 95 34.94 9.31 -3.94
CA MET I 95 34.76 7.86 -4.10
C MET I 95 34.83 7.48 -5.58
N ALA I 96 35.53 6.38 -5.86
CA ALA I 96 35.42 5.68 -7.11
C ALA I 96 35.26 4.19 -6.78
N ALA I 97 34.05 3.67 -6.94
CA ALA I 97 33.73 2.29 -6.61
C ALA I 97 33.23 1.57 -7.87
N SER I 98 33.56 0.29 -7.96
CA SER I 98 33.09 -0.62 -9.01
C SER I 98 33.48 -0.05 -10.38
N MET I 99 32.50 0.17 -11.27
CA MET I 99 32.78 0.70 -12.61
C MET I 99 33.41 2.11 -12.51
N GLY I 100 33.18 2.81 -11.39
CA GLY I 100 33.84 4.08 -11.10
C GLY I 100 35.36 3.93 -11.01
N SER I 101 35.82 2.87 -10.34
CA SER I 101 37.25 2.66 -10.15
C SER I 101 37.87 2.12 -11.44
N PHE I 102 37.10 1.35 -12.20
CA PHE I 102 37.50 0.89 -13.52
C PHE I 102 37.81 2.10 -14.42
N LEU I 103 36.94 3.11 -14.40
CA LEU I 103 37.11 4.29 -15.24
C LEU I 103 38.28 5.15 -14.74
N LEU I 104 38.47 5.23 -13.42
CA LEU I 104 39.61 5.91 -12.85
C LEU I 104 40.92 5.32 -13.41
N ALA I 105 41.00 3.99 -13.44
CA ALA I 105 42.17 3.25 -13.91
C ALA I 105 42.36 3.39 -15.43
N ALA I 106 41.31 3.83 -16.15
CA ALA I 106 41.29 3.94 -17.62
C ALA I 106 41.89 5.26 -18.12
N GLY I 107 42.20 6.20 -17.23
CA GLY I 107 42.80 7.48 -17.62
C GLY I 107 44.17 7.30 -18.26
N ALA I 108 44.67 8.36 -18.91
CA ALA I 108 45.97 8.29 -19.60
C ALA I 108 47.06 7.93 -18.59
N LYS I 109 47.99 7.05 -18.99
CA LYS I 109 49.05 6.57 -18.11
C LYS I 109 49.91 7.77 -17.68
N GLY I 110 50.16 7.87 -16.38
CA GLY I 110 50.86 9.00 -15.79
C GLY I 110 49.93 10.13 -15.38
N LYS I 111 48.64 10.07 -15.73
CA LYS I 111 47.71 11.18 -15.47
C LYS I 111 46.43 10.69 -14.78
N ARG I 112 46.57 9.69 -13.91
CA ARG I 112 45.49 9.18 -13.08
C ARG I 112 45.78 9.56 -11.62
N PHE I 113 44.87 10.31 -11.01
CA PHE I 113 45.08 10.91 -9.70
C PHE I 113 43.92 10.56 -8.75
N ALA I 114 44.21 10.67 -7.46
CA ALA I 114 43.19 10.70 -6.42
C ALA I 114 43.62 11.71 -5.34
N LEU I 115 42.62 12.37 -4.74
CA LEU I 115 42.87 13.21 -3.57
C LEU I 115 43.16 12.31 -2.38
N PRO I 116 43.85 12.82 -1.34
CA PRO I 116 44.42 11.96 -0.30
C PRO I 116 43.41 11.10 0.47
N ASN I 117 42.20 11.61 0.65
CA ASN I 117 41.20 10.96 1.49
C ASN I 117 40.13 10.26 0.63
N ALA I 118 40.36 10.21 -0.69
CA ALA I 118 39.46 9.52 -1.61
C ALA I 118 39.49 8.01 -1.33
N GLU I 119 38.33 7.38 -1.58
CA GLU I 119 38.11 5.95 -1.38
C GLU I 119 37.96 5.32 -2.76
N VAL I 120 38.72 4.24 -3.00
CA VAL I 120 38.60 3.46 -4.20
C VAL I 120 38.14 2.07 -3.78
N MET I 121 37.19 1.49 -4.50
CA MET I 121 36.73 0.15 -4.19
C MET I 121 36.61 -0.67 -5.48
N ILE I 122 37.12 -1.91 -5.41
CA ILE I 122 37.03 -2.86 -6.52
C ILE I 122 36.32 -4.11 -6.00
N HIS I 123 35.56 -4.76 -6.88
CA HIS I 123 34.85 -6.01 -6.56
C HIS I 123 34.41 -6.65 -7.88
N GLN I 124 33.71 -7.78 -7.80
CA GLN I 124 33.26 -8.46 -9.01
C GLN I 124 31.88 -7.91 -9.38
N PRO I 125 31.48 -8.03 -10.67
CA PRO I 125 30.16 -7.58 -11.11
C PRO I 125 28.99 -8.29 -10.41
N LEU I 126 27.88 -7.56 -10.29
CA LEU I 126 26.67 -8.00 -9.63
C LEU I 126 25.58 -8.15 -10.69
N GLY I 127 24.66 -9.08 -10.45
CA GLY I 127 23.53 -9.30 -11.32
C GLY I 127 22.57 -10.31 -10.74
N GLY I 128 21.71 -10.83 -11.60
CA GLY I 128 20.67 -11.72 -11.20
C GLY I 128 19.99 -12.35 -12.39
N ALA I 129 19.17 -13.36 -12.11
CA ALA I 129 18.51 -14.16 -13.13
C ALA I 129 17.42 -14.97 -12.44
N GLN I 130 16.26 -15.05 -13.10
CA GLN I 130 15.12 -15.85 -12.71
C GLN I 130 14.60 -16.59 -13.96
N GLY I 131 14.11 -17.82 -13.77
CA GLY I 131 13.43 -18.58 -14.81
C GLY I 131 13.97 -20.00 -14.92
N GLN I 132 14.00 -20.51 -16.16
CA GLN I 132 14.36 -21.89 -16.43
C GLN I 132 15.86 -22.06 -16.24
N ALA I 133 16.26 -23.31 -15.96
CA ALA I 133 17.67 -23.67 -15.78
C ALA I 133 18.53 -23.11 -16.93
N THR I 134 18.07 -23.29 -18.17
CA THR I 134 18.74 -22.83 -19.40
C THR I 134 18.94 -21.30 -19.40
N GLU I 135 17.93 -20.56 -18.93
CA GLU I 135 18.00 -19.10 -18.85
C GLU I 135 19.02 -18.67 -17.79
N ILE I 136 19.08 -19.39 -16.68
CA ILE I 136 20.00 -19.06 -15.61
C ILE I 136 21.43 -19.31 -16.09
N GLU I 137 21.61 -20.38 -16.86
CA GLU I 137 22.89 -20.76 -17.45
C GLU I 137 23.41 -19.63 -18.35
N ILE I 138 22.54 -19.12 -19.23
CA ILE I 138 22.89 -18.03 -20.15
C ILE I 138 23.30 -16.78 -19.36
N ALA I 139 22.52 -16.42 -18.33
CA ALA I 139 22.82 -15.24 -17.50
C ALA I 139 24.16 -15.41 -16.79
N ALA I 140 24.41 -16.62 -16.25
CA ALA I 140 25.65 -16.90 -15.53
C ALA I 140 26.87 -16.80 -16.47
N ASN I 141 26.76 -17.42 -17.64
CA ASN I 141 27.83 -17.40 -18.66
C ASN I 141 28.14 -15.95 -19.04
N HIS I 142 27.08 -15.15 -19.24
CA HIS I 142 27.25 -13.76 -19.62
C HIS I 142 27.99 -12.96 -18.52
N ILE I 143 27.58 -13.09 -17.26
CA ILE I 143 28.22 -12.29 -16.21
C ILE I 143 29.65 -12.77 -15.96
N LEU I 144 29.91 -14.07 -16.11
CA LEU I 144 31.30 -14.58 -15.94
C LEU I 144 32.20 -14.04 -17.07
N LYS I 145 31.68 -13.97 -18.31
CA LYS I 145 32.42 -13.44 -19.45
C LYS I 145 32.68 -11.93 -19.22
N THR I 146 31.68 -11.22 -18.65
CA THR I 146 31.83 -9.81 -18.34
C THR I 146 32.95 -9.62 -17.31
N ARG I 147 32.99 -10.49 -16.30
CA ARG I 147 34.02 -10.39 -15.27
C ARG I 147 35.41 -10.63 -15.87
N GLU I 148 35.55 -11.66 -16.72
CA GLU I 148 36.83 -11.96 -17.41
C GLU I 148 37.32 -10.73 -18.19
N LYS I 149 36.40 -10.07 -18.90
CA LYS I 149 36.72 -8.89 -19.72
C LYS I 149 37.21 -7.74 -18.82
N LEU I 150 36.48 -7.48 -17.71
CA LEU I 150 36.87 -6.42 -16.79
C LEU I 150 38.26 -6.73 -16.20
N ASN I 151 38.48 -7.98 -15.77
CA ASN I 151 39.69 -8.35 -15.07
C ASN I 151 40.91 -8.26 -16.00
N ARG I 152 40.73 -8.68 -17.26
CA ARG I 152 41.79 -8.62 -18.25
C ARG I 152 42.22 -7.16 -18.46
N ILE I 153 41.25 -6.26 -18.64
CA ILE I 153 41.58 -4.88 -18.89
C ILE I 153 42.22 -4.28 -17.63
N LEU I 154 41.71 -4.63 -16.44
CA LEU I 154 42.30 -4.08 -15.20
C LEU I 154 43.75 -4.55 -15.06
N SER I 155 44.02 -5.79 -15.45
CA SER I 155 45.38 -6.35 -15.46
C SER I 155 46.30 -5.48 -16.32
N GLU I 156 45.86 -5.19 -17.55
CA GLU I 156 46.61 -4.35 -18.50
C GLU I 156 46.82 -2.94 -17.92
N ARG I 157 45.82 -2.36 -17.27
CA ARG I 157 45.89 -0.96 -16.84
C ARG I 157 46.71 -0.83 -15.54
N THR I 158 46.75 -1.88 -14.70
CA THR I 158 47.41 -1.80 -13.39
C THR I 158 48.81 -2.43 -13.41
N GLY I 159 49.05 -3.37 -14.32
CA GLY I 159 50.28 -4.17 -14.30
C GLY I 159 50.19 -5.38 -13.37
N GLN I 160 49.04 -5.61 -12.71
CA GLN I 160 48.86 -6.80 -11.87
C GLN I 160 48.46 -7.99 -12.74
N SER I 161 48.77 -9.20 -12.28
CA SER I 161 48.34 -10.41 -12.98
C SER I 161 46.82 -10.56 -12.89
N ILE I 162 46.26 -11.28 -13.87
CA ILE I 162 44.86 -11.62 -13.90
C ILE I 162 44.48 -12.42 -12.65
N GLU I 163 45.40 -13.29 -12.19
CA GLU I 163 45.19 -14.16 -11.04
C GLU I 163 45.04 -13.31 -9.78
N LYS I 164 45.89 -12.30 -9.63
CA LYS I 164 45.83 -11.42 -8.48
C LYS I 164 44.55 -10.55 -8.53
N ILE I 165 44.18 -10.03 -9.71
CA ILE I 165 42.95 -9.22 -9.84
C ILE I 165 41.74 -10.07 -9.42
N GLN I 166 41.69 -11.32 -9.89
CA GLN I 166 40.60 -12.27 -9.59
C GLN I 166 40.47 -12.42 -8.06
N LYS I 167 41.58 -12.67 -7.37
CA LYS I 167 41.58 -12.86 -5.91
C LYS I 167 41.18 -11.56 -5.20
N ASP I 168 41.67 -10.42 -5.67
CA ASP I 168 41.51 -9.15 -4.96
C ASP I 168 40.11 -8.55 -5.19
N THR I 169 39.35 -9.05 -6.17
CA THR I 169 38.01 -8.55 -6.49
C THR I 169 36.91 -9.55 -6.06
N ASP I 170 37.31 -10.63 -5.39
CA ASP I 170 36.38 -11.69 -5.03
C ASP I 170 35.30 -11.15 -4.09
N ARG I 171 35.67 -10.27 -3.15
CA ARG I 171 34.72 -9.50 -2.32
C ARG I 171 35.10 -8.02 -2.37
N ASP I 172 34.24 -7.17 -1.81
CA ASP I 172 34.50 -5.75 -1.73
C ASP I 172 35.89 -5.53 -1.14
N ASN I 173 36.69 -4.73 -1.86
CA ASN I 173 38.05 -4.44 -1.47
C ASN I 173 38.23 -2.91 -1.54
N PHE I 174 38.31 -2.29 -0.35
CA PHE I 174 38.47 -0.85 -0.19
C PHE I 174 39.95 -0.48 -0.17
N LEU I 175 40.35 0.51 -0.98
CA LEU I 175 41.71 1.01 -1.02
C LEU I 175 41.73 2.50 -0.67
N THR I 176 42.71 2.90 0.14
CA THR I 176 43.09 4.31 0.25
C THR I 176 43.70 4.79 -1.07
N ALA I 177 43.85 6.10 -1.23
CA ALA I 177 44.49 6.67 -2.41
C ALA I 177 45.90 6.10 -2.57
N GLU I 178 46.64 6.05 -1.47
CA GLU I 178 48.05 5.57 -1.45
C GLU I 178 48.08 4.10 -1.88
N GLU I 179 47.13 3.30 -1.36
CA GLU I 179 47.05 1.89 -1.72
C GLU I 179 46.69 1.75 -3.21
N ALA I 180 45.80 2.61 -3.72
CA ALA I 180 45.40 2.56 -5.12
C ALA I 180 46.61 2.86 -6.01
N LYS I 181 47.48 3.78 -5.58
CA LYS I 181 48.71 4.09 -6.28
C LYS I 181 49.63 2.87 -6.31
N GLU I 182 49.84 2.25 -5.15
CA GLU I 182 50.70 1.06 -5.05
C GLU I 182 50.16 -0.07 -5.92
N TYR I 183 48.83 -0.16 -6.03
CA TYR I 183 48.18 -1.21 -6.79
C TYR I 183 48.34 -0.99 -8.30
N GLY I 184 48.49 0.29 -8.72
CA GLY I 184 48.57 0.66 -10.13
C GLY I 184 47.24 1.14 -10.71
N LEU I 185 46.25 1.43 -9.85
CA LEU I 185 44.94 1.96 -10.34
C LEU I 185 45.08 3.45 -10.67
N ILE I 186 45.96 4.14 -9.94
CA ILE I 186 46.31 5.54 -10.20
C ILE I 186 47.84 5.67 -10.25
N ASP I 187 48.30 6.83 -10.70
CA ASP I 187 49.73 7.12 -10.83
C ASP I 187 50.24 7.98 -9.66
N GLU I 188 49.42 8.91 -9.17
CA GLU I 188 49.86 9.83 -8.13
C GLU I 188 48.69 10.16 -7.19
N VAL I 189 49.04 10.33 -5.90
CA VAL I 189 48.16 10.99 -4.96
C VAL I 189 48.42 12.50 -5.06
N MET I 190 47.35 13.24 -5.28
CA MET I 190 47.39 14.69 -5.43
C MET I 190 47.43 15.32 -4.02
N VAL I 191 48.61 15.80 -3.63
CA VAL I 191 48.85 16.35 -2.28
C VAL I 191 48.63 17.86 -2.30
N PRO I 192 48.19 18.47 -1.18
CA PRO I 192 47.89 19.91 -1.15
C PRO I 192 49.13 20.81 -1.16
N ILE J 4 12.82 30.69 -3.71
CA ILE J 4 14.18 31.33 -3.74
C ILE J 4 14.06 32.69 -4.43
N PRO J 5 14.24 33.81 -3.69
CA PRO J 5 14.00 35.14 -4.25
C PRO J 5 15.12 35.60 -5.19
N THR J 6 14.76 36.55 -6.05
CA THR J 6 15.65 37.19 -7.00
C THR J 6 16.02 38.56 -6.45
N VAL J 7 17.28 38.98 -6.71
CA VAL J 7 17.77 40.30 -6.28
C VAL J 7 18.18 41.10 -7.54
N TYR J 18 19.74 38.08 -10.41
CA TYR J 18 20.35 36.85 -9.86
C TYR J 18 19.43 36.19 -8.82
N ASP J 19 19.38 34.86 -8.80
CA ASP J 19 18.92 34.15 -7.59
C ASP J 19 19.91 34.47 -6.45
N ILE J 20 19.41 34.47 -5.21
CA ILE J 20 20.16 35.00 -4.06
C ILE J 20 21.48 34.22 -3.89
N TYR J 21 21.47 32.90 -4.10
CA TYR J 21 22.67 32.08 -3.87
C TYR J 21 23.74 32.39 -4.92
N SER J 22 23.32 32.62 -6.17
CA SER J 22 24.24 33.01 -7.23
C SER J 22 24.84 34.39 -6.95
N ARG J 23 24.04 35.28 -6.34
CA ARG J 23 24.51 36.60 -5.96
C ARG J 23 25.57 36.48 -4.85
N LEU J 24 25.36 35.58 -3.88
CA LEU J 24 26.33 35.37 -2.81
C LEU J 24 27.62 34.75 -3.36
N LEU J 25 27.50 33.88 -4.37
CA LEU J 25 28.67 33.22 -4.95
C LEU J 25 29.57 34.25 -5.65
N LYS J 26 28.97 35.31 -6.19
CA LYS J 26 29.73 36.42 -6.79
C LYS J 26 30.66 37.05 -5.74
N ASP J 27 30.28 37.03 -4.45
CA ASP J 27 31.12 37.55 -3.35
C ASP J 27 31.90 36.42 -2.64
N ARG J 28 32.02 35.25 -3.30
CA ARG J 28 32.85 34.12 -2.88
C ARG J 28 32.25 33.43 -1.63
N ILE J 29 30.92 33.54 -1.47
CA ILE J 29 30.20 32.81 -0.42
C ILE J 29 29.59 31.55 -1.05
N ILE J 30 29.90 30.39 -0.44
CA ILE J 30 29.33 29.10 -0.80
C ILE J 30 28.40 28.66 0.35
N MET J 31 27.18 28.24 0.01
CA MET J 31 26.20 27.78 1.00
C MET J 31 26.17 26.24 1.04
N LEU J 32 26.51 25.69 2.21
CA LEU J 32 26.28 24.28 2.50
C LEU J 32 25.12 24.20 3.50
N GLY J 33 23.91 24.18 2.94
CA GLY J 33 22.69 24.38 3.69
C GLY J 33 21.76 23.18 3.61
N SER J 34 22.29 22.00 3.33
CA SER J 34 21.48 20.80 3.23
C SER J 34 22.28 19.58 3.68
N GLN J 35 21.60 18.43 3.65
CA GLN J 35 22.22 17.14 3.80
C GLN J 35 23.30 16.96 2.73
N ILE J 36 24.41 16.34 3.12
CA ILE J 36 25.55 16.15 2.22
C ILE J 36 25.38 14.82 1.47
N ASP J 37 25.06 14.92 0.19
CA ASP J 37 25.09 13.80 -0.76
C ASP J 37 26.07 14.17 -1.89
N ASP J 38 26.20 13.27 -2.85
CA ASP J 38 27.15 13.40 -3.95
C ASP J 38 26.85 14.66 -4.75
N ASN J 39 25.57 14.96 -5.04
CA ASN J 39 25.20 16.16 -5.82
C ASN J 39 25.66 17.45 -5.13
N VAL J 40 25.47 17.53 -3.80
CA VAL J 40 25.86 18.69 -3.01
C VAL J 40 27.39 18.80 -3.06
N ALA J 41 28.10 17.69 -2.86
CA ALA J 41 29.56 17.66 -2.89
C ALA J 41 30.09 18.11 -4.26
N ASN J 42 29.53 17.58 -5.34
CA ASN J 42 30.00 17.90 -6.68
C ASN J 42 29.86 19.41 -6.96
N SER J 43 28.75 19.99 -6.47
CA SER J 43 28.46 21.39 -6.64
C SER J 43 29.43 22.25 -5.81
N ILE J 44 29.67 21.88 -4.53
CA ILE J 44 30.54 22.67 -3.66
C ILE J 44 31.98 22.60 -4.20
N VAL J 45 32.41 21.40 -4.60
CA VAL J 45 33.75 21.21 -5.14
C VAL J 45 33.92 22.13 -6.37
N SER J 46 32.95 22.11 -7.28
CA SER J 46 32.99 22.90 -8.49
C SER J 46 33.05 24.40 -8.17
N GLN J 47 32.29 24.83 -7.16
CA GLN J 47 32.28 26.23 -6.74
C GLN J 47 33.67 26.61 -6.20
N LEU J 48 34.26 25.75 -5.36
CA LEU J 48 35.58 26.04 -4.77
C LEU J 48 36.62 26.22 -5.87
N LEU J 49 36.62 25.32 -6.85
CA LEU J 49 37.62 25.33 -7.92
C LEU J 49 37.44 26.56 -8.82
N PHE J 50 36.17 26.93 -9.06
CA PHE J 50 35.83 28.07 -9.88
C PHE J 50 36.31 29.36 -9.20
N LEU J 51 36.05 29.49 -7.89
CA LEU J 51 36.47 30.67 -7.14
C LEU J 51 38.01 30.77 -7.12
N GLN J 52 38.70 29.64 -6.97
CA GLN J 52 40.15 29.65 -6.98
C GLN J 52 40.65 30.17 -8.35
N ALA J 53 40.00 29.73 -9.45
CA ALA J 53 40.39 30.12 -10.80
C ALA J 53 40.16 31.63 -11.01
N GLN J 54 39.10 32.17 -10.41
CA GLN J 54 38.81 33.61 -10.50
C GLN J 54 39.89 34.41 -9.74
N ASP J 55 40.30 33.92 -8.57
CA ASP J 55 41.26 34.61 -7.72
C ASP J 55 41.82 33.61 -6.69
N SER J 56 43.13 33.36 -6.80
CA SER J 56 43.77 32.32 -6.01
C SER J 56 44.21 32.83 -4.63
N GLU J 57 44.03 34.13 -4.34
CA GLU J 57 44.50 34.74 -3.09
C GLU J 57 43.34 35.14 -2.16
N LYS J 58 42.21 35.56 -2.72
CA LYS J 58 41.08 36.06 -1.91
C LYS J 58 40.42 34.91 -1.15
N ASP J 59 39.99 35.21 0.08
CA ASP J 59 39.28 34.25 0.92
C ASP J 59 37.98 33.82 0.25
N ILE J 60 37.59 32.59 0.57
CA ILE J 60 36.29 32.01 0.29
C ILE J 60 35.58 31.82 1.64
N TYR J 61 34.24 31.91 1.64
CA TYR J 61 33.42 31.81 2.83
C TYR J 61 32.41 30.66 2.65
N LEU J 62 32.55 29.61 3.49
CA LEU J 62 31.64 28.46 3.50
C LEU J 62 30.69 28.58 4.70
N TYR J 63 29.42 28.87 4.40
CA TYR J 63 28.36 28.97 5.42
C TYR J 63 27.71 27.59 5.57
N ILE J 64 27.62 27.11 6.82
CA ILE J 64 27.23 25.73 7.07
C ILE J 64 25.97 25.73 7.95
N ASN J 65 24.92 25.08 7.43
CA ASN J 65 23.71 24.74 8.15
C ASN J 65 23.26 23.36 7.65
N SER J 66 23.83 22.30 8.23
CA SER J 66 23.78 20.97 7.66
C SER J 66 23.74 19.90 8.74
N PRO J 67 22.88 18.87 8.61
CA PRO J 67 22.90 17.71 9.52
C PRO J 67 23.95 16.66 9.13
N GLY J 68 24.78 16.96 8.13
CA GLY J 68 25.77 16.00 7.66
C GLY J 68 25.24 15.16 6.53
N GLY J 69 25.74 13.93 6.43
CA GLY J 69 25.38 13.00 5.34
C GLY J 69 26.56 12.09 4.99
N SER J 70 26.75 11.85 3.70
CA SER J 70 27.72 10.89 3.18
C SER J 70 29.15 11.32 3.56
N VAL J 71 29.92 10.36 4.10
CA VAL J 71 31.29 10.58 4.49
C VAL J 71 32.18 10.79 3.25
N THR J 72 31.96 10.01 2.19
CA THR J 72 32.81 10.16 0.98
C THR J 72 32.52 11.50 0.32
N ALA J 73 31.26 11.91 0.28
CA ALA J 73 30.89 13.22 -0.28
C ALA J 73 31.54 14.34 0.54
N GLY J 74 31.50 14.19 1.87
CA GLY J 74 32.14 15.11 2.81
C GLY J 74 33.63 15.21 2.58
N PHE J 75 34.27 14.08 2.28
CA PHE J 75 35.71 14.07 2.05
C PHE J 75 36.08 14.70 0.70
N ALA J 76 35.19 14.63 -0.29
CA ALA J 76 35.41 15.35 -1.55
C ALA J 76 35.55 16.85 -1.26
N ILE J 77 34.66 17.37 -0.40
CA ILE J 77 34.67 18.77 -0.04
C ILE J 77 35.93 19.09 0.79
N TYR J 78 36.20 18.26 1.79
CA TYR J 78 37.33 18.45 2.69
C TYR J 78 38.64 18.56 1.88
N ASP J 79 38.87 17.59 0.99
CA ASP J 79 40.12 17.50 0.24
C ASP J 79 40.24 18.69 -0.72
N THR J 80 39.12 19.15 -1.28
CA THR J 80 39.15 20.29 -2.18
C THR J 80 39.52 21.56 -1.39
N ILE J 81 38.94 21.73 -0.20
CA ILE J 81 39.29 22.86 0.67
C ILE J 81 40.81 22.88 0.90
N GLN J 82 41.38 21.75 1.29
CA GLN J 82 42.80 21.70 1.65
C GLN J 82 43.67 21.89 0.38
N HIS J 83 43.19 21.46 -0.78
CA HIS J 83 43.95 21.52 -2.01
C HIS J 83 44.12 22.96 -2.53
N ILE J 84 43.06 23.77 -2.51
CA ILE J 84 43.09 25.08 -3.15
C ILE J 84 43.96 26.05 -2.33
N LYS J 85 44.40 27.14 -2.97
CA LYS J 85 45.29 28.12 -2.35
C LYS J 85 44.52 29.06 -1.43
N PRO J 86 43.35 29.60 -1.81
CA PRO J 86 42.61 30.50 -0.92
C PRO J 86 42.29 29.86 0.43
N ASP J 87 42.34 30.65 1.50
CA ASP J 87 41.78 30.29 2.78
C ASP J 87 40.25 30.16 2.62
N VAL J 88 39.69 29.10 3.20
CA VAL J 88 38.24 28.91 3.26
C VAL J 88 37.80 29.14 4.71
N GLN J 89 37.13 30.26 4.94
CA GLN J 89 36.49 30.54 6.22
C GLN J 89 35.23 29.66 6.34
N THR J 90 34.93 29.19 7.54
CA THR J 90 33.72 28.43 7.81
C THR J 90 32.91 29.16 8.88
N ILE J 91 31.59 29.26 8.65
CA ILE J 91 30.67 29.85 9.59
C ILE J 91 29.50 28.88 9.80
N CYS J 92 29.35 28.39 11.03
CA CYS J 92 28.19 27.61 11.40
C CYS J 92 27.04 28.54 11.80
N ILE J 93 25.97 28.48 11.01
CA ILE J 93 24.70 29.11 11.31
C ILE J 93 23.70 27.97 11.56
N GLY J 94 22.97 28.03 12.67
CA GLY J 94 21.97 27.00 12.93
C GLY J 94 22.56 25.72 13.47
N MET J 95 23.02 24.84 12.57
CA MET J 95 23.44 23.48 12.94
C MET J 95 24.61 23.03 12.06
N ALA J 96 25.60 22.41 12.68
CA ALA J 96 26.59 21.62 11.99
C ALA J 96 26.74 20.30 12.73
N ALA J 97 26.19 19.23 12.15
CA ALA J 97 26.19 17.92 12.77
C ALA J 97 26.92 16.92 11.87
N SER J 98 27.60 15.97 12.50
CA SER J 98 28.28 14.85 11.84
C SER J 98 29.30 15.39 10.84
N MET J 99 29.19 15.00 9.56
CA MET J 99 30.11 15.47 8.54
C MET J 99 30.02 17.00 8.39
N GLY J 100 28.90 17.61 8.78
CA GLY J 100 28.77 19.07 8.85
C GLY J 100 29.75 19.71 9.81
N SER J 101 29.93 19.09 10.99
CA SER J 101 30.84 19.64 12.01
C SER J 101 32.29 19.35 11.62
N PHE J 102 32.51 18.22 10.94
CA PHE J 102 33.83 17.90 10.38
C PHE J 102 34.28 19.00 9.42
N LEU J 103 33.36 19.45 8.55
CA LEU J 103 33.69 20.47 7.55
C LEU J 103 33.86 21.84 8.21
N LEU J 104 33.07 22.12 9.24
CA LEU J 104 33.23 23.35 10.00
C LEU J 104 34.66 23.43 10.56
N ALA J 105 35.15 22.32 11.12
CA ALA J 105 36.49 22.24 11.72
C ALA J 105 37.60 22.31 10.64
N ALA J 106 37.24 22.09 9.37
CA ALA J 106 38.18 22.03 8.24
C ALA J 106 38.51 23.42 7.66
N GLY J 107 37.82 24.48 8.12
CA GLY J 107 38.12 25.85 7.66
C GLY J 107 39.53 26.29 8.04
N ALA J 108 40.01 27.37 7.43
CA ALA J 108 41.35 27.89 7.70
C ALA J 108 41.49 28.22 9.18
N LYS J 109 42.63 27.88 9.77
CA LYS J 109 42.88 28.10 11.19
C LYS J 109 42.80 29.59 11.49
N GLY J 110 42.06 29.97 12.53
CA GLY J 110 41.80 31.34 12.88
C GLY J 110 40.55 31.89 12.20
N LYS J 111 39.96 31.16 11.25
CA LYS J 111 38.81 31.69 10.47
C LYS J 111 37.62 30.71 10.47
N ARG J 112 37.44 29.99 11.59
CA ARG J 112 36.30 29.11 11.80
C ARG J 112 35.40 29.73 12.88
N PHE J 113 34.15 29.98 12.52
CA PHE J 113 33.22 30.73 13.36
C PHE J 113 31.91 29.95 13.54
N ALA J 114 31.19 30.30 14.62
CA ALA J 114 29.80 29.90 14.80
C ALA J 114 29.05 31.08 15.42
N LEU J 115 27.77 31.22 15.05
CA LEU J 115 26.89 32.17 15.72
C LEU J 115 26.55 31.65 17.11
N PRO J 116 26.16 32.53 18.05
CA PRO J 116 26.11 32.17 19.47
C PRO J 116 25.16 31.01 19.81
N ASN J 117 24.06 30.88 19.07
CA ASN J 117 23.04 29.88 19.39
C ASN J 117 23.12 28.68 18.45
N ALA J 118 24.18 28.62 17.61
CA ALA J 118 24.38 27.51 16.72
C ALA J 118 24.69 26.23 17.52
N GLU J 119 24.28 25.09 16.96
CA GLU J 119 24.42 23.78 17.55
C GLU J 119 25.46 23.01 16.71
N VAL J 120 26.47 22.46 17.39
CA VAL J 120 27.44 21.61 16.76
C VAL J 120 27.29 20.22 17.38
N MET J 121 27.32 19.18 16.55
CA MET J 121 27.19 17.83 17.08
C MET J 121 28.22 16.92 16.39
N ILE J 122 28.88 16.12 17.22
CA ILE J 122 29.86 15.12 16.76
C ILE J 122 29.41 13.75 17.25
N HIS J 123 29.68 12.71 16.46
CA HIS J 123 29.36 11.32 16.80
C HIS J 123 30.16 10.42 15.86
N GLN J 124 29.99 9.10 15.99
CA GLN J 124 30.72 8.17 15.16
C GLN J 124 29.91 7.91 13.88
N PRO J 125 30.57 7.47 12.79
CA PRO J 125 29.88 7.12 11.55
C PRO J 125 28.84 6.00 11.71
N LEU J 126 27.81 6.07 10.87
CA LEU J 126 26.69 5.16 10.84
C LEU J 126 26.75 4.38 9.54
N GLY J 127 26.26 3.14 9.57
CA GLY J 127 26.21 2.32 8.38
C GLY J 127 25.42 1.04 8.63
N GLY J 128 25.64 0.09 7.74
CA GLY J 128 24.93 -1.15 7.70
C GLY J 128 25.73 -2.20 6.94
N ALA J 129 25.29 -3.44 7.12
CA ALA J 129 25.93 -4.61 6.56
C ALA J 129 24.98 -5.79 6.72
N GLN J 130 24.81 -6.54 5.63
CA GLN J 130 23.92 -7.69 5.52
C GLN J 130 24.69 -8.75 4.72
N GLY J 131 24.49 -10.03 5.06
CA GLY J 131 24.99 -11.16 4.28
C GLY J 131 25.79 -12.14 5.12
N GLN J 132 26.80 -12.73 4.50
CA GLN J 132 27.63 -13.75 5.12
C GLN J 132 28.53 -13.10 6.17
N ALA J 133 28.94 -13.91 7.15
CA ALA J 133 29.86 -13.49 8.21
C ALA J 133 31.06 -12.71 7.62
N THR J 134 31.67 -13.26 6.57
CA THR J 134 32.83 -12.68 5.88
C THR J 134 32.52 -11.28 5.32
N GLU J 135 31.31 -11.11 4.77
CA GLU J 135 30.89 -9.82 4.21
C GLU J 135 30.68 -8.80 5.34
N ILE J 136 30.16 -9.24 6.48
CA ILE J 136 29.91 -8.36 7.60
C ILE J 136 31.26 -7.91 8.18
N GLU J 137 32.23 -8.82 8.19
CA GLU J 137 33.59 -8.54 8.65
C GLU J 137 34.21 -7.42 7.80
N ILE J 138 34.10 -7.54 6.47
CA ILE J 138 34.65 -6.55 5.53
C ILE J 138 33.98 -5.19 5.78
N ALA J 139 32.66 -5.16 5.91
CA ALA J 139 31.91 -3.92 6.16
C ALA J 139 32.34 -3.28 7.49
N ALA J 140 32.51 -4.10 8.53
CA ALA J 140 32.89 -3.62 9.86
C ALA J 140 34.30 -3.01 9.81
N ASN J 141 35.24 -3.73 9.18
CA ASN J 141 36.62 -3.27 9.04
C ASN J 141 36.64 -1.93 8.30
N HIS J 142 35.85 -1.81 7.24
CA HIS J 142 35.78 -0.59 6.44
C HIS J 142 35.25 0.59 7.28
N ILE J 143 34.15 0.41 8.02
CA ILE J 143 33.57 1.54 8.76
C ILE J 143 34.49 1.90 9.93
N LEU J 144 35.17 0.93 10.54
CA LEU J 144 36.12 1.25 11.63
C LEU J 144 37.33 2.04 11.09
N LYS J 145 37.82 1.67 9.91
CA LYS J 145 38.93 2.38 9.23
C LYS J 145 38.48 3.80 8.88
N THR J 146 37.22 3.96 8.44
CA THR J 146 36.66 5.26 8.13
C THR J 146 36.63 6.13 9.40
N ARG J 147 36.23 5.53 10.52
CA ARG J 147 36.18 6.26 11.78
C ARG J 147 37.59 6.70 12.21
N GLU J 148 38.57 5.81 12.12
CA GLU J 148 39.99 6.13 12.43
C GLU J 148 40.47 7.33 11.60
N LYS J 149 40.14 7.34 10.31
CA LYS J 149 40.53 8.41 9.39
C LYS J 149 39.87 9.74 9.82
N LEU J 150 38.57 9.71 10.12
CA LEU J 150 37.87 10.92 10.58
C LEU J 150 38.47 11.42 11.89
N ASN J 151 38.73 10.52 12.83
CA ASN J 151 39.19 10.89 14.18
C ASN J 151 40.60 11.50 14.10
N ARG J 152 41.47 10.92 13.26
CA ARG J 152 42.81 11.41 13.08
C ARG J 152 42.78 12.85 12.54
N ILE J 153 41.97 13.10 11.53
CA ILE J 153 41.90 14.43 10.95
C ILE J 153 41.30 15.39 11.96
N LEU J 154 40.26 14.96 12.70
CA LEU J 154 39.64 15.86 13.69
C LEU J 154 40.67 16.21 14.78
N SER J 155 41.51 15.25 15.15
CA SER J 155 42.60 15.46 16.11
C SER J 155 43.51 16.58 15.63
N GLU J 156 43.96 16.49 14.37
CA GLU J 156 44.85 17.48 13.77
C GLU J 156 44.15 18.86 13.72
N ARG J 157 42.86 18.90 13.41
CA ARG J 157 42.17 20.18 13.22
C ARG J 157 41.80 20.83 14.55
N THR J 158 41.59 20.04 15.60
CA THR J 158 41.10 20.56 16.90
C THR J 158 42.24 20.73 17.92
N GLY J 159 43.32 19.96 17.77
CA GLY J 159 44.36 19.88 18.81
C GLY J 159 44.03 18.89 19.92
N GLN J 160 42.90 18.18 19.84
CA GLN J 160 42.56 17.13 20.82
C GLN J 160 43.25 15.84 20.42
N SER J 161 43.54 14.98 21.40
CA SER J 161 44.09 13.65 21.13
C SER J 161 43.04 12.78 20.42
N ILE J 162 43.53 11.79 19.67
CA ILE J 162 42.72 10.79 19.02
C ILE J 162 41.87 10.04 20.07
N GLU J 163 42.47 9.79 21.24
CA GLU J 163 41.84 9.04 22.34
C GLU J 163 40.64 9.83 22.87
N LYS J 164 40.80 11.15 23.04
CA LYS J 164 39.73 11.99 23.52
C LYS J 164 38.62 12.09 22.45
N ILE J 165 38.96 12.23 21.16
CA ILE J 165 37.97 12.29 20.08
C ILE J 165 37.13 11.00 20.08
N GLN J 166 37.81 9.85 20.21
CA GLN J 166 37.18 8.52 20.24
C GLN J 166 36.13 8.48 21.36
N LYS J 167 36.49 8.90 22.57
CA LYS J 167 35.59 8.86 23.73
C LYS J 167 34.42 9.84 23.52
N ASP J 168 34.71 11.04 22.98
CA ASP J 168 33.72 12.11 22.90
C ASP J 168 32.74 11.90 21.73
N THR J 169 33.04 10.99 20.81
CA THR J 169 32.18 10.72 19.64
C THR J 169 31.48 9.36 19.76
N ASP J 170 31.63 8.70 20.90
CA ASP J 170 31.10 7.35 21.09
C ASP J 170 29.55 7.38 20.96
N ARG J 171 28.89 8.43 21.47
CA ARG J 171 27.47 8.70 21.25
C ARG J 171 27.30 10.16 20.81
N ASP J 172 26.10 10.53 20.39
CA ASP J 172 25.78 11.87 20.01
C ASP J 172 26.24 12.82 21.10
N ASN J 173 27.03 13.84 20.71
CA ASN J 173 27.58 14.80 21.62
C ASN J 173 27.29 16.21 21.05
N PHE J 174 26.34 16.90 21.70
CA PHE J 174 25.91 18.24 21.32
C PHE J 174 26.76 19.29 22.03
N LEU J 175 27.28 20.25 21.26
CA LEU J 175 28.09 21.36 21.80
C LEU J 175 27.41 22.69 21.46
N THR J 176 27.40 23.60 22.44
CA THR J 176 27.14 25.01 22.17
C THR J 176 28.30 25.60 21.37
N ALA J 177 28.11 26.80 20.81
CA ALA J 177 29.16 27.49 20.08
C ALA J 177 30.40 27.68 20.97
N GLU J 178 30.17 28.11 22.20
CA GLU J 178 31.23 28.38 23.18
C GLU J 178 32.01 27.07 23.46
N GLU J 179 31.27 25.96 23.64
CA GLU J 179 31.90 24.67 23.88
C GLU J 179 32.69 24.23 22.64
N ALA J 180 32.16 24.50 21.44
CA ALA J 180 32.86 24.13 20.20
C ALA J 180 34.19 24.89 20.10
N LYS J 181 34.18 26.15 20.54
CA LYS J 181 35.40 26.96 20.59
C LYS J 181 36.42 26.35 21.56
N GLU J 182 35.97 26.01 22.77
CA GLU J 182 36.84 25.40 23.80
C GLU J 182 37.41 24.08 23.28
N TYR J 183 36.60 23.35 22.51
CA TYR J 183 37.01 22.05 21.99
C TYR J 183 38.05 22.19 20.87
N GLY J 184 38.04 23.33 20.17
CA GLY J 184 38.93 23.58 19.03
C GLY J 184 38.30 23.27 17.67
N LEU J 185 36.97 23.10 17.61
CA LEU J 185 36.26 22.88 16.35
C LEU J 185 36.12 24.21 15.59
N ILE J 186 36.01 25.31 16.34
CA ILE J 186 35.99 26.67 15.79
C ILE J 186 37.01 27.52 16.56
N ASP J 187 37.27 28.71 16.04
CA ASP J 187 38.25 29.64 16.63
C ASP J 187 37.55 30.74 17.42
N GLU J 188 36.38 31.20 16.96
CA GLU J 188 35.68 32.30 17.60
C GLU J 188 34.17 32.09 17.51
N VAL J 189 33.46 32.51 18.57
CA VAL J 189 32.04 32.76 18.52
C VAL J 189 31.84 34.18 17.97
N MET J 190 31.02 34.28 16.92
CA MET J 190 30.71 35.54 16.27
C MET J 190 29.61 36.24 17.09
N VAL J 191 30.00 37.27 17.85
CA VAL J 191 29.18 37.89 18.87
C VAL J 191 28.43 39.09 18.30
N PRO J 192 27.23 39.42 18.83
CA PRO J 192 26.48 40.59 18.36
C PRO J 192 27.08 41.91 18.87
N ILE K 4 1.89 32.33 -8.16
CA ILE K 4 2.63 33.55 -7.69
C ILE K 4 2.69 34.57 -8.82
N PRO K 5 1.99 35.73 -8.70
CA PRO K 5 1.91 36.68 -9.80
C PRO K 5 3.21 37.49 -9.97
N THR K 6 3.37 38.00 -11.19
CA THR K 6 4.44 38.84 -11.62
C THR K 6 3.92 40.28 -11.67
N VAL K 7 4.79 41.24 -11.33
CA VAL K 7 4.47 42.67 -11.34
C VAL K 7 5.42 43.36 -12.33
N ILE K 8 4.88 44.32 -13.09
CA ILE K 8 5.48 44.73 -14.38
C ILE K 8 6.58 45.77 -14.12
N TYR K 18 9.28 41.21 -11.98
CA TYR K 18 9.58 40.55 -10.70
C TYR K 18 8.41 39.67 -10.23
N ASP K 19 8.71 38.50 -9.65
CA ASP K 19 7.75 37.83 -8.77
C ASP K 19 7.49 38.75 -7.56
N ILE K 20 6.29 38.67 -6.98
CA ILE K 20 5.81 39.62 -5.99
C ILE K 20 6.75 39.66 -4.76
N TYR K 21 7.26 38.49 -4.34
CA TYR K 21 8.12 38.43 -3.13
C TYR K 21 9.47 39.11 -3.40
N SER K 22 10.01 38.94 -4.61
CA SER K 22 11.25 39.59 -5.02
C SER K 22 11.04 41.11 -5.09
N ARG K 23 9.85 41.54 -5.50
CA ARG K 23 9.51 42.96 -5.54
C ARG K 23 9.47 43.52 -4.10
N LEU K 24 8.91 42.78 -3.16
CA LEU K 24 8.84 43.21 -1.76
C LEU K 24 10.26 43.26 -1.16
N LEU K 25 11.14 42.33 -1.56
CA LEU K 25 12.49 42.28 -1.04
C LEU K 25 13.27 43.54 -1.46
N LYS K 26 12.96 44.09 -2.63
CA LYS K 26 13.55 45.34 -3.10
C LYS K 26 13.24 46.47 -2.11
N ASP K 27 12.11 46.40 -1.39
CA ASP K 27 11.76 47.42 -0.35
C ASP K 27 12.10 46.90 1.07
N ARG K 28 12.97 45.89 1.15
CA ARG K 28 13.56 45.38 2.39
C ARG K 28 12.52 44.61 3.22
N ILE K 29 11.50 44.06 2.56
CA ILE K 29 10.52 43.17 3.20
C ILE K 29 10.92 41.72 2.93
N ILE K 30 11.06 40.94 4.00
CA ILE K 30 11.30 39.50 3.97
C ILE K 30 10.03 38.79 4.46
N MET K 31 9.56 37.79 3.69
CA MET K 31 8.39 37.01 4.03
C MET K 31 8.80 35.67 4.66
N LEU K 32 8.39 35.47 5.91
CA LEU K 32 8.48 34.17 6.58
C LEU K 32 7.05 33.65 6.70
N GLY K 33 6.62 32.96 5.64
CA GLY K 33 5.24 32.64 5.40
C GLY K 33 4.99 31.16 5.31
N SER K 34 5.88 30.35 5.89
CA SER K 34 5.74 28.90 5.86
C SER K 34 6.33 28.28 7.12
N GLN K 35 6.24 26.95 7.19
CA GLN K 35 6.93 26.16 8.17
C GLN K 35 8.44 26.44 8.07
N ILE K 36 9.10 26.50 9.22
CA ILE K 36 10.52 26.80 9.29
C ILE K 36 11.33 25.49 9.18
N ASP K 37 11.96 25.28 8.01
CA ASP K 37 12.95 24.23 7.81
C ASP K 37 14.27 24.90 7.40
N ASP K 38 15.29 24.07 7.15
CA ASP K 38 16.63 24.54 6.84
C ASP K 38 16.62 25.41 5.57
N ASN K 39 15.87 25.01 4.54
CA ASN K 39 15.80 25.76 3.26
C ASN K 39 15.24 27.17 3.49
N VAL K 40 14.17 27.29 4.30
CA VAL K 40 13.57 28.56 4.62
C VAL K 40 14.58 29.42 5.40
N ALA K 41 15.24 28.83 6.38
CA ALA K 41 16.23 29.54 7.21
C ALA K 41 17.40 30.05 6.33
N ASN K 42 17.93 29.18 5.46
CA ASN K 42 19.07 29.54 4.62
C ASN K 42 18.72 30.73 3.71
N SER K 43 17.48 30.73 3.21
CA SER K 43 16.98 31.79 2.36
C SER K 43 16.80 33.11 3.15
N ILE K 44 16.21 33.04 4.35
CA ILE K 44 15.95 34.23 5.17
C ILE K 44 17.31 34.82 5.61
N VAL K 45 18.23 33.96 6.04
CA VAL K 45 19.54 34.39 6.46
C VAL K 45 20.23 35.14 5.30
N SER K 46 20.20 34.55 4.11
CA SER K 46 20.81 35.13 2.93
C SER K 46 20.18 36.49 2.60
N GLN K 47 18.86 36.60 2.74
CA GLN K 47 18.16 37.84 2.47
C GLN K 47 18.60 38.91 3.48
N LEU K 48 18.68 38.55 4.77
CA LEU K 48 19.06 39.51 5.81
C LEU K 48 20.46 40.06 5.52
N LEU K 49 21.41 39.17 5.18
CA LEU K 49 22.78 39.57 4.97
C LEU K 49 22.90 40.45 3.71
N PHE K 50 22.13 40.12 2.68
CA PHE K 50 22.13 40.86 1.44
C PHE K 50 21.59 42.28 1.68
N LEU K 51 20.49 42.40 2.43
CA LEU K 51 19.92 43.69 2.74
C LEU K 51 20.90 44.54 3.57
N GLN K 52 21.59 43.93 4.52
CA GLN K 52 22.57 44.65 5.31
C GLN K 52 23.68 45.19 4.38
N ALA K 53 24.12 44.38 3.42
CA ALA K 53 25.18 44.78 2.48
C ALA K 53 24.72 45.94 1.59
N GLN K 54 23.43 45.95 1.21
CA GLN K 54 22.86 47.05 0.41
C GLN K 54 22.84 48.35 1.24
N ASP K 55 22.47 48.24 2.51
CA ASP K 55 22.32 49.40 3.39
C ASP K 55 22.31 48.93 4.84
N SER K 56 23.33 49.35 5.60
CA SER K 56 23.53 48.85 6.94
C SER K 56 22.73 49.66 7.99
N GLU K 57 22.02 50.71 7.57
CA GLU K 57 21.31 51.61 8.48
C GLU K 57 19.79 51.47 8.36
N LYS K 58 19.27 51.21 7.16
CA LYS K 58 17.82 51.20 6.93
C LYS K 58 17.19 49.94 7.56
N ASP K 59 15.99 50.12 8.11
CA ASP K 59 15.23 49.04 8.70
C ASP K 59 14.93 47.97 7.65
N ILE K 60 14.83 46.73 8.16
CA ILE K 60 14.34 45.56 7.46
C ILE K 60 13.00 45.18 8.11
N TYR K 61 12.08 44.61 7.32
CA TYR K 61 10.73 44.24 7.76
C TYR K 61 10.54 42.73 7.54
N LEU K 62 10.38 41.98 8.64
CA LEU K 62 10.13 40.55 8.61
C LEU K 62 8.65 40.30 8.90
N TYR K 63 7.90 39.89 7.88
CA TYR K 63 6.48 39.57 7.97
C TYR K 63 6.36 38.08 8.27
N ILE K 64 5.60 37.75 9.31
CA ILE K 64 5.55 36.39 9.84
C ILE K 64 4.12 35.88 9.77
N ASN K 65 3.97 34.75 9.06
CA ASN K 65 2.75 33.93 9.03
C ASN K 65 3.19 32.47 8.99
N SER K 66 3.48 31.90 10.16
CA SER K 66 4.25 30.66 10.27
C SER K 66 3.77 29.85 11.47
N PRO K 67 3.59 28.53 11.32
CA PRO K 67 3.33 27.64 12.46
C PRO K 67 4.60 27.20 13.20
N GLY K 68 5.74 27.74 12.82
CA GLY K 68 7.02 27.38 13.42
C GLY K 68 7.68 26.27 12.64
N GLY K 69 8.49 25.48 13.32
CA GLY K 69 9.23 24.34 12.72
C GLY K 69 10.51 24.06 13.49
N SER K 70 11.60 23.83 12.76
CA SER K 70 12.89 23.44 13.33
C SER K 70 13.44 24.56 14.23
N VAL K 71 13.86 24.17 15.44
CA VAL K 71 14.44 25.10 16.41
C VAL K 71 15.81 25.59 15.93
N THR K 72 16.63 24.70 15.37
CA THR K 72 17.97 25.10 14.92
C THR K 72 17.84 26.04 13.71
N ALA K 73 16.91 25.76 12.82
CA ALA K 73 16.66 26.64 11.65
C ALA K 73 16.19 28.02 12.16
N GLY K 74 15.30 28.01 13.14
CA GLY K 74 14.81 29.22 13.79
C GLY K 74 15.92 30.03 14.42
N PHE K 75 16.89 29.34 15.04
CA PHE K 75 18.01 30.02 15.68
C PHE K 75 19.00 30.59 14.66
N ALA K 76 19.10 29.99 13.48
CA ALA K 76 19.90 30.58 12.40
C ALA K 76 19.35 31.98 12.06
N ILE K 77 18.02 32.08 11.97
CA ILE K 77 17.36 33.34 11.67
C ILE K 77 17.55 34.31 12.85
N TYR K 78 17.28 33.84 14.08
CA TYR K 78 17.39 34.65 15.28
C TYR K 78 18.78 35.29 15.36
N ASP K 79 19.83 34.47 15.24
CA ASP K 79 21.21 34.93 15.42
C ASP K 79 21.60 35.92 14.32
N THR K 80 21.07 35.71 13.11
CA THR K 80 21.37 36.62 12.02
C THR K 80 20.71 37.98 12.29
N ILE K 81 19.45 37.97 12.76
CA ILE K 81 18.77 39.21 13.14
C ILE K 81 19.61 39.99 14.16
N GLN K 82 20.08 39.32 15.22
CA GLN K 82 20.80 40.02 16.28
C GLN K 82 22.17 40.47 15.76
N HIS K 83 22.77 39.73 14.83
CA HIS K 83 24.11 40.05 14.35
C HIS K 83 24.15 41.32 13.49
N ILE K 84 23.20 41.49 12.58
CA ILE K 84 23.27 42.58 11.59
C ILE K 84 22.99 43.93 12.27
N LYS K 85 23.42 45.00 11.61
CA LYS K 85 23.31 46.37 12.16
C LYS K 85 21.89 46.90 12.02
N PRO K 86 21.20 46.75 10.87
CA PRO K 86 19.84 47.27 10.74
C PRO K 86 18.89 46.70 11.80
N ASP K 87 17.95 47.52 12.26
CA ASP K 87 16.83 47.05 13.03
C ASP K 87 15.95 46.16 12.11
N VAL K 88 15.51 45.02 12.66
CA VAL K 88 14.55 44.15 11.98
C VAL K 88 13.20 44.30 12.69
N GLN K 89 12.26 44.96 12.02
CA GLN K 89 10.87 45.02 12.46
C GLN K 89 10.23 43.64 12.20
N THR K 90 9.35 43.21 13.11
CA THR K 90 8.59 41.99 12.93
C THR K 90 7.10 42.33 12.96
N ILE K 91 6.35 41.76 12.00
CA ILE K 91 4.92 41.94 11.90
C ILE K 91 4.28 40.54 11.78
N CYS K 92 3.47 40.19 12.77
CA CYS K 92 2.67 38.99 12.70
C CYS K 92 1.36 39.26 11.95
N ILE K 93 1.22 38.60 10.81
CA ILE K 93 -0.01 38.55 10.04
C ILE K 93 -0.52 37.11 10.11
N GLY K 94 -1.79 36.92 10.47
CA GLY K 94 -2.33 35.56 10.52
C GLY K 94 -1.94 34.82 11.79
N MET K 95 -0.77 34.18 11.77
CA MET K 95 -0.34 33.27 12.84
C MET K 95 1.17 33.36 13.04
N ALA K 96 1.59 33.38 14.29
CA ALA K 96 2.95 33.13 14.68
C ALA K 96 2.92 32.15 15.84
N ALA K 97 3.28 30.89 15.56
CA ALA K 97 3.23 29.83 16.56
C ALA K 97 4.64 29.24 16.72
N SER K 98 4.93 28.83 17.95
CA SER K 98 6.16 28.11 18.31
C SER K 98 7.36 28.97 17.94
N MET K 99 8.28 28.44 17.13
CA MET K 99 9.47 29.17 16.71
C MET K 99 9.08 30.44 15.93
N GLY K 100 7.88 30.45 15.33
CA GLY K 100 7.33 31.66 14.70
C GLY K 100 7.14 32.80 15.69
N SER K 101 6.62 32.48 16.88
CA SER K 101 6.36 33.50 17.90
C SER K 101 7.67 33.92 18.57
N PHE K 102 8.61 33.00 18.68
CA PHE K 102 9.95 33.29 19.16
C PHE K 102 10.60 34.35 18.27
N LEU K 103 10.47 34.20 16.94
CA LEU K 103 11.08 35.13 16.00
C LEU K 103 10.34 36.48 16.00
N LEU K 104 9.01 36.45 16.19
CA LEU K 104 8.23 37.66 16.33
C LEU K 104 8.78 38.50 17.50
N ALA K 105 9.03 37.84 18.63
CA ALA K 105 9.53 38.47 19.86
C ALA K 105 10.98 38.96 19.70
N ALA K 106 11.69 38.47 18.67
CA ALA K 106 13.11 38.77 18.44
C ALA K 106 13.32 40.07 17.63
N GLY K 107 12.25 40.68 17.13
CA GLY K 107 12.36 41.94 16.38
C GLY K 107 12.88 43.08 17.25
N ALA K 108 13.30 44.17 16.62
CA ALA K 108 13.89 45.31 17.35
C ALA K 108 12.86 45.85 18.35
N LYS K 109 13.33 46.20 19.55
CA LYS K 109 12.46 46.66 20.63
C LYS K 109 11.74 47.94 20.17
N GLY K 110 10.44 47.99 20.36
CA GLY K 110 9.60 49.09 19.88
C GLY K 110 9.07 48.87 18.48
N LYS K 111 9.54 47.83 17.76
CA LYS K 111 9.16 47.62 16.36
C LYS K 111 8.67 46.19 16.09
N ARG K 112 7.99 45.61 17.09
CA ARG K 112 7.35 44.30 16.98
C ARG K 112 5.84 44.51 16.98
N PHE K 113 5.18 44.06 15.92
CA PHE K 113 3.78 44.34 15.67
C PHE K 113 2.99 43.05 15.39
N ALA K 114 1.68 43.12 15.59
CA ALA K 114 0.73 42.13 15.09
C ALA K 114 -0.52 42.85 14.60
N LEU K 115 -1.16 42.31 13.56
CA LEU K 115 -2.47 42.75 13.12
C LEU K 115 -3.51 42.31 14.14
N PRO K 116 -4.68 42.98 14.20
CA PRO K 116 -5.61 42.82 15.32
C PRO K 116 -6.13 41.39 15.53
N ASN K 117 -6.31 40.63 14.44
CA ASN K 117 -6.89 39.32 14.50
C ASN K 117 -5.84 38.21 14.41
N ALA K 118 -4.57 38.59 14.42
CA ALA K 118 -3.47 37.63 14.37
C ALA K 118 -3.45 36.80 15.67
N GLU K 119 -3.00 35.54 15.50
CA GLU K 119 -2.91 34.56 16.57
C GLU K 119 -1.43 34.32 16.87
N VAL K 120 -1.08 34.42 18.15
CA VAL K 120 0.25 34.09 18.60
C VAL K 120 0.13 32.89 19.53
N MET K 121 1.02 31.91 19.37
CA MET K 121 0.99 30.76 20.26
C MET K 121 2.40 30.43 20.72
N ILE K 122 2.53 30.18 22.02
CA ILE K 122 3.78 29.77 22.65
C ILE K 122 3.56 28.42 23.33
N HIS K 123 4.61 27.60 23.32
CA HIS K 123 4.60 26.29 23.96
C HIS K 123 6.04 25.80 24.09
N GLN K 124 6.25 24.60 24.63
CA GLN K 124 7.57 24.06 24.80
C GLN K 124 7.97 23.30 23.54
N PRO K 125 9.27 23.13 23.28
CA PRO K 125 9.74 22.37 22.10
C PRO K 125 9.28 20.91 22.09
N LEU K 126 9.12 20.36 20.88
CA LEU K 126 8.64 19.02 20.64
C LEU K 126 9.79 18.20 20.03
N GLY K 127 9.82 16.90 20.32
CA GLY K 127 10.82 16.03 19.76
C GLY K 127 10.51 14.57 19.99
N GLY K 128 11.53 13.74 19.81
CA GLY K 128 11.39 12.31 19.85
C GLY K 128 12.74 11.64 19.98
N ALA K 129 12.73 10.39 20.44
CA ALA K 129 13.90 9.59 20.63
C ALA K 129 13.48 8.13 20.81
N GLN K 130 14.21 7.23 20.14
CA GLN K 130 14.02 5.79 20.23
C GLN K 130 15.39 5.13 20.37
N GLY K 131 15.48 4.06 21.15
CA GLY K 131 16.70 3.28 21.31
C GLY K 131 17.01 3.00 22.78
N GLN K 132 18.30 2.94 23.08
CA GLN K 132 18.80 2.53 24.38
C GLN K 132 18.50 3.64 25.41
N ALA K 133 18.42 3.23 26.68
CA ALA K 133 18.20 4.16 27.80
C ALA K 133 19.16 5.35 27.71
N THR K 134 20.45 5.07 27.48
CA THR K 134 21.49 6.11 27.40
C THR K 134 21.24 7.07 26.23
N GLU K 135 20.74 6.58 25.10
CA GLU K 135 20.42 7.42 23.94
C GLU K 135 19.22 8.32 24.25
N ILE K 136 18.24 7.79 24.99
CA ILE K 136 17.06 8.57 25.34
C ILE K 136 17.46 9.68 26.32
N GLU K 137 18.39 9.36 27.22
CA GLU K 137 18.94 10.32 28.18
C GLU K 137 19.58 11.50 27.44
N ILE K 138 20.42 11.21 26.45
CA ILE K 138 21.12 12.23 25.66
C ILE K 138 20.10 13.12 24.95
N ALA K 139 19.08 12.50 24.31
CA ALA K 139 18.04 13.25 23.60
C ALA K 139 17.26 14.16 24.57
N ALA K 140 16.93 13.63 25.75
CA ALA K 140 16.17 14.36 26.76
C ALA K 140 16.99 15.56 27.25
N ASN K 141 18.25 15.34 27.58
CA ASN K 141 19.15 16.40 28.06
C ASN K 141 19.25 17.50 27.01
N HIS K 142 19.38 17.11 25.74
CA HIS K 142 19.48 18.07 24.66
C HIS K 142 18.21 18.93 24.55
N ILE K 143 17.02 18.31 24.55
CA ILE K 143 15.80 19.08 24.34
C ILE K 143 15.52 19.95 25.58
N LEU K 144 15.87 19.48 26.79
CA LEU K 144 15.67 20.30 27.99
C LEU K 144 16.60 21.53 27.97
N LYS K 145 17.85 21.34 27.50
CA LYS K 145 18.80 22.45 27.38
C LYS K 145 18.30 23.44 26.32
N THR K 146 17.71 22.93 25.24
CA THR K 146 17.13 23.77 24.18
C THR K 146 15.99 24.61 24.76
N ARG K 147 15.15 23.99 25.60
CA ARG K 147 14.03 24.70 26.20
C ARG K 147 14.54 25.81 27.13
N GLU K 148 15.53 25.51 27.96
CA GLU K 148 16.15 26.50 28.88
C GLU K 148 16.67 27.71 28.07
N LYS K 149 17.33 27.44 26.94
CA LYS K 149 17.88 28.49 26.08
C LYS K 149 16.74 29.36 25.49
N LEU K 150 15.68 28.73 24.99
CA LEU K 150 14.54 29.45 24.45
C LEU K 150 13.89 30.32 25.55
N ASN K 151 13.70 29.74 26.73
CA ASN K 151 12.99 30.41 27.80
C ASN K 151 13.78 31.61 28.33
N ARG K 152 15.10 31.46 28.44
CA ARG K 152 15.97 32.51 28.89
C ARG K 152 15.89 33.70 27.92
N ILE K 153 15.98 33.43 26.61
CA ILE K 153 15.92 34.49 25.64
C ILE K 153 14.53 35.13 25.66
N LEU K 154 13.47 34.34 25.78
CA LEU K 154 12.11 34.89 25.81
C LEU K 154 11.94 35.80 27.02
N SER K 155 12.52 35.41 28.16
CA SER K 155 12.51 36.21 29.38
C SER K 155 13.11 37.59 29.11
N GLU K 156 14.31 37.61 28.49
CA GLU K 156 15.01 38.85 28.14
C GLU K 156 14.18 39.69 27.16
N ARG K 157 13.52 39.07 26.18
CA ARG K 157 12.83 39.80 25.12
C ARG K 157 11.47 40.33 25.61
N THR K 158 10.84 39.65 26.58
CA THR K 158 9.49 40.00 27.03
C THR K 158 9.49 40.81 28.33
N GLY K 159 10.54 40.65 29.15
CA GLY K 159 10.55 41.21 30.50
C GLY K 159 9.87 40.31 31.54
N GLN K 160 9.36 39.14 31.14
CA GLN K 160 8.75 38.20 32.10
C GLN K 160 9.87 37.37 32.75
N SER K 161 9.63 36.89 33.97
CA SER K 161 10.58 35.99 34.62
C SER K 161 10.64 34.63 33.91
N ILE K 162 11.78 33.96 34.07
CA ILE K 162 12.00 32.63 33.54
C ILE K 162 10.94 31.66 34.10
N GLU K 163 10.58 31.85 35.37
CA GLU K 163 9.62 30.99 36.07
C GLU K 163 8.24 31.11 35.43
N LYS K 164 7.84 32.34 35.12
CA LYS K 164 6.55 32.58 34.48
C LYS K 164 6.55 32.03 33.04
N ILE K 165 7.65 32.22 32.29
CA ILE K 165 7.75 31.70 30.91
C ILE K 165 7.58 30.17 30.94
N GLN K 166 8.27 29.51 31.89
CA GLN K 166 8.24 28.05 32.04
C GLN K 166 6.78 27.59 32.25
N LYS K 167 6.04 28.24 33.16
CA LYS K 167 4.65 27.88 33.45
C LYS K 167 3.75 28.15 32.24
N ASP K 168 3.96 29.28 31.55
CA ASP K 168 3.06 29.73 30.49
C ASP K 168 3.29 28.97 29.17
N THR K 169 4.41 28.24 29.06
CA THR K 169 4.73 27.48 27.84
C THR K 169 4.59 25.96 28.07
N ASP K 170 4.10 25.57 29.24
CA ASP K 170 4.01 24.16 29.61
C ASP K 170 3.07 23.42 28.65
N ARG K 171 1.97 24.05 28.24
CA ARG K 171 1.07 23.56 27.17
C ARG K 171 0.81 24.69 26.19
N ASP K 172 0.20 24.35 25.05
CA ASP K 172 -0.16 25.30 24.05
C ASP K 172 -0.89 26.46 24.71
N ASN K 173 -0.41 27.68 24.45
CA ASN K 173 -0.95 28.89 25.02
C ASN K 173 -1.19 29.89 23.87
N PHE K 174 -2.45 30.08 23.51
CA PHE K 174 -2.89 30.96 22.44
C PHE K 174 -3.13 32.37 22.98
N LEU K 175 -2.54 33.38 22.32
CA LEU K 175 -2.70 34.78 22.69
C LEU K 175 -3.31 35.55 21.51
N THR K 176 -4.25 36.45 21.82
CA THR K 176 -4.65 37.50 20.89
C THR K 176 -3.49 38.48 20.72
N ALA K 177 -3.58 39.35 19.71
CA ALA K 177 -2.57 40.39 19.49
C ALA K 177 -2.41 41.25 20.76
N GLU K 178 -3.55 41.65 21.32
CA GLU K 178 -3.61 42.51 22.51
C GLU K 178 -2.91 41.81 23.68
N GLU K 179 -3.21 40.51 23.86
CA GLU K 179 -2.60 39.73 24.92
C GLU K 179 -1.09 39.59 24.69
N ALA K 180 -0.68 39.42 23.42
CA ALA K 180 0.75 39.30 23.10
C ALA K 180 1.48 40.61 23.47
N LYS K 181 0.82 41.75 23.25
CA LYS K 181 1.35 43.05 23.63
C LYS K 181 1.51 43.14 25.16
N GLU K 182 0.45 42.76 25.90
CA GLU K 182 0.47 42.79 27.37
C GLU K 182 1.58 41.88 27.89
N TYR K 183 1.82 40.75 27.20
CA TYR K 183 2.81 39.79 27.61
C TYR K 183 4.24 40.30 27.37
N GLY K 184 4.41 41.18 26.38
CA GLY K 184 5.73 41.70 25.99
C GLY K 184 6.34 40.98 24.79
N LEU K 185 5.55 40.17 24.07
CA LEU K 185 6.02 39.48 22.85
C LEU K 185 6.06 40.45 21.67
N ILE K 186 5.16 41.44 21.67
CA ILE K 186 5.13 42.51 20.70
C ILE K 186 5.01 43.85 21.45
N ASP K 187 5.20 44.95 20.72
CA ASP K 187 5.17 46.30 21.27
C ASP K 187 3.83 46.99 20.97
N GLU K 188 3.24 46.74 19.81
CA GLU K 188 2.02 47.43 19.38
C GLU K 188 1.13 46.51 18.54
N VAL K 189 -0.18 46.68 18.70
CA VAL K 189 -1.15 46.16 17.77
C VAL K 189 -1.32 47.19 16.65
N MET K 190 -1.16 46.75 15.42
CA MET K 190 -1.28 47.60 14.25
C MET K 190 -2.78 47.74 13.91
N VAL K 191 -3.34 48.91 14.22
CA VAL K 191 -4.75 49.19 14.05
C VAL K 191 -4.96 49.89 12.70
N PRO K 192 -6.15 49.76 12.07
CA PRO K 192 -6.41 50.40 10.78
C PRO K 192 -6.62 51.92 10.88
N ILE L 4 -2.30 27.88 -18.06
CA ILE L 4 -2.53 29.36 -17.82
C ILE L 4 -2.10 30.12 -19.08
N PRO L 5 -3.05 30.71 -19.85
CA PRO L 5 -2.71 31.34 -21.11
C PRO L 5 -2.01 32.69 -20.94
N THR L 6 -1.27 33.06 -21.99
CA THR L 6 -0.48 34.25 -22.06
C THR L 6 -1.23 35.26 -22.95
N VAL L 7 -1.13 36.55 -22.60
CA VAL L 7 -1.76 37.63 -23.37
C VAL L 7 -0.65 38.58 -23.86
N ILE L 8 -0.83 39.14 -25.07
CA ILE L 8 0.28 39.71 -25.84
C ILE L 8 0.55 41.15 -25.38
N TYR L 18 2.44 38.59 -20.65
CA TYR L 18 1.98 38.36 -19.27
C TYR L 18 1.11 37.08 -19.19
N ASP L 19 1.28 36.30 -18.12
CA ASP L 19 0.22 35.36 -17.71
C ASP L 19 -1.03 36.20 -17.35
N ILE L 20 -2.21 35.60 -17.55
CA ILE L 20 -3.48 36.33 -17.49
C ILE L 20 -3.68 36.97 -16.11
N TYR L 21 -3.28 36.27 -15.03
CA TYR L 21 -3.51 36.77 -13.67
C TYR L 21 -2.61 37.99 -13.38
N SER L 22 -1.36 37.95 -13.89
CA SER L 22 -0.46 39.09 -13.76
C SER L 22 -1.00 40.30 -14.54
N ARG L 23 -1.63 40.03 -15.70
CA ARG L 23 -2.24 41.09 -16.49
C ARG L 23 -3.40 41.74 -15.71
N LEU L 24 -4.22 40.91 -15.05
CA LEU L 24 -5.35 41.42 -14.25
C LEU L 24 -4.84 42.22 -13.04
N LEU L 25 -3.71 41.81 -12.46
CA LEU L 25 -3.15 42.48 -11.29
C LEU L 25 -2.68 43.90 -11.67
N LYS L 26 -2.25 44.09 -12.91
CA LYS L 26 -1.88 45.40 -13.44
C LYS L 26 -3.09 46.35 -13.37
N ASP L 27 -4.33 45.82 -13.47
CA ASP L 27 -5.56 46.63 -13.35
C ASP L 27 -6.17 46.54 -11.94
N ARG L 28 -5.36 46.09 -10.96
CA ARG L 28 -5.69 46.09 -9.54
C ARG L 28 -6.76 45.03 -9.22
N ILE L 29 -6.82 43.97 -10.04
CA ILE L 29 -7.67 42.82 -9.77
C ILE L 29 -6.81 41.73 -9.12
N ILE L 30 -7.27 41.24 -7.97
CA ILE L 30 -6.68 40.10 -7.24
C ILE L 30 -7.65 38.93 -7.32
N MET L 31 -7.15 37.76 -7.71
CA MET L 31 -7.94 36.55 -7.84
C MET L 31 -7.74 35.66 -6.60
N LEU L 32 -8.82 35.43 -5.86
CA LEU L 32 -8.86 34.43 -4.80
C LEU L 32 -9.73 33.28 -5.32
N GLY L 33 -9.06 32.35 -6.01
CA GLY L 33 -9.71 31.36 -6.81
C GLY L 33 -9.38 29.94 -6.38
N SER L 34 -8.98 29.77 -5.12
CA SER L 34 -8.64 28.44 -4.61
C SER L 34 -8.95 28.36 -3.12
N GLN L 35 -8.69 27.17 -2.56
CA GLN L 35 -8.68 26.93 -1.15
C GLN L 35 -7.69 27.90 -0.48
N ILE L 36 -8.08 28.43 0.69
CA ILE L 36 -7.26 29.39 1.42
C ILE L 36 -6.33 28.62 2.36
N ASP L 37 -5.05 28.58 2.01
CA ASP L 37 -3.96 28.15 2.89
C ASP L 37 -2.99 29.33 3.07
N ASP L 38 -1.91 29.09 3.81
CA ASP L 38 -0.94 30.11 4.15
C ASP L 38 -0.32 30.72 2.88
N ASN L 39 0.04 29.88 1.89
CA ASN L 39 0.65 30.36 0.64
C ASN L 39 -0.27 31.32 -0.11
N VAL L 40 -1.57 30.99 -0.19
CA VAL L 40 -2.54 31.82 -0.86
C VAL L 40 -2.67 33.15 -0.10
N ALA L 41 -2.77 33.08 1.23
CA ALA L 41 -2.88 34.28 2.07
C ALA L 41 -1.65 35.18 1.89
N ASN L 42 -0.45 34.60 1.95
CA ASN L 42 0.78 35.39 1.85
C ASN L 42 0.84 36.13 0.50
N SER L 43 0.38 35.46 -0.56
CA SER L 43 0.34 36.03 -1.89
C SER L 43 -0.69 37.16 -1.98
N ILE L 44 -1.90 36.94 -1.45
CA ILE L 44 -2.97 37.96 -1.52
C ILE L 44 -2.56 39.17 -0.68
N VAL L 45 -2.02 38.93 0.51
CA VAL L 45 -1.58 40.00 1.39
C VAL L 45 -0.53 40.85 0.65
N SER L 46 0.45 40.19 0.03
CA SER L 46 1.53 40.87 -0.69
C SER L 46 0.96 41.68 -1.86
N GLN L 47 -0.03 41.13 -2.56
CA GLN L 47 -0.66 41.83 -3.67
C GLN L 47 -1.37 43.08 -3.16
N LEU L 48 -2.12 42.97 -2.05
CA LEU L 48 -2.86 44.10 -1.50
C LEU L 48 -1.89 45.22 -1.14
N LEU L 49 -0.79 44.89 -0.47
CA LEU L 49 0.17 45.88 0.01
C LEU L 49 0.88 46.54 -1.17
N PHE L 50 1.18 45.76 -2.20
CA PHE L 50 1.84 46.25 -3.40
C PHE L 50 0.92 47.24 -4.12
N LEU L 51 -0.37 46.90 -4.27
CA LEU L 51 -1.31 47.78 -4.93
C LEU L 51 -1.49 49.07 -4.14
N GLN L 52 -1.52 48.99 -2.80
CA GLN L 52 -1.62 50.19 -1.98
C GLN L 52 -0.40 51.09 -2.25
N ALA L 53 0.80 50.49 -2.33
CA ALA L 53 2.04 51.25 -2.54
C ALA L 53 2.03 51.91 -3.92
N GLN L 54 1.45 51.25 -4.93
CA GLN L 54 1.34 51.82 -6.28
C GLN L 54 0.38 53.02 -6.27
N ASP L 55 -0.73 52.91 -5.53
CA ASP L 55 -1.75 53.93 -5.48
C ASP L 55 -2.65 53.69 -4.27
N SER L 56 -2.63 54.64 -3.33
CA SER L 56 -3.30 54.47 -2.06
C SER L 56 -4.77 54.91 -2.14
N GLU L 57 -5.22 55.44 -3.27
CA GLU L 57 -6.58 56.01 -3.41
C GLU L 57 -7.47 55.13 -4.32
N LYS L 58 -6.89 54.47 -5.33
CA LYS L 58 -7.69 53.72 -6.30
C LYS L 58 -8.21 52.42 -5.68
N ASP L 59 -9.43 52.05 -6.05
CA ASP L 59 -10.06 50.82 -5.64
C ASP L 59 -9.21 49.61 -6.10
N ILE L 60 -9.29 48.56 -5.28
CA ILE L 60 -8.82 47.22 -5.56
C ILE L 60 -10.05 46.31 -5.72
N TYR L 61 -9.93 45.29 -6.57
CA TYR L 61 -11.03 44.37 -6.88
C TYR L 61 -10.58 42.94 -6.53
N LEU L 62 -11.23 42.33 -5.52
CA LEU L 62 -10.98 40.97 -5.08
C LEU L 62 -12.10 40.06 -5.61
N TYR L 63 -11.75 39.23 -6.60
CA TYR L 63 -12.66 38.27 -7.20
C TYR L 63 -12.53 36.95 -6.44
N ILE L 64 -13.67 36.40 -6.00
CA ILE L 64 -13.68 35.28 -5.08
C ILE L 64 -14.43 34.12 -5.72
N ASN L 65 -13.72 32.99 -5.83
CA ASN L 65 -14.28 31.69 -6.19
C ASN L 65 -13.52 30.64 -5.37
N SER L 66 -13.98 30.42 -4.14
CA SER L 66 -13.19 29.75 -3.13
C SER L 66 -14.10 28.96 -2.18
N PRO L 67 -13.73 27.71 -1.83
CA PRO L 67 -14.45 26.96 -0.81
C PRO L 67 -14.00 27.29 0.63
N GLY L 68 -13.14 28.29 0.79
CA GLY L 68 -12.61 28.66 2.08
C GLY L 68 -11.33 27.94 2.39
N GLY L 69 -11.07 27.72 3.69
CA GLY L 69 -9.87 27.05 4.15
C GLY L 69 -9.47 27.53 5.55
N SER L 70 -8.17 27.75 5.75
CA SER L 70 -7.60 28.10 7.04
C SER L 70 -8.16 29.45 7.54
N VAL L 71 -8.61 29.46 8.79
CA VAL L 71 -9.16 30.65 9.42
C VAL L 71 -8.04 31.67 9.66
N THR L 72 -6.86 31.24 10.10
CA THR L 72 -5.79 32.21 10.37
C THR L 72 -5.30 32.83 9.05
N ALA L 73 -5.22 32.02 8.00
CA ALA L 73 -4.83 32.54 6.69
C ALA L 73 -5.88 33.56 6.20
N GLY L 74 -7.16 33.22 6.38
CA GLY L 74 -8.27 34.10 6.06
C GLY L 74 -8.22 35.41 6.82
N PHE L 75 -7.82 35.37 8.09
CA PHE L 75 -7.74 36.57 8.91
C PHE L 75 -6.53 37.44 8.50
N ALA L 76 -5.47 36.84 7.98
CA ALA L 76 -4.36 37.62 7.42
C ALA L 76 -4.89 38.51 6.29
N ILE L 77 -5.73 37.94 5.42
CA ILE L 77 -6.31 38.66 4.31
C ILE L 77 -7.29 39.72 4.83
N TYR L 78 -8.18 39.32 5.75
CA TYR L 78 -9.18 40.21 6.32
C TYR L 78 -8.51 41.46 6.91
N ASP L 79 -7.51 41.26 7.76
CA ASP L 79 -6.86 42.34 8.49
C ASP L 79 -6.11 43.26 7.50
N THR L 80 -5.55 42.70 6.44
CA THR L 80 -4.85 43.49 5.46
C THR L 80 -5.86 44.37 4.70
N ILE L 81 -7.02 43.81 4.33
CA ILE L 81 -8.08 44.57 3.68
C ILE L 81 -8.46 45.78 4.55
N GLN L 82 -8.71 45.56 5.84
CA GLN L 82 -9.18 46.63 6.71
C GLN L 82 -8.05 47.65 6.94
N HIS L 83 -6.78 47.20 6.94
CA HIS L 83 -5.66 48.07 7.22
C HIS L 83 -5.40 49.10 6.10
N ILE L 84 -5.43 48.67 4.84
CA ILE L 84 -4.99 49.51 3.71
C ILE L 84 -6.02 50.62 3.47
N LYS L 85 -5.58 51.69 2.78
CA LYS L 85 -6.41 52.87 2.53
C LYS L 85 -7.40 52.61 1.39
N PRO L 86 -7.00 52.00 0.26
CA PRO L 86 -7.95 51.76 -0.83
C PRO L 86 -9.16 50.93 -0.39
N ASP L 87 -10.32 51.23 -0.94
CA ASP L 87 -11.48 50.36 -0.86
C ASP L 87 -11.18 49.07 -1.61
N VAL L 88 -11.52 47.92 -1.01
CA VAL L 88 -11.43 46.63 -1.66
C VAL L 88 -12.86 46.18 -2.00
N GLN L 89 -13.20 46.20 -3.29
CA GLN L 89 -14.45 45.63 -3.78
C GLN L 89 -14.30 44.10 -3.78
N THR L 90 -15.39 43.40 -3.45
CA THR L 90 -15.42 41.94 -3.50
C THR L 90 -16.51 41.52 -4.47
N ILE L 91 -16.19 40.55 -5.32
CA ILE L 91 -17.11 39.98 -6.28
C ILE L 91 -17.05 38.45 -6.15
N CYS L 92 -18.16 37.86 -5.74
CA CYS L 92 -18.31 36.42 -5.75
C CYS L 92 -18.74 35.93 -7.13
N ILE L 93 -17.85 35.16 -7.75
CA ILE L 93 -18.13 34.42 -8.97
C ILE L 93 -18.10 32.94 -8.60
N GLY L 94 -19.12 32.20 -8.96
CA GLY L 94 -19.14 30.76 -8.68
C GLY L 94 -19.54 30.46 -7.24
N MET L 95 -18.56 30.49 -6.33
CA MET L 95 -18.77 30.03 -4.95
C MET L 95 -17.93 30.89 -3.99
N ALA L 96 -18.53 31.25 -2.86
CA ALA L 96 -17.81 31.74 -1.72
C ALA L 96 -18.35 31.02 -0.50
N ALA L 97 -17.56 30.08 0.03
CA ALA L 97 -17.96 29.25 1.15
C ALA L 97 -16.99 29.44 2.31
N SER L 98 -17.52 29.36 3.53
CA SER L 98 -16.76 29.40 4.78
C SER L 98 -15.95 30.71 4.83
N MET L 99 -14.63 30.62 4.99
CA MET L 99 -13.78 31.79 5.06
C MET L 99 -13.85 32.59 3.75
N GLY L 100 -14.24 31.95 2.64
CA GLY L 100 -14.52 32.64 1.38
C GLY L 100 -15.67 33.64 1.49
N SER L 101 -16.74 33.24 2.19
CA SER L 101 -17.90 34.10 2.33
C SER L 101 -17.63 35.18 3.37
N PHE L 102 -16.81 34.86 4.38
CA PHE L 102 -16.36 35.83 5.36
C PHE L 102 -15.62 36.97 4.64
N LEU L 103 -14.74 36.64 3.70
CA LEU L 103 -13.96 37.64 2.97
C LEU L 103 -14.84 38.43 2.00
N LEU L 104 -15.83 37.77 1.39
CA LEU L 104 -16.80 38.44 0.55
C LEU L 104 -17.50 39.56 1.34
N ALA L 105 -17.92 39.24 2.56
CA ALA L 105 -18.63 40.17 3.45
C ALA L 105 -17.72 41.29 3.95
N ALA L 106 -16.39 41.10 3.85
CA ALA L 106 -15.38 42.03 4.36
C ALA L 106 -15.03 43.16 3.37
N GLY L 107 -15.57 43.10 2.14
CA GLY L 107 -15.33 44.15 1.15
C GLY L 107 -15.91 45.49 1.58
N ALA L 108 -15.50 46.57 0.90
CA ALA L 108 -15.95 47.92 1.26
C ALA L 108 -17.47 47.99 1.17
N LYS L 109 -18.10 48.66 2.14
CA LYS L 109 -19.56 48.77 2.20
C LYS L 109 -20.05 49.47 0.92
N GLY L 110 -21.07 48.89 0.29
CA GLY L 110 -21.60 49.35 -0.96
C GLY L 110 -20.90 48.74 -2.17
N LYS L 111 -19.80 48.00 -1.96
CA LYS L 111 -19.00 47.47 -3.08
C LYS L 111 -18.74 45.97 -2.93
N ARG L 112 -19.73 45.25 -2.39
CA ARG L 112 -19.70 43.79 -2.29
C ARG L 112 -20.77 43.24 -3.23
N PHE L 113 -20.33 42.40 -4.18
CA PHE L 113 -21.17 41.94 -5.26
C PHE L 113 -21.12 40.40 -5.36
N ALA L 114 -22.16 39.84 -5.98
CA ALA L 114 -22.15 38.46 -6.45
C ALA L 114 -22.86 38.40 -7.81
N LEU L 115 -22.39 37.51 -8.68
CA LEU L 115 -23.08 37.22 -9.92
C LEU L 115 -24.35 36.41 -9.59
N PRO L 116 -25.38 36.44 -10.48
CA PRO L 116 -26.71 35.96 -10.11
C PRO L 116 -26.78 34.49 -9.66
N ASN L 117 -25.92 33.64 -10.24
CA ASN L 117 -25.99 32.22 -10.02
C ASN L 117 -24.89 31.76 -9.05
N ALA L 118 -24.18 32.71 -8.43
CA ALA L 118 -23.16 32.42 -7.44
C ALA L 118 -23.80 31.81 -6.19
N GLU L 119 -23.02 30.96 -5.51
CA GLU L 119 -23.42 30.28 -4.28
C GLU L 119 -22.58 30.85 -3.14
N VAL L 120 -23.25 31.25 -2.06
CA VAL L 120 -22.59 31.67 -0.84
C VAL L 120 -22.96 30.67 0.26
N MET L 121 -21.98 30.26 1.06
CA MET L 121 -22.26 29.33 2.15
C MET L 121 -21.55 29.79 3.41
N ILE L 122 -22.28 29.78 4.53
CA ILE L 122 -21.75 30.14 5.85
C ILE L 122 -21.95 28.95 6.78
N HIS L 123 -21.01 28.76 7.70
CA HIS L 123 -21.08 27.70 8.70
C HIS L 123 -20.10 28.02 9.83
N GLN L 124 -19.99 27.13 10.83
CA GLN L 124 -19.09 27.37 11.95
C GLN L 124 -17.71 26.79 11.61
N PRO L 125 -16.64 27.27 12.27
CA PRO L 125 -15.30 26.73 12.07
C PRO L 125 -15.17 25.23 12.39
N LEU L 126 -14.24 24.60 11.68
CA LEU L 126 -13.97 23.18 11.80
C LEU L 126 -12.56 23.02 12.38
N GLY L 127 -12.36 21.96 13.15
CA GLY L 127 -11.05 21.68 13.70
C GLY L 127 -11.01 20.31 14.36
N GLY L 128 -10.00 20.13 15.20
CA GLY L 128 -9.62 18.84 15.71
C GLY L 128 -8.75 19.00 16.94
N ALA L 129 -8.69 17.94 17.74
CA ALA L 129 -7.91 17.87 18.94
C ALA L 129 -7.78 16.41 19.36
N GLN L 130 -6.56 16.02 19.75
CA GLN L 130 -6.21 14.71 20.23
C GLN L 130 -5.31 14.89 21.45
N GLY L 131 -5.44 14.00 22.44
CA GLY L 131 -4.50 13.93 23.57
C GLY L 131 -5.19 13.92 24.91
N GLN L 132 -4.54 14.56 25.89
CA GLN L 132 -5.02 14.58 27.28
C GLN L 132 -6.24 15.50 27.36
N ALA L 133 -7.08 15.26 28.37
CA ALA L 133 -8.27 16.07 28.66
C ALA L 133 -7.93 17.57 28.62
N THR L 134 -6.85 17.95 29.29
CA THR L 134 -6.39 19.35 29.38
C THR L 134 -6.04 19.92 28.00
N GLU L 135 -5.45 19.11 27.12
CA GLU L 135 -5.10 19.54 25.76
C GLU L 135 -6.37 19.75 24.94
N ILE L 136 -7.37 18.88 25.13
CA ILE L 136 -8.61 18.99 24.38
C ILE L 136 -9.36 20.25 24.82
N GLU L 137 -9.28 20.55 26.12
CA GLU L 137 -9.89 21.74 26.72
C GLU L 137 -9.31 23.00 26.06
N ILE L 138 -7.97 23.07 25.96
CA ILE L 138 -7.28 24.21 25.34
C ILE L 138 -7.75 24.38 23.89
N ALA L 139 -7.77 23.27 23.12
CA ALA L 139 -8.18 23.31 21.72
C ALA L 139 -9.64 23.79 21.60
N ALA L 140 -10.51 23.29 22.48
CA ALA L 140 -11.93 23.65 22.46
C ALA L 140 -12.12 25.15 22.75
N ASN L 141 -11.45 25.64 23.79
CA ASN L 141 -11.51 27.04 24.19
C ASN L 141 -11.05 27.93 23.01
N HIS L 142 -9.96 27.52 22.35
CA HIS L 142 -9.43 28.28 21.22
C HIS L 142 -10.44 28.35 20.06
N ILE L 143 -11.03 27.20 19.66
CA ILE L 143 -11.93 27.22 18.50
C ILE L 143 -13.23 27.95 18.86
N LEU L 144 -13.69 27.88 20.11
CA LEU L 144 -14.90 28.61 20.52
C LEU L 144 -14.65 30.14 20.47
N LYS L 145 -13.46 30.57 20.92
CA LYS L 145 -13.07 31.98 20.88
C LYS L 145 -12.98 32.45 19.40
N THR L 146 -12.46 31.58 18.53
CA THR L 146 -12.36 31.87 17.11
C THR L 146 -13.75 32.06 16.50
N ARG L 147 -14.70 31.19 16.90
CA ARG L 147 -16.05 31.28 16.39
C ARG L 147 -16.71 32.58 16.83
N GLU L 148 -16.55 32.94 18.12
CA GLU L 148 -17.10 34.20 18.66
C GLU L 148 -16.57 35.39 17.85
N LYS L 149 -15.27 35.39 17.54
CA LYS L 149 -14.63 36.47 16.79
C LYS L 149 -15.22 36.56 15.37
N LEU L 150 -15.35 35.42 14.68
CA LEU L 150 -15.91 35.39 13.34
C LEU L 150 -17.35 35.93 13.37
N ASN L 151 -18.15 35.45 14.34
CA ASN L 151 -19.56 35.77 14.40
C ASN L 151 -19.80 37.26 14.70
N ARG L 152 -18.98 37.81 15.59
CA ARG L 152 -19.04 39.22 15.95
C ARG L 152 -18.78 40.07 14.72
N ILE L 153 -17.70 39.74 13.97
CA ILE L 153 -17.37 40.52 12.79
C ILE L 153 -18.48 40.36 11.76
N LEU L 154 -19.02 39.16 11.57
CA LEU L 154 -20.09 38.96 10.59
C LEU L 154 -21.34 39.79 10.95
N SER L 155 -21.62 39.86 12.26
CA SER L 155 -22.72 40.69 12.79
C SER L 155 -22.53 42.16 12.37
N GLU L 156 -21.33 42.69 12.60
CA GLU L 156 -20.99 44.08 12.25
C GLU L 156 -21.10 44.29 10.73
N ARG L 157 -20.65 43.32 9.92
CA ARG L 157 -20.57 43.51 8.47
C ARG L 157 -21.95 43.34 7.83
N THR L 158 -22.85 42.53 8.44
CA THR L 158 -24.14 42.23 7.83
C THR L 158 -25.29 43.07 8.43
N GLY L 159 -25.13 43.55 9.66
CA GLY L 159 -26.22 44.19 10.41
C GLY L 159 -27.14 43.19 11.11
N GLN L 160 -26.86 41.88 11.03
CA GLN L 160 -27.64 40.87 11.76
C GLN L 160 -27.13 40.81 13.20
N SER L 161 -28.00 40.38 14.13
CA SER L 161 -27.58 40.15 15.51
C SER L 161 -26.64 38.94 15.59
N ILE L 162 -25.80 38.95 16.64
CA ILE L 162 -24.88 37.85 16.85
C ILE L 162 -25.68 36.57 17.15
N GLU L 163 -26.85 36.68 17.77
CA GLU L 163 -27.71 35.53 18.09
C GLU L 163 -28.18 34.87 16.79
N LYS L 164 -28.61 35.69 15.82
CA LYS L 164 -29.07 35.17 14.54
C LYS L 164 -27.89 34.56 13.75
N ILE L 165 -26.71 35.19 13.76
CA ILE L 165 -25.51 34.65 13.06
C ILE L 165 -25.18 33.26 13.65
N GLN L 166 -25.21 33.15 14.98
CA GLN L 166 -24.92 31.90 15.71
C GLN L 166 -25.86 30.80 15.20
N LYS L 167 -27.17 31.07 15.15
CA LYS L 167 -28.18 30.09 14.72
C LYS L 167 -27.99 29.75 13.23
N ASP L 168 -27.70 30.75 12.40
CA ASP L 168 -27.66 30.58 10.95
C ASP L 168 -26.36 29.89 10.49
N THR L 169 -25.34 29.81 11.35
CA THR L 169 -24.06 29.19 11.01
C THR L 169 -23.88 27.85 11.74
N ASP L 170 -24.90 27.40 12.45
CA ASP L 170 -24.81 26.18 13.28
C ASP L 170 -24.52 24.97 12.39
N ARG L 171 -25.11 24.90 11.20
CA ARG L 171 -24.79 23.91 10.16
C ARG L 171 -24.64 24.66 8.83
N ASP L 172 -24.17 23.95 7.80
CA ASP L 172 -23.99 24.47 6.48
C ASP L 172 -25.28 25.18 6.06
N ASN L 173 -25.16 26.45 5.65
CA ASN L 173 -26.25 27.27 5.23
C ASN L 173 -25.92 27.88 3.86
N PHE L 174 -26.57 27.39 2.82
CA PHE L 174 -26.38 27.83 1.43
C PHE L 174 -27.32 29.00 1.11
N LEU L 175 -26.78 30.07 0.54
CA LEU L 175 -27.56 31.24 0.12
C LEU L 175 -27.37 31.47 -1.38
N THR L 176 -28.45 31.81 -2.07
CA THR L 176 -28.37 32.42 -3.41
C THR L 176 -27.77 33.83 -3.28
N ALA L 177 -27.38 34.41 -4.41
CA ALA L 177 -26.86 35.78 -4.43
C ALA L 177 -27.90 36.74 -3.83
N GLU L 178 -29.16 36.59 -4.24
CA GLU L 178 -30.25 37.45 -3.82
C GLU L 178 -30.45 37.30 -2.31
N GLU L 179 -30.39 36.06 -1.80
CA GLU L 179 -30.51 35.82 -0.35
C GLU L 179 -29.32 36.43 0.39
N ALA L 180 -28.12 36.35 -0.20
CA ALA L 180 -26.92 36.94 0.43
C ALA L 180 -27.08 38.46 0.54
N LYS L 181 -27.69 39.08 -0.47
CA LYS L 181 -27.98 40.51 -0.45
C LYS L 181 -28.97 40.85 0.68
N GLU L 182 -30.07 40.08 0.77
CA GLU L 182 -31.09 40.29 1.81
C GLU L 182 -30.46 40.11 3.19
N TYR L 183 -29.50 39.18 3.31
CA TYR L 183 -28.86 38.87 4.57
C TYR L 183 -27.90 40.00 5.00
N GLY L 184 -27.36 40.72 4.02
CA GLY L 184 -26.35 41.77 4.26
C GLY L 184 -24.91 41.30 4.06
N LEU L 185 -24.70 40.13 3.44
CA LEU L 185 -23.34 39.62 3.14
C LEU L 185 -22.75 40.35 1.92
N ILE L 186 -23.62 40.77 1.00
CA ILE L 186 -23.26 41.58 -0.16
C ILE L 186 -24.24 42.76 -0.23
N ASP L 187 -23.91 43.72 -1.11
CA ASP L 187 -24.72 44.93 -1.30
C ASP L 187 -25.60 44.82 -2.54
N GLU L 188 -25.09 44.19 -3.61
CA GLU L 188 -25.80 44.14 -4.89
C GLU L 188 -25.53 42.82 -5.60
N VAL L 189 -26.56 42.32 -6.28
CA VAL L 189 -26.43 41.29 -7.28
C VAL L 189 -26.07 41.99 -8.60
N MET L 190 -24.98 41.55 -9.22
CA MET L 190 -24.50 42.10 -10.47
C MET L 190 -25.29 41.46 -11.62
N VAL L 191 -26.23 42.21 -12.19
CA VAL L 191 -27.15 41.69 -13.20
C VAL L 191 -26.58 41.99 -14.59
N PRO L 192 -26.88 41.15 -15.62
CA PRO L 192 -26.50 41.45 -16.99
C PRO L 192 -27.37 42.57 -17.61
N ILE M 4 2.64 20.71 -26.32
CA ILE M 4 1.93 21.92 -26.88
C ILE M 4 2.87 22.62 -27.85
N PRO M 5 2.59 22.62 -29.17
CA PRO M 5 3.51 23.18 -30.16
C PRO M 5 3.48 24.71 -30.18
N THR M 6 4.57 25.27 -30.69
CA THR M 6 4.83 26.69 -30.82
C THR M 6 4.63 27.06 -32.29
N VAL M 7 4.09 28.26 -32.53
CA VAL M 7 3.85 28.78 -33.88
C VAL M 7 4.65 30.08 -34.05
N TYR M 18 4.59 32.02 -30.04
CA TYR M 18 3.42 31.76 -29.17
C TYR M 18 3.15 30.26 -29.05
N ASP M 19 2.78 29.78 -27.85
CA ASP M 19 2.07 28.50 -27.74
C ASP M 19 0.72 28.64 -28.50
N ILE M 20 0.23 27.52 -29.04
CA ILE M 20 -0.88 27.53 -30.00
C ILE M 20 -2.14 28.15 -29.34
N TYR M 21 -2.38 27.86 -28.07
CA TYR M 21 -3.60 28.34 -27.39
C TYR M 21 -3.54 29.87 -27.20
N SER M 22 -2.35 30.40 -26.88
CA SER M 22 -2.15 31.84 -26.75
C SER M 22 -2.35 32.52 -28.10
N ARG M 23 -1.92 31.85 -29.18
CA ARG M 23 -2.11 32.37 -30.54
C ARG M 23 -3.61 32.44 -30.87
N LEU M 24 -4.38 31.40 -30.49
CA LEU M 24 -5.83 31.38 -30.74
C LEU M 24 -6.53 32.46 -29.91
N LEU M 25 -6.03 32.73 -28.69
CA LEU M 25 -6.64 33.73 -27.82
C LEU M 25 -6.49 35.13 -28.43
N LYS M 26 -5.40 35.36 -29.18
CA LYS M 26 -5.20 36.60 -29.91
C LYS M 26 -6.35 36.83 -30.92
N ASP M 27 -6.95 35.75 -31.44
CA ASP M 27 -8.12 35.84 -32.36
C ASP M 27 -9.44 35.63 -31.61
N ARG M 28 -9.42 35.77 -30.27
CA ARG M 28 -10.61 35.77 -29.40
C ARG M 28 -11.22 34.37 -29.32
N ILE M 29 -10.40 33.33 -29.51
CA ILE M 29 -10.83 31.94 -29.31
C ILE M 29 -10.36 31.50 -27.92
N ILE M 30 -11.31 31.00 -27.13
CA ILE M 30 -11.07 30.41 -25.81
C ILE M 30 -11.34 28.90 -25.91
N MET M 31 -10.40 28.09 -25.41
CA MET M 31 -10.54 26.64 -25.43
C MET M 31 -11.00 26.14 -24.05
N LEU M 32 -12.17 25.49 -24.03
CA LEU M 32 -12.63 24.73 -22.86
C LEU M 32 -12.53 23.25 -23.24
N GLY M 33 -11.34 22.70 -22.99
CA GLY M 33 -10.94 21.43 -23.51
C GLY M 33 -10.60 20.42 -22.42
N SER M 34 -11.15 20.62 -21.21
CA SER M 34 -10.87 19.73 -20.11
C SER M 34 -12.06 19.67 -19.15
N GLN M 35 -11.91 18.85 -18.12
CA GLN M 35 -12.80 18.81 -16.99
C GLN M 35 -12.88 20.21 -16.36
N ILE M 36 -14.08 20.60 -15.94
CA ILE M 36 -14.31 21.93 -15.37
C ILE M 36 -14.09 21.88 -13.86
N ASP M 37 -12.98 22.46 -13.41
CA ASP M 37 -12.71 22.72 -12.00
C ASP M 37 -12.51 24.23 -11.83
N ASP M 38 -12.21 24.65 -10.59
CA ASP M 38 -12.08 26.05 -10.25
C ASP M 38 -10.95 26.71 -11.08
N ASN M 39 -9.81 26.04 -11.27
CA ASN M 39 -8.68 26.59 -12.03
C ASN M 39 -9.10 26.89 -13.48
N VAL M 40 -9.83 25.96 -14.11
CA VAL M 40 -10.29 26.13 -15.47
C VAL M 40 -11.27 27.32 -15.53
N ALA M 41 -12.21 27.37 -14.58
CA ALA M 41 -13.18 28.45 -14.50
C ALA M 41 -12.51 29.82 -14.34
N ASN M 42 -11.56 29.91 -13.41
CA ASN M 42 -10.90 31.18 -13.12
C ASN M 42 -10.16 31.68 -14.38
N SER M 43 -9.57 30.76 -15.13
CA SER M 43 -8.85 31.07 -16.34
C SER M 43 -9.80 31.53 -17.45
N ILE M 44 -10.91 30.82 -17.63
CA ILE M 44 -11.88 31.14 -18.71
C ILE M 44 -12.53 32.50 -18.39
N VAL M 45 -12.92 32.70 -17.12
CA VAL M 45 -13.51 33.96 -16.70
C VAL M 45 -12.54 35.11 -17.01
N SER M 46 -11.27 34.94 -16.63
CA SER M 46 -10.25 35.98 -16.84
C SER M 46 -10.09 36.26 -18.34
N GLN M 47 -10.11 35.21 -19.17
CA GLN M 47 -9.96 35.36 -20.59
C GLN M 47 -11.16 36.16 -21.16
N LEU M 48 -12.39 35.82 -20.72
CA LEU M 48 -13.58 36.49 -21.21
C LEU M 48 -13.50 38.00 -20.89
N LEU M 49 -13.12 38.33 -19.66
CA LEU M 49 -13.10 39.72 -19.21
C LEU M 49 -12.00 40.50 -19.95
N PHE M 50 -10.87 39.85 -20.21
CA PHE M 50 -9.75 40.44 -20.90
C PHE M 50 -10.14 40.75 -22.35
N LEU M 51 -10.81 39.80 -23.02
CA LEU M 51 -11.23 40.00 -24.39
C LEU M 51 -12.27 41.14 -24.48
N GLN M 52 -13.18 41.22 -23.50
CA GLN M 52 -14.15 42.29 -23.47
C GLN M 52 -13.42 43.65 -23.37
N ALA M 53 -12.38 43.73 -22.53
CA ALA M 53 -11.63 44.97 -22.31
C ALA M 53 -10.88 45.36 -23.59
N GLN M 54 -10.39 44.38 -24.36
CA GLN M 54 -9.71 44.65 -25.63
C GLN M 54 -10.71 45.19 -26.67
N ASP M 55 -11.94 44.64 -26.69
CA ASP M 55 -12.95 45.03 -27.65
C ASP M 55 -14.31 44.52 -27.17
N SER M 56 -15.22 45.45 -26.87
CA SER M 56 -16.49 45.12 -26.25
C SER M 56 -17.55 44.73 -27.30
N GLU M 57 -17.24 44.83 -28.59
CA GLU M 57 -18.21 44.61 -29.68
C GLU M 57 -17.93 43.33 -30.46
N LYS M 58 -16.66 42.95 -30.61
CA LYS M 58 -16.29 41.78 -31.43
C LYS M 58 -16.69 40.48 -30.71
N ASP M 59 -17.13 39.50 -31.50
CA ASP M 59 -17.51 38.19 -31.01
C ASP M 59 -16.28 37.52 -30.35
N ILE M 60 -16.58 36.67 -29.37
CA ILE M 60 -15.69 35.71 -28.75
C ILE M 60 -16.16 34.31 -29.15
N TYR M 61 -15.23 33.36 -29.27
CA TYR M 61 -15.49 31.98 -29.70
C TYR M 61 -15.02 31.01 -28.62
N LEU M 62 -15.97 30.28 -28.02
CA LEU M 62 -15.71 29.28 -26.98
C LEU M 62 -15.84 27.89 -27.60
N TYR M 63 -14.69 27.22 -27.77
CA TYR M 63 -14.63 25.87 -28.31
C TYR M 63 -14.69 24.88 -27.12
N ILE M 64 -15.59 23.91 -27.20
CA ILE M 64 -15.90 23.05 -26.08
C ILE M 64 -15.64 21.59 -26.46
N ASN M 65 -14.76 20.95 -25.68
CA ASN M 65 -14.52 19.52 -25.70
C ASN M 65 -14.29 19.09 -24.24
N SER M 66 -15.37 18.83 -23.51
CA SER M 66 -15.33 18.75 -22.06
C SER M 66 -16.35 17.74 -21.55
N PRO M 67 -15.98 16.88 -20.57
CA PRO M 67 -16.93 15.99 -19.91
C PRO M 67 -17.69 16.67 -18.76
N GLY M 68 -17.50 17.98 -18.59
CA GLY M 68 -18.14 18.71 -17.51
C GLY M 68 -17.27 18.76 -16.28
N GLY M 69 -17.90 18.80 -15.09
CA GLY M 69 -17.19 18.95 -13.81
C GLY M 69 -18.03 19.73 -12.80
N SER M 70 -17.36 20.61 -12.05
CA SER M 70 -17.97 21.36 -10.96
C SER M 70 -19.07 22.29 -11.47
N VAL M 71 -20.24 22.23 -10.82
CA VAL M 71 -21.38 23.07 -11.15
C VAL M 71 -21.10 24.54 -10.82
N THR M 72 -20.48 24.80 -9.67
CA THR M 72 -20.20 26.19 -9.27
C THR M 72 -19.16 26.80 -10.21
N ALA M 73 -18.16 26.02 -10.60
CA ALA M 73 -17.15 26.49 -11.55
C ALA M 73 -17.81 26.80 -12.90
N GLY M 74 -18.71 25.90 -13.32
CA GLY M 74 -19.50 26.07 -14.55
C GLY M 74 -20.33 27.34 -14.51
N PHE M 75 -20.91 27.65 -13.34
CA PHE M 75 -21.74 28.84 -13.21
C PHE M 75 -20.90 30.12 -13.21
N ALA M 76 -19.66 30.06 -12.74
CA ALA M 76 -18.76 31.21 -12.86
C ALA M 76 -18.60 31.59 -14.34
N ILE M 77 -18.41 30.57 -15.19
CA ILE M 77 -18.26 30.78 -16.62
C ILE M 77 -19.57 31.28 -17.22
N TYR M 78 -20.68 30.61 -16.89
CA TYR M 78 -22.00 30.95 -17.40
C TYR M 78 -22.31 32.43 -17.15
N ASP M 79 -22.16 32.86 -15.89
CA ASP M 79 -22.54 34.20 -15.47
C ASP M 79 -21.63 35.24 -16.16
N THR M 80 -20.36 34.90 -16.37
CA THR M 80 -19.45 35.80 -17.02
C THR M 80 -19.84 35.97 -18.50
N ILE M 81 -20.20 34.87 -19.17
CA ILE M 81 -20.68 34.91 -20.55
C ILE M 81 -21.86 35.89 -20.65
N GLN M 82 -22.85 35.73 -19.77
CA GLN M 82 -24.07 36.55 -19.86
C GLN M 82 -23.76 38.00 -19.50
N HIS M 83 -22.79 38.23 -18.61
CA HIS M 83 -22.48 39.57 -18.15
C HIS M 83 -21.85 40.45 -19.24
N ILE M 84 -20.87 39.91 -19.99
CA ILE M 84 -20.08 40.72 -20.91
C ILE M 84 -20.93 41.13 -22.12
N LYS M 85 -20.49 42.18 -22.81
CA LYS M 85 -21.23 42.76 -23.95
C LYS M 85 -21.03 41.91 -25.21
N PRO M 86 -19.80 41.44 -25.54
CA PRO M 86 -19.63 40.62 -26.73
C PRO M 86 -20.51 39.37 -26.74
N ASP M 87 -20.99 39.00 -27.93
CA ASP M 87 -21.58 37.69 -28.14
C ASP M 87 -20.49 36.63 -27.98
N VAL M 88 -20.80 35.55 -27.27
CA VAL M 88 -19.93 34.40 -27.14
C VAL M 88 -20.53 33.25 -27.96
N GLN M 89 -19.90 32.95 -29.09
CA GLN M 89 -20.24 31.78 -29.88
C GLN M 89 -19.73 30.52 -29.15
N THR M 90 -20.47 29.42 -29.23
CA THR M 90 -20.05 28.14 -28.67
C THR M 90 -20.01 27.12 -29.80
N ILE M 91 -18.94 26.32 -29.83
CA ILE M 91 -18.76 25.25 -30.79
C ILE M 91 -18.37 23.98 -30.01
N CYS M 92 -19.23 22.97 -30.07
CA CYS M 92 -18.92 21.67 -29.55
C CYS M 92 -18.13 20.85 -30.58
N ILE M 93 -16.89 20.54 -30.24
CA ILE M 93 -16.04 19.62 -30.96
C ILE M 93 -15.86 18.40 -30.06
N GLY M 94 -16.09 17.20 -30.57
CA GLY M 94 -15.87 16.00 -29.77
C GLY M 94 -17.02 15.71 -28.82
N MET M 95 -16.99 16.35 -27.63
CA MET M 95 -17.92 16.02 -26.55
C MET M 95 -18.27 17.29 -25.75
N ALA M 96 -19.54 17.44 -25.42
CA ALA M 96 -19.98 18.36 -24.40
C ALA M 96 -20.97 17.61 -23.50
N ALA M 97 -20.52 17.25 -22.30
CA ALA M 97 -21.31 16.46 -21.36
C ALA M 97 -21.49 17.26 -20.08
N SER M 98 -22.66 17.09 -19.45
CA SER M 98 -23.00 17.63 -18.14
C SER M 98 -22.85 19.15 -18.20
N MET M 99 -22.04 19.74 -17.31
CA MET M 99 -21.85 21.17 -17.29
C MET M 99 -21.26 21.68 -18.61
N GLY M 100 -20.57 20.80 -19.36
CA GLY M 100 -20.10 21.10 -20.71
C GLY M 100 -21.24 21.43 -21.67
N SER M 101 -22.33 20.65 -21.59
CA SER M 101 -23.46 20.85 -22.50
C SER M 101 -24.28 22.07 -22.05
N PHE M 102 -24.32 22.31 -20.73
CA PHE M 102 -24.95 23.50 -20.19
C PHE M 102 -24.26 24.77 -20.76
N LEU M 103 -22.94 24.76 -20.82
CA LEU M 103 -22.18 25.91 -21.32
C LEU M 103 -22.32 26.04 -22.83
N LEU M 104 -22.41 24.92 -23.55
CA LEU M 104 -22.69 24.93 -24.99
C LEU M 104 -24.00 25.68 -25.25
N ALA M 105 -25.03 25.37 -24.46
CA ALA M 105 -26.36 25.94 -24.60
C ALA M 105 -26.38 27.44 -24.19
N ALA M 106 -25.34 27.89 -23.47
CA ALA M 106 -25.24 29.25 -22.95
C ALA M 106 -24.65 30.25 -23.97
N GLY M 107 -24.20 29.79 -25.12
CA GLY M 107 -23.69 30.69 -26.18
C GLY M 107 -24.78 31.63 -26.72
N ALA M 108 -24.38 32.67 -27.43
CA ALA M 108 -25.32 33.66 -27.97
C ALA M 108 -26.32 32.94 -28.90
N LYS M 109 -27.59 33.32 -28.80
CA LYS M 109 -28.65 32.69 -29.58
C LYS M 109 -28.36 32.89 -31.07
N GLY M 110 -28.45 31.82 -31.85
CA GLY M 110 -28.09 31.82 -33.25
C GLY M 110 -26.63 31.48 -33.50
N LYS M 111 -25.81 31.41 -32.45
CA LYS M 111 -24.35 31.21 -32.63
C LYS M 111 -23.82 30.05 -31.76
N ARG M 112 -24.66 29.01 -31.58
CA ARG M 112 -24.29 27.79 -30.89
C ARG M 112 -24.23 26.67 -31.92
N PHE M 113 -23.06 26.03 -32.02
CA PHE M 113 -22.77 25.07 -33.07
C PHE M 113 -22.23 23.76 -32.46
N ALA M 114 -22.35 22.69 -33.25
CA ALA M 114 -21.64 21.44 -33.00
C ALA M 114 -21.20 20.85 -34.34
N LEU M 115 -20.04 20.19 -34.35
CA LEU M 115 -19.60 19.42 -35.50
C LEU M 115 -20.45 18.17 -35.63
N PRO M 116 -20.56 17.56 -36.83
CA PRO M 116 -21.57 16.54 -37.08
C PRO M 116 -21.50 15.30 -36.18
N ASN M 117 -20.28 14.92 -35.77
CA ASN M 117 -20.08 13.68 -35.03
C ASN M 117 -19.86 13.96 -33.55
N ALA M 118 -20.03 15.22 -33.13
CA ALA M 118 -19.92 15.60 -31.73
C ALA M 118 -21.04 14.93 -30.92
N GLU M 119 -20.71 14.64 -29.65
CA GLU M 119 -21.60 13.98 -28.70
C GLU M 119 -21.97 15.02 -27.63
N VAL M 120 -23.28 15.18 -27.39
CA VAL M 120 -23.78 16.02 -26.34
C VAL M 120 -24.48 15.10 -25.33
N MET M 121 -24.24 15.33 -24.04
CA MET M 121 -24.90 14.51 -23.04
C MET M 121 -25.41 15.42 -21.91
N ILE M 122 -26.65 15.17 -21.50
CA ILE M 122 -27.28 15.87 -20.38
C ILE M 122 -27.70 14.83 -19.34
N HIS M 123 -27.62 15.21 -18.07
CA HIS M 123 -28.04 14.36 -16.95
C HIS M 123 -28.21 15.25 -15.72
N GLN M 124 -28.55 14.65 -14.57
CA GLN M 124 -28.77 15.44 -13.36
C GLN M 124 -27.44 15.56 -12.64
N PRO M 125 -27.28 16.59 -11.75
CA PRO M 125 -26.08 16.73 -10.95
C PRO M 125 -25.80 15.54 -10.03
N LEU M 126 -24.52 15.31 -9.77
CA LEU M 126 -24.02 14.24 -8.94
C LEU M 126 -23.41 14.85 -7.68
N GLY M 127 -23.48 14.12 -6.57
CA GLY M 127 -22.88 14.57 -5.35
C GLY M 127 -22.91 13.52 -4.27
N GLY M 128 -22.82 13.98 -3.02
CA GLY M 128 -22.52 13.11 -1.90
C GLY M 128 -22.85 13.79 -0.60
N ALA M 129 -23.09 12.97 0.42
CA ALA M 129 -23.41 13.45 1.75
C ALA M 129 -23.18 12.31 2.74
N GLN M 130 -22.51 12.64 3.84
CA GLN M 130 -22.15 11.74 4.92
C GLN M 130 -22.41 12.49 6.24
N GLY M 131 -22.85 11.77 7.27
CA GLY M 131 -23.00 12.30 8.63
C GLY M 131 -24.39 12.10 9.20
N GLN M 132 -24.81 13.06 10.01
CA GLN M 132 -26.08 13.00 10.72
C GLN M 132 -27.23 13.21 9.73
N ALA M 133 -28.40 12.70 10.09
CA ALA M 133 -29.62 12.84 9.30
C ALA M 133 -29.83 14.30 8.86
N THR M 134 -29.67 15.25 9.80
CA THR M 134 -29.82 16.69 9.54
C THR M 134 -28.82 17.19 8.48
N GLU M 135 -27.60 16.69 8.52
CA GLU M 135 -26.57 17.07 7.56
C GLU M 135 -26.91 16.52 6.16
N ILE M 136 -27.46 15.31 6.11
CA ILE M 136 -27.81 14.69 4.85
C ILE M 136 -28.98 15.45 4.22
N GLU M 137 -29.91 15.90 5.07
CA GLU M 137 -31.06 16.70 4.68
C GLU M 137 -30.59 18.00 4.00
N ILE M 138 -29.65 18.69 4.64
CA ILE M 138 -29.10 19.96 4.10
C ILE M 138 -28.44 19.70 2.74
N ALA M 139 -27.62 18.66 2.65
CA ALA M 139 -26.93 18.31 1.38
C ALA M 139 -27.95 17.99 0.28
N ALA M 140 -29.00 17.24 0.62
CA ALA M 140 -30.02 16.84 -0.35
C ALA M 140 -30.78 18.07 -0.85
N ASN M 141 -31.21 18.95 0.09
CA ASN M 141 -31.92 20.18 -0.25
C ASN M 141 -31.06 21.03 -1.18
N HIS M 142 -29.77 21.14 -0.87
CA HIS M 142 -28.84 21.95 -1.68
C HIS M 142 -28.73 21.39 -3.10
N ILE M 143 -28.52 20.07 -3.26
CA ILE M 143 -28.32 19.53 -4.61
C ILE M 143 -29.65 19.59 -5.40
N LEU M 144 -30.79 19.43 -4.73
CA LEU M 144 -32.09 19.54 -5.43
C LEU M 144 -32.32 20.99 -5.90
N LYS M 145 -31.97 21.96 -5.07
CA LYS M 145 -32.08 23.39 -5.42
C LYS M 145 -31.13 23.70 -6.60
N THR M 146 -29.93 23.11 -6.59
CA THR M 146 -28.97 23.28 -7.68
C THR M 146 -29.57 22.73 -8.98
N ARG M 147 -30.22 21.57 -8.90
CA ARG M 147 -30.81 20.97 -10.09
C ARG M 147 -31.96 21.86 -10.62
N GLU M 148 -32.82 22.37 -9.74
CA GLU M 148 -33.91 23.29 -10.12
C GLU M 148 -33.34 24.51 -10.87
N LYS M 149 -32.24 25.07 -10.36
CA LYS M 149 -31.59 26.25 -10.96
C LYS M 149 -31.05 25.89 -12.36
N LEU M 150 -30.37 24.75 -12.49
CA LEU M 150 -29.85 24.31 -13.79
C LEU M 150 -31.01 24.09 -14.77
N ASN M 151 -32.08 23.44 -14.33
CA ASN M 151 -33.18 23.06 -15.22
C ASN M 151 -33.92 24.34 -15.71
N ARG M 152 -34.11 25.30 -14.82
CA ARG M 152 -34.76 26.55 -15.13
C ARG M 152 -33.96 27.30 -16.22
N ILE M 153 -32.65 27.39 -16.04
CA ILE M 153 -31.83 28.09 -17.01
C ILE M 153 -31.81 27.33 -18.33
N LEU M 154 -31.73 26.00 -18.26
CA LEU M 154 -31.73 25.20 -19.51
C LEU M 154 -33.03 25.39 -20.25
N SER M 155 -34.14 25.49 -19.51
CA SER M 155 -35.46 25.77 -20.07
C SER M 155 -35.44 27.06 -20.88
N GLU M 156 -34.93 28.13 -20.27
CA GLU M 156 -34.82 29.45 -20.91
C GLU M 156 -33.93 29.36 -22.16
N ARG M 157 -32.82 28.61 -22.10
CA ARG M 157 -31.86 28.61 -23.20
C ARG M 157 -32.31 27.70 -24.35
N THR M 158 -33.12 26.67 -24.07
CA THR M 158 -33.51 25.68 -25.09
C THR M 158 -34.92 25.95 -25.62
N GLY M 159 -35.78 26.61 -24.84
CA GLY M 159 -37.19 26.74 -25.15
C GLY M 159 -38.03 25.54 -24.68
N GLN M 160 -37.42 24.54 -24.05
CA GLN M 160 -38.16 23.37 -23.55
C GLN M 160 -38.69 23.68 -22.16
N SER M 161 -39.78 23.02 -21.77
CA SER M 161 -40.33 23.16 -20.41
C SER M 161 -39.37 22.57 -19.38
N ILE M 162 -39.47 23.09 -18.15
CA ILE M 162 -38.76 22.60 -16.99
C ILE M 162 -39.13 21.12 -16.77
N GLU M 163 -40.40 20.76 -16.99
CA GLU M 163 -40.92 19.41 -16.79
C GLU M 163 -40.23 18.44 -17.76
N LYS M 164 -40.07 18.86 -19.02
CA LYS M 164 -39.42 18.02 -20.01
C LYS M 164 -37.92 17.89 -19.68
N ILE M 165 -37.26 18.98 -19.27
CA ILE M 165 -35.82 18.94 -18.91
C ILE M 165 -35.63 17.94 -17.76
N GLN M 166 -36.50 18.01 -16.74
CA GLN M 166 -36.48 17.13 -15.57
C GLN M 166 -36.52 15.66 -16.01
N LYS M 167 -37.47 15.31 -16.88
CA LYS M 167 -37.63 13.93 -17.36
C LYS M 167 -36.42 13.51 -18.21
N ASP M 168 -35.92 14.41 -19.06
CA ASP M 168 -34.89 14.05 -20.02
C ASP M 168 -33.49 13.98 -19.38
N THR M 169 -33.33 14.49 -18.15
CA THR M 169 -32.05 14.50 -17.46
C THR M 169 -32.03 13.51 -16.29
N ASP M 170 -33.10 12.72 -16.15
CA ASP M 170 -33.24 11.81 -15.02
C ASP M 170 -32.11 10.77 -15.04
N ARG M 171 -31.71 10.28 -16.23
CA ARG M 171 -30.51 9.45 -16.42
C ARG M 171 -29.69 10.03 -17.58
N ASP M 172 -28.48 9.50 -17.77
CA ASP M 172 -27.61 9.92 -18.86
C ASP M 172 -28.40 9.87 -20.17
N ASN M 173 -28.39 10.98 -20.90
CA ASN M 173 -29.10 11.12 -22.14
C ASN M 173 -28.13 11.67 -23.20
N PHE M 174 -27.73 10.79 -24.12
CA PHE M 174 -26.79 11.10 -25.20
C PHE M 174 -27.54 11.62 -26.43
N LEU M 175 -27.11 12.75 -26.97
CA LEU M 175 -27.69 13.35 -28.17
C LEU M 175 -26.61 13.46 -29.26
N THR M 176 -27.00 13.13 -30.49
CA THR M 176 -26.24 13.52 -31.68
C THR M 176 -26.30 15.04 -31.84
N ALA M 177 -25.43 15.58 -32.71
CA ALA M 177 -25.46 17.03 -32.99
C ALA M 177 -26.85 17.45 -33.48
N GLU M 178 -27.42 16.66 -34.39
CA GLU M 178 -28.72 16.93 -35.00
C GLU M 178 -29.80 16.92 -33.93
N GLU M 179 -29.74 15.95 -33.02
CA GLU M 179 -30.70 15.86 -31.91
C GLU M 179 -30.53 17.07 -30.97
N ALA M 180 -29.28 17.49 -30.74
CA ALA M 180 -29.03 18.66 -29.88
C ALA M 180 -29.65 19.93 -30.50
N LYS M 181 -29.58 20.02 -31.83
CA LYS M 181 -30.22 21.11 -32.56
C LYS M 181 -31.74 21.07 -32.39
N GLU M 182 -32.35 19.90 -32.58
CA GLU M 182 -33.80 19.72 -32.43
C GLU M 182 -34.23 20.06 -31.01
N TYR M 183 -33.36 19.74 -30.03
CA TYR M 183 -33.68 19.98 -28.62
C TYR M 183 -33.61 21.49 -28.30
N GLY M 184 -32.80 22.24 -29.04
CA GLY M 184 -32.57 23.68 -28.77
C GLY M 184 -31.32 23.96 -27.94
N LEU M 185 -30.42 22.97 -27.81
CA LEU M 185 -29.14 23.16 -27.09
C LEU M 185 -28.16 23.92 -28.00
N ILE M 186 -28.26 23.69 -29.32
CA ILE M 186 -27.49 24.40 -30.32
C ILE M 186 -28.45 24.93 -31.40
N ASP M 187 -27.93 25.79 -32.26
CA ASP M 187 -28.71 26.42 -33.34
C ASP M 187 -28.44 25.73 -34.69
N GLU M 188 -27.20 25.31 -34.93
CA GLU M 188 -26.79 24.74 -36.21
C GLU M 188 -25.76 23.63 -36.03
N VAL M 189 -25.88 22.60 -36.86
CA VAL M 189 -24.83 21.64 -37.08
C VAL M 189 -23.91 22.21 -38.16
N MET M 190 -22.61 22.29 -37.83
CA MET M 190 -21.62 22.85 -38.71
C MET M 190 -21.20 21.76 -39.70
N VAL M 191 -21.65 21.90 -40.95
CA VAL M 191 -21.41 20.93 -42.02
C VAL M 191 -20.17 21.38 -42.82
N PRO M 192 -19.41 20.44 -43.41
CA PRO M 192 -18.20 20.79 -44.16
C PRO M 192 -18.49 21.45 -45.52
N ILE N 4 13.75 16.13 -26.30
CA ILE N 4 13.27 16.71 -27.61
C ILE N 4 14.33 17.68 -28.12
N PRO N 5 15.04 17.36 -29.23
CA PRO N 5 16.13 18.20 -29.70
C PRO N 5 15.65 19.48 -30.39
N THR N 6 16.55 20.46 -30.39
CA THR N 6 16.36 21.76 -30.99
C THR N 6 17.14 21.79 -32.31
N VAL N 7 16.58 22.48 -33.31
CA VAL N 7 17.20 22.61 -34.63
C VAL N 7 17.45 24.10 -34.91
N TYR N 18 14.07 26.24 -32.93
CA TYR N 18 12.79 25.54 -32.79
C TYR N 18 12.98 24.14 -32.18
N ASP N 19 12.04 23.70 -31.32
CA ASP N 19 11.88 22.27 -31.07
C ASP N 19 11.47 21.59 -32.39
N ILE N 20 11.85 20.32 -32.56
CA ILE N 20 11.75 19.64 -33.85
C ILE N 20 10.29 19.60 -34.34
N TYR N 21 9.33 19.40 -33.42
CA TYR N 21 7.92 19.28 -33.81
C TYR N 21 7.37 20.63 -34.29
N SER N 22 7.79 21.72 -33.64
CA SER N 22 7.41 23.07 -34.07
C SER N 22 8.01 23.38 -35.44
N ARG N 23 9.22 22.88 -35.71
CA ARG N 23 9.87 23.04 -37.01
C ARG N 23 9.07 22.30 -38.08
N LEU N 24 8.60 21.09 -37.78
CA LEU N 24 7.81 20.30 -38.74
C LEU N 24 6.45 20.98 -38.98
N LEU N 25 5.88 21.61 -37.95
CA LEU N 25 4.58 22.29 -38.09
C LEU N 25 4.69 23.48 -39.04
N LYS N 26 5.86 24.11 -39.09
CA LYS N 26 6.13 25.20 -40.03
C LYS N 26 5.98 24.70 -41.48
N ASP N 27 6.24 23.40 -41.73
CA ASP N 27 6.07 22.79 -43.06
C ASP N 27 4.73 22.04 -43.17
N ARG N 28 3.79 22.33 -42.25
CA ARG N 28 2.41 21.84 -42.29
C ARG N 28 2.34 20.35 -41.97
N ILE N 29 3.33 19.85 -41.21
CA ILE N 29 3.30 18.48 -40.69
C ILE N 29 2.78 18.52 -39.25
N ILE N 30 1.75 17.72 -38.98
CA ILE N 30 1.20 17.49 -37.65
C ILE N 30 1.54 16.06 -37.23
N MET N 31 2.07 15.90 -36.01
CA MET N 31 2.42 14.59 -35.46
C MET N 31 1.33 14.11 -34.50
N LEU N 32 0.70 12.98 -34.84
CA LEU N 32 -0.17 12.25 -33.91
C LEU N 32 0.59 10.99 -33.51
N GLY N 33 1.40 11.14 -32.45
CA GLY N 33 2.38 10.17 -32.08
C GLY N 33 2.16 9.64 -30.67
N SER N 34 0.93 9.70 -30.16
CA SER N 34 0.64 9.19 -28.84
C SER N 34 -0.79 8.64 -28.77
N GLN N 35 -1.15 8.15 -27.58
CA GLN N 35 -2.53 7.82 -27.25
C GLN N 35 -3.41 9.04 -27.44
N ILE N 36 -4.61 8.82 -27.96
CA ILE N 36 -5.55 9.91 -28.25
C ILE N 36 -6.42 10.15 -27.00
N ASP N 37 -6.15 11.28 -26.33
CA ASP N 37 -7.01 11.82 -25.26
C ASP N 37 -7.42 13.23 -25.67
N ASP N 38 -8.18 13.90 -24.80
CA ASP N 38 -8.75 15.21 -25.09
C ASP N 38 -7.63 16.23 -25.35
N ASN N 39 -6.53 16.19 -24.58
CA ASN N 39 -5.42 17.14 -24.73
C ASN N 39 -4.79 17.01 -26.13
N VAL N 40 -4.58 15.77 -26.60
CA VAL N 40 -4.02 15.51 -27.90
C VAL N 40 -4.97 16.02 -28.98
N ALA N 41 -6.26 15.72 -28.84
CA ALA N 41 -7.27 16.16 -29.79
C ALA N 41 -7.33 17.69 -29.88
N ASN N 42 -7.36 18.36 -28.73
CA ASN N 42 -7.47 19.82 -28.70
C ASN N 42 -6.27 20.46 -29.41
N SER N 43 -5.10 19.87 -29.24
CA SER N 43 -3.87 20.34 -29.85
C SER N 43 -3.90 20.12 -31.37
N ILE N 44 -4.31 18.93 -31.82
CA ILE N 44 -4.35 18.61 -33.24
C ILE N 44 -5.39 19.48 -33.94
N VAL N 45 -6.57 19.63 -33.32
CA VAL N 45 -7.63 20.46 -33.87
C VAL N 45 -7.09 21.90 -34.05
N SER N 46 -6.44 22.43 -33.02
CA SER N 46 -5.90 23.79 -33.06
C SER N 46 -4.86 23.94 -34.17
N GLN N 47 -4.01 22.91 -34.34
CA GLN N 47 -2.99 22.93 -35.37
C GLN N 47 -3.65 22.95 -36.76
N LEU N 48 -4.68 22.11 -36.96
CA LEU N 48 -5.36 22.03 -38.25
C LEU N 48 -5.95 23.39 -38.61
N LEU N 49 -6.63 24.03 -37.65
CA LEU N 49 -7.31 25.30 -37.90
C LEU N 49 -6.29 26.42 -38.18
N PHE N 50 -5.16 26.39 -37.47
CA PHE N 50 -4.11 27.37 -37.63
C PHE N 50 -3.49 27.25 -39.03
N LEU N 51 -3.22 26.00 -39.47
CA LEU N 51 -2.65 25.78 -40.79
C LEU N 51 -3.62 26.23 -41.88
N GLN N 52 -4.92 25.98 -41.70
CA GLN N 52 -5.91 26.41 -42.66
C GLN N 52 -5.88 27.95 -42.76
N ALA N 53 -5.78 28.63 -41.62
CA ALA N 53 -5.77 30.10 -41.58
C ALA N 53 -4.51 30.65 -42.28
N GLN N 54 -3.39 29.96 -42.16
CA GLN N 54 -2.14 30.36 -42.84
C GLN N 54 -2.29 30.20 -44.36
N ASP N 55 -2.94 29.11 -44.79
CA ASP N 55 -3.09 28.80 -46.21
C ASP N 55 -4.19 27.76 -46.38
N SER N 56 -5.28 28.14 -47.05
CA SER N 56 -6.47 27.30 -47.13
C SER N 56 -6.38 26.31 -48.32
N GLU N 57 -5.31 26.38 -49.12
CA GLU N 57 -5.18 25.56 -50.34
C GLU N 57 -4.09 24.49 -50.19
N LYS N 58 -3.01 24.78 -49.47
CA LYS N 58 -1.86 23.86 -49.39
C LYS N 58 -2.21 22.63 -48.52
N ASP N 59 -1.70 21.47 -48.94
CA ASP N 59 -1.90 20.23 -48.21
C ASP N 59 -1.30 20.34 -46.80
N ILE N 60 -1.93 19.58 -45.89
CA ILE N 60 -1.47 19.30 -44.55
C ILE N 60 -1.09 17.82 -44.49
N TYR N 61 -0.10 17.48 -43.67
CA TYR N 61 0.41 16.11 -43.53
C TYR N 61 0.27 15.66 -42.07
N LEU N 62 -0.56 14.64 -41.84
CA LEU N 62 -0.79 14.05 -40.53
C LEU N 62 -0.06 12.72 -40.44
N TYR N 63 1.03 12.69 -39.66
CA TYR N 63 1.83 11.50 -39.42
C TYR N 63 1.27 10.79 -38.19
N ILE N 64 1.00 9.49 -38.32
CA ILE N 64 0.29 8.73 -37.30
C ILE N 64 1.16 7.58 -36.82
N ASN N 65 1.41 7.57 -35.51
CA ASN N 65 2.02 6.47 -34.77
C ASN N 65 1.32 6.41 -33.41
N SER N 66 0.17 5.72 -33.36
CA SER N 66 -0.76 5.83 -32.25
C SER N 66 -1.49 4.52 -32.01
N PRO N 67 -1.66 4.10 -30.73
CA PRO N 67 -2.50 2.94 -30.41
C PRO N 67 -3.99 3.30 -30.29
N GLY N 68 -4.37 4.52 -30.63
CA GLY N 68 -5.74 4.97 -30.52
C GLY N 68 -6.00 5.61 -29.16
N GLY N 69 -7.25 5.51 -28.69
CA GLY N 69 -7.69 6.11 -27.45
C GLY N 69 -9.16 6.49 -27.49
N SER N 70 -9.48 7.66 -26.93
CA SER N 70 -10.85 8.14 -26.79
C SER N 70 -11.51 8.33 -28.16
N VAL N 71 -12.72 7.79 -28.30
CA VAL N 71 -13.50 7.87 -29.53
C VAL N 71 -13.96 9.32 -29.75
N THR N 72 -14.40 10.02 -28.68
CA THR N 72 -14.90 11.37 -28.85
C THR N 72 -13.74 12.31 -29.22
N ALA N 73 -12.56 12.09 -28.62
CA ALA N 73 -11.39 12.89 -28.97
C ALA N 73 -11.01 12.63 -30.43
N GLY N 74 -11.06 11.37 -30.84
CA GLY N 74 -10.81 10.97 -32.23
C GLY N 74 -11.77 11.62 -33.21
N PHE N 75 -13.03 11.75 -32.80
CA PHE N 75 -14.04 12.36 -33.67
C PHE N 75 -13.87 13.88 -33.75
N ALA N 76 -13.32 14.52 -32.71
CA ALA N 76 -12.96 15.94 -32.80
C ALA N 76 -11.96 16.15 -33.94
N ILE N 77 -10.96 15.26 -34.02
CA ILE N 77 -9.94 15.34 -35.06
C ILE N 77 -10.58 15.03 -36.42
N TYR N 78 -11.35 13.94 -36.49
CA TYR N 78 -11.99 13.51 -37.73
C TYR N 78 -12.80 14.66 -38.34
N ASP N 79 -13.68 15.25 -37.53
CA ASP N 79 -14.62 16.28 -38.00
C ASP N 79 -13.85 17.53 -38.44
N THR N 80 -12.74 17.84 -37.76
CA THR N 80 -11.94 18.99 -38.12
C THR N 80 -11.26 18.75 -39.48
N ILE N 81 -10.74 17.54 -39.69
CA ILE N 81 -10.14 17.17 -40.98
C ILE N 81 -11.17 17.37 -42.10
N GLN N 82 -12.40 16.87 -41.93
CA GLN N 82 -13.39 16.95 -42.99
C GLN N 82 -13.85 18.41 -43.18
N HIS N 83 -13.86 19.20 -42.10
CA HIS N 83 -14.36 20.57 -42.17
C HIS N 83 -13.43 21.50 -42.97
N ILE N 84 -12.12 21.43 -42.76
CA ILE N 84 -11.19 22.40 -43.34
C ILE N 84 -11.06 22.17 -44.85
N LYS N 85 -10.59 23.20 -45.56
CA LYS N 85 -10.50 23.18 -47.04
C LYS N 85 -9.28 22.38 -47.49
N PRO N 86 -8.08 22.56 -46.89
CA PRO N 86 -6.92 21.79 -47.33
C PRO N 86 -7.13 20.28 -47.26
N ASP N 87 -6.56 19.55 -48.22
CA ASP N 87 -6.44 18.12 -48.13
C ASP N 87 -5.50 17.77 -46.97
N VAL N 88 -5.89 16.78 -46.16
CA VAL N 88 -5.03 16.26 -45.11
C VAL N 88 -4.56 14.87 -45.54
N GLN N 89 -3.27 14.78 -45.89
CA GLN N 89 -2.62 13.50 -46.15
C GLN N 89 -2.38 12.79 -44.81
N THR N 90 -2.51 11.46 -44.80
CA THR N 90 -2.23 10.67 -43.62
C THR N 90 -1.12 9.66 -43.97
N ILE N 91 -0.15 9.53 -43.06
CA ILE N 91 0.95 8.59 -43.20
C ILE N 91 1.06 7.80 -41.89
N CYS N 92 0.83 6.49 -41.98
CA CYS N 92 1.07 5.61 -40.87
C CYS N 92 2.54 5.18 -40.84
N ILE N 93 3.22 5.59 -39.76
CA ILE N 93 4.56 5.14 -39.43
C ILE N 93 4.43 4.30 -38.14
N GLY N 94 4.98 3.10 -38.14
CA GLY N 94 4.94 2.28 -36.93
C GLY N 94 3.61 1.58 -36.73
N MET N 95 2.62 2.28 -36.15
CA MET N 95 1.35 1.66 -35.74
C MET N 95 0.22 2.68 -35.90
N ALA N 96 -0.92 2.20 -36.42
CA ALA N 96 -2.17 2.89 -36.31
C ALA N 96 -3.22 1.86 -35.88
N ALA N 97 -3.64 1.93 -34.61
CA ALA N 97 -4.58 0.97 -34.05
C ALA N 97 -5.82 1.72 -33.56
N SER N 98 -6.96 1.06 -33.68
CA SER N 98 -8.25 1.52 -33.16
C SER N 98 -8.58 2.89 -33.77
N MET N 99 -8.80 3.91 -32.96
CA MET N 99 -9.13 5.24 -33.45
C MET N 99 -7.96 5.81 -34.28
N GLY N 100 -6.75 5.29 -34.07
CA GLY N 100 -5.59 5.63 -34.91
C GLY N 100 -5.79 5.21 -36.36
N SER N 101 -6.33 4.00 -36.57
CA SER N 101 -6.54 3.49 -37.92
C SER N 101 -7.76 4.17 -38.56
N PHE N 102 -8.75 4.51 -37.74
CA PHE N 102 -9.89 5.28 -38.20
C PHE N 102 -9.42 6.62 -38.78
N LEU N 103 -8.50 7.30 -38.10
CA LEU N 103 -8.00 8.60 -38.56
C LEU N 103 -7.10 8.45 -39.79
N LEU N 104 -6.32 7.35 -39.86
CA LEU N 104 -5.54 7.04 -41.04
C LEU N 104 -6.46 6.96 -42.28
N ALA N 105 -7.59 6.27 -42.13
CA ALA N 105 -8.56 6.06 -43.20
C ALA N 105 -9.29 7.35 -43.56
N ALA N 106 -9.23 8.37 -42.69
CA ALA N 106 -9.95 9.64 -42.84
C ALA N 106 -9.18 10.66 -43.68
N GLY N 107 -7.93 10.36 -44.06
CA GLY N 107 -7.14 11.27 -44.91
C GLY N 107 -7.76 11.45 -46.30
N ALA N 108 -7.29 12.46 -47.03
CA ALA N 108 -7.83 12.75 -48.37
C ALA N 108 -7.67 11.53 -49.27
N LYS N 109 -8.69 11.23 -50.06
CA LYS N 109 -8.69 10.06 -50.94
C LYS N 109 -7.53 10.18 -51.93
N GLY N 110 -6.76 9.11 -52.08
CA GLY N 110 -5.56 9.11 -52.89
C GLY N 110 -4.32 9.53 -52.13
N LYS N 111 -4.46 10.02 -50.88
CA LYS N 111 -3.31 10.58 -50.13
C LYS N 111 -3.22 9.97 -48.72
N ARG N 112 -3.58 8.69 -48.60
CA ARG N 112 -3.45 7.91 -47.38
C ARG N 112 -2.36 6.86 -47.61
N PHE N 113 -1.32 6.91 -46.77
CA PHE N 113 -0.12 6.10 -46.94
C PHE N 113 0.22 5.34 -45.66
N ALA N 114 0.99 4.27 -45.84
CA ALA N 114 1.67 3.59 -44.72
C ALA N 114 3.06 3.16 -45.20
N LEU N 115 4.03 3.19 -44.28
CA LEU N 115 5.34 2.62 -44.54
C LEU N 115 5.24 1.10 -44.55
N PRO N 116 6.17 0.39 -45.22
CA PRO N 116 5.99 -1.03 -45.53
C PRO N 116 5.81 -1.94 -44.30
N ASN N 117 6.44 -1.60 -43.17
CA ASN N 117 6.46 -2.45 -42.01
C ASN N 117 5.49 -1.92 -40.93
N ALA N 118 4.69 -0.92 -41.27
CA ALA N 118 3.69 -0.36 -40.37
C ALA N 118 2.61 -1.41 -40.10
N GLU N 119 2.04 -1.31 -38.90
CA GLU N 119 0.97 -2.19 -38.41
C GLU N 119 -0.30 -1.35 -38.31
N VAL N 120 -1.38 -1.86 -38.91
CA VAL N 120 -2.69 -1.28 -38.80
C VAL N 120 -3.57 -2.29 -38.07
N MET N 121 -4.38 -1.81 -37.10
CA MET N 121 -5.26 -2.71 -36.40
C MET N 121 -6.63 -2.05 -36.26
N ILE N 122 -7.68 -2.84 -36.54
CA ILE N 122 -9.06 -2.43 -36.41
C ILE N 122 -9.76 -3.40 -35.45
N HIS N 123 -10.71 -2.87 -34.68
CA HIS N 123 -11.50 -3.67 -33.75
C HIS N 123 -12.74 -2.85 -33.34
N GLN N 124 -13.57 -3.39 -32.45
CA GLN N 124 -14.77 -2.69 -32.02
C GLN N 124 -14.42 -1.83 -30.81
N PRO N 125 -15.21 -0.76 -30.53
CA PRO N 125 -15.00 0.08 -29.36
C PRO N 125 -15.10 -0.69 -28.03
N LEU N 126 -14.35 -0.19 -27.04
CA LEU N 126 -14.23 -0.77 -25.71
C LEU N 126 -14.86 0.21 -24.73
N GLY N 127 -15.43 -0.31 -23.64
CA GLY N 127 -16.00 0.54 -22.61
C GLY N 127 -16.44 -0.25 -21.41
N GLY N 128 -17.34 0.36 -20.65
CA GLY N 128 -17.68 -0.13 -19.34
C GLY N 128 -19.01 0.41 -18.89
N ALA N 129 -19.63 -0.28 -17.93
CA ALA N 129 -20.91 0.10 -17.37
C ALA N 129 -21.08 -0.61 -16.03
N GLN N 130 -21.53 0.15 -15.04
CA GLN N 130 -21.77 -0.31 -13.67
C GLN N 130 -23.08 0.31 -13.20
N GLY N 131 -23.87 -0.45 -12.42
CA GLY N 131 -25.04 0.09 -11.74
C GLY N 131 -26.30 -0.72 -11.98
N GLN N 132 -27.43 -0.01 -12.02
CA GLN N 132 -28.73 -0.62 -12.19
C GLN N 132 -28.88 -1.14 -13.62
N ALA N 133 -29.76 -2.12 -13.80
CA ALA N 133 -30.07 -2.70 -15.11
C ALA N 133 -30.31 -1.59 -16.16
N THR N 134 -31.14 -0.60 -15.79
CA THR N 134 -31.49 0.54 -16.66
C THR N 134 -30.26 1.35 -17.07
N GLU N 135 -29.31 1.53 -16.15
CA GLU N 135 -28.07 2.28 -16.43
C GLU N 135 -27.20 1.49 -17.40
N ILE N 136 -27.16 0.16 -17.23
CA ILE N 136 -26.33 -0.69 -18.10
C ILE N 136 -26.92 -0.69 -19.51
N GLU N 137 -28.26 -0.66 -19.59
CA GLU N 137 -28.98 -0.60 -20.85
C GLU N 137 -28.59 0.68 -21.62
N ILE N 138 -28.62 1.83 -20.93
CA ILE N 138 -28.26 3.11 -21.54
C ILE N 138 -26.81 3.07 -22.04
N ALA N 139 -25.89 2.57 -21.22
CA ALA N 139 -24.48 2.48 -21.59
C ALA N 139 -24.30 1.58 -22.82
N ALA N 140 -25.00 0.43 -22.84
CA ALA N 140 -24.90 -0.53 -23.94
C ALA N 140 -25.41 0.09 -25.24
N ASN N 141 -26.58 0.74 -25.17
CA ASN N 141 -27.20 1.39 -26.33
C ASN N 141 -26.23 2.45 -26.89
N HIS N 142 -25.62 3.23 -26.00
CA HIS N 142 -24.69 4.28 -26.41
C HIS N 142 -23.47 3.68 -27.14
N ILE N 143 -22.83 2.64 -26.57
CA ILE N 143 -21.61 2.11 -27.20
C ILE N 143 -21.97 1.39 -28.51
N LEU N 144 -23.14 0.75 -28.59
CA LEU N 144 -23.55 0.10 -29.85
C LEU N 144 -23.80 1.16 -30.95
N LYS N 145 -24.42 2.29 -30.58
CA LYS N 145 -24.67 3.40 -31.51
C LYS N 145 -23.32 4.00 -31.97
N THR N 146 -22.35 4.08 -31.05
CA THR N 146 -21.02 4.57 -31.37
C THR N 146 -20.36 3.63 -32.39
N ARG N 147 -20.51 2.32 -32.19
CA ARG N 147 -19.94 1.34 -33.11
C ARG N 147 -20.58 1.47 -34.50
N GLU N 148 -21.91 1.59 -34.56
CA GLU N 148 -22.64 1.78 -35.85
C GLU N 148 -22.09 3.01 -36.59
N LYS N 149 -21.86 4.11 -35.86
CA LYS N 149 -21.36 5.35 -36.44
C LYS N 149 -19.95 5.15 -37.01
N LEU N 150 -19.08 4.50 -36.24
CA LEU N 150 -17.71 4.21 -36.70
C LEU N 150 -17.75 3.32 -37.95
N ASN N 151 -18.58 2.28 -37.92
CA ASN N 151 -18.60 1.28 -38.99
C ASN N 151 -19.14 1.90 -40.28
N ARG N 152 -20.16 2.75 -40.17
CA ARG N 152 -20.76 3.43 -41.30
C ARG N 152 -19.70 4.30 -42.00
N ILE N 153 -18.96 5.09 -41.21
CA ILE N 153 -17.97 5.97 -41.78
C ILE N 153 -16.85 5.12 -42.39
N LEU N 154 -16.43 4.05 -41.71
CA LEU N 154 -15.35 3.20 -42.24
C LEU N 154 -15.78 2.58 -43.58
N SER N 155 -17.06 2.20 -43.69
CA SER N 155 -17.63 1.66 -44.92
C SER N 155 -17.46 2.67 -46.06
N GLU N 156 -17.85 3.92 -45.82
CA GLU N 156 -17.74 5.01 -46.79
C GLU N 156 -16.27 5.25 -47.17
N ARG N 157 -15.35 5.20 -46.20
CA ARG N 157 -13.95 5.57 -46.46
C ARG N 157 -13.20 4.42 -47.14
N THR N 158 -13.61 3.17 -46.92
CA THR N 158 -12.88 1.99 -47.44
C THR N 158 -13.53 1.43 -48.71
N GLY N 159 -14.83 1.64 -48.90
CA GLY N 159 -15.60 0.98 -49.96
C GLY N 159 -16.07 -0.43 -49.58
N GLN N 160 -15.80 -0.89 -48.34
CA GLN N 160 -16.31 -2.19 -47.88
C GLN N 160 -17.74 -2.02 -47.37
N SER N 161 -18.53 -3.10 -47.42
CA SER N 161 -19.89 -3.08 -46.86
C SER N 161 -19.82 -2.97 -45.33
N ILE N 162 -20.90 -2.43 -44.75
CA ILE N 162 -21.07 -2.33 -43.32
C ILE N 162 -21.01 -3.74 -42.69
N GLU N 163 -21.56 -4.73 -43.39
CA GLU N 163 -21.63 -6.12 -42.92
C GLU N 163 -20.22 -6.70 -42.80
N LYS N 164 -19.38 -6.44 -43.80
CA LYS N 164 -18.01 -6.91 -43.79
C LYS N 164 -17.20 -6.18 -42.68
N ILE N 165 -17.38 -4.87 -42.52
CA ILE N 165 -16.68 -4.10 -41.47
C ILE N 165 -17.04 -4.69 -40.09
N GLN N 166 -18.33 -4.96 -39.87
CA GLN N 166 -18.85 -5.53 -38.63
C GLN N 166 -18.12 -6.84 -38.31
N LYS N 167 -18.06 -7.75 -39.29
CA LYS N 167 -17.41 -9.06 -39.10
C LYS N 167 -15.90 -8.89 -38.87
N ASP N 168 -15.26 -7.98 -39.61
CA ASP N 168 -13.80 -7.86 -39.59
C ASP N 168 -13.31 -7.10 -38.33
N THR N 169 -14.20 -6.43 -37.60
CA THR N 169 -13.83 -5.66 -36.40
C THR N 169 -14.33 -6.35 -35.12
N ASP N 170 -14.90 -7.55 -35.26
CA ASP N 170 -15.50 -8.25 -34.13
C ASP N 170 -14.44 -8.56 -33.06
N ARG N 171 -13.21 -8.92 -33.49
CA ARG N 171 -12.04 -9.05 -32.61
C ARG N 171 -10.88 -8.28 -33.23
N ASP N 172 -9.78 -8.13 -32.47
CA ASP N 172 -8.60 -7.48 -32.94
C ASP N 172 -8.21 -8.10 -34.29
N ASN N 173 -8.01 -7.22 -35.29
CA ASN N 173 -7.66 -7.62 -36.62
C ASN N 173 -6.45 -6.79 -37.07
N PHE N 174 -5.28 -7.45 -37.13
CA PHE N 174 -4.02 -6.84 -37.51
C PHE N 174 -3.82 -6.94 -39.03
N LEU N 175 -3.48 -5.82 -39.66
CA LEU N 175 -3.23 -5.76 -41.10
C LEU N 175 -1.79 -5.26 -41.34
N THR N 176 -1.10 -5.88 -42.29
CA THR N 176 0.11 -5.30 -42.88
C THR N 176 -0.29 -4.06 -43.70
N ALA N 177 0.72 -3.26 -44.08
CA ALA N 177 0.47 -2.08 -44.92
C ALA N 177 -0.23 -2.49 -46.22
N GLU N 178 0.27 -3.58 -46.84
CA GLU N 178 -0.25 -4.09 -48.12
C GLU N 178 -1.70 -4.52 -47.94
N GLU N 179 -2.00 -5.21 -46.83
CA GLU N 179 -3.36 -5.64 -46.53
C GLU N 179 -4.27 -4.42 -46.30
N ALA N 180 -3.74 -3.39 -45.63
CA ALA N 180 -4.52 -2.17 -45.38
C ALA N 180 -4.88 -1.49 -46.71
N LYS N 181 -3.95 -1.53 -47.67
CA LYS N 181 -4.19 -0.99 -48.99
C LYS N 181 -5.30 -1.79 -49.70
N GLU N 182 -5.20 -3.12 -49.67
CA GLU N 182 -6.19 -3.99 -50.31
C GLU N 182 -7.57 -3.76 -49.67
N TYR N 183 -7.59 -3.49 -48.35
CA TYR N 183 -8.82 -3.30 -47.63
C TYR N 183 -9.48 -1.95 -47.98
N GLY N 184 -8.67 -0.97 -48.38
CA GLY N 184 -9.15 0.40 -48.66
C GLY N 184 -8.96 1.36 -47.49
N LEU N 185 -8.17 1.00 -46.47
CA LEU N 185 -7.87 1.90 -45.34
C LEU N 185 -6.83 2.94 -45.76
N ILE N 186 -5.93 2.56 -46.67
CA ILE N 186 -4.94 3.45 -47.27
C ILE N 186 -5.00 3.28 -48.79
N ASP N 187 -4.31 4.19 -49.50
CA ASP N 187 -4.28 4.19 -50.96
C ASP N 187 -2.99 3.59 -51.50
N GLU N 188 -1.86 3.81 -50.81
CA GLU N 188 -0.56 3.38 -51.29
C GLU N 188 0.32 2.98 -50.12
N VAL N 189 1.16 1.95 -50.35
CA VAL N 189 2.29 1.67 -49.52
C VAL N 189 3.45 2.53 -50.03
N MET N 190 4.06 3.29 -49.12
CA MET N 190 5.16 4.16 -49.43
C MET N 190 6.45 3.31 -49.43
N VAL N 191 6.96 3.03 -50.63
CA VAL N 191 8.13 2.15 -50.81
C VAL N 191 9.40 3.01 -50.86
N PRO N 192 10.56 2.48 -50.41
CA PRO N 192 11.79 3.27 -50.31
C PRO N 192 12.44 3.54 -51.68
C48 OO1 O 1 15.23 -33.46 31.49
O49 OO1 O 1 15.57 -34.61 31.27
N50 OO1 O 1 13.88 -33.04 31.50
C51 OO1 O 1 12.75 -33.94 31.37
C52 OO1 O 1 11.72 -33.62 30.49
C53 OO1 O 1 10.62 -34.46 30.44
C54 OO1 O 1 10.52 -35.56 31.26
C55 OO1 O 1 9.30 -36.45 31.18
C56 OO1 O 1 11.54 -35.87 32.16
C57 OO1 O 1 12.66 -35.02 32.23
C WFP O 2 17.82 -33.12 33.10
N WFP O 2 16.14 -32.37 31.71
O WFP O 2 18.22 -32.41 33.97
F1 WFP O 2 19.92 -31.12 26.91
F2 WFP O 2 16.12 -28.60 27.99
CA WFP O 2 17.53 -32.56 31.71
CB WFP O 2 18.22 -31.23 31.51
CG WFP O 2 18.17 -30.75 30.04
CZ WFP O 2 18.03 -29.84 27.38
CD1 WFP O 2 19.10 -31.15 29.11
CD2 WFP O 2 17.16 -29.89 29.63
CE1 WFP O 2 19.01 -30.71 27.78
CE2 WFP O 2 17.11 -29.43 28.33
N SER O 3 17.57 -34.52 33.36
CA SER O 3 17.79 -35.10 34.62
C SER O 3 18.84 -36.22 34.56
N PRO O 4 19.73 -36.38 35.69
CA PRO O 4 19.72 -35.60 36.75
C PRO O 4 20.31 -34.24 36.39
C YCP O 5 17.92 -31.94 37.95
N YCP O 5 19.91 -33.01 37.06
O YCP O 5 17.39 -31.37 38.88
CA YCP O 5 19.00 -32.94 38.20
CB YCP O 5 19.81 -32.49 39.41
CD YCP O 5 21.49 -31.42 37.85
CE YCP O 5 20.62 -31.78 36.67
CG YCP O 5 20.73 -31.33 39.13
N ALA O 6 17.51 -31.63 36.59
CA ALA O 6 16.56 -30.59 36.39
C ALA O 6 15.47 -30.89 35.41
C MP8 O 7 15.66 -34.09 36.79
N MP8 O 7 14.58 -31.93 35.73
O MP8 O 7 16.28 -34.56 37.71
CA MP8 O 7 14.67 -32.92 37.03
CB MP8 O 7 13.42 -33.39 37.18
CD MP8 O 7 13.37 -32.43 34.91
CE MP8 O 7 11.32 -33.44 35.70
CG MP8 O 7 12.82 -33.47 35.64
C48 OO1 P 1 10.77 -46.19 8.61
O49 OO1 P 1 10.26 -47.20 8.16
N50 OO1 P 1 10.12 -45.41 9.59
C51 OO1 P 1 8.87 -45.81 10.16
C52 OO1 P 1 7.88 -44.90 10.32
C53 OO1 P 1 6.71 -45.30 10.95
C54 OO1 P 1 6.57 -46.57 11.49
C55 OO1 P 1 5.25 -46.93 12.18
C56 OO1 P 1 7.59 -47.51 11.34
C57 OO1 P 1 8.76 -47.11 10.70
C WFP P 2 13.54 -47.44 8.03
N WFP P 2 12.04 -45.65 8.25
O WFP P 2 14.65 -47.39 8.49
F1 WFP P 2 12.55 -43.80 2.59
F2 WFP P 2 11.90 -40.89 6.16
CA WFP P 2 12.89 -46.25 7.29
CB WFP P 2 13.97 -45.28 6.92
CG WFP P 2 13.36 -44.19 6.06
CZ WFP P 2 12.22 -42.32 4.39
CD1 WFP P 2 13.22 -44.48 4.71
CD2 WFP P 2 12.91 -42.98 6.61
CE1 WFP P 2 12.66 -43.54 3.88
CE2 WFP P 2 12.34 -42.06 5.73
N SER P 3 12.81 -48.65 8.18
CA SER P 3 13.39 -49.74 8.90
C SER P 3 13.49 -51.00 8.04
N PRO P 4 14.63 -51.86 8.25
CA PRO P 4 15.61 -51.64 9.08
C PRO P 4 16.52 -50.55 8.53
C YCP P 5 16.97 -48.48 11.54
N YCP P 5 17.34 -49.65 9.40
O YCP P 5 17.35 -48.22 12.66
CA YCP P 5 17.40 -49.76 10.87
CB YCP P 5 18.84 -50.11 11.24
CD YCP P 5 19.65 -49.00 9.13
CE YCP P 5 18.22 -48.65 8.81
CG YCP P 5 19.86 -49.25 10.57
N ALA P 6 16.09 -47.53 10.89
CA ALA P 6 15.80 -46.30 11.62
C ALA P 6 14.36 -45.86 11.67
C MP8 P 7 13.65 -49.22 12.08
N MP8 P 7 13.44 -46.65 12.42
O MP8 P 7 14.39 -50.17 12.16
CA MP8 P 7 13.72 -48.08 13.14
CB MP8 P 7 12.76 -48.19 14.06
CD MP8 P 7 11.94 -46.36 12.64
CE MP8 P 7 10.49 -47.02 14.48
CG MP8 P 7 11.45 -47.42 13.39
C48 OO1 Q 1 -11.24 -46.40 -6.34
O49 OO1 Q 1 -12.27 -47.01 -6.49
N50 OO1 Q 1 -10.84 -45.88 -5.08
C51 OO1 Q 1 -11.53 -46.11 -3.84
C52 OO1 Q 1 -11.65 -45.07 -2.96
C53 OO1 Q 1 -12.26 -45.31 -1.73
C54 OO1 Q 1 -12.71 -46.58 -1.37
C55 OO1 Q 1 -13.35 -46.76 0.01
C56 OO1 Q 1 -12.54 -47.66 -2.26
C57 OO1 Q 1 -11.95 -47.42 -3.51
C WFP Q 2 -10.18 -47.95 -8.88
N WFP Q 2 -10.28 -46.11 -7.39
O WFP Q 2 -9.12 -48.37 -9.32
F1 WFP Q 2 -12.17 -42.25 -11.62
F2 WFP Q 2 -9.17 -40.94 -8.11
CA WFP Q 2 -10.45 -46.46 -8.78
CB WFP Q 2 -9.41 -45.65 -9.51
CG WFP Q 2 -9.82 -44.18 -9.61
CZ WFP Q 2 -10.65 -41.50 -9.88
CD1 WFP Q 2 -10.80 -43.84 -10.55
CD2 WFP Q 2 -9.26 -43.19 -8.79
CE1 WFP Q 2 -11.22 -42.50 -10.70
CE2 WFP Q 2 -9.70 -41.87 -8.92
N SER Q 3 -11.22 -48.83 -8.40
CA SER Q 3 -11.04 -50.24 -8.39
C SER Q 3 -12.08 -50.93 -9.25
N PRO Q 4 -11.67 -52.06 -10.03
CA PRO Q 4 -10.44 -52.55 -10.05
C PRO Q 4 -9.48 -51.66 -10.86
C YCP Q 5 -6.53 -51.31 -8.68
N YCP Q 5 -8.00 -51.56 -10.59
O YCP Q 5 -5.48 -51.66 -8.17
CA YCP Q 5 -7.26 -52.29 -9.55
CB YCP Q 5 -6.22 -53.21 -10.21
CD YCP Q 5 -6.21 -51.65 -12.16
CE YCP Q 5 -7.14 -50.74 -11.44
CG YCP Q 5 -5.38 -52.47 -11.22
N ALA Q 6 -7.05 -49.97 -8.45
CA ALA Q 6 -6.26 -49.04 -7.66
C ALA Q 6 -7.01 -48.24 -6.60
C MP8 Q 7 -8.89 -51.06 -6.19
N MP8 Q 7 -7.63 -48.90 -5.51
O MP8 Q 7 -8.78 -52.10 -6.81
CA MP8 Q 7 -7.70 -50.52 -5.34
CB MP8 Q 7 -7.86 -50.71 -4.04
CD MP8 Q 7 -8.38 -48.31 -4.29
CE MP8 Q 7 -8.68 -49.26 -2.04
CG MP8 Q 7 -8.81 -49.41 -3.54
C48 OO1 R 1 -34.33 -33.86 -2.22
O49 OO1 R 1 -35.43 -33.90 -1.69
N50 OO1 R 1 -33.10 -34.14 -1.50
C51 OO1 R 1 -32.96 -34.61 -0.13
C52 OO1 R 1 -32.06 -34.04 0.74
C53 OO1 R 1 -31.94 -34.57 2.02
C54 OO1 R 1 -32.67 -35.70 2.42
C55 OO1 R 1 -32.49 -36.26 3.82
C56 OO1 R 1 -33.55 -36.31 1.53
C57 OO1 R 1 -33.69 -35.75 0.25
C WFP R 2 -35.83 -34.51 -4.93
N WFP R 2 -34.11 -33.51 -3.61
O WFP R 2 -35.59 -35.05 -5.98
F1 WFP R 2 -35.77 -27.84 -5.10
F2 WFP R 2 -31.32 -29.15 -4.44
CA WFP R 2 -35.17 -33.18 -4.50
CB WFP R 2 -34.58 -32.50 -5.73
CG WFP R 2 -34.19 -31.07 -5.39
CZ WFP R 2 -33.52 -28.41 -4.78
CD1 WFP R 2 -35.17 -30.08 -5.41
CD2 WFP R 2 -32.86 -30.76 -5.07
CE1 WFP R 2 -34.81 -28.75 -5.09
CE2 WFP R 2 -32.56 -29.44 -4.74
N SER R 3 -36.76 -35.13 -4.03
CA SER R 3 -37.36 -36.40 -4.31
C SER R 3 -38.88 -36.33 -4.33
N PRO R 4 -39.58 -37.12 -5.30
CA PRO R 4 -38.96 -37.90 -6.17
C PRO R 4 -38.32 -37.06 -7.30
C YCP R 5 -35.01 -38.58 -7.72
N YCP R 5 -37.16 -37.50 -8.07
O YCP R 5 -34.25 -39.49 -8.02
CA YCP R 5 -36.49 -38.79 -7.94
CB YCP R 5 -36.65 -39.53 -9.27
CD YCP R 5 -37.10 -37.36 -10.46
CE YCP R 5 -36.68 -36.65 -9.19
CG YCP R 5 -36.44 -38.70 -10.51
N ALA R 6 -34.53 -37.28 -7.18
CA ALA R 6 -33.13 -37.08 -7.03
C ALA R 6 -32.68 -36.70 -5.63
C MP8 R 7 -35.14 -38.80 -4.17
N MP8 R 7 -32.85 -37.57 -4.50
O MP8 R 7 -35.93 -39.61 -4.64
CA MP8 R 7 -33.61 -39.00 -4.37
CB MP8 R 7 -33.08 -39.61 -3.33
CD MP8 R 7 -32.39 -37.29 -3.04
CE MP8 R 7 -31.78 -38.82 -1.25
CG MP8 R 7 -32.79 -38.38 -2.28
C48 OO1 S 1 -40.99 -17.88 17.76
O49 OO1 S 1 -41.46 -17.83 18.88
N50 OO1 S 1 -39.93 -18.73 17.45
C51 OO1 S 1 -39.38 -19.76 18.29
C52 OO1 S 1 -38.01 -19.94 18.36
C53 OO1 S 1 -37.50 -20.99 19.15
C54 OO1 S 1 -38.38 -21.88 19.77
C55 OO1 S 1 -37.80 -23.01 20.62
C56 OO1 S 1 -39.77 -21.70 19.69
C57 OO1 S 1 -40.27 -20.63 18.93
C WFP S 2 -43.79 -16.85 16.83
N WFP S 2 -41.41 -17.05 16.68
O WFP S 2 -44.55 -16.85 15.86
F1 WFP S 2 -40.52 -11.14 17.71
F2 WFP S 2 -37.93 -13.58 14.65
CA WFP S 2 -42.44 -16.07 16.82
CB WFP S 2 -42.42 -15.13 15.63
CG WFP S 2 -41.26 -14.15 15.80
CZ WFP S 2 -39.16 -12.36 16.18
CD1 WFP S 2 -41.41 -13.09 16.70
CD2 WFP S 2 -40.07 -14.34 15.13
CE1 WFP S 2 -40.35 -12.18 16.88
CE2 WFP S 2 -39.05 -13.42 15.32
N SER S 3 -44.15 -17.56 18.03
CA SER S 3 -45.34 -18.32 18.05
C SER S 3 -46.31 -17.88 19.11
N PRO S 4 -47.70 -17.97 18.82
CA PRO S 4 -48.20 -18.39 17.68
C PRO S 4 -48.02 -17.31 16.60
C YCP S 5 -46.90 -19.45 13.94
N YCP S 5 -47.96 -17.63 15.14
O YCP S 5 -46.98 -20.36 13.17
CA YCP S 5 -48.14 -19.00 14.63
CB YCP S 5 -49.35 -19.03 13.67
CD YCP S 5 -49.12 -16.55 13.29
CE YCP S 5 -47.86 -16.57 14.12
CG YCP S 5 -49.39 -17.87 12.69
N ALA S 6 -45.61 -18.82 14.14
CA ALA S 6 -44.50 -19.26 13.37
C ALA S 6 -43.16 -19.55 14.01
C MP8 S 7 -45.05 -21.06 16.42
N MP8 S 7 -43.07 -20.69 14.82
O MP8 S 7 -46.26 -21.05 16.43
CA MP8 S 7 -44.27 -21.70 15.24
CB MP8 S 7 -43.62 -22.84 15.53
CD MP8 S 7 -41.79 -21.22 15.53
CE MP8 S 7 -41.15 -23.43 16.21
CG MP8 S 7 -42.19 -22.35 16.21
C48 OO1 T 1 -26.29 -10.51 38.63
O49 OO1 T 1 -25.99 -10.81 39.74
N50 OO1 T 1 -26.19 -11.46 37.57
C51 OO1 T 1 -25.86 -12.87 37.66
C52 OO1 T 1 -24.97 -13.39 36.72
C53 OO1 T 1 -24.69 -14.75 36.73
C54 OO1 T 1 -25.34 -15.61 37.60
C55 OO1 T 1 -25.00 -17.07 37.50
C56 OO1 T 1 -26.25 -15.10 38.55
C57 OO1 T 1 -26.53 -13.72 38.55
C WFP T 2 -28.13 -8.41 40.04
N WFP T 2 -26.74 -9.19 38.26
O WFP T 2 -29.19 -7.81 39.84
F1 WFP T 2 -22.59 -4.82 39.00
F2 WFP T 2 -23.77 -6.67 34.77
CA WFP T 2 -26.87 -8.10 39.18
CB WFP T 2 -27.00 -6.76 38.47
CG WFP T 2 -25.64 -6.40 37.88
CZ WFP T 2 -23.11 -5.69 36.83
CD1 WFP T 2 -24.71 -5.76 38.68
CD2 WFP T 2 -25.33 -6.69 36.57
CE1 WFP T 2 -23.45 -5.41 38.16
CE2 WFP T 2 -24.06 -6.35 36.04
N SER T 3 -28.01 -9.43 41.08
CA SER T 3 -29.20 -9.79 41.82
C SER T 3 -29.07 -9.63 43.33
N PRO T 4 -30.24 -9.17 44.02
CA PRO T 4 -31.42 -8.89 43.45
C PRO T 4 -31.42 -7.55 42.70
C YCP T 5 -33.12 -8.51 39.58
N YCP T 5 -32.32 -7.28 41.55
O YCP T 5 -34.06 -8.75 38.85
CA YCP T 5 -33.34 -8.21 41.05
CB YCP T 5 -34.72 -7.57 41.25
CD YCP T 5 -33.62 -5.30 41.14
CE YCP T 5 -32.26 -5.95 40.91
CG YCP T 5 -34.77 -6.16 40.72
N ALA T 6 -31.82 -8.47 38.99
CA ALA T 6 -31.64 -8.68 37.59
C ALA T 6 -30.57 -9.69 37.22
C MP8 T 7 -31.39 -11.43 39.98
N MP8 T 7 -30.66 -11.03 37.61
O MP8 T 7 -32.22 -11.28 40.86
CA MP8 T 7 -31.82 -11.69 38.52
CB MP8 T 7 -31.83 -12.96 38.14
CD MP8 T 7 -29.69 -12.16 37.27
CE MP8 T 7 -29.99 -14.56 37.04
CG MP8 T 7 -30.21 -13.30 37.85
C48 OO1 U 1 -1.37 -17.59 44.78
O49 OO1 U 1 -0.71 -18.44 45.30
N50 OO1 U 1 -2.37 -17.94 43.86
C51 OO1 U 1 -2.78 -19.27 43.52
C52 OO1 U 1 -2.95 -19.61 42.18
C53 OO1 U 1 -3.42 -20.89 41.87
C54 OO1 U 1 -3.75 -21.74 42.91
C55 OO1 U 1 -4.28 -23.13 42.52
C56 OO1 U 1 -3.62 -21.39 44.27
C57 OO1 U 1 -3.14 -20.11 44.59
C WFP U 2 -0.90 -15.82 47.28
N WFP U 2 -1.28 -16.18 45.01
O WFP U 2 -1.50 -14.93 47.86
F1 WFP U 2 4.03 -13.86 43.27
F2 WFP U 2 0.14 -13.35 40.75
CA WFP U 2 -0.31 -15.62 45.88
CB WFP U 2 -0.17 -14.15 45.60
CG WFP U 2 0.59 -13.96 44.29
CZ WFP U 2 2.08 -13.58 41.99
CD1 WFP U 2 1.97 -13.99 44.35
CD2 WFP U 2 -0.05 -13.73 43.09
CE1 WFP U 2 2.71 -13.81 43.20
CE2 WFP U 2 0.71 -13.55 41.93
N SER U 3 -0.77 -17.11 47.91
CA SER U 3 -1.34 -17.42 49.18
C SER U 3 -0.32 -17.90 50.20
N PRO U 4 -0.50 -17.45 51.54
CA PRO U 4 -1.49 -16.65 51.91
C PRO U 4 -1.20 -15.24 51.48
C YCP U 5 -4.46 -14.21 50.35
N YCP U 5 -2.26 -14.22 51.32
O YCP U 5 -5.62 -13.97 50.40
CA YCP U 5 -3.66 -14.49 51.60
CB YCP U 5 -4.06 -13.62 52.81
CD YCP U 5 -2.18 -12.04 52.18
CE YCP U 5 -1.91 -12.84 50.95
CG YCP U 5 -3.58 -12.21 52.69
N ALA U 6 -3.88 -14.26 49.02
CA ALA U 6 -4.71 -13.93 47.89
C ALA U 6 -4.66 -14.88 46.72
C MP8 U 7 -4.49 -17.43 49.09
N MP8 U 7 -5.13 -16.21 46.89
O MP8 U 7 -4.51 -17.45 50.30
CA MP8 U 7 -5.67 -16.83 48.30
CB MP8 U 7 -6.55 -17.74 47.88
CD MP8 U 7 -5.23 -17.35 45.85
CE MP8 U 7 -6.83 -19.16 45.68
CG MP8 U 7 -5.84 -18.40 46.52
C48 OO1 V 1 32.92 11.45 -33.45
O49 OO1 V 1 34.05 11.91 -33.35
N50 OO1 V 1 31.73 12.22 -33.38
C51 OO1 V 1 31.64 13.67 -33.27
C52 OO1 V 1 30.67 14.28 -32.49
C53 OO1 V 1 30.58 15.65 -32.45
C54 OO1 V 1 31.43 16.44 -33.21
C55 OO1 V 1 31.32 17.96 -33.16
C56 OO1 V 1 32.40 15.85 -34.01
C57 OO1 V 1 32.50 14.45 -34.04
C WFP V 2 34.27 9.26 -35.17
N WFP V 2 32.64 10.06 -33.65
O WFP V 2 34.03 8.50 -36.09
F1 WFP V 2 34.45 6.32 -29.25
F2 WFP V 2 29.90 7.47 -29.88
CA WFP V 2 33.68 9.09 -33.75
CB WFP V 2 33.04 7.71 -33.66
CG WFP V 2 32.70 7.42 -32.20
CZ WFP V 2 32.15 6.88 -29.54
CD1 WFP V 2 33.71 7.00 -31.36
CD2 WFP V 2 31.40 7.57 -31.73
CE1 WFP V 2 33.45 6.73 -30.03
CE2 WFP V 2 31.14 7.30 -30.38
N SER V 3 35.15 10.40 -35.44
CA SER V 3 35.63 10.59 -36.77
C SER V 3 37.14 10.50 -36.85
N PRO V 4 37.69 9.91 -38.06
CA PRO V 4 37.00 9.45 -39.06
C PRO V 4 36.48 8.05 -38.74
C YCP V 5 33.11 8.40 -40.10
N YCP V 5 35.31 7.49 -39.43
O YCP V 5 32.27 8.58 -40.97
CA YCP V 5 34.56 8.20 -40.49
CB YCP V 5 34.65 7.37 -41.79
CD YCP V 5 35.01 5.29 -40.40
CE YCP V 5 34.89 6.09 -39.12
CG YCP V 5 34.32 5.92 -41.57
N ALA V 6 32.72 8.44 -38.66
CA ALA V 6 31.32 8.60 -38.42
C ALA V 6 30.93 9.65 -37.41
C MP8 V 7 33.28 11.67 -38.81
N MP8 V 7 31.07 11.01 -37.72
O MP8 V 7 34.03 11.44 -39.71
CA MP8 V 7 31.74 11.63 -39.06
CB MP8 V 7 31.20 12.84 -39.18
CD MP8 V 7 30.75 12.26 -36.83
CE MP8 V 7 29.96 14.42 -37.58
CG MP8 V 7 31.03 13.38 -37.60
C48 OO1 W 1 41.11 22.58 -10.96
O49 OO1 W 1 41.62 23.56 -10.49
N50 OO1 W 1 39.99 22.68 -11.83
C51 OO1 W 1 39.43 23.89 -12.34
C52 OO1 W 1 38.04 24.08 -12.42
C53 OO1 W 1 37.52 25.25 -12.97
C54 OO1 W 1 38.38 26.20 -13.53
C55 OO1 W 1 37.81 27.46 -14.16
C56 OO1 W 1 39.77 26.00 -13.48
C57 OO1 W 1 40.30 24.85 -12.89
C WFP W 2 43.97 21.19 -10.56
N WFP W 2 41.57 21.26 -10.68
O WFP W 2 44.68 20.26 -10.95
F1 WFP W 2 40.87 19.47 -4.78
F2 WFP W 2 37.96 18.05 -8.17
CA WFP W 2 42.65 20.94 -9.78
CB WFP W 2 42.58 19.47 -9.32
CG WFP W 2 41.42 19.21 -8.33
CZ WFP W 2 39.37 18.78 -6.46
CD1 WFP W 2 41.63 19.44 -7.00
CD2 WFP W 2 40.17 18.73 -8.75
CE1 WFP W 2 40.60 19.25 -6.07
CE2 WFP W 2 39.16 18.51 -7.80
N SER W 3 44.32 22.61 -10.81
CA SER W 3 45.47 23.01 -11.54
C SER W 3 46.50 23.78 -10.76
N PRO W 4 47.88 23.42 -11.03
CA PRO W 4 48.26 22.49 -11.89
C PRO W 4 48.15 21.07 -11.32
C YCP W 5 46.78 19.56 -14.33
N YCP W 5 48.01 19.93 -12.27
O YCP W 5 46.86 19.11 -15.44
CA YCP W 5 48.02 20.14 -13.72
CB YCP W 5 49.27 19.45 -14.24
CD YCP W 5 49.08 17.74 -12.37
CE YCP W 5 47.95 18.54 -11.79
CG YCP W 5 49.32 18.01 -13.82
N ALA W 6 45.50 19.53 -13.60
CA ALA W 6 44.36 18.90 -14.18
C ALA W 6 43.05 19.69 -14.12
C MP8 W 7 45.01 22.50 -14.50
N MP8 W 7 42.96 20.94 -14.77
O MP8 W 7 46.22 22.60 -14.54
CA MP8 W 7 44.19 21.70 -15.55
CB MP8 W 7 43.55 22.46 -16.41
CD MP8 W 7 41.73 21.88 -14.86
CE MP8 W 7 41.17 23.55 -16.55
CG MP8 W 7 42.17 22.97 -15.56
C48 OO1 X 1 27.97 38.56 5.76
O49 OO1 X 1 27.67 39.75 5.96
N50 OO1 X 1 27.85 37.98 4.47
C51 OO1 X 1 27.44 38.70 3.30
C52 OO1 X 1 26.46 38.22 2.48
C53 OO1 X 1 26.16 38.95 1.35
C54 OO1 X 1 26.86 40.11 1.03
C55 OO1 X 1 26.49 40.89 -0.25
C56 OO1 X 1 27.88 40.59 1.88
C57 OO1 X 1 28.18 39.85 2.99
C WFP X 2 30.02 38.89 8.12
N WFP X 2 28.51 37.66 6.73
O WFP X 2 31.07 38.45 8.59
F1 WFP X 2 24.70 36.32 11.32
F2 WFP X 2 25.44 33.38 7.82
CA WFP X 2 28.72 38.03 8.10
CB WFP X 2 28.89 36.77 8.97
CG WFP X 2 27.55 36.05 9.17
CZ WFP X 2 25.04 34.83 9.60
CD1 WFP X 2 26.72 36.48 10.18
CD2 WFP X 2 27.12 35.01 8.37
CE1 WFP X 2 25.48 35.88 10.36
CE2 WFP X 2 25.88 34.39 8.60
N SER X 3 29.95 40.25 7.59
CA SER X 3 31.12 41.03 7.56
C SER X 3 31.02 42.28 8.39
N PRO X 4 32.23 42.69 9.03
CA PRO X 4 33.39 42.06 9.00
C PRO X 4 33.38 40.77 9.82
C YCP X 5 35.06 38.31 7.57
N YCP X 5 34.25 39.59 9.53
O YCP X 5 36.00 37.86 6.94
CA YCP X 5 35.27 39.52 8.47
CB YCP X 5 36.65 39.41 9.14
CD YCP X 5 35.58 38.35 11.10
CE YCP X 5 34.24 38.43 10.41
CG YCP X 5 36.72 38.30 10.14
N ALA X 6 33.70 37.71 7.42
CA ALA X 6 33.45 36.55 6.62
C ALA X 6 32.30 36.69 5.64
C MP8 X 7 33.06 40.08 5.21
N MP8 X 7 32.32 37.70 4.59
O MP8 X 7 33.92 40.72 5.74
CA MP8 X 7 33.40 38.87 4.32
CB MP8 X 7 33.30 39.18 3.03
CD MP8 X 7 31.26 37.95 3.50
CE MP8 X 7 31.43 38.86 1.22
CG MP8 X 7 31.69 39.01 2.71
C48 OO1 Y 1 3.17 47.78 3.88
O49 OO1 Y 1 2.47 48.68 3.43
N50 OO1 Y 1 4.13 47.01 3.10
C51 OO1 Y 1 4.48 47.30 1.73
C52 OO1 Y 1 4.70 46.29 0.82
C53 OO1 Y 1 5.12 46.64 -0.46
C54 OO1 Y 1 5.38 47.96 -0.79
C55 OO1 Y 1 5.87 48.31 -2.18
C56 OO1 Y 1 5.22 48.98 0.15
C57 OO1 Y 1 4.76 48.64 1.41
C WFP Y 2 2.80 49.24 6.63
N WFP Y 2 3.10 47.34 5.24
O WFP Y 2 3.38 49.38 7.68
F1 WFP Y 2 -2.22 44.78 6.87
F2 WFP Y 2 1.71 42.24 6.16
CA WFP Y 2 2.18 47.89 6.21
CB WFP Y 2 2.09 46.98 7.43
CG WFP Y 2 1.27 45.69 7.11
CZ WFP Y 2 -0.29 43.43 6.49
CD1 WFP Y 2 -0.09 45.76 7.11
CD2 WFP Y 2 1.90 44.49 6.79
CE1 WFP Y 2 -0.89 44.63 6.82
CE2 WFP Y 2 1.09 43.37 6.49
N SER Y 3 2.68 50.33 5.69
CA SER Y 3 3.28 51.59 6.05
C SER Y 3 2.28 52.72 6.19
N PRO Y 4 2.54 53.73 7.17
CA PRO Y 4 3.56 53.76 7.98
C PRO Y 4 3.37 52.77 9.13
C YCP Y 5 6.75 51.14 9.17
N YCP Y 5 4.53 52.14 9.78
O YCP Y 5 7.96 51.08 9.42
CA YCP Y 5 5.95 52.40 9.49
CB YCP Y 5 6.54 53.03 10.77
CD YCP Y 5 4.82 51.91 12.15
CE YCP Y 5 4.24 51.27 10.91
CG YCP Y 5 6.25 52.26 12.02
N ALA Y 6 6.04 50.00 8.56
CA ALA Y 6 6.76 48.78 8.34
C ALA Y 6 6.68 48.16 6.97
C MP8 Y 7 6.50 51.44 5.83
N MP8 Y 7 7.11 48.93 5.86
O MP8 Y 7 6.59 52.48 6.46
CA MP8 Y 7 7.68 50.45 5.86
CB MP8 Y 7 8.45 50.56 4.77
CD MP8 Y 7 7.17 48.50 4.37
CE MP8 Y 7 8.63 49.18 2.53
CG MP8 Y 7 7.70 49.58 3.65
C48 OO1 Z 1 -14.30 43.24 -15.38
O49 OO1 Z 1 -14.66 43.58 -16.48
N50 OO1 Z 1 -12.94 42.97 -15.13
C51 OO1 Z 1 -11.84 43.22 -16.02
C52 OO1 Z 1 -10.80 42.31 -16.09
C53 OO1 Z 1 -9.69 42.58 -16.89
C54 OO1 Z 1 -9.59 43.79 -17.54
C55 OO1 Z 1 -8.36 44.04 -18.41
C56 OO1 Z 1 -10.61 44.73 -17.44
C57 OO1 Z 1 -11.74 44.46 -16.64
C WFP Z 2 -16.86 44.71 -14.26
N WFP Z 2 -15.20 43.00 -14.29
O WFP Z 2 -17.15 45.26 -13.21
F1 WFP Z 2 -19.17 38.55 -15.01
F2 WFP Z 2 -15.30 38.00 -12.51
CA WFP Z 2 -16.61 43.18 -14.38
CB WFP Z 2 -17.24 42.51 -13.19
CG WFP Z 2 -17.17 41.00 -13.35
CZ WFP Z 2 -17.22 38.22 -13.74
CD1 WFP Z 2 -18.17 40.42 -14.11
CD2 WFP Z 2 -16.16 40.20 -12.76
CE1 WFP Z 2 -18.19 39.05 -14.29
CE2 WFP Z 2 -16.24 38.80 -12.98
N SER Z 3 -16.67 45.53 -15.44
CA SER Z 3 -16.81 46.93 -15.38
C SER Z 3 -17.81 47.41 -16.43
N PRO Z 4 -18.67 48.48 -16.10
CA PRO Z 4 -18.68 49.11 -14.94
C PRO Z 4 -19.24 48.24 -13.81
C YCP Z 5 -16.79 48.52 -11.10
N YCP Z 5 -18.88 48.37 -12.39
O YCP Z 5 -16.17 49.05 -10.17
CA YCP Z 5 -17.89 49.28 -11.80
CB YCP Z 5 -18.59 50.14 -10.74
CD YCP Z 5 -20.19 48.28 -10.28
CE YCP Z 5 -19.56 47.49 -11.42
CG YCP Z 5 -19.28 49.29 -9.71
N ALA Z 6 -16.42 47.14 -11.48
CA ALA Z 6 -15.39 46.46 -10.71
C ALA Z 6 -14.31 45.73 -11.47
C MP8 Z 7 -14.48 48.37 -13.64
N MP8 Z 7 -13.40 46.49 -12.26
O MP8 Z 7 -15.18 49.36 -13.62
CA MP8 Z 7 -13.40 48.10 -12.55
CB MP8 Z 7 -12.19 48.40 -12.97
CD MP8 Z 7 -12.23 45.95 -13.07
CE MP8 Z 7 -10.20 46.95 -13.85
CG MP8 Z 7 -11.70 47.03 -13.77
C48 OO1 AA 1 -11.71 28.30 -37.27
O49 OO1 AA 1 -11.31 28.36 -38.41
N50 OO1 AA 1 -10.90 28.76 -36.18
C51 OO1 AA 1 -9.64 29.42 -36.36
C52 OO1 AA 1 -8.60 29.12 -35.52
C53 OO1 AA 1 -7.40 29.82 -35.63
C54 OO1 AA 1 -7.24 30.84 -36.58
C55 OO1 AA 1 -5.88 31.54 -36.67
C56 OO1 AA 1 -8.31 31.17 -37.43
C57 OO1 AA 1 -9.51 30.48 -37.32
C WFP AA 2 -14.56 28.39 -38.42
N WFP AA 2 -12.97 27.75 -36.86
O WFP AA 2 -15.65 28.84 -38.07
F1 WFP AA 2 -13.84 21.82 -37.57
F2 WFP AA 2 -12.65 23.65 -33.44
CA WFP AA 2 -13.94 27.18 -37.73
CB WFP AA 2 -14.97 26.45 -36.87
CG WFP AA 2 -14.36 25.17 -36.32
CZ WFP AA 2 -13.24 22.73 -35.49
CD1 WFP AA 2 -14.38 24.06 -37.17
CD2 WFP AA 2 -13.80 25.06 -35.05
CE1 WFP AA 2 -13.82 22.85 -36.76
CE2 WFP AA 2 -13.23 23.82 -34.65
N SER AA 3 -13.82 29.02 -39.49
CA SER AA 3 -14.36 30.18 -40.10
C SER AA 3 -14.58 29.97 -41.61
N PRO AA 4 -15.75 30.54 -42.22
CA PRO AA 4 -16.66 31.27 -41.62
C PRO AA 4 -17.52 30.33 -40.80
C YCP AA 5 -17.75 32.20 -37.65
N YCP AA 5 -18.26 30.76 -39.58
O YCP AA 5 -18.10 33.10 -36.91
CA YCP AA 5 -18.26 32.15 -39.07
CB YCP AA 5 -19.69 32.67 -39.16
CD YCP AA 5 -20.55 30.29 -38.98
CE YCP AA 5 -19.14 29.82 -38.85
CG YCP AA 5 -20.70 31.72 -38.56
N ALA AA 6 -16.87 31.18 -37.12
CA ALA AA 6 -16.50 31.23 -35.74
C ALA AA 6 -15.05 30.97 -35.38
C MP8 AA 7 -14.35 32.66 -38.06
N MP8 AA 7 -14.09 31.93 -35.72
O MP8 AA 7 -15.12 33.09 -38.86
CA MP8 AA 7 -14.34 33.24 -36.62
CB MP8 AA 7 -13.33 34.06 -36.35
CD MP8 AA 7 -12.59 31.94 -35.44
CE MP8 AA 7 -10.89 33.65 -35.42
CG MP8 AA 7 -12.06 33.01 -36.13
C48 OO1 BA 1 9.11 13.90 -45.26
O49 OO1 BA 1 10.19 13.90 -45.81
N50 OO1 BA 1 8.75 14.91 -44.29
C51 OO1 BA 1 9.57 16.06 -43.94
C52 OO1 BA 1 9.91 16.38 -42.63
C53 OO1 BA 1 10.67 17.53 -42.38
C54 OO1 BA 1 11.04 18.37 -43.43
C55 OO1 BA 1 11.83 19.62 -43.14
C56 OO1 BA 1 10.67 18.07 -44.74
C57 OO1 BA 1 9.92 16.92 -44.98
C WFP BA 2 7.92 12.46 -47.78
N WFP BA 2 8.11 12.91 -45.49
O WFP BA 2 6.82 12.40 -48.34
F1 WFP BA 2 9.90 7.28 -43.92
F2 WFP BA 2 7.39 9.89 -41.08
CA WFP BA 2 8.24 11.84 -46.41
CB WFP BA 2 7.25 10.79 -46.00
CG WFP BA 2 7.73 10.06 -44.74
CZ WFP BA 2 8.65 8.59 -42.50
CD1 WFP BA 2 8.63 9.00 -44.89
CD2 WFP BA 2 7.27 10.37 -43.45
CE1 WFP BA 2 9.08 8.28 -43.78
CE2 WFP BA 2 7.75 9.62 -42.34
N SER BA 3 8.98 13.21 -48.40
CA SER BA 3 8.78 13.84 -49.63
C SER BA 3 9.77 13.35 -50.68
N PRO BA 4 9.27 13.17 -52.02
CA PRO BA 4 8.02 13.38 -52.36
C PRO BA 4 7.14 12.22 -51.83
C YCP BA 5 4.25 14.14 -50.60
N YCP BA 5 5.66 12.41 -51.63
O YCP BA 5 3.24 14.79 -50.64
CA YCP BA 5 4.91 13.67 -51.90
CB YCP BA 5 3.84 13.39 -52.97
CD YCP BA 5 3.79 11.00 -52.21
CE YCP BA 5 4.84 11.28 -51.16
CG YCP BA 5 3.00 12.21 -52.58
N ALA BA 6 4.77 13.77 -49.29
CA ALA BA 6 4.10 14.11 -48.08
C ALA BA 6 4.89 14.78 -46.96
C MP8 BA 7 6.70 16.32 -49.43
N MP8 BA 7 5.51 16.03 -47.18
O MP8 BA 7 6.57 16.31 -50.62
CA MP8 BA 7 5.54 16.86 -48.58
CB MP8 BA 7 5.69 18.11 -48.20
CD MP8 BA 7 6.29 16.90 -46.17
CE MP8 BA 7 6.76 19.27 -46.13
CG MP8 BA 7 6.74 17.99 -46.90
#